data_6RKC
#
_entry.id   6RKC
#
_cell.length_a   142.372
_cell.length_b   79.467
_cell.length_c   143.787
_cell.angle_alpha   90.00
_cell.angle_beta   105.11
_cell.angle_gamma   90.00
#
_symmetry.space_group_name_H-M   'P 1 21 1'
#
loop_
_entity.id
_entity.type
_entity.pdbx_description
1 polymer 'Methionine adenosyltransferase'
2 non-polymer 'POTASSIUM ION'
3 non-polymer 'MAGNESIUM ION'
4 non-polymer S-ADENOSYLMETHIONINE
5 non-polymer '(DIPHOSPHONO)AMINOPHOSPHONIC ACID'
6 water water
#
_entity_poly.entity_id   1
_entity_poly.type   'polypeptide(L)'
_entity_poly.pdbx_seq_one_letter_code
;MQYKKIITSESVGAGHPDKICDQISDAILDECLSQDQNSRVACEVLACNRLIVIAGEITTHAYVDVVKTAWEIIKPLGYD
ENDFTIISNVNKQSVDIAQSVDKTNKNLIGAGDQGIVFGYACDETPQYMPLTSVLAHELLKEIERQRRSKEFIKIQADMK
SQVSIDYSNSTPLIETMLVSIQHDEDYDVEYFNKKVSAIMEQIAKKYNLNTNFKKIINSSGRFVIGGPIGDTGLTGRKII
VDTYGGVGHHGGGAFSGKDPTKVDRSASYFARWIAKNVVAAKLAKQCEIQLAFAIGQPQPVAMYVNTFNTNLIDETKIFE
AIKKSFNFDIKTFINDLNLWTTKYLPVATYGHFGRDDLDLSWEKLNKVEDLIKNSKHHHHHH
;
_entity_poly.pdbx_strand_id   A,B,C,D,E,F,G,H
#
loop_
_chem_comp.id
_chem_comp.type
_chem_comp.name
_chem_comp.formula
K non-polymer 'POTASSIUM ION' 'K 1'
MG non-polymer 'MAGNESIUM ION' 'Mg 2'
PPK non-polymer '(DIPHOSPHONO)AMINOPHOSPHONIC ACID' 'H6 N O9 P3'
SAM non-polymer S-ADENOSYLMETHIONINE 'C15 H22 N6 O5 S'
#
# COMPACT_ATOMS: atom_id res chain seq x y z
N LYS A 4 -63.77 20.82 46.25
CA LYS A 4 -62.67 19.83 46.10
C LYS A 4 -61.35 20.40 45.62
N LYS A 5 -60.24 19.90 46.18
CA LYS A 5 -58.89 20.33 45.73
C LYS A 5 -58.29 19.15 44.93
N ILE A 6 -58.42 19.21 43.61
CA ILE A 6 -58.02 18.13 42.72
C ILE A 6 -56.78 18.52 41.97
N ILE A 7 -55.68 17.82 42.21
CA ILE A 7 -54.39 18.11 41.62
C ILE A 7 -54.05 16.93 40.70
N THR A 8 -53.44 17.24 39.54
CA THR A 8 -53.26 16.27 38.46
C THR A 8 -51.83 16.30 37.94
N SER A 9 -51.25 15.15 37.69
CA SER A 9 -49.91 15.04 37.07
C SER A 9 -49.97 13.97 35.98
N GLU A 10 -48.99 13.99 35.06
CA GLU A 10 -49.03 13.00 33.96
C GLU A 10 -47.74 12.25 33.85
N SER A 11 -47.76 11.15 33.13
CA SER A 11 -46.52 10.48 32.71
C SER A 11 -46.63 9.98 31.28
N VAL A 12 -45.49 9.64 30.69
CA VAL A 12 -45.47 9.07 29.34
C VAL A 12 -44.53 7.86 29.27
N GLY A 13 -44.82 7.00 28.34
CA GLY A 13 -44.14 5.73 28.24
C GLY A 13 -42.83 5.73 27.51
N ALA A 14 -42.17 4.59 27.48
CA ALA A 14 -40.91 4.42 26.76
C ALA A 14 -41.05 4.68 25.24
N GLY A 15 -42.23 4.39 24.71
CA GLY A 15 -42.55 4.51 23.32
C GLY A 15 -43.03 5.87 22.89
N HIS A 16 -43.28 6.75 23.83
CA HIS A 16 -43.72 8.11 23.51
C HIS A 16 -42.60 8.82 22.79
N PRO A 17 -42.93 9.57 21.72
CA PRO A 17 -41.92 10.18 20.87
C PRO A 17 -40.97 11.15 21.54
N ASP A 18 -41.48 11.98 22.45
CA ASP A 18 -40.58 12.85 23.26
C ASP A 18 -39.59 12.03 24.11
N LYS A 19 -40.06 10.92 24.63
CA LYS A 19 -39.26 10.08 25.51
C LYS A 19 -38.20 9.25 24.76
N ILE A 20 -38.52 8.86 23.53
CA ILE A 20 -37.55 8.24 22.66
C ILE A 20 -36.35 9.15 22.48
N CYS A 21 -36.61 10.42 22.19
CA CYS A 21 -35.55 11.39 22.02
C CYS A 21 -34.74 11.61 23.27
N ASP A 22 -35.43 11.68 24.41
CA ASP A 22 -34.78 11.74 25.71
C ASP A 22 -33.89 10.52 25.93
N GLN A 23 -34.41 9.32 25.60
CA GLN A 23 -33.61 8.08 25.73
C GLN A 23 -32.39 8.08 24.87
N ILE A 24 -32.56 8.43 23.60
CA ILE A 24 -31.43 8.44 22.67
C ILE A 24 -30.40 9.44 23.14
N SER A 25 -30.86 10.63 23.57
CA SER A 25 -29.95 11.67 24.01
C SER A 25 -29.11 11.19 25.19
N ASP A 26 -29.74 10.51 26.12
CA ASP A 26 -29.03 10.02 27.28
C ASP A 26 -28.25 8.77 27.01
N ALA A 27 -28.72 7.93 26.11
CA ALA A 27 -27.90 6.78 25.66
C ALA A 27 -26.59 7.24 25.01
N ILE A 28 -26.65 8.38 24.33
CA ILE A 28 -25.48 8.93 23.65
C ILE A 28 -24.52 9.49 24.68
N LEU A 29 -25.08 10.25 25.59
CA LEU A 29 -24.31 10.77 26.71
C LEU A 29 -23.56 9.68 27.43
N ASP A 30 -24.29 8.61 27.71
CA ASP A 30 -23.76 7.43 28.45
C ASP A 30 -22.54 6.84 27.75
N GLU A 31 -22.67 6.60 26.44
CA GLU A 31 -21.56 6.11 25.66
C GLU A 31 -20.36 7.03 25.70
N CYS A 32 -20.58 8.35 25.55
CA CYS A 32 -19.51 9.31 25.66
C CYS A 32 -18.79 9.30 26.98
N LEU A 33 -19.57 9.36 28.06
CA LEU A 33 -18.98 9.45 29.38
C LEU A 33 -18.28 8.14 29.74
N SER A 34 -18.83 7.03 29.26
CA SER A 34 -18.25 5.71 29.46
C SER A 34 -16.82 5.62 28.90
N GLN A 35 -16.60 6.26 27.75
CA GLN A 35 -15.29 6.32 27.13
C GLN A 35 -14.43 7.51 27.56
N ASP A 36 -15.04 8.66 27.82
CA ASP A 36 -14.34 9.92 28.16
C ASP A 36 -15.14 10.65 29.26
N GLN A 37 -14.61 10.67 30.47
CA GLN A 37 -15.28 11.35 31.58
C GLN A 37 -15.06 12.86 31.59
N ASN A 38 -14.29 13.39 30.65
CA ASN A 38 -14.24 14.85 30.42
C ASN A 38 -15.04 15.29 29.21
N SER A 39 -15.96 14.44 28.75
CA SER A 39 -16.85 14.81 27.65
C SER A 39 -17.72 15.99 27.96
N ARG A 40 -17.90 16.84 26.95
CA ARG A 40 -18.90 17.89 26.98
C ARG A 40 -19.99 17.49 26.02
N VAL A 41 -21.20 17.36 26.49
CA VAL A 41 -22.24 16.74 25.70
C VAL A 41 -23.51 17.48 25.88
N ALA A 42 -24.15 17.79 24.77
CA ALA A 42 -25.41 18.55 24.75
C ALA A 42 -26.19 18.05 23.54
N CYS A 43 -26.64 16.82 23.62
CA CYS A 43 -27.24 16.12 22.53
C CYS A 43 -28.76 16.29 22.50
N GLU A 44 -29.27 16.79 21.40
CA GLU A 44 -30.71 16.99 21.19
C GLU A 44 -31.14 16.08 20.04
N VAL A 45 -32.32 15.53 20.15
CA VAL A 45 -32.83 14.58 19.18
C VAL A 45 -34.26 14.95 18.78
N LEU A 46 -34.53 14.83 17.47
CA LEU A 46 -35.86 14.98 16.90
C LEU A 46 -36.26 13.66 16.27
N ALA A 47 -37.49 13.22 16.46
CA ALA A 47 -38.03 12.05 15.80
C ALA A 47 -39.38 12.39 15.22
N CYS A 48 -39.50 12.37 13.91
CA CYS A 48 -40.79 12.65 13.29
C CYS A 48 -41.00 11.64 12.21
N ASN A 49 -42.22 11.24 11.96
CA ASN A 49 -42.52 10.33 10.86
C ASN A 49 -41.40 9.91 9.89
N ARG A 50 -40.66 8.83 10.19
CA ARG A 50 -39.61 8.34 9.37
C ARG A 50 -38.26 8.96 9.46
N LEU A 51 -38.07 9.91 10.36
CA LEU A 51 -36.82 10.59 10.43
C LEU A 51 -36.39 10.79 11.88
N ILE A 52 -35.12 10.55 12.19
CA ILE A 52 -34.58 10.80 13.52
C ILE A 52 -33.35 11.63 13.29
N VAL A 53 -33.33 12.84 13.86
CA VAL A 53 -32.21 13.71 13.71
C VAL A 53 -31.52 13.78 15.04
N ILE A 54 -30.20 13.55 15.04
CA ILE A 54 -29.38 13.52 16.21
C ILE A 54 -28.42 14.67 16.09
N ALA A 55 -28.59 15.65 16.93
CA ALA A 55 -27.85 16.93 16.78
C ALA A 55 -27.32 17.33 18.15
N GLY A 56 -26.76 18.49 18.24
CA GLY A 56 -26.20 18.95 19.49
C GLY A 56 -24.71 19.11 19.39
N GLU A 57 -24.11 19.58 20.47
CA GLU A 57 -22.71 19.95 20.53
C GLU A 57 -22.02 18.99 21.43
N ILE A 58 -20.95 18.38 20.94
CA ILE A 58 -20.21 17.38 21.73
C ILE A 58 -18.75 17.59 21.47
N THR A 59 -17.95 17.62 22.52
CA THR A 59 -16.52 17.55 22.39
C THR A 59 -16.08 16.39 23.28
N THR A 60 -15.44 15.41 22.66
CA THR A 60 -15.15 14.17 23.32
C THR A 60 -14.06 13.40 22.62
N HIS A 61 -13.31 12.61 23.39
CA HIS A 61 -12.35 11.68 22.82
C HIS A 61 -13.03 10.39 22.40
N ALA A 62 -14.28 10.20 22.83
CA ALA A 62 -15.07 9.03 22.47
C ALA A 62 -15.50 9.07 21.02
N TYR A 63 -15.86 7.89 20.52
CA TYR A 63 -16.65 7.75 19.30
C TYR A 63 -17.92 7.00 19.68
N VAL A 64 -19.06 7.51 19.29
CA VAL A 64 -20.35 6.88 19.55
C VAL A 64 -20.98 6.58 18.22
N ASP A 65 -21.36 5.33 17.99
CA ASP A 65 -22.07 4.95 16.78
C ASP A 65 -23.53 5.31 17.01
N VAL A 66 -23.85 6.49 16.55
CA VAL A 66 -25.13 7.11 16.74
C VAL A 66 -26.29 6.27 16.18
N VAL A 67 -26.08 5.58 15.08
CA VAL A 67 -27.13 4.75 14.48
C VAL A 67 -27.38 3.50 15.34
N LYS A 68 -26.31 2.84 15.74
CA LYS A 68 -26.40 1.67 16.60
C LYS A 68 -27.12 2.04 17.90
N THR A 69 -26.85 3.25 18.41
CA THR A 69 -27.44 3.70 19.67
C THR A 69 -28.93 3.97 19.52
N ALA A 70 -29.31 4.62 18.47
CA ALA A 70 -30.72 4.86 18.19
C ALA A 70 -31.45 3.53 18.11
N TRP A 71 -30.85 2.54 17.50
CA TRP A 71 -31.47 1.23 17.38
C TRP A 71 -31.66 0.52 18.74
N GLU A 72 -30.68 0.65 19.64
CA GLU A 72 -30.80 0.13 21.00
C GLU A 72 -32.06 0.58 21.69
N ILE A 73 -32.41 1.82 21.49
CA ILE A 73 -33.60 2.40 22.08
C ILE A 73 -34.87 2.02 21.30
N ILE A 74 -34.79 1.98 19.99
CA ILE A 74 -35.97 1.79 19.12
C ILE A 74 -36.38 0.35 18.94
N LYS A 75 -35.43 -0.57 18.94
CA LYS A 75 -35.73 -2.03 18.78
C LYS A 75 -36.64 -2.62 19.82
N PRO A 76 -36.35 -2.37 21.12
CA PRO A 76 -37.30 -2.82 22.13
C PRO A 76 -38.73 -2.31 21.99
N LEU A 77 -38.91 -1.18 21.36
CA LEU A 77 -40.26 -0.63 21.18
C LEU A 77 -40.99 -1.34 20.03
N GLY A 78 -40.24 -2.02 19.16
CA GLY A 78 -40.81 -2.76 18.04
C GLY A 78 -40.44 -2.29 16.65
N TYR A 79 -39.52 -1.34 16.53
CA TYR A 79 -39.08 -0.86 15.24
C TYR A 79 -37.87 -1.63 14.77
N ASP A 80 -37.60 -1.51 13.47
CA ASP A 80 -36.47 -2.18 12.86
C ASP A 80 -35.57 -1.21 12.16
N GLU A 81 -34.55 -1.76 11.50
CA GLU A 81 -33.46 -0.96 10.97
C GLU A 81 -33.86 -0.21 9.72
N ASN A 82 -34.99 -0.52 9.11
CA ASN A 82 -35.48 0.22 7.94
C ASN A 82 -36.52 1.29 8.24
N ASP A 83 -37.00 1.39 9.48
CA ASP A 83 -38.05 2.35 9.84
C ASP A 83 -37.70 3.85 9.77
N PHE A 84 -36.46 4.21 10.06
CA PHE A 84 -36.08 5.60 10.13
C PHE A 84 -34.84 5.95 9.41
N THR A 85 -34.92 7.07 8.69
CA THR A 85 -33.78 7.78 8.18
C THR A 85 -33.09 8.40 9.35
N ILE A 86 -31.80 8.11 9.53
CA ILE A 86 -31.05 8.74 10.59
C ILE A 86 -30.13 9.82 10.11
N ILE A 87 -30.24 11.01 10.71
CA ILE A 87 -29.34 12.13 10.43
C ILE A 87 -28.45 12.35 11.62
N SER A 88 -27.15 12.48 11.41
CA SER A 88 -26.20 12.75 12.49
C SER A 88 -25.54 14.09 12.24
N ASN A 89 -25.85 15.09 13.08
CA ASN A 89 -25.33 16.45 12.92
C ASN A 89 -24.67 16.91 14.18
N VAL A 90 -23.56 16.31 14.52
CA VAL A 90 -22.96 16.48 15.83
C VAL A 90 -21.91 17.54 15.62
N ASN A 91 -22.08 18.67 16.30
CA ASN A 91 -21.26 19.86 16.08
C ASN A 91 -20.38 19.91 17.31
N LYS A 92 -19.28 20.60 17.40
CA LYS A 92 -18.42 20.43 18.62
C LYS A 92 -18.91 21.53 19.59
N GLN A 93 -18.49 21.46 20.84
CA GLN A 93 -18.82 22.48 21.80
C GLN A 93 -18.08 23.75 21.40
N SER A 94 -18.77 24.91 21.60
CA SER A 94 -18.19 26.18 21.33
C SER A 94 -16.99 26.45 22.20
N VAL A 95 -15.89 26.83 21.59
CA VAL A 95 -14.68 27.14 22.35
C VAL A 95 -14.87 28.34 23.27
N ASP A 96 -15.78 29.25 22.91
CA ASP A 96 -16.08 30.37 23.77
C ASP A 96 -16.83 29.97 25.04
N ILE A 97 -17.65 28.94 24.94
CA ILE A 97 -18.26 28.32 26.11
C ILE A 97 -17.23 27.55 26.89
N ALA A 98 -16.43 26.76 26.22
CA ALA A 98 -15.47 25.87 26.91
C ALA A 98 -14.47 26.60 27.79
N GLN A 99 -13.96 27.73 27.31
CA GLN A 99 -12.99 28.50 28.07
C GLN A 99 -13.62 29.01 29.39
N SER A 100 -14.90 29.36 29.35
CA SER A 100 -15.62 29.80 30.52
C SER A 100 -15.93 28.69 31.55
N VAL A 101 -16.23 27.48 31.07
CA VAL A 101 -16.56 26.35 31.96
C VAL A 101 -15.30 25.75 32.52
N ASP A 102 -14.31 25.51 31.67
CA ASP A 102 -13.04 24.87 32.07
C ASP A 102 -12.05 25.96 32.45
N LYS A 103 -12.02 26.27 33.74
CA LYS A 103 -11.25 27.39 34.25
C LYS A 103 -9.76 27.05 34.17
N THR A 104 -8.91 28.06 34.04
CA THR A 104 -7.44 27.85 34.07
C THR A 104 -7.05 27.15 35.35
N ASN A 105 -7.49 27.72 36.47
CA ASN A 105 -7.50 27.05 37.77
C ASN A 105 -8.32 25.77 37.63
N LYS A 106 -7.64 24.62 37.59
CA LYS A 106 -8.33 23.35 37.43
C LYS A 106 -9.04 22.89 38.69
N ASN A 107 -9.05 23.70 39.74
CA ASN A 107 -9.83 23.40 40.94
C ASN A 107 -11.30 23.80 40.79
N LEU A 108 -11.69 24.58 39.80
CA LEU A 108 -13.10 25.01 39.71
C LEU A 108 -13.67 24.79 38.33
N ILE A 109 -14.95 24.44 38.25
CA ILE A 109 -15.64 24.41 36.98
C ILE A 109 -16.69 25.52 37.03
N GLY A 110 -16.71 26.38 36.03
CA GLY A 110 -17.77 27.38 35.90
C GLY A 110 -19.07 26.78 35.39
N ALA A 111 -20.17 27.43 35.66
CA ALA A 111 -21.48 26.87 35.26
C ALA A 111 -21.60 26.80 33.77
N GLY A 112 -22.15 25.71 33.29
CA GLY A 112 -22.30 25.49 31.85
C GLY A 112 -23.16 26.50 31.13
N ASP A 113 -24.06 27.12 31.86
CA ASP A 113 -24.99 28.11 31.33
C ASP A 113 -25.61 28.85 32.53
N GLN A 114 -26.24 29.99 32.25
CA GLN A 114 -27.14 30.60 33.21
C GLN A 114 -28.43 29.77 33.32
N GLY A 115 -29.21 30.07 34.36
CA GLY A 115 -30.56 29.56 34.49
C GLY A 115 -30.98 29.33 35.91
N ILE A 116 -32.16 28.74 36.06
CA ILE A 116 -32.78 28.59 37.35
C ILE A 116 -33.24 27.15 37.49
N VAL A 117 -33.01 26.55 38.62
CA VAL A 117 -33.40 25.12 38.87
C VAL A 117 -34.23 25.08 40.16
N PHE A 118 -34.99 24.01 40.31
CA PHE A 118 -35.80 23.83 41.50
C PHE A 118 -35.65 22.39 41.98
N GLY A 119 -35.32 22.21 43.25
CA GLY A 119 -35.37 20.93 43.90
C GLY A 119 -36.65 20.91 44.68
N TYR A 120 -37.23 19.75 44.87
CA TYR A 120 -38.45 19.65 45.62
C TYR A 120 -38.58 18.30 46.26
N ALA A 121 -39.20 18.30 47.44
CA ALA A 121 -39.46 17.07 48.16
C ALA A 121 -40.65 17.28 49.06
N CYS A 122 -41.32 16.18 49.37
CA CYS A 122 -42.46 16.20 50.28
C CYS A 122 -42.60 14.86 50.97
N ASP A 123 -43.42 14.80 51.99
CA ASP A 123 -43.56 13.53 52.76
C ASP A 123 -44.67 12.54 52.34
N GLU A 124 -45.33 12.76 51.21
CA GLU A 124 -46.54 12.03 50.84
C GLU A 124 -46.31 10.57 50.43
N THR A 125 -45.10 10.23 50.00
CA THR A 125 -44.78 8.93 49.47
C THR A 125 -43.40 8.48 50.00
N PRO A 126 -43.17 7.14 50.04
CA PRO A 126 -41.84 6.65 50.41
C PRO A 126 -40.72 7.25 49.57
N GLN A 127 -41.00 7.56 48.31
CA GLN A 127 -40.08 8.22 47.41
C GLN A 127 -39.85 9.72 47.70
N TYR A 128 -40.62 10.30 48.60
CA TYR A 128 -40.60 11.73 48.94
C TYR A 128 -40.98 12.62 47.73
N MET A 129 -42.01 12.17 47.01
CA MET A 129 -42.47 12.79 45.78
C MET A 129 -43.98 12.96 45.84
N PRO A 130 -44.54 13.91 45.07
CA PRO A 130 -45.99 14.04 44.99
C PRO A 130 -46.66 12.76 44.56
N LEU A 131 -47.77 12.43 45.21
CA LEU A 131 -48.47 11.19 44.95
C LEU A 131 -48.99 11.10 43.52
N THR A 132 -49.33 12.23 42.93
CA THR A 132 -49.85 12.22 41.59
C THR A 132 -48.79 11.72 40.54
N SER A 133 -47.58 12.23 40.68
CA SER A 133 -46.44 11.82 39.88
C SER A 133 -46.13 10.35 40.04
N VAL A 134 -46.05 9.89 41.29
CA VAL A 134 -45.66 8.53 41.56
C VAL A 134 -46.65 7.58 40.95
N LEU A 135 -47.94 7.85 41.14
CA LEU A 135 -48.96 6.96 40.58
C LEU A 135 -48.97 6.98 39.07
N ALA A 136 -48.77 8.14 38.48
CA ALA A 136 -48.73 8.25 37.01
C ALA A 136 -47.60 7.43 36.39
N HIS A 137 -46.42 7.48 37.02
CA HIS A 137 -45.27 6.74 36.55
C HIS A 137 -45.45 5.26 36.81
N GLU A 138 -45.95 4.87 37.99
CA GLU A 138 -46.07 3.45 38.33
C GLU A 138 -47.01 2.75 37.37
N LEU A 139 -48.10 3.44 37.04
CA LEU A 139 -49.08 2.94 36.09
C LEU A 139 -48.42 2.52 34.76
N LEU A 140 -47.63 3.41 34.20
CA LEU A 140 -47.00 3.13 32.90
C LEU A 140 -45.89 2.10 32.99
N LYS A 141 -45.11 2.10 34.08
CA LYS A 141 -44.09 1.08 34.31
C LYS A 141 -44.68 -0.29 34.30
N GLU A 142 -45.80 -0.42 34.98
CA GLU A 142 -46.45 -1.70 35.14
C GLU A 142 -47.03 -2.14 33.81
N ILE A 143 -47.57 -1.21 33.03
CA ILE A 143 -48.06 -1.58 31.69
C ILE A 143 -46.89 -2.03 30.78
N GLU A 144 -45.81 -1.26 30.75
CA GLU A 144 -44.65 -1.60 29.95
C GLU A 144 -44.05 -2.92 30.38
N ARG A 145 -43.96 -3.16 31.67
CA ARG A 145 -43.37 -4.44 32.16
C ARG A 145 -44.24 -5.61 31.67
N GLN A 146 -45.55 -5.47 31.78
CA GLN A 146 -46.48 -6.50 31.32
C GLN A 146 -46.44 -6.69 29.80
N ARG A 147 -46.19 -5.61 29.06
CA ARG A 147 -46.01 -5.72 27.63
C ARG A 147 -44.82 -6.56 27.27
N ARG A 148 -43.68 -6.30 27.93
CA ARG A 148 -42.44 -7.05 27.68
C ARG A 148 -42.49 -8.50 28.17
N SER A 149 -43.14 -8.73 29.30
CA SER A 149 -43.38 -10.09 29.81
C SER A 149 -44.43 -10.85 29.00
N LYS A 150 -45.21 -10.11 28.22
CA LYS A 150 -46.30 -10.64 27.37
C LYS A 150 -47.55 -11.02 28.16
N GLU A 151 -47.63 -10.52 29.40
CA GLU A 151 -48.84 -10.63 30.20
C GLU A 151 -49.97 -9.76 29.65
N PHE A 152 -49.62 -8.64 29.02
CA PHE A 152 -50.60 -7.72 28.43
C PHE A 152 -50.29 -7.74 26.96
N ILE A 153 -51.17 -8.26 26.13
CA ILE A 153 -50.85 -8.39 24.71
C ILE A 153 -51.64 -7.40 23.85
N LYS A 154 -51.19 -7.30 22.63
CA LYS A 154 -51.82 -6.46 21.61
C LYS A 154 -51.83 -4.97 21.93
N ILE A 155 -50.75 -4.56 22.56
CA ILE A 155 -50.45 -3.18 22.81
C ILE A 155 -49.05 -2.86 22.35
N GLN A 156 -48.80 -1.59 22.12
CA GLN A 156 -47.53 -1.06 21.70
C GLN A 156 -47.00 -0.15 22.77
N ALA A 157 -45.75 0.24 22.68
CA ALA A 157 -45.03 0.99 23.69
C ALA A 157 -45.43 2.47 23.89
N ASP A 158 -46.10 3.10 22.92
CA ASP A 158 -46.47 4.49 23.07
C ASP A 158 -47.69 4.54 23.99
N MET A 159 -47.64 5.39 25.03
CA MET A 159 -48.69 5.50 26.04
C MET A 159 -48.54 6.70 26.94
N LYS A 160 -49.68 7.15 27.44
CA LYS A 160 -49.70 8.23 28.45
C LYS A 160 -50.58 7.89 29.65
N SER A 161 -50.32 8.57 30.76
CA SER A 161 -51.18 8.50 31.95
C SER A 161 -51.36 9.86 32.55
N GLN A 162 -52.46 10.02 33.27
CA GLN A 162 -52.76 11.26 33.96
C GLN A 162 -53.52 10.87 35.21
N VAL A 163 -53.08 11.35 36.36
CA VAL A 163 -53.70 10.97 37.64
C VAL A 163 -54.11 12.20 38.40
N SER A 164 -55.41 12.29 38.67
CA SER A 164 -55.99 13.36 39.47
C SER A 164 -56.24 12.87 40.90
N ILE A 165 -55.78 13.62 41.88
CA ILE A 165 -55.99 13.25 43.27
C ILE A 165 -56.67 14.36 44.05
N ASP A 166 -57.60 13.95 44.91
CA ASP A 166 -58.34 14.86 45.78
C ASP A 166 -57.63 15.12 47.11
N TYR A 167 -57.23 16.37 47.36
CA TYR A 167 -56.49 16.74 48.56
C TYR A 167 -57.30 17.60 49.57
N SER A 168 -58.62 17.56 49.47
CA SER A 168 -59.49 18.32 50.36
C SER A 168 -59.35 17.97 51.83
N ASN A 169 -59.18 16.65 52.08
CA ASN A 169 -59.00 16.12 53.42
C ASN A 169 -57.57 15.77 53.74
N SER A 170 -57.34 15.39 54.98
CA SER A 170 -56.01 14.94 55.45
C SER A 170 -55.55 13.68 54.76
N THR A 171 -56.47 12.78 54.42
CA THR A 171 -56.13 11.59 53.66
C THR A 171 -56.46 11.83 52.19
N PRO A 172 -55.47 11.65 51.28
CA PRO A 172 -55.75 11.81 49.86
C PRO A 172 -56.63 10.74 49.24
N LEU A 173 -57.47 11.14 48.30
CA LEU A 173 -58.31 10.21 47.52
C LEU A 173 -57.98 10.33 46.04
N ILE A 174 -57.90 9.21 45.33
CA ILE A 174 -57.75 9.26 43.87
C ILE A 174 -59.09 9.67 43.30
N GLU A 175 -59.09 10.71 42.48
CA GLU A 175 -60.30 11.18 41.83
C GLU A 175 -60.42 10.41 40.54
N THR A 176 -59.41 10.54 39.68
CA THR A 176 -59.42 9.96 38.35
C THR A 176 -58.05 9.38 38.02
N MET A 177 -58.05 8.16 37.45
CA MET A 177 -56.88 7.63 36.75
C MET A 177 -57.20 7.51 35.28
N LEU A 178 -56.30 8.07 34.47
CA LEU A 178 -56.48 8.10 33.01
C LEU A 178 -55.31 7.44 32.35
N VAL A 179 -55.61 6.66 31.34
CA VAL A 179 -54.57 6.00 30.55
C VAL A 179 -54.97 5.98 29.08
N SER A 180 -54.05 6.36 28.20
CA SER A 180 -54.12 6.07 26.78
C SER A 180 -52.93 5.18 26.40
N ILE A 181 -53.23 4.01 25.88
CA ILE A 181 -52.20 3.10 25.35
C ILE A 181 -52.47 2.80 23.87
N GLN A 182 -51.41 2.84 23.08
CA GLN A 182 -51.44 2.44 21.67
C GLN A 182 -51.69 0.90 21.55
N HIS A 183 -52.69 0.53 20.76
CA HIS A 183 -53.10 -0.84 20.63
C HIS A 183 -53.06 -1.33 19.17
N ASP A 184 -53.04 -2.64 19.03
CA ASP A 184 -53.11 -3.25 17.72
C ASP A 184 -54.49 -3.09 17.15
N GLU A 185 -54.54 -3.20 15.82
CA GLU A 185 -55.80 -3.06 15.09
C GLU A 185 -56.77 -4.14 15.53
N ASP A 186 -56.27 -5.37 15.72
CA ASP A 186 -57.11 -6.52 16.03
C ASP A 186 -57.23 -6.82 17.53
N TYR A 187 -57.13 -5.78 18.36
CA TYR A 187 -57.18 -5.94 19.81
C TYR A 187 -58.63 -6.23 20.21
N ASP A 188 -58.77 -6.66 21.44
CA ASP A 188 -60.05 -7.02 22.08
C ASP A 188 -60.25 -5.96 23.15
N VAL A 189 -61.27 -5.12 22.97
CA VAL A 189 -61.45 -3.96 23.85
C VAL A 189 -61.74 -4.41 25.27
N GLU A 190 -62.54 -5.47 25.40
CA GLU A 190 -62.93 -6.00 26.71
C GLU A 190 -61.69 -6.47 27.45
N TYR A 191 -60.84 -7.22 26.78
CA TYR A 191 -59.57 -7.67 27.37
C TYR A 191 -58.73 -6.48 27.81
N PHE A 192 -58.59 -5.52 26.90
CA PHE A 192 -57.82 -4.29 27.09
C PHE A 192 -58.31 -3.47 28.29
N ASN A 193 -59.63 -3.26 28.37
CA ASN A 193 -60.24 -2.51 29.45
C ASN A 193 -60.09 -3.20 30.84
N LYS A 194 -60.30 -4.53 30.88
CA LYS A 194 -60.13 -5.30 32.11
C LYS A 194 -58.66 -5.30 32.60
N LYS A 195 -57.74 -5.38 31.64
CA LYS A 195 -56.34 -5.39 31.95
C LYS A 195 -55.91 -4.10 32.57
N VAL A 196 -56.26 -2.99 31.94
CA VAL A 196 -55.89 -1.66 32.47
C VAL A 196 -56.48 -1.40 33.86
N SER A 197 -57.76 -1.71 34.02
CA SER A 197 -58.45 -1.56 35.31
C SER A 197 -57.79 -2.30 36.44
N ALA A 198 -57.43 -3.54 36.16
CA ALA A 198 -56.75 -4.39 37.15
C ALA A 198 -55.44 -3.73 37.57
N ILE A 199 -54.71 -3.20 36.59
CA ILE A 199 -53.45 -2.50 36.85
C ILE A 199 -53.70 -1.19 37.60
N MET A 200 -54.76 -0.48 37.27
CA MET A 200 -55.10 0.72 38.03
C MET A 200 -55.37 0.43 39.50
N GLU A 201 -56.13 -0.62 39.76
CA GLU A 201 -56.46 -1.01 41.14
C GLU A 201 -55.27 -1.56 41.88
N GLN A 202 -54.46 -2.37 41.22
CA GLN A 202 -53.25 -2.88 41.85
C GLN A 202 -52.33 -1.73 42.30
N ILE A 203 -52.15 -0.71 41.46
CA ILE A 203 -51.33 0.47 41.81
C ILE A 203 -51.93 1.25 42.99
N ALA A 204 -53.24 1.39 43.01
CA ALA A 204 -53.93 2.04 44.12
C ALA A 204 -53.80 1.25 45.43
N LYS A 205 -54.00 -0.06 45.36
CA LYS A 205 -53.85 -0.92 46.53
C LYS A 205 -52.44 -0.92 47.06
N LYS A 206 -51.47 -0.90 46.18
CA LYS A 206 -50.08 -0.87 46.59
C LYS A 206 -49.74 0.40 47.40
N TYR A 207 -50.46 1.50 47.18
CA TYR A 207 -50.24 2.73 47.98
C TYR A 207 -51.31 2.94 49.05
N ASN A 208 -52.05 1.87 49.35
CA ASN A 208 -53.11 1.87 50.36
C ASN A 208 -54.17 2.96 50.07
N LEU A 209 -54.61 3.07 48.83
CA LEU A 209 -55.54 4.12 48.43
C LEU A 209 -56.90 3.56 48.06
N ASN A 210 -57.88 4.43 47.90
CA ASN A 210 -59.22 4.05 47.50
C ASN A 210 -59.21 3.42 46.14
N THR A 211 -60.16 2.55 45.89
CA THR A 211 -60.27 1.81 44.66
C THR A 211 -61.55 2.16 43.85
N ASN A 212 -62.29 3.17 44.29
CA ASN A 212 -63.58 3.58 43.69
C ASN A 212 -63.47 4.76 42.64
N PHE A 213 -62.25 5.07 42.23
CA PHE A 213 -62.00 6.21 41.36
C PHE A 213 -62.52 5.99 39.94
N LYS A 214 -62.79 7.09 39.26
CA LYS A 214 -63.17 7.08 37.87
C LYS A 214 -61.98 6.69 36.99
N LYS A 215 -62.25 5.83 36.00
CA LYS A 215 -61.23 5.36 35.08
C LYS A 215 -61.56 5.88 33.69
N ILE A 216 -60.61 6.57 33.07
CA ILE A 216 -60.69 7.00 31.68
C ILE A 216 -59.67 6.17 30.91
N ILE A 217 -60.16 5.25 30.08
CA ILE A 217 -59.29 4.32 29.35
C ILE A 217 -59.41 4.57 27.85
N ASN A 218 -58.39 5.14 27.23
CA ASN A 218 -58.39 5.40 25.79
C ASN A 218 -59.60 6.24 25.41
N SER A 219 -59.62 7.46 25.91
CA SER A 219 -60.70 8.43 25.63
C SER A 219 -60.79 8.82 24.15
N SER A 220 -59.72 8.64 23.38
CA SER A 220 -59.81 8.87 21.92
C SER A 220 -60.77 7.89 21.20
N GLY A 221 -60.92 6.68 21.74
CA GLY A 221 -61.70 5.64 21.07
C GLY A 221 -60.93 4.77 20.09
N ARG A 222 -59.78 5.27 19.60
CA ARG A 222 -58.92 4.56 18.68
C ARG A 222 -57.50 5.11 18.83
N PHE A 223 -56.52 4.25 18.90
CA PHE A 223 -55.12 4.70 19.08
C PHE A 223 -54.22 3.56 18.52
N VAL A 224 -54.27 3.41 17.18
CA VAL A 224 -53.47 2.45 16.46
C VAL A 224 -52.25 3.10 15.85
N ILE A 225 -52.43 4.25 15.20
CA ILE A 225 -51.32 5.07 14.73
C ILE A 225 -50.71 5.69 15.99
N GLY A 226 -49.42 5.45 16.22
CA GLY A 226 -48.68 5.98 17.34
C GLY A 226 -47.20 6.09 17.06
N GLY A 227 -46.37 6.21 18.08
CA GLY A 227 -44.98 6.52 17.87
C GLY A 227 -44.73 7.84 17.14
N PRO A 228 -43.50 8.07 16.67
CA PRO A 228 -43.21 9.29 15.91
C PRO A 228 -44.02 9.45 14.64
N ILE A 229 -44.64 8.37 14.13
CA ILE A 229 -45.57 8.51 13.02
C ILE A 229 -46.77 9.38 13.42
N GLY A 230 -47.31 9.10 14.59
CA GLY A 230 -48.46 9.91 15.07
C GLY A 230 -48.20 11.31 15.56
N ASP A 231 -46.99 11.54 16.06
CA ASP A 231 -46.68 12.75 16.82
C ASP A 231 -45.17 12.85 16.91
N THR A 232 -44.67 14.04 16.63
CA THR A 232 -43.24 14.30 16.63
C THR A 232 -42.70 14.27 18.03
N GLY A 233 -41.43 13.95 18.17
CA GLY A 233 -40.76 13.94 19.43
C GLY A 233 -39.56 14.80 19.47
N LEU A 234 -39.28 15.41 20.61
CA LEU A 234 -38.04 16.16 20.77
C LEU A 234 -37.47 15.98 22.14
N THR A 235 -36.16 16.10 22.26
CA THR A 235 -35.48 16.06 23.55
C THR A 235 -35.95 17.24 24.39
N GLY A 236 -36.18 17.00 25.69
CA GLY A 236 -36.45 18.11 26.60
C GLY A 236 -37.83 18.71 26.49
N ARG A 237 -38.80 17.97 26.01
CA ARG A 237 -40.21 18.40 25.93
C ARG A 237 -41.07 17.60 26.92
N LYS A 238 -40.44 17.04 27.95
CA LYS A 238 -41.15 16.39 28.99
C LYS A 238 -40.62 16.80 30.39
N ILE A 239 -40.33 18.08 30.53
CA ILE A 239 -39.49 18.48 31.64
C ILE A 239 -40.30 18.38 32.97
N ILE A 240 -41.61 18.55 32.91
CA ILE A 240 -42.46 18.45 34.08
C ILE A 240 -42.72 16.96 34.47
N VAL A 241 -42.89 16.09 33.48
CA VAL A 241 -42.95 14.65 33.70
C VAL A 241 -41.64 14.13 34.29
N ASP A 242 -40.55 14.69 33.81
CA ASP A 242 -39.21 14.39 34.32
C ASP A 242 -38.96 14.77 35.74
N THR A 243 -39.72 15.75 36.24
CA THR A 243 -39.45 16.35 37.54
C THR A 243 -40.60 16.03 38.55
N TYR A 244 -41.42 17.03 38.87
CA TYR A 244 -42.37 16.92 39.99
C TYR A 244 -43.84 17.09 39.57
N GLY A 245 -44.19 16.81 38.33
CA GLY A 245 -45.57 16.70 37.93
C GLY A 245 -46.40 17.92 38.13
N GLY A 246 -45.78 19.12 38.02
CA GLY A 246 -46.53 20.36 38.12
C GLY A 246 -46.83 20.79 39.57
N VAL A 247 -46.52 19.93 40.54
CA VAL A 247 -46.60 20.31 41.93
C VAL A 247 -45.45 21.24 42.30
N GLY A 248 -44.21 20.88 41.94
CA GLY A 248 -43.07 21.73 42.17
C GLY A 248 -42.98 22.78 41.08
N HIS A 249 -42.17 23.83 41.30
CA HIS A 249 -41.85 24.75 40.23
C HIS A 249 -40.79 24.19 39.28
N HIS A 250 -40.50 24.93 38.22
CA HIS A 250 -39.50 24.54 37.24
C HIS A 250 -38.93 25.85 36.62
N GLY A 251 -37.62 25.95 36.49
CA GLY A 251 -36.93 27.06 35.90
C GLY A 251 -36.75 27.04 34.38
N GLY A 252 -37.02 25.89 33.80
CA GLY A 252 -37.05 25.74 32.36
C GLY A 252 -36.08 24.72 31.78
N GLY A 253 -34.95 24.45 32.41
CA GLY A 253 -33.93 23.62 31.80
C GLY A 253 -34.27 22.10 31.75
N ALA A 254 -33.97 21.47 30.61
CA ALA A 254 -34.24 20.06 30.41
C ALA A 254 -33.01 19.25 30.83
N PHE A 255 -33.19 17.95 31.06
CA PHE A 255 -32.12 17.11 31.56
C PHE A 255 -31.38 16.31 30.53
N SER A 256 -32.11 15.67 29.60
CA SER A 256 -31.48 14.57 28.79
C SER A 256 -30.52 15.07 27.75
N GLY A 257 -29.45 14.33 27.58
CA GLY A 257 -28.42 14.68 26.63
C GLY A 257 -27.37 15.61 27.16
N LYS A 258 -27.46 15.98 28.44
CA LYS A 258 -26.52 16.94 29.02
C LYS A 258 -25.51 16.38 29.98
N ASP A 259 -24.26 16.76 29.84
CA ASP A 259 -23.24 16.30 30.76
C ASP A 259 -23.39 17.10 32.05
N PRO A 260 -22.71 16.71 33.13
CA PRO A 260 -22.93 17.45 34.36
C PRO A 260 -22.46 18.90 34.43
N THR A 261 -21.64 19.36 33.50
CA THR A 261 -21.29 20.78 33.53
C THR A 261 -22.50 21.64 33.26
N LYS A 262 -23.51 21.10 32.58
CA LYS A 262 -24.77 21.80 32.40
C LYS A 262 -25.50 21.78 33.72
N VAL A 263 -25.53 22.91 34.41
CA VAL A 263 -26.13 22.97 35.73
C VAL A 263 -27.62 22.72 35.70
N ASP A 264 -28.27 22.96 34.56
CA ASP A 264 -29.66 22.60 34.40
C ASP A 264 -29.90 21.15 34.92
N ARG A 265 -28.95 20.25 34.68
CA ARG A 265 -29.07 18.91 35.18
C ARG A 265 -28.45 18.70 36.58
N SER A 266 -27.17 19.01 36.76
CA SER A 266 -26.48 18.68 37.99
C SER A 266 -27.09 19.48 39.21
N ALA A 267 -27.30 20.79 39.04
CA ALA A 267 -27.88 21.60 40.09
C ALA A 267 -29.29 21.19 40.45
N SER A 268 -30.07 20.73 39.47
CA SER A 268 -31.40 20.20 39.77
C SER A 268 -31.34 18.94 40.62
N TYR A 269 -30.39 18.05 40.33
CA TYR A 269 -30.21 16.86 41.15
C TYR A 269 -29.72 17.22 42.58
N PHE A 270 -28.86 18.23 42.64
CA PHE A 270 -28.30 18.74 43.87
C PHE A 270 -29.42 19.38 44.73
N ALA A 271 -30.27 20.16 44.09
CA ALA A 271 -31.40 20.77 44.79
C ALA A 271 -32.38 19.73 45.30
N ARG A 272 -32.69 18.74 44.49
CA ARG A 272 -33.50 17.59 44.96
C ARG A 272 -32.85 16.86 46.14
N TRP A 273 -31.55 16.70 46.09
CA TRP A 273 -30.79 16.08 47.16
C TRP A 273 -30.97 16.86 48.48
N ILE A 274 -30.80 18.15 48.41
CA ILE A 274 -30.98 19.01 49.58
C ILE A 274 -32.42 18.90 50.08
N ALA A 275 -33.37 19.24 49.22
CA ALA A 275 -34.76 19.21 49.57
C ALA A 275 -35.19 17.89 50.14
N LYS A 276 -34.79 16.80 49.51
CA LYS A 276 -35.21 15.49 49.99
C LYS A 276 -34.67 15.21 51.39
N ASN A 277 -33.39 15.47 51.62
CA ASN A 277 -32.83 15.30 52.93
C ASN A 277 -33.49 16.21 54.02
N VAL A 278 -33.75 17.47 53.68
CA VAL A 278 -34.50 18.34 54.57
C VAL A 278 -35.82 17.73 55.01
N VAL A 279 -36.57 17.11 54.11
CA VAL A 279 -37.84 16.49 54.49
C VAL A 279 -37.59 15.22 55.29
N ALA A 280 -36.68 14.38 54.83
CA ALA A 280 -36.35 13.17 55.58
C ALA A 280 -35.82 13.46 56.99
N ALA A 281 -35.16 14.59 57.19
CA ALA A 281 -34.70 15.01 58.53
C ALA A 281 -35.82 15.54 59.41
N LYS A 282 -37.03 15.65 58.84
CA LYS A 282 -38.21 16.15 59.51
C LYS A 282 -38.04 17.64 59.96
N LEU A 283 -37.33 18.44 59.19
CA LEU A 283 -37.30 19.87 59.37
C LEU A 283 -38.49 20.50 58.68
N ALA A 284 -39.09 19.81 57.71
CA ALA A 284 -40.30 20.25 57.09
C ALA A 284 -41.06 19.11 56.44
N LYS A 285 -42.34 19.31 56.19
CA LYS A 285 -43.14 18.33 55.44
C LYS A 285 -42.91 18.51 53.92
N GLN A 286 -42.66 19.75 53.47
CA GLN A 286 -42.37 20.04 52.06
C GLN A 286 -41.24 21.03 51.97
N CYS A 287 -40.42 20.93 50.94
CA CYS A 287 -39.30 21.80 50.76
C CYS A 287 -39.01 22.01 49.28
N GLU A 288 -38.80 23.25 48.89
CA GLU A 288 -38.49 23.62 47.54
C GLU A 288 -37.31 24.52 47.55
N ILE A 289 -36.29 24.20 46.76
CA ILE A 289 -35.07 24.99 46.72
C ILE A 289 -34.86 25.50 45.31
N GLN A 290 -34.58 26.80 45.19
CA GLN A 290 -34.37 27.47 43.91
C GLN A 290 -32.95 27.95 43.90
N LEU A 291 -32.19 27.55 42.87
CA LEU A 291 -30.81 28.03 42.71
C LEU A 291 -30.73 28.66 41.36
N ALA A 292 -30.00 29.77 41.25
CA ALA A 292 -29.77 30.44 39.97
C ALA A 292 -28.28 30.48 39.66
N PHE A 293 -27.95 30.43 38.39
CA PHE A 293 -26.55 30.39 37.96
C PHE A 293 -26.20 31.43 36.92
N ALA A 294 -24.89 31.72 36.88
CA ALA A 294 -24.36 32.57 35.86
C ALA A 294 -23.26 31.80 35.11
N ILE A 295 -23.26 31.88 33.79
CA ILE A 295 -22.28 31.14 32.99
C ILE A 295 -20.84 31.51 33.38
N GLY A 296 -20.06 30.46 33.70
CA GLY A 296 -18.68 30.65 34.08
C GLY A 296 -18.44 30.87 35.54
N GLN A 297 -19.51 31.09 36.33
CA GLN A 297 -19.37 31.27 37.77
C GLN A 297 -19.48 29.97 38.49
N PRO A 298 -18.52 29.66 39.40
CA PRO A 298 -18.48 28.33 40.04
C PRO A 298 -19.52 28.09 41.13
N GLN A 299 -20.19 29.15 41.62
CA GLN A 299 -21.24 28.99 42.62
C GLN A 299 -22.52 29.62 42.24
N PRO A 300 -23.63 29.18 42.86
CA PRO A 300 -24.95 29.78 42.53
C PRO A 300 -24.92 31.26 42.77
N VAL A 301 -25.65 31.96 41.95
CA VAL A 301 -25.71 33.43 42.03
C VAL A 301 -26.79 33.87 43.00
N ALA A 302 -27.78 33.03 43.22
CA ALA A 302 -28.90 33.30 44.10
C ALA A 302 -29.50 32.01 44.62
N MET A 303 -30.18 32.08 45.76
CA MET A 303 -30.72 30.87 46.42
C MET A 303 -31.96 31.20 47.23
N TYR A 304 -32.96 30.34 47.18
CA TYR A 304 -34.17 30.51 47.93
C TYR A 304 -34.72 29.18 48.39
N VAL A 305 -34.92 29.04 49.72
CA VAL A 305 -35.59 27.91 50.33
C VAL A 305 -36.99 28.27 50.74
N ASN A 306 -37.95 27.45 50.36
CA ASN A 306 -39.33 27.65 50.71
C ASN A 306 -39.83 26.33 51.32
N THR A 307 -40.31 26.38 52.56
CA THR A 307 -40.85 25.23 53.26
C THR A 307 -42.37 25.29 53.36
N PHE A 308 -43.03 26.19 52.64
CA PHE A 308 -44.50 26.22 52.56
C PHE A 308 -45.28 26.24 53.88
N ASN A 309 -44.65 26.81 54.90
CA ASN A 309 -45.22 26.86 56.25
C ASN A 309 -45.45 25.50 56.87
N THR A 310 -44.61 24.55 56.49
CA THR A 310 -44.61 23.21 57.08
C THR A 310 -43.33 23.00 57.88
N ASN A 311 -42.56 24.06 58.08
CA ASN A 311 -41.31 23.97 58.83
C ASN A 311 -41.53 23.61 60.28
N LEU A 312 -40.80 22.63 60.78
CA LEU A 312 -40.88 22.26 62.20
C LEU A 312 -40.02 23.18 63.10
N ILE A 313 -38.88 23.65 62.57
CA ILE A 313 -38.09 24.60 63.32
C ILE A 313 -38.11 25.93 62.59
N ASP A 314 -37.58 26.99 63.19
CA ASP A 314 -37.51 28.27 62.52
C ASP A 314 -36.80 28.10 61.17
N GLU A 315 -37.40 28.67 60.11
CA GLU A 315 -36.86 28.83 58.79
C GLU A 315 -35.42 29.27 58.74
N THR A 316 -35.08 30.23 59.58
CA THR A 316 -33.67 30.74 59.60
C THR A 316 -32.68 29.63 59.91
N LYS A 317 -33.05 28.77 60.82
CA LYS A 317 -32.19 27.65 61.24
C LYS A 317 -32.14 26.56 60.17
N ILE A 318 -33.23 26.37 59.41
CA ILE A 318 -33.24 25.45 58.27
C ILE A 318 -32.28 25.93 57.15
N PHE A 319 -32.40 27.17 56.73
CA PHE A 319 -31.49 27.78 55.79
C PHE A 319 -30.04 27.67 56.22
N GLU A 320 -29.81 27.90 57.48
CA GLU A 320 -28.46 27.91 58.09
C GLU A 320 -27.90 26.47 58.13
N ALA A 321 -28.74 25.45 58.33
CA ALA A 321 -28.30 24.05 58.35
C ALA A 321 -27.88 23.60 56.93
N ILE A 322 -28.74 23.92 55.97
CA ILE A 322 -28.46 23.68 54.57
C ILE A 322 -27.08 24.26 54.23
N LYS A 323 -26.84 25.54 54.46
CA LYS A 323 -25.58 26.16 54.12
C LYS A 323 -24.35 25.46 54.75
N LYS A 324 -24.47 24.97 55.97
CA LYS A 324 -23.36 24.26 56.63
C LYS A 324 -23.26 22.80 56.29
N SER A 325 -24.32 22.21 55.75
CA SER A 325 -24.30 20.81 55.38
C SER A 325 -23.98 20.54 53.91
N PHE A 326 -24.00 21.54 53.05
CA PHE A 326 -23.81 21.32 51.61
C PHE A 326 -22.76 22.24 51.08
N ASN A 327 -21.89 21.74 50.23
CA ASN A 327 -20.95 22.52 49.46
C ASN A 327 -21.59 22.88 48.11
N PHE A 328 -21.67 24.19 47.86
CA PHE A 328 -22.37 24.77 46.70
C PHE A 328 -21.47 25.04 45.52
N ASP A 329 -20.19 24.76 45.66
CA ASP A 329 -19.27 24.78 44.53
C ASP A 329 -19.72 23.71 43.52
N ILE A 330 -19.80 24.10 42.24
CA ILE A 330 -20.35 23.20 41.20
C ILE A 330 -19.50 21.96 41.02
N LYS A 331 -18.19 22.13 40.90
CA LYS A 331 -17.30 21.00 40.78
C LYS A 331 -17.42 20.03 41.94
N THR A 332 -17.54 20.59 43.14
CA THR A 332 -17.70 19.79 44.33
C THR A 332 -19.01 19.00 44.37
N PHE A 333 -20.17 19.62 44.15
CA PHE A 333 -21.42 18.84 44.17
C PHE A 333 -21.52 17.83 43.03
N ILE A 334 -20.91 18.10 41.88
CA ILE A 334 -20.86 17.09 40.81
C ILE A 334 -20.16 15.84 41.31
N ASN A 335 -19.00 16.00 41.94
CA ASN A 335 -18.20 14.90 42.46
C ASN A 335 -18.88 14.23 43.63
N ASP A 336 -19.46 15.00 44.56
CA ASP A 336 -20.22 14.45 45.68
C ASP A 336 -21.37 13.56 45.23
N LEU A 337 -22.02 13.94 44.16
CA LEU A 337 -23.08 13.13 43.63
C LEU A 337 -22.61 12.06 42.57
N ASN A 338 -21.32 11.98 42.26
CA ASN A 338 -20.81 10.95 41.36
C ASN A 338 -21.42 11.06 39.96
N LEU A 339 -21.58 12.27 39.49
CA LEU A 339 -22.34 12.50 38.28
C LEU A 339 -21.60 12.12 37.00
N TRP A 340 -20.29 12.13 37.02
CA TRP A 340 -19.50 11.68 35.88
C TRP A 340 -19.60 10.18 35.64
N THR A 341 -19.89 9.40 36.68
CA THR A 341 -19.99 7.97 36.56
C THR A 341 -21.39 7.45 36.70
N THR A 342 -22.38 8.31 36.83
CA THR A 342 -23.78 7.86 36.86
C THR A 342 -24.33 7.56 35.49
N LYS A 343 -25.12 6.53 35.34
CA LYS A 343 -25.82 6.26 34.04
C LYS A 343 -27.12 7.07 33.99
N TYR A 344 -27.36 7.81 32.91
CA TYR A 344 -28.58 8.64 32.79
C TYR A 344 -29.72 8.02 31.97
N LEU A 345 -29.47 6.96 31.22
CA LEU A 345 -30.54 6.32 30.44
C LEU A 345 -31.71 5.83 31.31
N PRO A 346 -31.39 5.29 32.50
CA PRO A 346 -32.47 4.78 33.33
C PRO A 346 -33.43 5.87 33.81
N VAL A 347 -32.92 7.10 33.98
CA VAL A 347 -33.76 8.23 34.33
C VAL A 347 -34.41 9.00 33.18
N ALA A 348 -34.04 8.71 31.94
CA ALA A 348 -34.72 9.29 30.77
C ALA A 348 -36.17 8.79 30.59
N THR A 349 -36.55 7.76 31.32
CA THR A 349 -37.94 7.29 31.38
C THR A 349 -38.37 7.22 32.87
N TYR A 350 -39.61 7.63 33.14
CA TYR A 350 -40.28 7.49 34.44
C TYR A 350 -39.80 8.46 35.56
N GLY A 351 -39.32 9.60 35.20
CA GLY A 351 -38.87 10.63 36.11
C GLY A 351 -37.45 10.44 36.60
N HIS A 352 -36.81 11.54 36.91
CA HIS A 352 -35.45 11.58 37.46
C HIS A 352 -35.40 11.56 38.99
N PHE A 353 -36.58 11.68 39.62
CA PHE A 353 -36.63 11.81 41.07
C PHE A 353 -37.53 10.78 41.74
N GLY A 354 -37.21 10.47 42.97
CA GLY A 354 -37.94 9.49 43.71
C GLY A 354 -38.01 8.16 42.96
N ARG A 355 -36.82 7.61 42.71
CA ARG A 355 -36.75 6.41 41.98
C ARG A 355 -36.30 5.32 42.90
N ASP A 356 -37.25 4.70 43.59
CA ASP A 356 -36.86 3.63 44.55
C ASP A 356 -36.45 2.34 43.86
N ASP A 357 -36.83 2.22 42.60
CA ASP A 357 -36.29 1.26 41.67
C ASP A 357 -34.83 1.43 41.26
N LEU A 358 -34.21 2.57 41.50
CA LEU A 358 -32.84 2.85 41.08
C LEU A 358 -32.07 3.17 42.32
N ASP A 359 -30.80 3.46 42.19
CA ASP A 359 -29.91 3.79 43.30
C ASP A 359 -29.22 5.11 42.94
N LEU A 360 -29.98 6.20 42.88
CA LEU A 360 -29.46 7.47 42.42
C LEU A 360 -28.82 8.19 43.60
N SER A 361 -27.70 8.82 43.31
CA SER A 361 -26.90 9.51 44.28
C SER A 361 -27.65 10.66 45.00
N TRP A 362 -28.49 11.34 44.23
CA TRP A 362 -29.26 12.48 44.69
C TRP A 362 -30.54 12.11 45.42
N GLU A 363 -30.87 10.83 45.44
CA GLU A 363 -31.97 10.26 46.23
C GLU A 363 -31.56 9.70 47.60
N LYS A 364 -30.28 9.75 47.93
CA LYS A 364 -29.75 9.19 49.17
C LYS A 364 -30.01 10.12 50.35
N LEU A 365 -30.48 9.55 51.46
CA LEU A 365 -30.75 10.27 52.72
C LEU A 365 -29.52 10.31 53.62
N ASN A 366 -28.39 10.59 52.99
CA ASN A 366 -27.09 10.56 53.64
C ASN A 366 -26.65 11.89 54.16
N LYS A 367 -27.57 12.87 54.15
CA LYS A 367 -27.30 14.18 54.71
C LYS A 367 -28.26 14.54 55.85
N VAL A 368 -29.14 13.63 56.28
CA VAL A 368 -30.07 13.89 57.39
C VAL A 368 -29.34 14.17 58.67
N GLU A 369 -28.31 13.38 59.01
CA GLU A 369 -27.59 13.56 60.27
C GLU A 369 -26.94 14.92 60.35
N ASP A 370 -26.28 15.33 59.26
CA ASP A 370 -25.61 16.66 59.21
C ASP A 370 -26.58 17.80 59.31
N LEU A 371 -27.75 17.67 58.67
CA LEU A 371 -28.80 18.73 58.74
C LEU A 371 -29.37 18.88 60.16
N ILE A 372 -29.72 17.76 60.77
CA ILE A 372 -30.18 17.68 62.14
C ILE A 372 -29.14 18.33 63.05
N LYS A 373 -27.93 17.78 63.02
CA LYS A 373 -26.84 18.29 63.83
C LYS A 373 -26.63 19.79 63.64
N ASN A 374 -26.68 20.28 62.41
CA ASN A 374 -26.42 21.71 62.22
C ASN A 374 -27.60 22.65 62.48
N SER A 375 -28.65 22.23 63.19
CA SER A 375 -29.71 23.19 63.64
C SER A 375 -29.96 23.39 65.14
N LYS B 4 -33.21 36.48 53.64
CA LYS B 4 -33.21 37.22 52.26
C LYS B 4 -33.87 36.37 51.15
N LYS B 5 -34.96 36.87 50.56
CA LYS B 5 -35.86 36.06 49.72
C LYS B 5 -35.67 36.51 48.27
N ILE B 6 -34.83 35.79 47.54
CA ILE B 6 -34.44 36.17 46.18
C ILE B 6 -35.11 35.28 45.18
N ILE B 7 -35.95 35.85 44.34
CA ILE B 7 -36.58 35.11 43.24
C ILE B 7 -35.96 35.58 41.90
N THR B 8 -35.78 34.66 41.01
CA THR B 8 -35.05 34.85 39.75
C THR B 8 -35.84 34.31 38.57
N SER B 9 -35.88 35.05 37.49
CA SER B 9 -36.48 34.62 36.22
C SER B 9 -35.56 34.97 35.07
N GLU B 10 -35.73 34.34 33.90
CA GLU B 10 -34.85 34.60 32.76
C GLU B 10 -35.63 34.95 31.54
N SER B 11 -34.96 35.53 30.56
CA SER B 11 -35.54 35.64 29.21
C SER B 11 -34.46 35.39 28.14
N VAL B 12 -34.90 35.18 26.91
CA VAL B 12 -33.98 34.99 25.79
C VAL B 12 -34.44 35.80 24.58
N GLY B 13 -33.48 36.14 23.76
CA GLY B 13 -33.70 37.00 22.65
C GLY B 13 -34.25 36.38 21.40
N ALA B 14 -34.50 37.22 20.40
CA ALA B 14 -35.00 36.81 19.09
C ALA B 14 -34.03 35.85 18.37
N GLY B 15 -32.73 36.04 18.62
CA GLY B 15 -31.67 35.29 18.01
C GLY B 15 -31.29 34.03 18.73
N HIS B 16 -31.85 33.81 19.91
CA HIS B 16 -31.58 32.58 20.66
C HIS B 16 -32.12 31.40 19.87
N PRO B 17 -31.35 30.30 19.78
CA PRO B 17 -31.72 29.18 18.94
C PRO B 17 -33.03 28.50 19.24
N ASP B 18 -33.37 28.34 20.51
CA ASP B 18 -34.72 27.83 20.88
C ASP B 18 -35.85 28.74 20.37
N LYS B 19 -35.60 30.02 20.44
CA LYS B 19 -36.60 31.04 20.06
C LYS B 19 -36.78 31.16 18.54
N ILE B 20 -35.72 30.97 17.81
CA ILE B 20 -35.77 30.91 16.34
C ILE B 20 -36.77 29.80 15.94
N CYS B 21 -36.62 28.61 16.54
CA CYS B 21 -37.52 27.51 16.27
C CYS B 21 -38.95 27.80 16.63
N ASP B 22 -39.14 28.44 17.79
CA ASP B 22 -40.45 28.90 18.20
C ASP B 22 -41.03 29.88 17.22
N GLN B 23 -40.21 30.83 16.74
CA GLN B 23 -40.66 31.80 15.73
C GLN B 23 -41.07 31.16 14.44
N ILE B 24 -40.22 30.28 13.93
CA ILE B 24 -40.49 29.59 12.66
C ILE B 24 -41.76 28.77 12.81
N SER B 25 -41.90 28.06 13.95
CA SER B 25 -43.07 27.25 14.18
C SER B 25 -44.34 28.06 14.15
N ASP B 26 -44.32 29.20 14.76
CA ASP B 26 -45.50 30.08 14.81
C ASP B 26 -45.69 30.86 13.53
N ALA B 27 -44.60 31.21 12.85
CA ALA B 27 -44.76 31.81 11.54
C ALA B 27 -45.45 30.85 10.55
N ILE B 28 -45.18 29.55 10.71
CA ILE B 28 -45.76 28.54 9.85
C ILE B 28 -47.23 28.38 10.17
N LEU B 29 -47.51 28.29 11.44
CA LEU B 29 -48.88 28.23 11.91
C LEU B 29 -49.71 29.38 11.35
N ASP B 30 -49.13 30.57 11.44
CA ASP B 30 -49.78 31.81 11.00
C ASP B 30 -50.17 31.75 9.53
N GLU B 31 -49.22 31.33 8.69
CA GLU B 31 -49.50 31.14 7.28
C GLU B 31 -50.62 30.14 7.03
N CYS B 32 -50.60 29.02 7.73
CA CYS B 32 -51.68 28.01 7.63
C CYS B 32 -53.04 28.56 7.98
N LEU B 33 -53.12 29.19 9.14
CA LEU B 33 -54.40 29.69 9.64
C LEU B 33 -54.89 30.84 8.77
N SER B 34 -53.96 31.65 8.25
CA SER B 34 -54.29 32.74 7.36
C SER B 34 -55.03 32.25 6.10
N GLN B 35 -54.62 31.10 5.58
CA GLN B 35 -55.25 30.49 4.41
C GLN B 35 -56.39 29.54 4.75
N ASP B 36 -56.30 28.81 5.87
CA ASP B 36 -57.28 27.78 6.26
C ASP B 36 -57.49 27.87 7.79
N GLN B 37 -58.66 28.36 8.21
CA GLN B 37 -58.94 28.47 9.63
C GLN B 37 -59.40 27.17 10.27
N ASN B 38 -59.50 26.09 9.51
CA ASN B 38 -59.70 24.74 10.05
C ASN B 38 -58.42 23.90 10.03
N SER B 39 -57.26 24.55 9.87
CA SER B 39 -55.99 23.84 9.89
C SER B 39 -55.75 23.12 11.20
N ARG B 40 -55.15 21.95 11.11
CA ARG B 40 -54.59 21.26 12.26
C ARG B 40 -53.10 21.32 12.14
N VAL B 41 -52.42 21.91 13.10
CA VAL B 41 -51.03 22.22 12.94
C VAL B 41 -50.30 21.91 14.21
N ALA B 42 -49.17 21.22 14.07
CA ALA B 42 -48.34 20.82 15.17
C ALA B 42 -46.90 20.80 14.70
N CYS B 43 -46.38 21.98 14.42
CA CYS B 43 -45.11 22.15 13.77
C CYS B 43 -43.96 22.30 14.78
N GLU B 44 -42.98 21.41 14.68
CA GLU B 44 -41.80 21.43 15.54
C GLU B 44 -40.59 21.70 14.66
N VAL B 45 -39.65 22.47 15.16
CA VAL B 45 -38.49 22.89 14.41
C VAL B 45 -37.21 22.64 15.23
N LEU B 46 -36.18 22.15 14.54
CA LEU B 46 -34.84 21.98 15.08
C LEU B 46 -33.89 22.86 14.29
N ALA B 47 -32.98 23.53 14.96
CA ALA B 47 -31.95 24.31 14.30
C ALA B 47 -30.63 24.01 14.94
N CYS B 48 -29.71 23.38 14.20
CA CYS B 48 -28.41 23.11 14.74
C CYS B 48 -27.39 23.50 13.72
N ASN B 49 -26.22 23.90 14.12
CA ASN B 49 -25.16 24.22 13.19
C ASN B 49 -25.60 24.69 11.77
N ARG B 50 -25.53 23.88 10.78
CA ARG B 50 -25.98 24.41 9.44
C ARG B 50 -27.30 23.82 9.01
N LEU B 51 -28.15 23.42 9.93
CA LEU B 51 -29.29 22.64 9.54
C LEU B 51 -30.56 23.12 10.25
N ILE B 52 -31.66 23.24 9.53
CA ILE B 52 -32.95 23.56 10.15
C ILE B 52 -33.92 22.51 9.66
N VAL B 53 -34.49 21.77 10.62
CA VAL B 53 -35.46 20.76 10.25
C VAL B 53 -36.81 21.25 10.68
N ILE B 54 -37.77 21.17 9.76
CA ILE B 54 -39.13 21.61 9.96
C ILE B 54 -39.98 20.38 9.88
N ALA B 55 -40.55 19.98 10.99
CA ALA B 55 -41.28 18.72 11.07
C ALA B 55 -42.59 18.94 11.78
N GLY B 56 -43.30 17.87 12.05
CA GLY B 56 -44.60 18.03 12.65
C GLY B 56 -45.70 17.57 11.76
N GLU B 57 -46.90 17.57 12.29
CA GLU B 57 -48.09 17.03 11.62
C GLU B 57 -48.99 18.19 11.27
N ILE B 58 -49.39 18.25 10.02
CA ILE B 58 -50.27 19.33 9.54
C ILE B 58 -51.29 18.75 8.61
N THR B 59 -52.55 19.09 8.79
CA THR B 59 -53.59 18.83 7.81
C THR B 59 -54.26 20.14 7.52
N THR B 60 -54.21 20.55 6.25
CA THR B 60 -54.59 21.92 5.88
C THR B 60 -54.86 22.02 4.40
N HIS B 61 -55.73 22.93 4.02
CA HIS B 61 -55.94 23.31 2.62
C HIS B 61 -54.89 24.33 2.17
N ALA B 62 -54.16 24.90 3.11
CA ALA B 62 -53.08 25.82 2.81
C ALA B 62 -51.89 25.16 2.19
N TYR B 63 -51.04 25.96 1.58
CA TYR B 63 -49.66 25.60 1.27
C TYR B 63 -48.78 26.67 1.87
N VAL B 64 -47.78 26.30 2.62
CA VAL B 64 -46.83 27.23 3.20
C VAL B 64 -45.47 26.96 2.69
N ASP B 65 -44.81 27.95 2.13
CA ASP B 65 -43.44 27.79 1.67
C ASP B 65 -42.54 27.88 2.87
N VAL B 66 -42.23 26.75 3.39
CA VAL B 66 -41.46 26.54 4.60
C VAL B 66 -40.08 27.16 4.52
N VAL B 67 -39.43 27.15 3.37
CA VAL B 67 -38.11 27.75 3.23
C VAL B 67 -38.19 29.29 3.29
N LYS B 68 -39.13 29.84 2.52
CA LYS B 68 -39.36 31.27 2.53
C LYS B 68 -39.69 31.77 3.95
N THR B 69 -40.43 30.96 4.71
CA THR B 69 -40.85 31.31 6.05
C THR B 69 -39.67 31.30 7.02
N ALA B 70 -38.85 30.30 6.94
CA ALA B 70 -37.66 30.23 7.77
C ALA B 70 -36.79 31.45 7.50
N TRP B 71 -36.68 31.86 6.26
CA TRP B 71 -35.88 33.02 5.92
C TRP B 71 -36.43 34.33 6.49
N GLU B 72 -37.76 34.50 6.48
CA GLU B 72 -38.41 35.65 7.11
C GLU B 72 -37.95 35.87 8.51
N ILE B 73 -37.82 34.79 9.26
CA ILE B 73 -37.40 34.86 10.64
C ILE B 73 -35.89 35.03 10.77
N ILE B 74 -35.13 34.37 9.94
CA ILE B 74 -33.66 34.31 10.07
C ILE B 74 -32.93 35.52 9.48
N LYS B 75 -33.48 36.11 8.44
CA LYS B 75 -32.84 37.29 7.79
C LYS B 75 -32.68 38.52 8.70
N PRO B 76 -33.72 38.90 9.42
CA PRO B 76 -33.53 39.97 10.40
C PRO B 76 -32.47 39.69 11.48
N LEU B 77 -32.21 38.44 11.78
CA LEU B 77 -31.17 38.12 12.77
C LEU B 77 -29.76 38.24 12.18
N GLY B 78 -29.65 38.29 10.83
CA GLY B 78 -28.38 38.47 10.16
C GLY B 78 -27.89 37.33 9.30
N TYR B 79 -28.71 36.30 9.11
CA TYR B 79 -28.35 35.17 8.28
C TYR B 79 -28.83 35.36 6.86
N ASP B 80 -28.25 34.58 5.94
CA ASP B 80 -28.63 34.64 4.54
C ASP B 80 -29.06 33.28 4.04
N GLU B 81 -29.36 33.24 2.76
CA GLU B 81 -30.04 32.09 2.14
C GLU B 81 -29.09 30.89 1.98
N ASN B 82 -27.78 31.09 2.13
CA ASN B 82 -26.84 29.99 2.08
C ASN B 82 -26.43 29.42 3.43
N ASP B 83 -26.84 30.03 4.53
CA ASP B 83 -26.45 29.56 5.86
C ASP B 83 -26.98 28.21 6.32
N PHE B 84 -28.19 27.84 5.93
CA PHE B 84 -28.80 26.61 6.44
C PHE B 84 -29.36 25.71 5.39
N THR B 85 -29.04 24.43 5.52
CA THR B 85 -29.75 23.38 4.87
C THR B 85 -31.11 23.28 5.47
N ILE B 86 -32.16 23.37 4.69
CA ILE B 86 -33.51 23.23 5.19
C ILE B 86 -34.13 21.89 4.84
N ILE B 87 -34.64 21.19 5.85
CA ILE B 87 -35.33 19.92 5.68
C ILE B 87 -36.79 20.12 5.99
N SER B 88 -37.69 19.61 5.12
CA SER B 88 -39.12 19.73 5.38
C SER B 88 -39.71 18.33 5.50
N ASN B 89 -40.15 17.95 6.72
CA ASN B 89 -40.78 16.65 6.94
C ASN B 89 -42.16 16.81 7.54
N VAL B 90 -43.10 17.31 6.75
CA VAL B 90 -44.42 17.62 7.22
C VAL B 90 -45.29 16.42 7.02
N ASN B 91 -45.79 15.86 8.08
CA ASN B 91 -46.45 14.55 8.09
C ASN B 91 -47.96 14.39 7.93
N LYS B 92 -48.83 15.32 8.03
CA LYS B 92 -50.32 14.89 8.16
C LYS B 92 -50.73 14.50 9.57
N GLN B 93 -51.81 15.12 10.06
CA GLN B 93 -52.35 14.75 11.39
C GLN B 93 -52.90 13.34 11.29
N SER B 94 -52.74 12.58 12.36
CA SER B 94 -53.21 11.21 12.45
C SER B 94 -54.74 11.21 12.41
N VAL B 95 -55.28 10.38 11.55
CA VAL B 95 -56.73 10.26 11.44
C VAL B 95 -57.37 9.73 12.73
N ASP B 96 -56.62 8.97 13.50
CA ASP B 96 -57.13 8.50 14.79
C ASP B 96 -57.26 9.62 15.82
N ILE B 97 -56.38 10.58 15.75
CA ILE B 97 -56.50 11.80 16.55
C ILE B 97 -57.62 12.66 16.00
N ALA B 98 -57.68 12.84 14.70
CA ALA B 98 -58.67 13.76 14.10
C ALA B 98 -60.10 13.39 14.38
N GLN B 99 -60.42 12.09 14.33
CA GLN B 99 -61.78 11.63 14.59
C GLN B 99 -62.20 11.97 16.02
N SER B 100 -61.27 11.90 16.95
CA SER B 100 -61.52 12.25 18.34
C SER B 100 -61.71 13.76 18.59
N VAL B 101 -60.95 14.61 17.89
CA VAL B 101 -61.05 16.06 18.06
C VAL B 101 -62.24 16.61 17.32
N ASP B 102 -62.42 16.18 16.07
CA ASP B 102 -63.53 16.68 15.21
C ASP B 102 -64.71 15.75 15.39
N LYS B 103 -65.58 16.12 16.32
CA LYS B 103 -66.67 15.28 16.74
C LYS B 103 -67.71 15.17 15.64
N THR B 104 -68.47 14.08 15.64
CA THR B 104 -69.62 13.91 14.72
C THR B 104 -70.57 15.08 14.87
N ASN B 105 -70.99 15.35 16.10
CA ASN B 105 -71.65 16.60 16.46
C ASN B 105 -70.69 17.73 16.15
N LYS B 106 -70.96 18.48 15.07
CA LYS B 106 -70.04 19.54 14.68
C LYS B 106 -70.05 20.77 15.64
N ASN B 107 -70.91 20.72 16.68
CA ASN B 107 -70.93 21.79 17.64
C ASN B 107 -69.91 21.63 18.77
N LEU B 108 -69.17 20.54 18.85
CA LEU B 108 -68.14 20.40 19.86
C LEU B 108 -66.79 20.05 19.30
N ILE B 109 -65.72 20.55 19.89
CA ILE B 109 -64.39 20.07 19.56
C ILE B 109 -63.86 19.35 20.79
N GLY B 110 -63.41 18.11 20.64
CA GLY B 110 -62.72 17.38 21.71
C GLY B 110 -61.29 17.87 21.88
N ALA B 111 -60.73 17.67 23.05
CA ALA B 111 -59.38 18.18 23.33
C ALA B 111 -58.36 17.54 22.44
N GLY B 112 -57.45 18.34 21.94
CA GLY B 112 -56.39 17.83 21.06
C GLY B 112 -55.46 16.83 21.67
N ASP B 113 -55.37 16.82 22.99
CA ASP B 113 -54.51 15.91 23.72
C ASP B 113 -54.90 16.00 25.21
N GLN B 114 -54.47 15.00 26.01
CA GLN B 114 -54.48 15.13 27.44
C GLN B 114 -53.41 16.12 27.87
N GLY B 115 -53.51 16.54 29.14
CA GLY B 115 -52.47 17.35 29.75
C GLY B 115 -53.01 18.24 30.82
N ILE B 116 -52.13 19.09 31.30
CA ILE B 116 -52.40 19.95 32.44
C ILE B 116 -51.84 21.30 32.07
N VAL B 117 -52.60 22.36 32.34
CA VAL B 117 -52.15 23.73 32.04
C VAL B 117 -52.30 24.57 33.32
N PHE B 118 -51.61 25.71 33.34
CA PHE B 118 -51.68 26.60 34.46
C PHE B 118 -51.81 28.02 33.94
N GLY B 119 -52.81 28.74 34.42
CA GLY B 119 -52.91 30.18 34.19
C GLY B 119 -52.44 30.83 35.46
N TYR B 120 -51.89 32.01 35.37
CA TYR B 120 -51.41 32.69 36.55
C TYR B 120 -51.43 34.19 36.33
N ALA B 121 -51.67 34.90 37.44
CA ALA B 121 -51.65 36.34 37.44
C ALA B 121 -51.34 36.84 38.83
N CYS B 122 -50.81 38.04 38.91
CA CYS B 122 -50.51 38.67 40.19
C CYS B 122 -50.58 40.19 40.06
N ASP B 123 -50.58 40.89 41.20
CA ASP B 123 -50.74 42.36 41.16
C ASP B 123 -49.46 43.21 41.11
N GLU B 124 -48.28 42.60 40.95
CA GLU B 124 -47.01 43.30 41.09
C GLU B 124 -46.68 44.29 39.98
N THR B 125 -47.27 44.14 38.80
CA THR B 125 -46.94 44.95 37.64
C THR B 125 -48.20 45.32 36.88
N PRO B 126 -48.15 46.42 36.09
CA PRO B 126 -49.29 46.76 35.23
C PRO B 126 -49.73 45.64 34.32
N GLN B 127 -48.78 44.82 33.88
CA GLN B 127 -49.04 43.63 33.06
C GLN B 127 -49.68 42.44 33.82
N TYR B 128 -49.77 42.54 35.16
CA TYR B 128 -50.26 41.47 36.02
C TYR B 128 -49.38 40.21 35.95
N MET B 129 -48.07 40.45 35.94
CA MET B 129 -47.06 39.41 35.77
C MET B 129 -46.00 39.59 36.84
N PRO B 130 -45.27 38.52 37.20
CA PRO B 130 -44.15 38.63 38.13
C PRO B 130 -43.14 39.64 37.65
N LEU B 131 -42.63 40.45 38.60
CA LEU B 131 -41.71 41.51 38.26
C LEU B 131 -40.40 41.00 37.64
N THR B 132 -40.00 39.81 38.03
CA THR B 132 -38.76 39.25 37.54
C THR B 132 -38.82 38.97 36.00
N SER B 133 -39.93 38.38 35.58
CA SER B 133 -40.23 38.09 34.17
C SER B 133 -40.29 39.36 33.36
N VAL B 134 -41.03 40.35 33.85
CA VAL B 134 -41.25 41.57 33.12
C VAL B 134 -39.92 42.24 32.89
N LEU B 135 -39.11 42.36 33.91
CA LEU B 135 -37.82 43.02 33.77
C LEU B 135 -36.89 42.26 32.84
N ALA B 136 -36.89 40.92 32.95
CA ALA B 136 -36.06 40.09 32.08
C ALA B 136 -36.38 40.26 30.59
N HIS B 137 -37.67 40.31 30.27
CA HIS B 137 -38.12 40.49 28.91
C HIS B 137 -37.86 41.92 28.44
N GLU B 138 -38.12 42.91 29.27
CA GLU B 138 -37.96 44.31 28.86
C GLU B 138 -36.52 44.61 28.50
N LEU B 139 -35.62 44.07 29.31
CA LEU B 139 -34.18 44.20 29.10
C LEU B 139 -33.78 43.76 27.68
N LEU B 140 -34.23 42.59 27.26
CA LEU B 140 -33.86 42.07 25.97
C LEU B 140 -34.57 42.75 24.82
N LYS B 141 -35.83 43.16 25.00
CA LYS B 141 -36.55 43.94 24.00
C LYS B 141 -35.84 45.21 23.68
N GLU B 142 -35.36 45.85 24.72
CA GLU B 142 -34.70 47.13 24.58
C GLU B 142 -33.36 46.96 23.93
N ILE B 143 -32.66 45.88 24.23
CA ILE B 143 -31.39 45.60 23.53
C ILE B 143 -31.64 45.32 22.03
N GLU B 144 -32.60 44.47 21.72
CA GLU B 144 -32.93 44.16 20.35
C GLU B 144 -33.39 45.39 19.59
N ARG B 145 -34.20 46.23 20.21
CA ARG B 145 -34.67 47.46 19.54
C ARG B 145 -33.48 48.37 19.19
N GLN B 146 -32.56 48.52 20.14
CA GLN B 146 -31.35 49.32 19.92
C GLN B 146 -30.42 48.73 18.88
N ARG B 147 -30.38 47.39 18.80
CA ARG B 147 -29.63 46.72 17.75
C ARG B 147 -30.14 47.06 16.37
N ARG B 148 -31.46 46.98 16.20
CA ARG B 148 -32.12 47.27 14.92
C ARG B 148 -32.08 48.76 14.55
N SER B 149 -32.23 49.63 15.53
CA SER B 149 -32.08 51.07 15.32
C SER B 149 -30.63 51.50 15.09
N LYS B 150 -29.70 50.62 15.45
CA LYS B 150 -28.25 50.83 15.33
C LYS B 150 -27.69 51.77 16.40
N GLU B 151 -28.46 51.98 17.47
CA GLU B 151 -27.96 52.66 18.65
C GLU B 151 -26.92 51.82 19.40
N PHE B 152 -27.06 50.48 19.35
CA PHE B 152 -26.13 49.57 20.03
C PHE B 152 -25.49 48.78 18.91
N ILE B 153 -24.20 48.96 18.68
CA ILE B 153 -23.58 48.31 17.51
C ILE B 153 -22.66 47.18 17.94
N LYS B 154 -22.25 46.39 16.94
CA LYS B 154 -21.34 45.29 17.13
C LYS B 154 -21.81 44.20 18.10
N ILE B 155 -23.12 43.98 18.05
CA ILE B 155 -23.76 42.92 18.73
C ILE B 155 -24.63 42.18 17.75
N GLN B 156 -24.91 40.91 18.10
CA GLN B 156 -25.76 40.04 17.32
C GLN B 156 -26.99 39.74 18.10
N ALA B 157 -27.98 39.15 17.47
CA ALA B 157 -29.30 38.91 18.04
C ALA B 157 -29.38 37.81 19.12
N ASP B 158 -28.41 36.93 19.25
CA ASP B 158 -28.49 35.90 20.28
C ASP B 158 -28.13 36.54 21.63
N MET B 159 -28.97 36.34 22.64
CA MET B 159 -28.82 36.96 23.96
C MET B 159 -29.72 36.38 25.04
N LYS B 160 -29.26 36.47 26.26
CA LYS B 160 -30.06 36.06 27.43
C LYS B 160 -30.05 37.09 28.54
N SER B 161 -31.05 37.04 29.39
CA SER B 161 -31.12 37.84 30.64
C SER B 161 -31.62 37.01 31.79
N GLN B 162 -31.24 37.43 32.97
CA GLN B 162 -31.68 36.80 34.22
C GLN B 162 -31.80 37.88 35.25
N VAL B 163 -32.95 37.98 35.90
CA VAL B 163 -33.17 39.05 36.88
C VAL B 163 -33.55 38.43 38.22
N SER B 164 -32.75 38.71 39.24
CA SER B 164 -33.02 38.33 40.61
C SER B 164 -33.60 39.48 41.41
N ILE B 165 -34.71 39.27 42.08
CA ILE B 165 -35.32 40.32 42.90
C ILE B 165 -35.47 39.86 44.35
N ASP B 166 -35.20 40.78 45.24
CA ASP B 166 -35.33 40.57 46.71
C ASP B 166 -36.73 40.88 47.24
N TYR B 167 -37.43 39.89 47.75
CA TYR B 167 -38.79 40.04 48.25
C TYR B 167 -38.93 39.96 49.80
N SER B 168 -37.84 40.19 50.51
CA SER B 168 -37.85 40.08 51.98
C SER B 168 -38.80 41.10 52.67
N ASN B 169 -38.87 42.27 52.11
CA ASN B 169 -39.66 43.38 52.58
C ASN B 169 -40.89 43.61 51.75
N SER B 170 -41.72 44.54 52.17
CA SER B 170 -42.97 44.90 51.46
C SER B 170 -42.69 45.51 50.09
N THR B 171 -41.60 46.26 49.99
CA THR B 171 -41.21 46.84 48.72
C THR B 171 -40.09 45.99 48.13
N PRO B 172 -40.27 45.50 46.87
CA PRO B 172 -39.20 44.73 46.23
C PRO B 172 -37.95 45.49 45.87
N LEU B 173 -36.80 44.84 45.98
CA LEU B 173 -35.50 45.37 45.56
C LEU B 173 -34.88 44.49 44.46
N ILE B 174 -34.29 45.05 43.43
CA ILE B 174 -33.54 44.29 42.46
C ILE B 174 -32.23 43.88 43.12
N GLU B 175 -31.94 42.59 43.12
CA GLU B 175 -30.72 42.07 43.66
C GLU B 175 -29.68 42.10 42.59
N THR B 176 -29.95 41.40 41.50
CA THR B 176 -29.03 41.25 40.37
C THR B 176 -29.76 41.34 39.04
N MET B 177 -29.15 42.07 38.10
CA MET B 177 -29.51 41.98 36.68
C MET B 177 -28.34 41.41 35.90
N LEU B 178 -28.63 40.36 35.15
CA LEU B 178 -27.63 39.65 34.35
C LEU B 178 -27.99 39.68 32.90
N VAL B 179 -27.00 39.90 32.07
CA VAL B 179 -27.18 39.89 30.62
C VAL B 179 -25.96 39.24 29.93
N SER B 180 -26.22 38.31 29.02
CA SER B 180 -25.23 37.82 28.08
C SER B 180 -25.73 38.17 26.66
N ILE B 181 -24.92 38.91 25.92
CA ILE B 181 -25.20 39.22 24.51
C ILE B 181 -24.04 38.78 23.64
N GLN B 182 -24.36 38.15 22.51
CA GLN B 182 -23.39 37.79 21.48
C GLN B 182 -22.83 39.06 20.79
N HIS B 183 -21.50 39.16 20.74
CA HIS B 183 -20.85 40.33 20.21
C HIS B 183 -19.87 40.00 19.06
N ASP B 184 -19.55 41.02 18.29
CA ASP B 184 -18.56 40.89 17.25
C ASP B 184 -17.18 40.79 17.86
N GLU B 185 -16.28 40.23 17.07
CA GLU B 185 -14.91 40.05 17.46
C GLU B 185 -14.25 41.35 17.77
N ASP B 186 -14.53 42.37 16.96
CA ASP B 186 -13.87 43.69 17.10
C ASP B 186 -14.64 44.69 17.95
N TYR B 187 -15.43 44.18 18.91
CA TYR B 187 -16.22 45.03 19.77
C TYR B 187 -15.32 45.74 20.76
N ASP B 188 -15.87 46.74 21.40
CA ASP B 188 -15.21 47.56 22.41
C ASP B 188 -15.94 47.24 23.72
N VAL B 189 -15.24 46.62 24.64
CA VAL B 189 -15.87 46.12 25.87
C VAL B 189 -16.44 47.29 26.69
N GLU B 190 -15.69 48.38 26.73
CA GLU B 190 -16.07 49.56 27.50
C GLU B 190 -17.40 50.11 26.95
N TYR B 191 -17.48 50.25 25.63
CA TYR B 191 -18.70 50.67 24.96
C TYR B 191 -19.87 49.74 25.30
N PHE B 192 -19.61 48.46 25.15
CA PHE B 192 -20.56 47.36 25.40
C PHE B 192 -21.10 47.36 26.82
N ASN B 193 -20.19 47.48 27.79
CA ASN B 193 -20.57 47.53 29.20
C ASN B 193 -21.39 48.78 29.60
N LYS B 194 -21.01 49.95 29.08
CA LYS B 194 -21.74 51.20 29.34
C LYS B 194 -23.16 51.16 28.70
N LYS B 195 -23.24 50.55 27.52
CA LYS B 195 -24.49 50.46 26.83
C LYS B 195 -25.48 49.61 27.60
N VAL B 196 -25.04 48.43 28.00
CA VAL B 196 -25.90 47.50 28.76
C VAL B 196 -26.36 48.09 30.11
N SER B 197 -25.41 48.70 30.83
CA SER B 197 -25.69 49.35 32.12
C SER B 197 -26.75 50.40 32.02
N ALA B 198 -26.63 51.25 30.99
CA ALA B 198 -27.60 52.31 30.77
C ALA B 198 -29.01 51.71 30.57
N ILE B 199 -29.06 50.62 29.81
CA ILE B 199 -30.31 49.93 29.57
C ILE B 199 -30.84 49.25 30.87
N MET B 200 -29.93 48.69 31.67
CA MET B 200 -30.35 48.13 32.93
C MET B 200 -30.98 49.17 33.87
N GLU B 201 -30.35 50.35 33.94
CA GLU B 201 -30.85 51.42 34.78
C GLU B 201 -32.14 52.02 34.28
N GLN B 202 -32.22 52.23 32.98
CA GLN B 202 -33.45 52.74 32.40
C GLN B 202 -34.64 51.82 32.72
N ILE B 203 -34.47 50.51 32.59
CA ILE B 203 -35.54 49.53 32.88
C ILE B 203 -35.92 49.54 34.36
N ALA B 204 -34.93 49.67 35.24
CA ALA B 204 -35.20 49.77 36.68
C ALA B 204 -35.94 51.05 37.05
N LYS B 205 -35.49 52.19 36.49
CA LYS B 205 -36.15 53.46 36.75
C LYS B 205 -37.58 53.46 36.24
N LYS B 206 -37.79 52.88 35.09
CA LYS B 206 -39.13 52.82 34.51
C LYS B 206 -40.12 52.07 35.39
N TYR B 207 -39.66 51.12 36.21
CA TYR B 207 -40.55 50.41 37.16
C TYR B 207 -40.40 50.91 38.60
N ASN B 208 -39.84 52.11 38.74
CA ASN B 208 -39.65 52.77 40.02
C ASN B 208 -38.84 51.90 41.01
N LEU B 209 -37.75 51.30 40.54
CA LEU B 209 -36.97 50.38 41.38
C LEU B 209 -35.60 50.95 41.66
N ASN B 210 -34.91 50.33 42.61
CA ASN B 210 -33.56 50.71 42.99
C ASN B 210 -32.62 50.54 41.82
N THR B 211 -31.57 51.32 41.81
CA THR B 211 -30.61 51.37 40.75
C THR B 211 -29.19 50.90 41.18
N ASN B 212 -29.05 50.40 42.41
CA ASN B 212 -27.73 50.01 42.99
C ASN B 212 -27.50 48.47 42.93
N PHE B 213 -28.25 47.76 42.10
CA PHE B 213 -28.14 46.32 41.96
C PHE B 213 -26.83 45.90 41.31
N LYS B 214 -26.42 44.66 41.61
CA LYS B 214 -25.25 44.07 41.01
C LYS B 214 -25.54 43.75 39.52
N LYS B 215 -24.55 44.05 38.67
CA LYS B 215 -24.70 43.84 37.24
C LYS B 215 -23.70 42.78 36.79
N ILE B 216 -24.20 41.74 36.16
CA ILE B 216 -23.38 40.68 35.58
C ILE B 216 -23.53 40.80 34.06
N ILE B 217 -22.47 41.27 33.40
CA ILE B 217 -22.52 41.55 31.96
C ILE B 217 -21.55 40.64 31.21
N ASN B 218 -22.07 39.65 30.49
CA ASN B 218 -21.21 38.71 29.76
C ASN B 218 -20.21 38.06 30.71
N SER B 219 -20.74 37.29 31.66
CA SER B 219 -19.89 36.56 32.64
C SER B 219 -18.99 35.50 31.96
N SER B 220 -19.34 35.06 30.75
CA SER B 220 -18.43 34.16 29.99
C SER B 220 -17.08 34.78 29.64
N GLY B 221 -17.02 36.11 29.51
CA GLY B 221 -15.81 36.81 29.02
C GLY B 221 -15.65 36.90 27.52
N ARG B 222 -16.35 36.05 26.76
CA ARG B 222 -16.26 35.97 25.32
C ARG B 222 -17.55 35.30 24.83
N PHE B 223 -18.18 35.84 23.80
CA PHE B 223 -19.43 35.29 23.29
C PHE B 223 -19.54 35.76 21.81
N VAL B 224 -18.65 35.21 20.98
CA VAL B 224 -18.60 35.53 19.55
C VAL B 224 -19.30 34.45 18.72
N ILE B 225 -18.99 33.18 19.01
CA ILE B 225 -19.75 32.07 18.44
C ILE B 225 -21.09 32.07 19.12
N GLY B 226 -22.17 32.15 18.36
CA GLY B 226 -23.55 32.14 18.88
C GLY B 226 -24.54 31.66 17.85
N GLY B 227 -25.82 31.92 18.02
CA GLY B 227 -26.81 31.30 17.17
C GLY B 227 -26.80 29.77 17.23
N PRO B 228 -27.51 29.12 16.29
CA PRO B 228 -27.49 27.65 16.23
C PRO B 228 -26.12 27.03 16.06
N ILE B 229 -25.14 27.78 15.61
CA ILE B 229 -23.76 27.29 15.57
C ILE B 229 -23.26 26.99 16.97
N GLY B 230 -23.52 27.91 17.89
CA GLY B 230 -23.09 27.69 19.30
C GLY B 230 -23.88 26.71 20.14
N ASP B 231 -25.15 26.52 19.80
CA ASP B 231 -26.10 25.85 20.67
C ASP B 231 -27.32 25.52 19.85
N THR B 232 -27.76 24.29 19.95
CA THR B 232 -28.90 23.81 19.17
C THR B 232 -30.17 24.43 19.66
N GLY B 233 -31.17 24.54 18.81
CA GLY B 233 -32.44 25.04 19.18
C GLY B 233 -33.55 24.09 18.89
N LEU B 234 -34.58 24.08 19.72
CA LEU B 234 -35.74 23.27 19.41
C LEU B 234 -37.00 24.03 19.81
N THR B 235 -38.11 23.73 19.12
CA THR B 235 -39.39 24.28 19.49
C THR B 235 -39.80 23.81 20.89
N GLY B 236 -40.38 24.67 21.69
CA GLY B 236 -40.92 24.30 22.97
C GLY B 236 -39.92 23.97 24.08
N ARG B 237 -38.74 24.53 24.00
CA ARG B 237 -37.70 24.40 25.04
C ARG B 237 -37.46 25.72 25.78
N LYS B 238 -38.46 26.59 25.74
CA LYS B 238 -38.44 27.79 26.51
C LYS B 238 -39.82 28.02 27.20
N ILE B 239 -40.39 26.95 27.73
CA ILE B 239 -41.76 26.99 28.12
C ILE B 239 -41.93 27.88 29.36
N ILE B 240 -40.91 27.96 30.21
CA ILE B 240 -40.97 28.81 31.40
C ILE B 240 -40.74 30.28 31.05
N VAL B 241 -39.84 30.58 30.14
CA VAL B 241 -39.67 31.92 29.59
C VAL B 241 -40.92 32.39 28.88
N ASP B 242 -41.57 31.48 28.20
CA ASP B 242 -42.86 31.72 27.52
C ASP B 242 -44.00 32.07 28.43
N THR B 243 -43.91 31.64 29.68
CA THR B 243 -45.02 31.72 30.62
C THR B 243 -44.70 32.71 31.78
N TYR B 244 -44.45 32.19 32.98
CA TYR B 244 -44.39 33.04 34.19
C TYR B 244 -43.04 32.99 34.92
N GLY B 245 -41.96 32.66 34.23
CA GLY B 245 -40.61 32.82 34.78
C GLY B 245 -40.34 32.03 36.03
N GLY B 246 -40.99 30.86 36.17
CA GLY B 246 -40.74 29.97 37.31
C GLY B 246 -41.47 30.37 38.58
N VAL B 247 -42.15 31.51 38.55
CA VAL B 247 -43.04 31.89 39.63
C VAL B 247 -44.31 31.05 39.61
N GLY B 248 -44.95 30.94 38.46
CA GLY B 248 -46.15 30.10 38.31
C GLY B 248 -45.72 28.65 38.12
N HIS B 249 -46.64 27.72 38.26
CA HIS B 249 -46.39 26.33 37.87
C HIS B 249 -46.55 26.15 36.37
N HIS B 250 -46.27 24.94 35.89
CA HIS B 250 -46.40 24.59 34.48
C HIS B 250 -46.68 23.08 34.41
N GLY B 251 -47.63 22.68 33.58
CA GLY B 251 -48.01 21.27 33.36
C GLY B 251 -47.20 20.55 32.28
N GLY B 252 -46.42 21.30 31.51
CA GLY B 252 -45.47 20.74 30.62
C GLY B 252 -45.62 21.08 29.15
N GLY B 253 -46.83 21.39 28.69
CA GLY B 253 -47.05 21.57 27.23
C GLY B 253 -46.45 22.90 26.69
N ALA B 254 -45.91 22.83 25.49
CA ALA B 254 -45.36 23.99 24.82
C ALA B 254 -46.42 24.68 23.96
N PHE B 255 -46.14 25.92 23.58
CA PHE B 255 -47.09 26.70 22.82
C PHE B 255 -46.88 26.74 21.31
N SER B 256 -45.64 26.98 20.88
CA SER B 256 -45.41 27.40 19.47
C SER B 256 -45.61 26.27 18.46
N GLY B 257 -46.19 26.61 17.34
CA GLY B 257 -46.45 25.65 16.28
C GLY B 257 -47.76 24.93 16.42
N LYS B 258 -48.55 25.26 17.45
CA LYS B 258 -49.81 24.55 17.71
C LYS B 258 -51.06 25.30 17.39
N ASP B 259 -52.01 24.66 16.73
CA ASP B 259 -53.28 25.31 16.42
C ASP B 259 -54.10 25.28 17.73
N PRO B 260 -55.22 26.01 17.79
CA PRO B 260 -55.94 26.03 19.04
C PRO B 260 -56.61 24.73 19.50
N THR B 261 -56.76 23.74 18.67
CA THR B 261 -57.29 22.49 19.16
C THR B 261 -56.35 21.85 20.15
N LYS B 262 -55.07 22.15 20.08
CA LYS B 262 -54.11 21.71 21.09
C LYS B 262 -54.36 22.52 22.35
N VAL B 263 -54.97 21.91 23.35
CA VAL B 263 -55.35 22.63 24.55
C VAL B 263 -54.16 23.11 25.34
N ASP B 264 -53.01 22.46 25.19
CA ASP B 264 -51.76 22.98 25.74
C ASP B 264 -51.62 24.48 25.50
N ARG B 265 -52.01 24.93 24.31
CA ARG B 265 -52.00 26.36 24.02
C ARG B 265 -53.28 27.10 24.40
N SER B 266 -54.44 26.68 23.88
CA SER B 266 -55.66 27.45 24.07
C SER B 266 -56.08 27.49 25.55
N ALA B 267 -56.07 26.34 26.22
CA ALA B 267 -56.43 26.29 27.64
C ALA B 267 -55.50 27.09 28.51
N SER B 268 -54.21 27.12 28.17
CA SER B 268 -53.28 27.98 28.88
C SER B 268 -53.61 29.48 28.73
N TYR B 269 -53.99 29.90 27.55
CA TYR B 269 -54.41 31.30 27.35
C TYR B 269 -55.72 31.61 28.07
N PHE B 270 -56.61 30.62 28.09
CA PHE B 270 -57.88 30.70 28.78
C PHE B 270 -57.67 30.80 30.28
N ALA B 271 -56.77 29.98 30.82
CA ALA B 271 -56.47 30.01 32.23
C ALA B 271 -55.83 31.33 32.63
N ARG B 272 -54.90 31.85 31.82
CA ARG B 272 -54.34 33.20 32.03
C ARG B 272 -55.43 34.28 32.02
N TRP B 273 -56.36 34.14 31.09
CA TRP B 273 -57.48 35.05 30.98
C TRP B 273 -58.30 35.10 32.27
N ILE B 274 -58.64 33.94 32.79
CA ILE B 274 -59.38 33.85 34.02
C ILE B 274 -58.58 34.45 35.16
N ALA B 275 -57.39 33.91 35.38
CA ALA B 275 -56.55 34.37 36.49
C ALA B 275 -56.30 35.84 36.43
N LYS B 276 -56.00 36.38 35.25
CA LYS B 276 -55.72 37.80 35.15
C LYS B 276 -56.94 38.66 35.55
N ASN B 277 -58.11 38.30 35.02
CA ASN B 277 -59.31 39.00 35.40
C ASN B 277 -59.65 38.87 36.92
N VAL B 278 -59.48 37.68 37.49
CA VAL B 278 -59.63 37.49 38.93
C VAL B 278 -58.77 38.48 39.72
N VAL B 279 -57.53 38.71 39.32
CA VAL B 279 -56.68 39.65 40.07
C VAL B 279 -57.13 41.08 39.79
N ALA B 280 -57.37 41.41 38.54
CA ALA B 280 -57.85 42.75 38.22
C ALA B 280 -59.19 43.10 38.89
N ALA B 281 -60.04 42.10 39.14
CA ALA B 281 -61.29 42.31 39.90
C ALA B 281 -61.08 42.47 41.41
N LYS B 282 -59.83 42.35 41.83
CA LYS B 282 -59.41 42.49 43.23
C LYS B 282 -60.00 41.39 44.14
N LEU B 283 -60.22 40.19 43.63
CA LEU B 283 -60.64 39.06 44.44
C LEU B 283 -59.44 38.37 45.01
N ALA B 284 -58.27 38.57 44.42
CA ALA B 284 -57.03 38.06 45.03
C ALA B 284 -55.84 38.84 44.54
N LYS B 285 -54.73 38.79 45.27
CA LYS B 285 -53.49 39.40 44.85
C LYS B 285 -52.77 38.51 43.84
N GLN B 286 -52.90 37.19 43.99
CA GLN B 286 -52.35 36.22 43.05
C GLN B 286 -53.38 35.13 42.81
N CYS B 287 -53.40 34.61 41.60
CA CYS B 287 -54.32 33.58 41.23
C CYS B 287 -53.68 32.62 40.24
N GLU B 288 -53.84 31.33 40.50
CA GLU B 288 -53.33 30.30 39.65
C GLU B 288 -54.41 29.32 39.38
N ILE B 289 -54.65 29.00 38.11
CA ILE B 289 -55.69 28.08 37.72
C ILE B 289 -55.10 26.91 37.02
N GLN B 290 -55.49 25.71 37.42
CA GLN B 290 -54.96 24.45 36.88
C GLN B 290 -56.13 23.75 36.25
N LEU B 291 -56.03 23.43 34.95
CA LEU B 291 -57.07 22.72 34.24
C LEU B 291 -56.42 21.48 33.66
N ALA B 292 -57.13 20.35 33.71
CA ALA B 292 -56.64 19.13 33.11
C ALA B 292 -57.60 18.64 32.02
N PHE B 293 -57.05 18.00 31.01
CA PHE B 293 -57.87 17.57 29.87
C PHE B 293 -57.67 16.11 29.50
N ALA B 294 -58.67 15.57 28.83
CA ALA B 294 -58.59 14.23 28.29
C ALA B 294 -58.83 14.29 26.78
N ILE B 295 -58.03 13.59 26.00
CA ILE B 295 -58.16 13.66 24.55
C ILE B 295 -59.56 13.25 24.07
N GLY B 296 -60.17 14.11 23.29
CA GLY B 296 -61.50 13.88 22.78
C GLY B 296 -62.62 14.36 23.65
N GLN B 297 -62.34 14.76 24.89
CA GLN B 297 -63.37 15.30 25.79
C GLN B 297 -63.48 16.80 25.62
N PRO B 298 -64.72 17.33 25.45
CA PRO B 298 -64.88 18.76 25.16
C PRO B 298 -64.71 19.72 26.33
N GLN B 299 -64.69 19.21 27.55
CA GLN B 299 -64.50 20.06 28.76
C GLN B 299 -63.38 19.56 29.63
N PRO B 300 -62.85 20.43 30.50
CA PRO B 300 -61.80 20.01 31.40
C PRO B 300 -62.24 18.84 32.25
N VAL B 301 -61.31 17.99 32.56
CA VAL B 301 -61.57 16.82 33.38
C VAL B 301 -61.41 17.15 34.85
N ALA B 302 -60.67 18.19 35.17
CA ALA B 302 -60.44 18.61 36.54
C ALA B 302 -60.05 20.08 36.57
N MET B 303 -60.26 20.74 37.69
CA MET B 303 -60.01 22.19 37.80
C MET B 303 -59.66 22.58 39.23
N TYR B 304 -58.68 23.45 39.38
CA TYR B 304 -58.24 23.88 40.68
C TYR B 304 -57.83 25.34 40.65
N VAL B 305 -58.45 26.13 41.55
CA VAL B 305 -58.08 27.52 41.78
C VAL B 305 -57.28 27.66 43.04
N ASN B 306 -56.17 28.35 42.96
CA ASN B 306 -55.27 28.55 44.09
C ASN B 306 -55.02 30.06 44.13
N THR B 307 -55.41 30.66 45.29
CA THR B 307 -55.20 32.07 45.52
C THR B 307 -54.06 32.31 46.46
N PHE B 308 -53.28 31.32 46.83
CA PHE B 308 -52.08 31.49 47.70
C PHE B 308 -52.32 32.21 49.03
N ASN B 309 -53.55 32.11 49.55
CA ASN B 309 -53.96 32.83 50.75
C ASN B 309 -53.89 34.35 50.60
N THR B 310 -54.11 34.83 49.39
CA THR B 310 -54.19 36.23 49.10
C THR B 310 -55.60 36.60 48.69
N ASN B 311 -56.56 35.70 48.87
CA ASN B 311 -57.95 35.99 48.54
C ASN B 311 -58.54 37.12 49.43
N LEU B 312 -59.15 38.11 48.78
CA LEU B 312 -59.80 39.19 49.50
C LEU B 312 -61.22 38.86 49.90
N ILE B 313 -61.91 38.03 49.18
CA ILE B 313 -63.20 37.52 49.60
C ILE B 313 -63.08 36.02 49.81
N ASP B 314 -64.15 35.44 50.34
CA ASP B 314 -64.17 34.00 50.57
C ASP B 314 -63.86 33.27 49.30
N GLU B 315 -62.96 32.28 49.42
CA GLU B 315 -62.54 31.40 48.31
C GLU B 315 -63.73 30.77 47.62
N THR B 316 -64.73 30.37 48.39
CA THR B 316 -65.92 29.73 47.86
C THR B 316 -66.63 30.63 46.83
N LYS B 317 -66.68 31.91 47.11
CA LYS B 317 -67.32 32.86 46.22
C LYS B 317 -66.46 33.17 44.99
N ILE B 318 -65.15 33.08 45.12
CA ILE B 318 -64.23 33.20 43.96
C ILE B 318 -64.43 32.05 42.96
N PHE B 319 -64.38 30.80 43.46
CA PHE B 319 -64.62 29.62 42.67
CA PHE B 319 -64.63 29.62 42.67
C PHE B 319 -65.98 29.72 41.96
N GLU B 320 -66.99 30.17 42.70
CA GLU B 320 -68.35 30.24 42.22
C GLU B 320 -68.50 31.32 41.14
N ALA B 321 -67.74 32.42 41.25
CA ALA B 321 -67.81 33.51 40.27
C ALA B 321 -67.19 33.07 38.94
N ILE B 322 -66.01 32.47 39.06
CA ILE B 322 -65.32 31.89 37.91
C ILE B 322 -66.28 30.98 37.14
N LYS B 323 -66.87 29.99 37.80
CA LYS B 323 -67.77 29.08 37.13
C LYS B 323 -68.96 29.76 36.39
N LYS B 324 -69.51 30.82 36.96
CA LYS B 324 -70.61 31.54 36.32
C LYS B 324 -70.16 32.57 35.28
N SER B 325 -68.90 32.98 35.32
CA SER B 325 -68.41 33.98 34.40
C SER B 325 -67.71 33.40 33.15
N PHE B 326 -67.37 32.11 33.14
CA PHE B 326 -66.58 31.55 32.05
C PHE B 326 -67.22 30.29 31.54
N ASN B 327 -67.22 30.15 30.22
CA ASN B 327 -67.64 28.91 29.58
C ASN B 327 -66.40 28.04 29.33
N PHE B 328 -66.43 26.84 29.87
CA PHE B 328 -65.29 25.90 29.88
C PHE B 328 -65.32 24.90 28.75
N ASP B 329 -66.34 24.96 27.92
CA ASP B 329 -66.36 24.21 26.66
C ASP B 329 -65.19 24.68 25.78
N ILE B 330 -64.42 23.73 25.24
CA ILE B 330 -63.20 24.06 24.48
C ILE B 330 -63.52 24.88 23.24
N LYS B 331 -64.49 24.42 22.45
CA LYS B 331 -64.87 25.15 21.26
C LYS B 331 -65.31 26.58 21.58
N THR B 332 -66.06 26.71 22.66
CA THR B 332 -66.50 28.03 23.09
C THR B 332 -65.38 28.98 23.53
N PHE B 333 -64.46 28.54 24.40
CA PHE B 333 -63.36 29.46 24.77
C PHE B 333 -62.39 29.77 23.65
N ILE B 334 -62.22 28.85 22.71
CA ILE B 334 -61.41 29.15 21.50
C ILE B 334 -62.02 30.33 20.76
N ASN B 335 -63.34 30.27 20.52
CA ASN B 335 -64.04 31.34 19.83
C ASN B 335 -64.10 32.63 20.63
N ASP B 336 -64.38 32.53 21.93
CA ASP B 336 -64.37 33.70 22.83
C ASP B 336 -63.06 34.45 22.82
N LEU B 337 -61.97 33.71 22.73
CA LEU B 337 -60.67 34.34 22.63
C LEU B 337 -60.19 34.62 21.20
N ASN B 338 -60.98 34.30 20.17
CA ASN B 338 -60.63 34.65 18.77
C ASN B 338 -59.30 33.99 18.36
N LEU B 339 -59.13 32.75 18.76
CA LEU B 339 -57.84 32.10 18.61
C LEU B 339 -57.53 31.66 17.17
N TRP B 340 -58.56 31.42 16.37
CA TRP B 340 -58.39 31.12 14.96
C TRP B 340 -57.88 32.30 14.15
N THR B 341 -58.15 33.52 14.60
CA THR B 341 -57.75 34.72 13.89
C THR B 341 -56.64 35.48 14.59
N THR B 342 -56.12 34.98 15.71
CA THR B 342 -54.99 35.65 16.36
C THR B 342 -53.67 35.31 15.70
N LYS B 343 -52.77 36.28 15.58
CA LYS B 343 -51.39 35.98 15.09
C LYS B 343 -50.51 35.52 16.24
N TYR B 344 -49.81 34.41 16.11
CA TYR B 344 -48.95 33.88 17.20
C TYR B 344 -47.44 34.23 17.08
N LEU B 345 -46.99 34.72 15.92
CA LEU B 345 -45.59 35.07 15.81
C LEU B 345 -45.13 36.15 16.81
N PRO B 346 -46.00 37.14 17.08
CA PRO B 346 -45.59 38.19 18.01
C PRO B 346 -45.37 37.68 19.44
N VAL B 347 -46.10 36.62 19.83
CA VAL B 347 -45.85 35.98 21.14
C VAL B 347 -44.80 34.90 21.20
N ALA B 348 -44.26 34.47 20.08
CA ALA B 348 -43.13 33.51 20.07
C ALA B 348 -41.83 34.12 20.60
N THR B 349 -41.78 35.45 20.78
CA THR B 349 -40.67 36.11 21.48
C THR B 349 -41.23 36.97 22.61
N TYR B 350 -40.52 36.98 23.73
CA TYR B 350 -40.79 37.90 24.90
C TYR B 350 -42.04 37.55 25.75
N GLY B 351 -42.38 36.29 25.80
CA GLY B 351 -43.48 35.74 26.54
C GLY B 351 -44.82 35.89 25.90
N HIS B 352 -45.72 34.98 26.23
CA HIS B 352 -47.10 34.97 25.72
C HIS B 352 -48.06 35.76 26.63
N PHE B 353 -47.60 36.20 27.80
CA PHE B 353 -48.45 36.81 28.77
C PHE B 353 -47.95 38.18 29.24
N GLY B 354 -48.90 38.99 29.66
CA GLY B 354 -48.61 40.33 30.07
C GLY B 354 -47.88 41.12 29.01
N ARG B 355 -48.53 41.24 27.88
CA ARG B 355 -47.92 41.90 26.77
C ARG B 355 -48.66 43.18 26.53
N ASP B 356 -48.26 44.23 27.22
CA ASP B 356 -48.95 45.53 27.04
C ASP B 356 -48.61 46.19 25.72
N ASP B 357 -47.49 45.75 25.14
CA ASP B 357 -47.15 46.02 23.75
C ASP B 357 -48.04 45.41 22.67
N LEU B 358 -48.87 44.43 23.00
CA LEU B 358 -49.69 43.74 22.02
C LEU B 358 -51.12 43.90 22.43
N ASP B 359 -52.04 43.34 21.66
CA ASP B 359 -53.45 43.37 21.95
C ASP B 359 -53.97 41.93 21.96
N LEU B 360 -53.56 41.14 22.93
CA LEU B 360 -53.94 39.74 22.99
C LEU B 360 -55.26 39.59 23.66
N SER B 361 -56.06 38.69 23.12
CA SER B 361 -57.41 38.45 23.56
C SER B 361 -57.50 37.99 25.03
N TRP B 362 -56.52 37.18 25.42
CA TRP B 362 -56.43 36.59 26.73
C TRP B 362 -55.83 37.51 27.79
N GLU B 363 -55.34 38.68 27.37
CA GLU B 363 -54.88 39.74 28.26
C GLU B 363 -55.92 40.81 28.56
N LYS B 364 -57.11 40.69 28.00
CA LYS B 364 -58.16 41.71 28.15
C LYS B 364 -58.85 41.53 29.49
N LEU B 365 -59.07 42.65 30.19
CA LEU B 365 -59.73 42.70 31.49
C LEU B 365 -61.24 42.91 31.29
N ASN B 366 -61.80 42.15 30.35
CA ASN B 366 -63.18 42.27 29.93
C ASN B 366 -64.11 41.33 30.67
N LYS B 367 -63.61 40.68 31.70
CA LYS B 367 -64.42 39.81 32.54
C LYS B 367 -64.44 40.27 34.01
N VAL B 368 -63.85 41.42 34.34
CA VAL B 368 -63.86 41.96 35.72
C VAL B 368 -65.28 42.23 36.21
N GLU B 369 -66.11 42.86 35.39
CA GLU B 369 -67.47 43.23 35.80
C GLU B 369 -68.28 41.97 36.12
N ASP B 370 -68.20 40.95 35.26
CA ASP B 370 -68.93 39.70 35.50
C ASP B 370 -68.47 38.95 36.72
N LEU B 371 -67.17 38.95 36.98
CA LEU B 371 -66.60 38.29 38.18
C LEU B 371 -67.05 38.97 39.48
N ILE B 372 -66.93 40.30 39.51
CA ILE B 372 -67.41 41.14 40.60
C ILE B 372 -68.88 40.86 40.84
N LYS B 373 -69.68 41.08 39.81
CA LYS B 373 -71.11 40.86 39.88
C LYS B 373 -71.46 39.47 40.39
N ASN B 374 -70.79 38.44 39.92
CA ASN B 374 -71.15 37.10 40.33
C ASN B 374 -70.57 36.64 41.66
N SER B 375 -69.81 37.50 42.33
CA SER B 375 -69.19 37.09 43.58
C SER B 375 -69.82 37.78 44.80
N LYS B 376 -70.97 38.43 44.61
CA LYS B 376 -71.71 39.12 45.68
C LYS B 376 -72.83 38.20 46.15
N HIS B 377 -73.18 38.27 47.44
CA HIS B 377 -74.18 37.34 48.02
C HIS B 377 -75.62 37.74 47.59
N TYR C 3 -24.85 -15.78 -37.82
CA TYR C 3 -24.16 -14.68 -37.07
C TYR C 3 -25.00 -13.40 -37.10
N LYS C 4 -26.25 -13.39 -36.62
CA LYS C 4 -26.94 -12.14 -36.50
C LYS C 4 -26.16 -10.96 -35.86
N LYS C 5 -26.39 -9.75 -36.34
CA LYS C 5 -25.88 -8.52 -35.76
C LYS C 5 -27.00 -7.82 -34.95
N ILE C 6 -27.03 -8.06 -33.65
CA ILE C 6 -28.13 -7.62 -32.79
C ILE C 6 -27.67 -6.50 -31.92
N ILE C 7 -28.23 -5.31 -32.10
CA ILE C 7 -27.87 -4.13 -31.31
C ILE C 7 -29.06 -3.75 -30.44
N THR C 8 -28.80 -3.29 -29.21
CA THR C 8 -29.83 -3.11 -28.20
C THR C 8 -29.70 -1.77 -27.50
N SER C 9 -30.81 -1.10 -27.25
CA SER C 9 -30.82 0.17 -26.48
C SER C 9 -31.99 0.15 -25.51
N GLU C 10 -32.03 1.06 -24.55
CA GLU C 10 -33.07 1.00 -23.49
C GLU C 10 -33.68 2.34 -23.32
N SER C 11 -34.83 2.38 -22.68
CA SER C 11 -35.40 3.65 -22.18
C SER C 11 -36.07 3.47 -20.83
N VAL C 12 -36.34 4.57 -20.15
CA VAL C 12 -37.04 4.54 -18.86
C VAL C 12 -38.11 5.59 -18.80
N GLY C 13 -39.11 5.33 -18.00
CA GLY C 13 -40.32 6.14 -17.98
C GLY C 13 -40.23 7.34 -17.07
N ALA C 14 -41.31 8.11 -17.08
CA ALA C 14 -41.41 9.32 -16.25
C ALA C 14 -41.32 9.02 -14.75
N GLY C 15 -41.80 7.82 -14.36
CA GLY C 15 -41.84 7.39 -12.99
C GLY C 15 -40.58 6.71 -12.50
N HIS C 16 -39.64 6.45 -13.39
CA HIS C 16 -38.38 5.85 -12.99
C HIS C 16 -37.63 6.80 -12.07
N PRO C 17 -37.03 6.30 -11.00
CA PRO C 17 -36.42 7.15 -10.00
C PRO C 17 -35.27 8.03 -10.47
N ASP C 18 -34.41 7.52 -11.33
CA ASP C 18 -33.38 8.37 -11.97
C ASP C 18 -34.00 9.54 -12.78
N LYS C 19 -35.09 9.26 -13.43
CA LYS C 19 -35.75 10.24 -14.30
C LYS C 19 -36.52 11.29 -13.53
N ILE C 20 -37.07 10.91 -12.39
CA ILE C 20 -37.69 11.85 -11.46
C ILE C 20 -36.68 12.92 -11.09
N CYS C 21 -35.48 12.49 -10.70
CA CYS C 21 -34.41 13.41 -10.35
C CYS C 21 -34.01 14.32 -11.48
N ASP C 22 -33.90 13.75 -12.68
CA ASP C 22 -33.63 14.50 -13.88
C ASP C 22 -34.73 15.52 -14.11
N GLN C 23 -36.00 15.11 -13.96
CA GLN C 23 -37.13 16.04 -14.11
C GLN C 23 -37.10 17.19 -13.13
N ILE C 24 -36.91 16.84 -11.87
CA ILE C 24 -36.88 17.86 -10.81
C ILE C 24 -35.72 18.82 -11.07
N SER C 25 -34.57 18.28 -11.43
CA SER C 25 -33.39 19.11 -11.66
C SER C 25 -33.67 20.11 -12.79
N ASP C 26 -34.30 19.67 -13.86
CA ASP C 26 -34.60 20.52 -14.98
C ASP C 26 -35.79 21.42 -14.73
N ALA C 27 -36.75 20.95 -13.96
CA ALA C 27 -37.84 21.85 -13.55
C ALA C 27 -37.31 23.04 -12.73
N ILE C 28 -36.28 22.77 -11.93
CA ILE C 28 -35.69 23.79 -11.09
C ILE C 28 -34.90 24.77 -11.94
N LEU C 29 -34.13 24.23 -12.83
CA LEU C 29 -33.39 25.05 -13.78
C LEU C 29 -34.32 26.00 -14.53
N ASP C 30 -35.45 25.43 -15.00
CA ASP C 30 -36.45 26.16 -15.77
C ASP C 30 -36.98 27.35 -15.00
N GLU C 31 -37.37 27.14 -13.74
CA GLU C 31 -37.83 28.21 -12.86
C GLU C 31 -36.76 29.30 -12.68
N CYS C 32 -35.52 28.91 -12.46
CA CYS C 32 -34.40 29.86 -12.38
C CYS C 32 -34.23 30.71 -13.61
N LEU C 33 -34.14 30.04 -14.76
CA LEU C 33 -33.89 30.73 -16.00
C LEU C 33 -35.08 31.60 -16.38
N SER C 34 -36.28 31.15 -16.04
CA SER C 34 -37.49 31.90 -16.30
C SER C 34 -37.49 33.25 -15.60
N GLN C 35 -36.94 33.30 -14.39
CA GLN C 35 -36.78 34.53 -13.64
C GLN C 35 -35.47 35.28 -13.88
N ASP C 36 -34.38 34.58 -14.12
CA ASP C 36 -33.02 35.15 -14.26
C ASP C 36 -32.28 34.38 -15.39
N GLN C 37 -32.09 35.01 -16.54
CA GLN C 37 -31.41 34.35 -17.64
C GLN C 37 -29.88 34.36 -17.54
N ASN C 38 -29.33 34.96 -16.48
CA ASN C 38 -27.92 34.81 -16.15
C ASN C 38 -27.68 33.90 -14.97
N SER C 39 -28.65 33.05 -14.66
CA SER C 39 -28.50 32.03 -13.60
C SER C 39 -27.36 31.09 -13.90
N ARG C 40 -26.64 30.71 -12.86
CA ARG C 40 -25.70 29.62 -12.90
C ARG C 40 -26.33 28.50 -12.07
N VAL C 41 -26.56 27.36 -12.70
CA VAL C 41 -27.35 26.35 -12.07
C VAL C 41 -26.73 25.01 -12.32
N ALA C 42 -26.60 24.24 -11.26
CA ALA C 42 -26.00 22.91 -11.30
C ALA C 42 -26.69 22.07 -10.23
N CYS C 43 -27.95 21.79 -10.47
CA CYS C 43 -28.83 21.18 -9.53
C CYS C 43 -28.82 19.63 -9.67
N GLU C 44 -28.50 18.96 -8.58
CA GLU C 44 -28.47 17.50 -8.50
C GLU C 44 -29.51 17.07 -7.49
N VAL C 45 -30.20 15.98 -7.78
CA VAL C 45 -31.29 15.50 -6.97
C VAL C 45 -31.10 14.00 -6.70
N LEU C 46 -31.37 13.61 -5.46
CA LEU C 46 -31.43 12.23 -5.00
C LEU C 46 -32.83 11.92 -4.52
N ALA C 47 -33.38 10.78 -4.88
CA ALA C 47 -34.67 10.31 -4.40
C ALA C 47 -34.54 8.89 -3.92
N CYS C 48 -34.69 8.64 -2.64
CA CYS C 48 -34.64 7.29 -2.13
C CYS C 48 -35.78 7.10 -1.19
N ASN C 49 -36.33 5.94 -1.10
CA ASN C 49 -37.37 5.63 -0.13
C ASN C 49 -37.78 6.71 0.90
N ARG C 50 -38.75 7.57 0.57
CA ARG C 50 -39.20 8.60 1.49
C ARG C 50 -38.40 9.88 1.58
N LEU C 51 -37.37 10.03 0.79
CA LEU C 51 -36.52 11.18 0.91
C LEU C 51 -36.13 11.71 -0.46
N ILE C 52 -36.20 13.01 -0.67
CA ILE C 52 -35.76 13.64 -1.91
C ILE C 52 -34.82 14.75 -1.49
N VAL C 53 -33.58 14.68 -1.93
CA VAL C 53 -32.60 15.68 -1.59
C VAL C 53 -32.32 16.48 -2.84
N ILE C 54 -32.40 17.79 -2.71
CA ILE C 54 -32.24 18.75 -3.79
C ILE C 54 -31.01 19.54 -3.44
N ALA C 55 -29.95 19.34 -4.19
CA ALA C 55 -28.64 19.91 -3.86
C ALA C 55 -28.04 20.51 -5.11
N GLY C 56 -26.78 20.91 -5.03
CA GLY C 56 -26.16 21.56 -6.16
C GLY C 56 -25.83 22.98 -5.86
N GLU C 57 -25.21 23.65 -6.83
CA GLU C 57 -24.72 24.99 -6.71
C GLU C 57 -25.54 25.86 -7.60
N ILE C 58 -26.07 26.94 -7.04
CA ILE C 58 -26.88 27.89 -7.83
C ILE C 58 -26.53 29.30 -7.42
N THR C 59 -26.31 30.16 -8.37
CA THR C 59 -26.22 31.60 -8.13
C THR C 59 -27.19 32.26 -9.08
N THR C 60 -28.17 32.95 -8.53
CA THR C 60 -29.32 33.41 -9.26
C THR C 60 -30.04 34.52 -8.50
N HIS C 61 -30.69 35.41 -9.25
CA HIS C 61 -31.57 36.39 -8.67
C HIS C 61 -32.97 35.79 -8.43
N ALA C 62 -33.23 34.64 -8.99
CA ALA C 62 -34.50 33.95 -8.79
C ALA C 62 -34.65 33.37 -7.42
N TYR C 63 -35.91 33.11 -7.04
CA TYR C 63 -36.24 32.26 -5.92
C TYR C 63 -37.11 31.15 -6.48
N VAL C 64 -36.76 29.91 -6.16
CA VAL C 64 -37.50 28.75 -6.63
C VAL C 64 -38.02 28.03 -5.42
N ASP C 65 -39.34 27.80 -5.38
CA ASP C 65 -39.91 27.01 -4.31
C ASP C 65 -39.67 25.53 -4.66
N VAL C 66 -38.59 25.03 -4.13
CA VAL C 66 -38.05 23.74 -4.40
C VAL C 66 -39.06 22.61 -4.09
N VAL C 67 -39.84 22.77 -3.04
CA VAL C 67 -40.83 21.77 -2.65
C VAL C 67 -42.01 21.75 -3.63
N LYS C 68 -42.52 22.92 -3.94
CA LYS C 68 -43.59 23.06 -4.91
C LYS C 68 -43.20 22.45 -6.26
N THR C 69 -41.93 22.63 -6.62
CA THR C 69 -41.41 22.14 -7.90
C THR C 69 -41.33 20.61 -7.91
N ALA C 70 -40.81 20.05 -6.83
CA ALA C 70 -40.74 18.62 -6.72
C ALA C 70 -42.14 18.01 -6.83
N TRP C 71 -43.13 18.67 -6.24
CA TRP C 71 -44.47 18.15 -6.29
C TRP C 71 -45.10 18.20 -7.70
N GLU C 72 -44.80 19.25 -8.47
CA GLU C 72 -45.23 19.33 -9.86
C GLU C 72 -44.86 18.11 -10.65
N ILE C 73 -43.66 17.61 -10.42
CA ILE C 73 -43.22 16.42 -11.12
C ILE C 73 -43.76 15.13 -10.54
N ILE C 74 -43.87 15.08 -9.22
CA ILE C 74 -44.23 13.86 -8.47
C ILE C 74 -45.75 13.57 -8.48
N LYS C 75 -46.59 14.63 -8.46
CA LYS C 75 -48.04 14.45 -8.42
C LYS C 75 -48.63 13.72 -9.62
N PRO C 76 -48.24 14.10 -10.85
CA PRO C 76 -48.69 13.31 -11.99
C PRO C 76 -48.29 11.82 -11.96
N LEU C 77 -47.24 11.48 -11.27
CA LEU C 77 -46.84 10.07 -11.16
C LEU C 77 -47.71 9.31 -10.16
N GLY C 78 -48.41 10.03 -9.27
CA GLY C 78 -49.33 9.44 -8.31
C GLY C 78 -49.00 9.64 -6.86
N TYR C 79 -47.98 10.43 -6.54
CA TYR C 79 -47.59 10.67 -5.17
C TYR C 79 -48.28 11.90 -4.62
N ASP C 80 -48.28 12.03 -3.29
CA ASP C 80 -48.88 13.16 -2.62
C ASP C 80 -47.86 13.85 -1.73
N GLU C 81 -48.32 14.87 -1.03
CA GLU C 81 -47.46 15.80 -0.33
C GLU C 81 -46.88 15.19 0.94
N ASN C 82 -47.42 14.06 1.41
CA ASN C 82 -46.88 13.39 2.58
C ASN C 82 -45.92 12.25 2.27
N ASP C 83 -45.75 11.85 1.00
CA ASP C 83 -44.85 10.76 0.64
C ASP C 83 -43.36 11.01 0.83
N PHE C 84 -42.86 12.24 0.65
CA PHE C 84 -41.43 12.47 0.74
C PHE C 84 -41.02 13.60 1.62
N THR C 85 -40.03 13.34 2.44
CA THR C 85 -39.28 14.34 3.10
C THR C 85 -38.44 15.05 2.08
N ILE C 86 -38.55 16.36 1.97
CA ILE C 86 -37.75 17.12 1.05
C ILE C 86 -36.65 17.89 1.75
N ILE C 87 -35.41 17.70 1.29
CA ILE C 87 -34.27 18.40 1.81
C ILE C 87 -33.76 19.33 0.76
N SER C 88 -33.47 20.57 1.12
CA SER C 88 -32.95 21.58 0.22
C SER C 88 -31.55 21.99 0.68
N ASN C 89 -30.53 21.65 -0.11
CA ASN C 89 -29.13 21.98 0.21
C ASN C 89 -28.50 22.73 -0.92
N VAL C 90 -28.98 23.92 -1.22
CA VAL C 90 -28.60 24.62 -2.44
C VAL C 90 -27.47 25.53 -2.01
N ASN C 91 -26.30 25.33 -2.55
CA ASN C 91 -25.10 26.04 -2.16
C ASN C 91 -24.84 27.02 -3.28
N LYS C 92 -24.01 28.03 -3.24
CA LYS C 92 -23.93 28.99 -4.37
C LYS C 92 -22.82 28.44 -5.28
N GLN C 93 -22.70 28.97 -6.49
CA GLN C 93 -21.59 28.62 -7.36
C GLN C 93 -20.31 29.15 -6.78
N SER C 94 -19.25 28.40 -6.92
CA SER C 94 -17.92 28.76 -6.48
C SER C 94 -17.45 29.99 -7.22
N VAL C 95 -17.00 30.98 -6.46
CA VAL C 95 -16.47 32.20 -7.05
C VAL C 95 -15.22 31.96 -7.88
N ASP C 96 -14.47 30.91 -7.55
CA ASP C 96 -13.30 30.55 -8.34
C ASP C 96 -13.67 29.99 -9.72
N ILE C 97 -14.79 29.31 -9.81
CA ILE C 97 -15.35 28.88 -11.05
C ILE C 97 -15.94 30.08 -11.78
N ALA C 98 -16.70 30.92 -11.10
CA ALA C 98 -17.40 32.03 -11.76
C ALA C 98 -16.48 33.01 -12.46
N GLN C 99 -15.35 33.33 -11.83
CA GLN C 99 -14.41 34.25 -12.43
C GLN C 99 -13.85 33.69 -13.75
N SER C 100 -13.64 32.40 -13.83
CA SER C 100 -13.18 31.75 -15.02
C SER C 100 -14.22 31.67 -16.16
N VAL C 101 -15.49 31.47 -15.83
CA VAL C 101 -16.55 31.36 -16.83
C VAL C 101 -16.97 32.74 -17.30
N ASP C 102 -17.17 33.66 -16.35
CA ASP C 102 -17.63 35.03 -16.67
C ASP C 102 -16.40 35.90 -16.85
N LYS C 103 -15.93 36.00 -18.07
CA LYS C 103 -14.69 36.67 -18.39
C LYS C 103 -14.84 38.17 -18.19
N THR C 104 -13.74 38.86 -17.90
CA THR C 104 -13.77 40.34 -17.82
C THR C 104 -14.30 40.93 -19.11
N ASN C 105 -13.70 40.52 -20.22
CA ASN C 105 -14.27 40.72 -21.55
C ASN C 105 -15.65 40.09 -21.59
N LYS C 106 -16.70 40.88 -21.55
CA LYS C 106 -18.06 40.30 -21.46
C LYS C 106 -18.55 39.73 -22.77
N ASN C 107 -17.71 39.76 -23.83
CA ASN C 107 -18.07 39.11 -25.09
C ASN C 107 -17.71 37.66 -25.12
N LEU C 108 -17.03 37.10 -24.12
CA LEU C 108 -16.71 35.67 -24.14
C LEU C 108 -17.19 34.99 -22.87
N ILE C 109 -17.69 33.76 -23.02
CA ILE C 109 -17.93 32.94 -21.87
C ILE C 109 -16.92 31.79 -21.94
N GLY C 110 -16.16 31.58 -20.87
CA GLY C 110 -15.27 30.43 -20.78
C GLY C 110 -16.06 29.16 -20.46
N ALA C 111 -15.51 28.01 -20.78
CA ALA C 111 -16.25 26.77 -20.57
C ALA C 111 -16.49 26.52 -19.10
N GLY C 112 -17.69 26.08 -18.78
CA GLY C 112 -18.06 25.81 -17.41
C GLY C 112 -17.24 24.74 -16.72
N ASP C 113 -16.64 23.86 -17.50
CA ASP C 113 -15.80 22.78 -17.00
C ASP C 113 -15.03 22.18 -18.21
N GLN C 114 -13.99 21.41 -17.91
CA GLN C 114 -13.40 20.53 -18.89
C GLN C 114 -14.36 19.38 -19.19
N GLY C 115 -14.05 18.68 -20.28
CA GLY C 115 -14.73 17.43 -20.61
C GLY C 115 -14.82 17.23 -22.09
N ILE C 116 -15.50 16.14 -22.45
CA ILE C 116 -15.65 15.70 -23.79
C ILE C 116 -17.11 15.45 -24.04
N VAL C 117 -17.58 15.83 -25.21
CA VAL C 117 -18.99 15.60 -25.60
C VAL C 117 -18.98 14.89 -26.98
N PHE C 118 -20.10 14.29 -27.31
CA PHE C 118 -20.27 13.63 -28.58
C PHE C 118 -21.62 13.99 -29.15
N GLY C 119 -21.65 14.43 -30.40
CA GLY C 119 -22.88 14.61 -31.16
C GLY C 119 -22.94 13.42 -32.06
N TYR C 120 -24.14 13.00 -32.41
CA TYR C 120 -24.28 11.87 -33.31
C TYR C 120 -25.59 11.97 -34.04
N ALA C 121 -25.57 11.48 -35.29
CA ALA C 121 -26.74 11.42 -36.11
C ALA C 121 -26.58 10.33 -37.13
N CYS C 122 -27.72 9.83 -37.62
CA CYS C 122 -27.71 8.80 -38.65
C CYS C 122 -29.01 8.87 -39.45
N ASP C 123 -29.05 8.16 -40.58
CA ASP C 123 -30.23 8.24 -41.47
C ASP C 123 -31.35 7.20 -41.26
N GLU C 124 -31.28 6.39 -40.20
CA GLU C 124 -32.16 5.24 -40.02
C GLU C 124 -33.62 5.59 -39.67
N THR C 125 -33.86 6.79 -39.14
CA THR C 125 -35.19 7.21 -38.75
C THR C 125 -35.44 8.67 -39.15
N PRO C 126 -36.73 9.06 -39.30
CA PRO C 126 -37.04 10.45 -39.57
C PRO C 126 -36.44 11.42 -38.54
N GLN C 127 -36.30 10.98 -37.30
CA GLN C 127 -35.64 11.74 -36.23
C GLN C 127 -34.09 11.82 -36.34
N TYR C 128 -33.50 11.08 -37.29
CA TYR C 128 -32.05 10.98 -37.46
C TYR C 128 -31.36 10.37 -36.24
N MET C 129 -31.99 9.34 -35.68
CA MET C 129 -31.55 8.68 -34.44
C MET C 129 -31.52 7.17 -34.67
N PRO C 130 -30.69 6.43 -33.90
CA PRO C 130 -30.70 4.98 -33.99
C PRO C 130 -32.08 4.41 -33.73
N LEU C 131 -32.47 3.42 -34.53
CA LEU C 131 -33.79 2.85 -34.47
C LEU C 131 -34.10 2.21 -33.11
N THR C 132 -33.07 1.67 -32.46
CA THR C 132 -33.27 1.03 -31.19
C THR C 132 -33.74 2.02 -30.09
N SER C 133 -33.10 3.17 -30.04
CA SER C 133 -33.44 4.26 -29.14
C SER C 133 -34.85 4.77 -29.41
N VAL C 134 -35.16 5.04 -30.66
CA VAL C 134 -36.44 5.63 -31.01
C VAL C 134 -37.55 4.69 -30.58
N LEU C 135 -37.42 3.42 -30.90
CA LEU C 135 -38.46 2.45 -30.53
C LEU C 135 -38.59 2.28 -29.04
N ALA C 136 -37.47 2.28 -28.34
CA ALA C 136 -37.50 2.16 -26.87
C ALA C 136 -38.24 3.30 -26.19
N HIS C 137 -38.00 4.52 -26.67
CA HIS C 137 -38.66 5.71 -26.14
C HIS C 137 -40.13 5.73 -26.53
N GLU C 138 -40.44 5.39 -27.78
CA GLU C 138 -41.84 5.47 -28.25
C GLU C 138 -42.72 4.52 -27.48
N LEU C 139 -42.19 3.34 -27.22
CA LEU C 139 -42.87 2.33 -26.43
C LEU C 139 -43.34 2.87 -25.09
N LEU C 140 -42.43 3.51 -24.35
CA LEU C 140 -42.76 4.03 -23.04
C LEU C 140 -43.64 5.26 -23.08
N LYS C 141 -43.46 6.13 -24.08
CA LYS C 141 -44.34 7.30 -24.28
C LYS C 141 -45.77 6.88 -24.48
N GLU C 142 -45.95 5.84 -25.27
CA GLU C 142 -47.27 5.37 -25.60
C GLU C 142 -47.91 4.70 -24.39
N ILE C 143 -47.11 3.98 -23.60
CA ILE C 143 -47.65 3.41 -22.36
C ILE C 143 -48.07 4.53 -21.37
N GLU C 144 -47.19 5.51 -21.16
CA GLU C 144 -47.47 6.60 -20.25
C GLU C 144 -48.67 7.40 -20.72
N ARG C 145 -48.77 7.65 -22.02
CA ARG C 145 -49.92 8.43 -22.52
C ARG C 145 -51.24 7.67 -22.23
N GLN C 146 -51.23 6.37 -22.47
CA GLN C 146 -52.40 5.54 -22.19
C GLN C 146 -52.71 5.43 -20.70
N ARG C 147 -51.70 5.46 -19.86
CA ARG C 147 -51.88 5.51 -18.42
C ARG C 147 -52.62 6.76 -17.99
N ARG C 148 -52.20 7.91 -18.50
CA ARG C 148 -52.81 9.19 -18.16
C ARG C 148 -54.19 9.37 -18.77
N SER C 149 -54.40 8.87 -19.98
CA SER C 149 -55.74 8.86 -20.60
C SER C 149 -56.67 7.84 -19.97
N LYS C 150 -56.10 6.89 -19.23
CA LYS C 150 -56.81 5.79 -18.55
C LYS C 150 -57.26 4.69 -19.50
N GLU C 151 -56.66 4.66 -20.69
CA GLU C 151 -56.84 3.54 -21.63
C GLU C 151 -56.15 2.29 -21.13
N PHE C 152 -55.05 2.43 -20.41
CA PHE C 152 -54.29 1.30 -19.85
C PHE C 152 -54.40 1.47 -18.35
N ILE C 153 -55.09 0.58 -17.66
CA ILE C 153 -55.33 0.78 -16.22
C ILE C 153 -54.51 -0.18 -15.38
N LYS C 154 -54.49 0.14 -14.08
CA LYS C 154 -53.82 -0.67 -13.07
C LYS C 154 -52.33 -0.83 -13.27
N ILE C 155 -51.74 0.25 -13.78
CA ILE C 155 -50.31 0.37 -13.91
C ILE C 155 -49.89 1.69 -13.27
N GLN C 156 -48.62 1.74 -12.89
CA GLN C 156 -48.01 2.90 -12.28
C GLN C 156 -46.94 3.42 -13.23
N ALA C 157 -46.44 4.62 -12.97
CA ALA C 157 -45.54 5.32 -13.84
C ALA C 157 -44.10 4.78 -13.98
N ASP C 158 -43.63 3.97 -13.05
CA ASP C 158 -42.26 3.46 -13.11
C ASP C 158 -42.24 2.33 -14.18
N MET C 159 -41.30 2.40 -15.11
CA MET C 159 -41.24 1.48 -16.26
C MET C 159 -39.95 1.55 -17.05
N LYS C 160 -39.58 0.43 -17.64
CA LYS C 160 -38.40 0.36 -18.51
C LYS C 160 -38.71 -0.37 -19.82
N SER C 161 -37.90 -0.08 -20.83
CA SER C 161 -37.95 -0.78 -22.13
C SER C 161 -36.56 -1.06 -22.63
N GLN C 162 -36.46 -2.11 -23.43
CA GLN C 162 -35.21 -2.48 -24.08
C GLN C 162 -35.56 -3.03 -25.44
N VAL C 163 -34.93 -2.53 -26.47
CA VAL C 163 -35.24 -2.99 -27.83
C VAL C 163 -33.99 -3.47 -28.51
N SER C 164 -34.01 -4.73 -28.93
CA SER C 164 -32.94 -5.35 -29.71
C SER C 164 -33.34 -5.36 -31.20
N ILE C 165 -32.45 -4.89 -32.06
CA ILE C 165 -32.70 -4.95 -33.51
C ILE C 165 -31.62 -5.71 -34.24
N ASP C 166 -32.05 -6.48 -35.23
CA ASP C 166 -31.15 -7.24 -36.14
C ASP C 166 -30.69 -6.43 -37.33
N TYR C 167 -29.40 -6.17 -37.44
CA TYR C 167 -28.82 -5.36 -38.52
C TYR C 167 -28.01 -6.16 -39.56
N SER C 168 -28.22 -7.46 -39.63
CA SER C 168 -27.46 -8.32 -40.58
C SER C 168 -27.65 -7.98 -42.04
N ASN C 169 -28.83 -7.56 -42.40
CA ASN C 169 -29.25 -7.24 -43.76
C ASN C 169 -29.36 -5.71 -43.93
N SER C 170 -29.64 -5.31 -45.16
CA SER C 170 -29.91 -3.90 -45.47
C SER C 170 -31.16 -3.36 -44.78
N THR C 171 -32.17 -4.21 -44.63
CA THR C 171 -33.38 -3.85 -43.95
C THR C 171 -33.30 -4.35 -42.50
N PRO C 172 -33.51 -3.45 -41.51
CA PRO C 172 -33.50 -3.90 -40.11
C PRO C 172 -34.72 -4.74 -39.71
N LEU C 173 -34.50 -5.71 -38.84
CA LEU C 173 -35.58 -6.50 -38.24
C LEU C 173 -35.55 -6.32 -36.71
N ILE C 174 -36.72 -6.18 -36.08
CA ILE C 174 -36.79 -6.16 -34.62
C ILE C 174 -36.57 -7.59 -34.15
N GLU C 175 -35.61 -7.79 -33.27
CA GLU C 175 -35.32 -9.08 -32.73
C GLU C 175 -36.20 -9.29 -31.51
N THR C 176 -36.06 -8.38 -30.54
CA THR C 176 -36.76 -8.45 -29.27
C THR C 176 -37.24 -7.07 -28.82
N MET C 177 -38.48 -7.00 -28.35
CA MET C 177 -38.97 -5.85 -27.59
C MET C 177 -39.26 -6.31 -26.15
N LEU C 178 -38.68 -5.58 -25.20
CA LEU C 178 -38.81 -5.88 -23.79
C LEU C 178 -39.40 -4.72 -23.08
N VAL C 179 -40.31 -5.01 -22.15
CA VAL C 179 -40.93 -4.00 -21.31
C VAL C 179 -41.14 -4.52 -19.90
N SER C 180 -40.77 -3.72 -18.92
CA SER C 180 -41.15 -3.93 -17.51
C SER C 180 -41.94 -2.67 -17.07
N ILE C 181 -43.19 -2.87 -16.67
CA ILE C 181 -44.02 -1.83 -16.12
C ILE C 181 -44.49 -2.20 -14.71
N GLN C 182 -44.42 -1.24 -13.80
CA GLN C 182 -44.96 -1.38 -12.45
C GLN C 182 -46.51 -1.47 -12.48
N HIS C 183 -47.05 -2.49 -11.83
CA HIS C 183 -48.49 -2.74 -11.84
C HIS C 183 -49.10 -2.80 -10.43
N ASP C 184 -50.41 -2.65 -10.39
CA ASP C 184 -51.14 -2.79 -9.16
C ASP C 184 -51.18 -4.25 -8.74
N GLU C 185 -51.40 -4.46 -7.46
CA GLU C 185 -51.51 -5.77 -6.91
C GLU C 185 -52.65 -6.54 -7.54
N ASP C 186 -53.78 -5.87 -7.75
CA ASP C 186 -54.99 -6.52 -8.26
C ASP C 186 -55.15 -6.40 -9.78
N TYR C 187 -54.04 -6.34 -10.50
CA TYR C 187 -54.05 -6.24 -11.94
C TYR C 187 -54.46 -7.59 -12.52
N ASP C 188 -54.78 -7.56 -13.80
CA ASP C 188 -55.21 -8.72 -14.58
C ASP C 188 -54.08 -8.96 -15.58
N VAL C 189 -53.37 -10.07 -15.45
CA VAL C 189 -52.16 -10.30 -16.24
C VAL C 189 -52.52 -10.40 -17.71
N GLU C 190 -53.66 -11.06 -18.00
CA GLU C 190 -54.09 -11.26 -19.37
C GLU C 190 -54.34 -9.89 -20.04
N TYR C 191 -55.06 -9.02 -19.34
CA TYR C 191 -55.31 -7.67 -19.82
C TYR C 191 -54.01 -6.93 -20.06
N PHE C 192 -53.12 -6.99 -19.07
CA PHE C 192 -51.80 -6.35 -19.07
C PHE C 192 -50.94 -6.80 -20.22
N ASN C 193 -50.86 -8.11 -20.44
CA ASN C 193 -50.07 -8.68 -21.52
C ASN C 193 -50.59 -8.35 -22.93
N LYS C 194 -51.92 -8.38 -23.10
CA LYS C 194 -52.55 -8.01 -24.39
C LYS C 194 -52.39 -6.52 -24.70
N LYS C 195 -52.45 -5.71 -23.66
CA LYS C 195 -52.30 -4.27 -23.82
C LYS C 195 -50.91 -3.94 -24.29
N VAL C 196 -49.89 -4.46 -23.61
CA VAL C 196 -48.50 -4.20 -23.98
C VAL C 196 -48.18 -4.69 -25.39
N SER C 197 -48.61 -5.90 -25.72
CA SER C 197 -48.39 -6.49 -27.05
C SER C 197 -48.96 -5.65 -28.16
N ALA C 198 -50.17 -5.18 -27.96
CA ALA C 198 -50.83 -4.33 -28.94
C ALA C 198 -50.02 -3.05 -29.17
N ILE C 199 -49.51 -2.49 -28.07
CA ILE C 199 -48.65 -1.30 -28.14
C ILE C 199 -47.32 -1.62 -28.79
N MET C 200 -46.74 -2.79 -28.52
CA MET C 200 -45.51 -3.18 -29.20
C MET C 200 -45.69 -3.27 -30.71
N GLU C 201 -46.79 -3.88 -31.14
CA GLU C 201 -47.09 -4.00 -32.56
C GLU C 201 -47.44 -2.69 -33.23
N GLN C 202 -48.22 -1.87 -32.56
CA GLN C 202 -48.55 -0.55 -33.08
C GLN C 202 -47.27 0.26 -33.33
N ILE C 203 -46.32 0.25 -32.39
CA ILE C 203 -45.05 0.97 -32.56
C ILE C 203 -44.22 0.41 -33.71
N ALA C 204 -44.21 -0.92 -33.87
CA ALA C 204 -43.51 -1.53 -34.98
C ALA C 204 -44.16 -1.20 -36.34
N LYS C 205 -45.48 -1.27 -36.41
CA LYS C 205 -46.21 -0.93 -37.63
C LYS C 205 -46.00 0.53 -38.01
N LYS C 206 -45.99 1.40 -37.03
CA LYS C 206 -45.80 2.81 -37.30
C LYS C 206 -44.42 3.09 -37.95
N TYR C 207 -43.42 2.26 -37.69
CA TYR C 207 -42.10 2.41 -38.35
C TYR C 207 -41.88 1.44 -39.49
N ASN C 208 -42.98 0.86 -40.00
CA ASN C 208 -42.98 -0.07 -41.10
C ASN C 208 -42.05 -1.28 -40.84
N LEU C 209 -42.13 -1.86 -39.64
CA LEU C 209 -41.23 -2.95 -39.28
C LEU C 209 -41.96 -4.26 -39.12
N ASN C 210 -41.21 -5.34 -38.99
CA ASN C 210 -41.77 -6.66 -38.76
C ASN C 210 -42.52 -6.71 -37.47
N THR C 211 -43.51 -7.58 -37.41
CA THR C 211 -44.35 -7.72 -36.23
C THR C 211 -44.22 -9.11 -35.54
N ASN C 212 -43.26 -9.90 -35.96
CA ASN C 212 -43.02 -11.29 -35.48
C ASN C 212 -41.95 -11.41 -34.36
N PHE C 213 -41.55 -10.31 -33.78
CA PHE C 213 -40.45 -10.29 -32.80
C PHE C 213 -40.85 -10.93 -31.48
N LYS C 214 -39.84 -11.38 -30.75
CA LYS C 214 -40.02 -11.93 -29.40
C LYS C 214 -40.37 -10.79 -28.43
N LYS C 215 -41.32 -11.07 -27.56
CA LYS C 215 -41.79 -10.10 -26.57
C LYS C 215 -41.46 -10.60 -25.17
N ILE C 216 -40.75 -9.79 -24.41
CA ILE C 216 -40.47 -10.04 -22.99
C ILE C 216 -41.24 -9.00 -22.19
N ILE C 217 -42.28 -9.44 -21.50
CA ILE C 217 -43.18 -8.56 -20.76
C ILE C 217 -43.06 -8.87 -19.24
N ASN C 218 -42.44 -7.97 -18.48
CA ASN C 218 -42.34 -8.13 -17.04
C ASN C 218 -41.66 -9.46 -16.69
N SER C 219 -40.40 -9.58 -17.10
CA SER C 219 -39.58 -10.75 -16.86
C SER C 219 -39.37 -11.08 -15.39
N SER C 220 -39.48 -10.10 -14.50
CA SER C 220 -39.43 -10.40 -13.03
C SER C 220 -40.55 -11.30 -12.54
N GLY C 221 -41.71 -11.28 -13.21
CA GLY C 221 -42.92 -12.02 -12.75
C GLY C 221 -43.80 -11.21 -11.82
N ARG C 222 -43.24 -10.19 -11.15
CA ARG C 222 -43.95 -9.32 -10.27
C ARG C 222 -43.26 -7.99 -10.14
N PHE C 223 -43.98 -6.89 -10.16
CA PHE C 223 -43.37 -5.55 -10.12
C PHE C 223 -44.43 -4.60 -9.53
N VAL C 224 -44.68 -4.76 -8.23
CA VAL C 224 -45.65 -3.92 -7.50
C VAL C 224 -44.91 -2.87 -6.70
N ILE C 225 -43.86 -3.26 -5.96
CA ILE C 225 -42.97 -2.28 -5.36
C ILE C 225 -42.18 -1.61 -6.47
N GLY C 226 -42.27 -0.29 -6.57
CA GLY C 226 -41.55 0.50 -7.55
C GLY C 226 -41.34 1.94 -7.12
N GLY C 227 -41.05 2.84 -8.02
CA GLY C 227 -40.65 4.17 -7.63
C GLY C 227 -39.37 4.20 -6.77
N PRO C 228 -39.10 5.37 -6.16
CA PRO C 228 -37.95 5.47 -5.26
C PRO C 228 -37.99 4.52 -4.07
N ILE C 229 -39.17 4.00 -3.74
CA ILE C 229 -39.24 2.95 -2.71
C ILE C 229 -38.46 1.70 -3.14
N GLY C 230 -38.64 1.30 -4.38
CA GLY C 230 -37.94 0.14 -4.94
C GLY C 230 -36.45 0.31 -5.25
N ASP C 231 -36.05 1.51 -5.59
CA ASP C 231 -34.76 1.77 -6.16
C ASP C 231 -34.50 3.27 -6.10
N THR C 232 -33.31 3.61 -5.63
CA THR C 232 -32.89 4.98 -5.49
C THR C 232 -32.71 5.64 -6.83
N GLY C 233 -32.88 6.96 -6.89
CA GLY C 233 -32.70 7.72 -8.09
C GLY C 233 -31.71 8.82 -7.93
N LEU C 234 -30.97 9.14 -8.98
CA LEU C 234 -30.09 10.28 -8.93
C LEU C 234 -30.07 11.00 -10.26
N THR C 235 -29.79 12.30 -10.22
CA THR C 235 -29.66 13.09 -11.46
C THR C 235 -28.46 12.57 -12.26
N GLY C 236 -28.58 12.50 -13.55
CA GLY C 236 -27.48 12.17 -14.43
C GLY C 236 -27.07 10.72 -14.44
N ARG C 237 -27.98 9.80 -14.11
CA ARG C 237 -27.66 8.37 -14.14
C ARG C 237 -28.38 7.63 -15.28
N LYS C 238 -28.77 8.39 -16.28
CA LYS C 238 -29.39 7.85 -17.45
C LYS C 238 -28.82 8.57 -18.70
N ILE C 239 -27.51 8.75 -18.71
CA ILE C 239 -26.91 9.63 -19.68
C ILE C 239 -26.95 8.96 -21.07
N ILE C 240 -26.91 7.64 -21.14
CA ILE C 240 -26.99 6.92 -22.41
C ILE C 240 -28.43 6.88 -22.95
N VAL C 241 -29.41 6.72 -22.08
CA VAL C 241 -30.82 6.83 -22.45
C VAL C 241 -31.14 8.23 -22.92
N ASP C 242 -30.54 9.20 -22.27
CA ASP C 242 -30.65 10.63 -22.66
C ASP C 242 -30.10 10.98 -24.02
N THR C 243 -29.16 10.17 -24.49
CA THR C 243 -28.41 10.48 -25.71
C THR C 243 -28.74 9.47 -26.85
N TYR C 244 -27.82 8.58 -27.17
CA TYR C 244 -27.94 7.77 -28.39
C TYR C 244 -27.99 6.24 -28.13
N GLY C 245 -28.40 5.82 -26.95
CA GLY C 245 -28.71 4.40 -26.72
C GLY C 245 -27.56 3.46 -26.91
N GLY C 246 -26.33 3.92 -26.65
CA GLY C 246 -25.14 3.10 -26.73
C GLY C 246 -24.62 2.88 -28.14
N VAL C 247 -25.34 3.38 -29.15
CA VAL C 247 -24.85 3.40 -30.50
C VAL C 247 -23.79 4.47 -30.66
N GLY C 248 -24.03 5.68 -30.19
CA GLY C 248 -23.00 6.71 -30.18
C GLY C 248 -22.06 6.56 -29.03
N HIS C 249 -20.94 7.26 -29.06
CA HIS C 249 -20.06 7.35 -27.86
C HIS C 249 -20.62 8.40 -26.87
N HIS C 250 -19.98 8.53 -25.72
CA HIS C 250 -20.37 9.50 -24.69
C HIS C 250 -19.09 9.86 -23.92
N GLY C 251 -18.90 11.16 -23.66
CA GLY C 251 -17.72 11.65 -22.89
C GLY C 251 -17.86 11.66 -21.39
N GLY C 252 -19.09 11.52 -20.94
CA GLY C 252 -19.35 11.31 -19.51
C GLY C 252 -20.28 12.32 -18.87
N GLY C 253 -20.40 13.52 -19.39
CA GLY C 253 -21.20 14.56 -18.74
C GLY C 253 -22.73 14.34 -18.80
N ALA C 254 -23.40 14.66 -17.70
CA ALA C 254 -24.86 14.60 -17.68
C ALA C 254 -25.47 15.94 -18.11
N PHE C 255 -26.76 15.89 -18.46
CA PHE C 255 -27.46 17.08 -18.91
C PHE C 255 -28.27 17.82 -17.86
N SER C 256 -29.08 17.10 -17.09
CA SER C 256 -30.20 17.75 -16.34
C SER C 256 -29.71 18.54 -15.14
N GLY C 257 -30.35 19.68 -14.92
CA GLY C 257 -29.98 20.56 -13.83
C GLY C 257 -28.88 21.54 -14.15
N LYS C 258 -28.39 21.51 -15.41
CA LYS C 258 -27.26 22.38 -15.80
C LYS C 258 -27.65 23.55 -16.70
N ASP C 259 -27.14 24.72 -16.38
CA ASP C 259 -27.40 25.89 -17.24
C ASP C 259 -26.46 25.74 -18.46
N PRO C 260 -26.66 26.57 -19.50
CA PRO C 260 -25.83 26.36 -20.68
C PRO C 260 -24.34 26.68 -20.54
N THR C 261 -23.90 27.35 -19.52
CA THR C 261 -22.46 27.54 -19.36
C THR C 261 -21.76 26.22 -19.15
N LYS C 262 -22.46 25.22 -18.62
CA LYS C 262 -21.91 23.88 -18.50
C LYS C 262 -21.90 23.26 -19.90
N VAL C 263 -20.72 23.16 -20.48
CA VAL C 263 -20.61 22.71 -21.87
C VAL C 263 -21.03 21.29 -22.05
N ASP C 264 -20.95 20.48 -20.98
CA ASP C 264 -21.51 19.13 -21.01
C ASP C 264 -22.89 19.14 -21.64
N ARG C 265 -23.70 20.14 -21.38
CA ARG C 265 -25.00 20.25 -22.00
C ARG C 265 -25.02 21.04 -23.32
N SER C 266 -24.54 22.28 -23.33
CA SER C 266 -24.67 23.10 -24.53
C SER C 266 -23.86 22.54 -25.71
N ALA C 267 -22.60 22.15 -25.46
CA ALA C 267 -21.76 21.57 -26.51
C ALA C 267 -22.30 20.29 -27.04
N SER C 268 -22.92 19.48 -26.20
CA SER C 268 -23.59 18.26 -26.67
C SER C 268 -24.75 18.56 -27.61
N TYR C 269 -25.55 19.58 -27.29
CA TYR C 269 -26.63 19.97 -28.20
C TYR C 269 -26.09 20.55 -29.51
N PHE C 270 -24.98 21.27 -29.41
CA PHE C 270 -24.29 21.84 -30.54
C PHE C 270 -23.74 20.76 -31.43
N ALA C 271 -23.10 19.76 -30.83
CA ALA C 271 -22.55 18.65 -31.59
C ALA C 271 -23.64 17.83 -32.30
N ARG C 272 -24.74 17.57 -31.60
CA ARG C 272 -25.92 16.97 -32.25
C ARG C 272 -26.46 17.79 -33.40
N TRP C 273 -26.50 19.10 -33.22
CA TRP C 273 -26.93 20.03 -34.26
C TRP C 273 -26.07 19.89 -35.52
N ILE C 274 -24.77 19.89 -35.33
CA ILE C 274 -23.85 19.73 -36.44
C ILE C 274 -24.06 18.38 -37.10
N ALA C 275 -23.91 17.31 -36.33
CA ALA C 275 -24.03 15.97 -36.83
C ALA C 275 -25.33 15.75 -37.55
N LYS C 276 -26.43 16.20 -36.96
CA LYS C 276 -27.72 15.97 -37.59
C LYS C 276 -27.82 16.68 -38.95
N ASN C 277 -27.40 17.95 -39.03
CA ASN C 277 -27.40 18.64 -40.27
C ASN C 277 -26.46 18.00 -41.35
N VAL C 278 -25.26 17.56 -40.93
CA VAL C 278 -24.38 16.83 -41.81
C VAL C 278 -25.08 15.64 -42.46
N VAL C 279 -25.86 14.88 -41.71
CA VAL C 279 -26.54 13.71 -42.30
C VAL C 279 -27.71 14.19 -43.16
N ALA C 280 -28.49 15.12 -42.66
CA ALA C 280 -29.60 15.65 -43.49
C ALA C 280 -29.13 16.29 -44.80
N ALA C 281 -27.91 16.84 -44.82
CA ALA C 281 -27.32 17.38 -46.06
C ALA C 281 -26.82 16.32 -47.01
N LYS C 282 -26.90 15.06 -46.57
CA LYS C 282 -26.48 13.86 -47.34
C LYS C 282 -24.96 13.88 -47.65
N LEU C 283 -24.17 14.40 -46.73
CA LEU C 283 -22.71 14.29 -46.82
C LEU C 283 -22.28 12.99 -46.19
N ALA C 284 -23.12 12.40 -45.35
CA ALA C 284 -22.81 11.07 -44.80
C ALA C 284 -24.08 10.39 -44.33
N LYS C 285 -24.03 9.07 -44.18
CA LYS C 285 -25.14 8.32 -43.59
C LYS C 285 -25.14 8.40 -42.07
N GLN C 286 -23.94 8.47 -41.48
CA GLN C 286 -23.74 8.61 -40.06
C GLN C 286 -22.65 9.62 -39.78
N CYS C 287 -22.77 10.35 -38.68
CA CYS C 287 -21.78 11.31 -38.31
C CYS C 287 -21.68 11.43 -36.79
N GLU C 288 -20.46 11.48 -36.29
CA GLU C 288 -20.20 11.59 -34.88
C GLU C 288 -19.18 12.65 -34.67
N ILE C 289 -19.44 13.61 -33.78
CA ILE C 289 -18.56 14.73 -33.56
C ILE C 289 -18.15 14.74 -32.13
N GLN C 290 -16.84 14.85 -31.88
CA GLN C 290 -16.29 14.85 -30.52
C GLN C 290 -15.66 16.20 -30.31
N LEU C 291 -16.06 16.90 -29.25
CA LEU C 291 -15.47 18.18 -28.89
C LEU C 291 -14.95 18.06 -27.49
N ALA C 292 -13.79 18.63 -27.22
CA ALA C 292 -13.21 18.66 -25.89
C ALA C 292 -13.01 20.09 -25.42
N PHE C 293 -13.14 20.31 -24.11
CA PHE C 293 -13.06 21.64 -23.54
C PHE C 293 -12.09 21.73 -22.39
N ALA C 294 -11.66 22.95 -22.10
CA ALA C 294 -10.87 23.26 -20.93
C ALA C 294 -11.57 24.37 -20.18
N ILE C 295 -11.64 24.26 -18.84
CA ILE C 295 -12.37 25.25 -18.04
C ILE C 295 -11.81 26.65 -18.24
N GLY C 296 -12.70 27.58 -18.58
CA GLY C 296 -12.32 28.96 -18.80
C GLY C 296 -11.93 29.29 -20.21
N GLN C 297 -11.76 28.29 -21.08
CA GLN C 297 -11.40 28.54 -22.48
C GLN C 297 -12.67 28.67 -23.32
N PRO C 298 -12.76 29.74 -24.15
CA PRO C 298 -14.01 30.01 -24.86
C PRO C 298 -14.30 29.14 -26.08
N GLN C 299 -13.31 28.40 -26.56
CA GLN C 299 -13.46 27.51 -27.72
C GLN C 299 -13.02 26.09 -27.40
N PRO C 300 -13.50 25.11 -28.18
CA PRO C 300 -13.08 23.74 -27.96
C PRO C 300 -11.57 23.61 -28.08
N VAL C 301 -11.03 22.73 -27.28
CA VAL C 301 -9.61 22.51 -27.23
C VAL C 301 -9.19 21.46 -28.25
N ALA C 302 -10.12 20.61 -28.65
CA ALA C 302 -9.87 19.60 -29.67
C ALA C 302 -11.21 19.26 -30.33
N MET C 303 -11.12 18.71 -31.53
CA MET C 303 -12.30 18.34 -32.33
C MET C 303 -12.00 17.13 -33.23
N TYR C 304 -12.97 16.24 -33.35
CA TYR C 304 -12.86 15.14 -34.27
C TYR C 304 -14.20 14.81 -34.90
N VAL C 305 -14.23 14.77 -36.23
CA VAL C 305 -15.40 14.28 -36.98
C VAL C 305 -15.13 12.88 -37.52
N ASN C 306 -16.07 11.99 -37.31
CA ASN C 306 -15.99 10.64 -37.79
C ASN C 306 -17.30 10.34 -38.53
N THR C 307 -17.16 9.97 -39.81
CA THR C 307 -18.29 9.62 -40.66
C THR C 307 -18.39 8.11 -40.88
N PHE C 308 -17.61 7.32 -40.17
CA PHE C 308 -17.70 5.84 -40.23
C PHE C 308 -17.53 5.22 -41.60
N ASN C 309 -16.88 5.91 -42.52
CA ASN C 309 -16.79 5.45 -43.90
C ASN C 309 -18.14 5.37 -44.62
N THR C 310 -19.03 6.26 -44.24
CA THR C 310 -20.30 6.43 -44.93
C THR C 310 -20.35 7.79 -45.62
N ASN C 311 -19.23 8.48 -45.66
CA ASN C 311 -19.14 9.78 -46.31
C ASN C 311 -19.42 9.71 -47.83
N LEU C 312 -20.29 10.58 -48.30
CA LEU C 312 -20.59 10.65 -49.73
C LEU C 312 -19.58 11.55 -50.49
N ILE C 313 -19.03 12.55 -49.83
CA ILE C 313 -17.95 13.32 -50.41
C ILE C 313 -16.70 13.10 -49.59
N ASP C 314 -15.57 13.61 -50.07
CA ASP C 314 -14.30 13.50 -49.34
C ASP C 314 -14.48 14.04 -47.94
N GLU C 315 -13.98 13.27 -46.97
CA GLU C 315 -13.98 13.66 -45.53
C GLU C 315 -13.37 15.02 -45.30
N THR C 316 -12.32 15.34 -46.04
CA THR C 316 -11.64 16.62 -45.91
C THR C 316 -12.60 17.79 -46.17
N LYS C 317 -13.45 17.64 -47.17
CA LYS C 317 -14.42 18.66 -47.52
C LYS C 317 -15.58 18.73 -46.51
N ILE C 318 -15.92 17.61 -45.88
CA ILE C 318 -16.91 17.58 -44.79
C ILE C 318 -16.43 18.37 -43.56
N PHE C 319 -15.22 18.07 -43.10
CA PHE C 319 -14.56 18.79 -42.00
C PHE C 319 -14.52 20.29 -42.30
N GLU C 320 -14.18 20.61 -43.55
CA GLU C 320 -13.99 21.99 -43.97
C GLU C 320 -15.32 22.74 -44.04
N ALA C 321 -16.41 22.04 -44.39
CA ALA C 321 -17.76 22.66 -44.49
C ALA C 321 -18.28 22.97 -43.07
N ILE C 322 -18.13 21.99 -42.18
CA ILE C 322 -18.48 22.17 -40.79
C ILE C 322 -17.78 23.42 -40.25
N LYS C 323 -16.46 23.52 -40.36
CA LYS C 323 -15.74 24.66 -39.84
C LYS C 323 -16.25 26.03 -40.38
N LYS C 324 -16.63 26.09 -41.65
CA LYS C 324 -17.15 27.33 -42.24
C LYS C 324 -18.63 27.57 -42.00
N SER C 325 -19.38 26.54 -41.62
CA SER C 325 -20.80 26.68 -41.37
C SER C 325 -21.17 26.89 -39.90
N PHE C 326 -20.26 26.69 -38.96
CA PHE C 326 -20.60 26.74 -37.54
C PHE C 326 -19.60 27.59 -36.79
N ASN C 327 -20.07 28.41 -35.88
CA ASN C 327 -19.21 29.18 -35.01
C ASN C 327 -19.04 28.40 -33.69
N PHE C 328 -17.77 28.14 -33.37
CA PHE C 328 -17.41 27.26 -32.24
C PHE C 328 -17.16 27.99 -30.93
N ASP C 329 -17.26 29.29 -30.94
CA ASP C 329 -17.26 30.09 -29.73
C ASP C 329 -18.44 29.68 -28.84
N ILE C 330 -18.18 29.43 -27.56
CA ILE C 330 -19.21 28.90 -26.66
C ILE C 330 -20.37 29.87 -26.49
N LYS C 331 -20.05 31.14 -26.23
CA LYS C 331 -21.09 32.14 -26.09
C LYS C 331 -21.97 32.24 -27.34
N THR C 332 -21.31 32.19 -28.50
CA THR C 332 -22.02 32.22 -29.75
C THR C 332 -22.96 31.04 -29.99
N PHE C 333 -22.48 29.79 -29.84
CA PHE C 333 -23.41 28.66 -30.05
C PHE C 333 -24.53 28.55 -29.05
N ILE C 334 -24.29 29.02 -27.80
CA ILE C 334 -25.36 29.09 -26.82
C ILE C 334 -26.49 29.96 -27.34
N ASN C 335 -26.13 31.17 -27.80
CA ASN C 335 -27.10 32.12 -28.33
C ASN C 335 -27.73 31.67 -29.62
N ASP C 336 -26.95 31.08 -30.54
CA ASP C 336 -27.47 30.52 -31.78
C ASP C 336 -28.54 29.46 -31.54
N LEU C 337 -28.33 28.65 -30.51
CA LEU C 337 -29.32 27.66 -30.17
C LEU C 337 -30.42 28.15 -29.18
N ASN C 338 -30.37 29.43 -28.73
CA ASN C 338 -31.42 29.98 -27.89
C ASN C 338 -31.53 29.22 -26.54
N LEU C 339 -30.38 28.84 -26.00
CA LEU C 339 -30.36 27.94 -24.88
C LEU C 339 -30.77 28.57 -23.54
N TRP C 340 -30.59 29.86 -23.40
CA TRP C 340 -31.04 30.63 -22.24
C TRP C 340 -32.55 30.70 -22.12
N THR C 341 -33.27 30.60 -23.24
CA THR C 341 -34.72 30.67 -23.23
C THR C 341 -35.38 29.36 -23.55
N THR C 342 -34.63 28.28 -23.75
CA THR C 342 -35.25 26.98 -24.02
C THR C 342 -35.72 26.31 -22.72
N LYS C 343 -36.87 25.63 -22.77
CA LYS C 343 -37.30 24.79 -21.63
C LYS C 343 -36.66 23.42 -21.66
N TYR C 344 -36.07 22.98 -20.57
CA TYR C 344 -35.39 21.65 -20.50
C TYR C 344 -36.21 20.51 -19.87
N LEU C 345 -37.30 20.83 -19.20
CA LEU C 345 -38.12 19.78 -18.60
C LEU C 345 -38.65 18.76 -19.62
N PRO C 346 -39.04 19.25 -20.82
CA PRO C 346 -39.57 18.31 -21.79
C PRO C 346 -38.55 17.26 -22.26
N VAL C 347 -37.26 17.66 -22.28
CA VAL C 347 -36.19 16.72 -22.62
C VAL C 347 -35.61 15.89 -21.49
N ALA C 348 -35.98 16.17 -20.23
CA ALA C 348 -35.58 15.32 -19.10
C ALA C 348 -36.23 13.92 -19.12
N THR C 349 -37.24 13.73 -19.97
CA THR C 349 -37.80 12.40 -20.21
C THR C 349 -37.76 12.11 -21.72
N TYR C 350 -37.47 10.87 -22.10
CA TYR C 350 -37.56 10.33 -23.46
C TYR C 350 -36.46 10.82 -24.46
N GLY C 351 -35.29 11.12 -23.94
CA GLY C 351 -34.16 11.55 -24.72
C GLY C 351 -34.16 13.01 -25.04
N HIS C 352 -32.97 13.56 -25.17
CA HIS C 352 -32.75 14.97 -25.57
C HIS C 352 -32.65 15.16 -27.09
N PHE C 353 -32.58 14.06 -27.83
CA PHE C 353 -32.33 14.09 -29.26
C PHE C 353 -33.38 13.39 -30.09
N GLY C 354 -33.54 13.87 -31.31
CA GLY C 354 -34.54 13.33 -32.21
C GLY C 354 -35.91 13.35 -31.61
N ARG C 355 -36.36 14.56 -31.29
CA ARG C 355 -37.63 14.70 -30.66
C ARG C 355 -38.57 15.34 -31.61
N ASP C 356 -39.20 14.56 -32.47
CA ASP C 356 -40.16 15.10 -33.44
C ASP C 356 -41.46 15.57 -32.80
N ASP C 357 -41.71 15.08 -31.61
CA ASP C 357 -42.72 15.65 -30.71
C ASP C 357 -42.45 17.03 -30.13
N LEU C 358 -41.24 17.53 -30.20
CA LEU C 358 -40.87 18.82 -29.62
C LEU C 358 -40.36 19.68 -30.75
N ASP C 359 -39.97 20.90 -30.46
CA ASP C 359 -39.37 21.79 -31.43
C ASP C 359 -38.06 22.31 -30.84
N LEU C 360 -37.08 21.46 -30.76
CA LEU C 360 -35.79 21.83 -30.16
C LEU C 360 -34.90 22.49 -31.17
N SER C 361 -34.21 23.51 -30.72
CA SER C 361 -33.29 24.31 -31.51
C SER C 361 -32.20 23.49 -32.20
N TRP C 362 -31.68 22.53 -31.48
CA TRP C 362 -30.56 21.69 -31.93
C TRP C 362 -31.00 20.53 -32.84
N GLU C 363 -32.31 20.35 -33.00
CA GLU C 363 -32.90 19.40 -33.95
C GLU C 363 -33.27 20.01 -35.29
N LYS C 364 -33.06 21.30 -35.48
CA LYS C 364 -33.46 22.01 -36.70
C LYS C 364 -32.49 21.76 -37.82
N LEU C 365 -33.01 21.48 -39.02
CA LEU C 365 -32.22 21.27 -40.23
C LEU C 365 -31.98 22.57 -41.00
N ASN C 366 -31.63 23.58 -40.23
CA ASN C 366 -31.48 24.94 -40.74
C ASN C 366 -30.03 25.26 -41.11
N LYS C 367 -29.18 24.24 -41.14
CA LYS C 367 -27.81 24.40 -41.57
C LYS C 367 -27.45 23.53 -42.79
N VAL C 368 -28.42 22.83 -43.37
CA VAL C 368 -28.16 21.97 -44.54
C VAL C 368 -27.67 22.78 -45.73
N GLU C 369 -28.31 23.90 -46.03
CA GLU C 369 -27.93 24.73 -47.19
C GLU C 369 -26.49 25.22 -47.08
N ASP C 370 -26.11 25.72 -45.91
CA ASP C 370 -24.73 26.20 -45.68
C ASP C 370 -23.69 25.13 -45.80
N LEU C 371 -24.00 23.93 -45.29
CA LEU C 371 -23.08 22.78 -45.37
C LEU C 371 -22.87 22.32 -46.82
N ILE C 372 -23.97 22.16 -47.55
CA ILE C 372 -23.99 21.84 -48.97
C ILE C 372 -23.14 22.87 -49.72
N LYS C 373 -23.54 24.13 -49.60
CA LYS C 373 -22.86 25.22 -50.26
C LYS C 373 -21.37 25.23 -49.95
N ASN C 374 -20.97 25.00 -48.71
CA ASN C 374 -19.56 25.06 -48.38
C ASN C 374 -18.75 23.83 -48.67
N SER C 375 -19.40 22.86 -49.29
CA SER C 375 -18.72 21.68 -49.90
C SER C 375 -18.92 21.56 -51.42
N LYS D 4 -5.76 16.41 -38.70
CA LYS D 4 -5.41 15.77 -37.40
C LYS D 4 -6.60 14.98 -36.80
N LYS D 5 -6.30 13.77 -36.31
CA LYS D 5 -7.28 12.89 -35.65
C LYS D 5 -6.98 12.90 -34.14
N ILE D 6 -7.68 13.77 -33.40
CA ILE D 6 -7.34 14.02 -32.00
C ILE D 6 -8.42 13.43 -31.13
N ILE D 7 -8.07 12.45 -30.32
CA ILE D 7 -9.01 11.79 -29.43
C ILE D 7 -8.63 12.11 -27.99
N THR D 8 -9.66 12.32 -27.15
CA THR D 8 -9.46 12.91 -25.81
C THR D 8 -10.19 12.09 -24.75
N SER D 9 -9.58 11.85 -23.62
CA SER D 9 -10.22 11.19 -22.47
C SER D 9 -9.88 11.96 -21.19
N GLU D 10 -10.61 11.71 -20.11
CA GLU D 10 -10.36 12.46 -18.85
C GLU D 10 -10.24 11.53 -17.70
N SER D 11 -9.67 12.04 -16.62
CA SER D 11 -9.74 11.32 -15.33
C SER D 11 -9.97 12.32 -14.17
N VAL D 12 -10.35 11.79 -13.01
CA VAL D 12 -10.56 12.62 -11.84
C VAL D 12 -9.92 11.98 -10.61
N GLY D 13 -9.57 12.80 -9.66
CA GLY D 13 -8.75 12.37 -8.53
C GLY D 13 -9.58 11.86 -7.38
N ALA D 14 -8.87 11.40 -6.34
CA ALA D 14 -9.51 10.83 -5.15
C ALA D 14 -10.42 11.82 -4.42
N GLY D 15 -10.06 13.10 -4.52
CA GLY D 15 -10.78 14.19 -3.84
C GLY D 15 -11.91 14.76 -4.65
N HIS D 16 -12.08 14.36 -5.88
CA HIS D 16 -13.19 14.82 -6.71
C HIS D 16 -14.49 14.33 -6.09
N PRO D 17 -15.51 15.20 -6.03
CA PRO D 17 -16.73 14.86 -5.32
C PRO D 17 -17.52 13.67 -5.84
N ASP D 18 -17.59 13.48 -7.15
CA ASP D 18 -18.19 12.26 -7.71
C ASP D 18 -17.43 10.98 -7.25
N LYS D 19 -16.12 11.08 -7.18
CA LYS D 19 -15.28 9.94 -6.84
C LYS D 19 -15.34 9.60 -5.31
N ILE D 20 -15.50 10.61 -4.49
CA ILE D 20 -15.73 10.42 -3.07
C ILE D 20 -16.96 9.51 -2.87
N CYS D 21 -18.04 9.86 -3.55
CA CYS D 21 -19.28 9.09 -3.46
C CYS D 21 -19.09 7.65 -3.97
N ASP D 22 -18.37 7.50 -5.06
CA ASP D 22 -18.01 6.21 -5.57
C ASP D 22 -17.20 5.42 -4.57
N GLN D 23 -16.22 6.08 -3.93
CA GLN D 23 -15.40 5.43 -2.89
C GLN D 23 -16.23 4.96 -1.71
N ILE D 24 -17.07 5.85 -1.21
CA ILE D 24 -17.91 5.53 -0.06
C ILE D 24 -18.84 4.39 -0.40
N SER D 25 -19.43 4.44 -1.59
CA SER D 25 -20.36 3.40 -2.03
C SER D 25 -19.67 2.04 -2.06
N ASP D 26 -18.46 2.00 -2.56
CA ASP D 26 -17.73 0.75 -2.64
C ASP D 26 -17.11 0.35 -1.34
N ALA D 27 -16.72 1.31 -0.52
CA ALA D 27 -16.27 0.98 0.84
C ALA D 27 -17.38 0.30 1.65
N ILE D 28 -18.63 0.73 1.39
CA ILE D 28 -19.77 0.19 2.11
C ILE D 28 -20.06 -1.21 1.62
N LEU D 29 -20.05 -1.36 0.32
CA LEU D 29 -20.22 -2.66 -0.29
C LEU D 29 -19.21 -3.67 0.26
N ASP D 30 -17.95 -3.22 0.34
CA ASP D 30 -16.84 -4.05 0.81
C ASP D 30 -17.09 -4.56 2.22
N GLU D 31 -17.48 -3.67 3.14
CA GLU D 31 -17.81 -4.04 4.50
C GLU D 31 -18.94 -5.06 4.54
N CYS D 32 -20.00 -4.83 3.76
CA CYS D 32 -21.12 -5.78 3.69
C CYS D 32 -20.69 -7.17 3.22
N LEU D 33 -19.98 -7.21 2.10
CA LEU D 33 -19.60 -8.47 1.52
C LEU D 33 -18.59 -9.19 2.41
N SER D 34 -17.74 -8.43 3.08
CA SER D 34 -16.75 -8.96 3.98
C SER D 34 -17.40 -9.75 5.14
N GLN D 35 -18.55 -9.26 5.61
CA GLN D 35 -19.33 -9.94 6.64
C GLN D 35 -20.37 -10.93 6.10
N ASP D 36 -21.00 -10.64 4.98
CA ASP D 36 -22.09 -11.43 4.40
C ASP D 36 -21.89 -11.50 2.85
N GLN D 37 -21.48 -12.65 2.34
CA GLN D 37 -21.27 -12.84 0.93
C GLN D 37 -22.56 -13.08 0.14
N ASN D 38 -23.70 -13.14 0.80
CA ASN D 38 -25.01 -13.12 0.12
C ASN D 38 -25.71 -11.77 0.23
N SER D 39 -24.95 -10.71 0.54
CA SER D 39 -25.49 -9.36 0.59
C SER D 39 -26.03 -8.93 -0.76
N ARG D 40 -27.15 -8.20 -0.71
CA ARG D 40 -27.66 -7.48 -1.85
C ARG D 40 -27.43 -6.01 -1.57
N VAL D 41 -26.67 -5.33 -2.39
CA VAL D 41 -26.21 -4.01 -2.06
C VAL D 41 -26.30 -3.14 -3.28
N ALA D 42 -26.88 -1.96 -3.12
CA ALA D 42 -27.08 -0.99 -4.18
C ALA D 42 -27.00 0.41 -3.51
N CYS D 43 -25.81 0.76 -3.07
CA CYS D 43 -25.59 1.93 -2.30
C CYS D 43 -25.24 3.17 -3.17
N GLU D 44 -26.02 4.21 -3.03
CA GLU D 44 -25.80 5.47 -3.74
C GLU D 44 -25.48 6.56 -2.69
N VAL D 45 -24.58 7.44 -3.03
CA VAL D 45 -24.12 8.48 -2.11
C VAL D 45 -24.14 9.85 -2.83
N LEU D 46 -24.61 10.84 -2.08
CA LEU D 46 -24.57 12.25 -2.47
C LEU D 46 -23.67 13.00 -1.51
N ALA D 47 -22.82 13.88 -2.01
CA ALA D 47 -22.01 14.74 -1.17
C ALA D 47 -22.11 16.16 -1.69
N CYS D 48 -22.69 17.06 -0.93
CA CYS D 48 -22.78 18.44 -1.36
C CYS D 48 -22.39 19.31 -0.19
N ASN D 49 -21.82 20.46 -0.42
CA ASN D 49 -21.51 21.39 0.62
C ASN D 49 -21.25 20.80 2.03
N ARG D 50 -22.16 20.86 2.95
CA ARG D 50 -21.77 20.21 4.27
C ARG D 50 -22.53 18.91 4.52
N LEU D 51 -22.90 18.21 3.49
CA LEU D 51 -23.85 17.13 3.66
C LEU D 51 -23.44 15.89 2.86
N ILE D 52 -23.52 14.73 3.46
CA ILE D 52 -23.28 13.46 2.76
C ILE D 52 -24.47 12.59 3.02
N VAL D 53 -25.17 12.19 1.98
CA VAL D 53 -26.32 11.33 2.13
C VAL D 53 -25.93 9.97 1.60
N ILE D 54 -26.18 8.94 2.39
CA ILE D 54 -25.87 7.56 2.09
C ILE D 54 -27.19 6.85 1.97
N ALA D 55 -27.55 6.44 0.78
CA ALA D 55 -28.86 5.87 0.52
C ALA D 55 -28.70 4.60 -0.31
N GLY D 56 -29.81 4.05 -0.76
CA GLY D 56 -29.74 2.83 -1.52
C GLY D 56 -30.40 1.69 -0.77
N GLU D 57 -30.46 0.55 -1.46
CA GLU D 57 -31.15 -0.62 -0.97
C GLU D 57 -30.15 -1.67 -0.61
N ILE D 58 -30.25 -2.21 0.59
CA ILE D 58 -29.33 -3.23 1.08
C ILE D 58 -30.11 -4.25 1.86
N THR D 59 -29.90 -5.52 1.58
CA THR D 59 -30.36 -6.59 2.46
C THR D 59 -29.16 -7.42 2.79
N THR D 60 -28.83 -7.52 4.05
CA THR D 60 -27.57 -8.08 4.51
C THR D 60 -27.67 -8.49 5.98
N HIS D 61 -26.91 -9.51 6.35
CA HIS D 61 -26.73 -9.89 7.72
C HIS D 61 -25.64 -9.03 8.40
N ALA D 62 -24.88 -8.28 7.59
CA ALA D 62 -23.86 -7.40 8.09
C ALA D 62 -24.44 -6.18 8.77
N TYR D 63 -23.61 -5.54 9.61
CA TYR D 63 -23.86 -4.17 10.04
C TYR D 63 -22.65 -3.33 9.59
N VAL D 64 -22.89 -2.24 8.93
CA VAL D 64 -21.84 -1.33 8.48
C VAL D 64 -22.02 0.00 9.17
N ASP D 65 -21.00 0.48 9.86
CA ASP D 65 -21.05 1.80 10.46
C ASP D 65 -20.78 2.80 9.38
N VAL D 66 -21.86 3.29 8.82
CA VAL D 66 -21.84 4.16 7.65
C VAL D 66 -21.06 5.46 7.90
N VAL D 67 -21.11 6.00 9.10
CA VAL D 67 -20.40 7.23 9.40
C VAL D 67 -18.89 6.97 9.49
N LYS D 68 -18.51 5.92 10.20
CA LYS D 68 -17.11 5.56 10.30
C LYS D 68 -16.52 5.29 8.91
N THR D 69 -17.32 4.70 8.02
CA THR D 69 -16.85 4.35 6.68
C THR D 69 -16.64 5.59 5.84
N ALA D 70 -17.59 6.54 5.90
CA ALA D 70 -17.43 7.78 5.20
C ALA D 70 -16.16 8.48 5.64
N TRP D 71 -15.87 8.44 6.92
CA TRP D 71 -14.68 9.08 7.44
C TRP D 71 -13.37 8.44 6.95
N GLU D 72 -13.35 7.11 6.86
CA GLU D 72 -12.19 6.38 6.31
C GLU D 72 -11.76 6.91 4.97
N ILE D 73 -12.75 7.21 4.14
CA ILE D 73 -12.48 7.74 2.82
C ILE D 73 -12.13 9.21 2.83
N ILE D 74 -12.81 9.97 3.66
CA ILE D 74 -12.72 11.46 3.70
C ILE D 74 -11.49 11.98 4.45
N LYS D 75 -11.05 11.28 5.48
CA LYS D 75 -9.89 11.71 6.30
C LYS D 75 -8.58 11.81 5.52
N PRO D 76 -8.22 10.81 4.73
CA PRO D 76 -7.04 10.97 3.88
C PRO D 76 -7.10 12.16 2.91
N LEU D 77 -8.29 12.62 2.53
CA LEU D 77 -8.40 13.76 1.65
C LEU D 77 -8.18 15.07 2.40
N GLY D 78 -8.28 15.03 3.73
CA GLY D 78 -8.02 16.21 4.59
C GLY D 78 -9.19 16.72 5.39
N TYR D 79 -10.33 16.01 5.37
CA TYR D 79 -11.50 16.42 6.11
C TYR D 79 -11.56 15.78 7.48
N ASP D 80 -12.38 16.34 8.36
CA ASP D 80 -12.50 15.81 9.71
C ASP D 80 -13.95 15.53 10.05
N GLU D 81 -14.19 15.14 11.27
CA GLU D 81 -15.43 14.64 11.75
C GLU D 81 -16.51 15.69 11.90
N ASN D 82 -16.12 16.97 11.90
CA ASN D 82 -17.08 18.06 11.99
C ASN D 82 -17.43 18.68 10.65
N ASP D 83 -16.79 18.30 9.57
CA ASP D 83 -17.09 18.87 8.24
C ASP D 83 -18.45 18.50 7.65
N PHE D 84 -18.99 17.31 7.90
CA PHE D 84 -20.21 16.91 7.21
C PHE D 84 -21.28 16.34 8.09
N THR D 85 -22.50 16.79 7.85
CA THR D 85 -23.67 16.14 8.33
C THR D 85 -23.83 14.87 7.55
N ILE D 86 -23.91 13.73 8.25
CA ILE D 86 -24.16 12.48 7.58
C ILE D 86 -25.59 11.99 7.72
N ILE D 87 -26.22 11.67 6.62
CA ILE D 87 -27.57 11.09 6.60
C ILE D 87 -27.43 9.64 6.14
N SER D 88 -28.07 8.71 6.85
CA SER D 88 -28.09 7.32 6.45
C SER D 88 -29.54 6.90 6.17
N ASN D 89 -29.87 6.63 4.90
CA ASN D 89 -31.20 6.20 4.52
C ASN D 89 -31.17 4.89 3.78
N VAL D 90 -30.90 3.82 4.52
CA VAL D 90 -30.73 2.51 3.92
C VAL D 90 -32.07 1.83 3.88
N ASN D 91 -32.55 1.53 2.69
CA ASN D 91 -33.90 0.96 2.50
C ASN D 91 -34.13 -0.56 2.49
N LYS D 92 -33.26 -1.47 2.36
CA LYS D 92 -33.83 -2.90 2.08
C LYS D 92 -34.12 -3.13 0.58
N GLN D 93 -33.59 -4.23 0.03
CA GLN D 93 -33.89 -4.58 -1.34
C GLN D 93 -35.32 -4.95 -1.48
N SER D 94 -35.92 -4.57 -2.61
CA SER D 94 -37.32 -4.81 -2.88
C SER D 94 -37.52 -6.34 -3.01
N VAL D 95 -38.52 -6.84 -2.28
CA VAL D 95 -38.79 -8.26 -2.35
C VAL D 95 -39.24 -8.72 -3.72
N ASP D 96 -39.83 -7.82 -4.49
CA ASP D 96 -40.21 -8.15 -5.86
C ASP D 96 -39.03 -8.34 -6.79
N ILE D 97 -37.96 -7.60 -6.54
CA ILE D 97 -36.70 -7.86 -7.24
C ILE D 97 -36.06 -9.09 -6.72
N ALA D 98 -36.02 -9.29 -5.39
CA ALA D 98 -35.28 -10.42 -4.82
C ALA D 98 -35.79 -11.78 -5.26
N GLN D 99 -37.11 -11.92 -5.37
CA GLN D 99 -37.70 -13.19 -5.79
C GLN D 99 -37.28 -13.53 -7.21
N SER D 100 -37.14 -12.53 -8.07
CA SER D 100 -36.69 -12.74 -9.43
C SER D 100 -35.20 -13.09 -9.56
N VAL D 101 -34.34 -12.51 -8.73
CA VAL D 101 -32.89 -12.75 -8.79
C VAL D 101 -32.57 -14.08 -8.10
N ASP D 102 -33.12 -14.29 -6.91
CA ASP D 102 -32.83 -15.48 -6.12
C ASP D 102 -33.86 -16.52 -6.46
N LYS D 103 -33.46 -17.42 -7.36
CA LYS D 103 -34.35 -18.53 -7.71
C LYS D 103 -34.45 -19.53 -6.53
N THR D 104 -35.51 -20.29 -6.47
CA THR D 104 -35.82 -21.08 -5.27
C THR D 104 -34.71 -22.11 -5.04
N ASN D 105 -34.41 -22.88 -6.09
CA ASN D 105 -33.22 -23.71 -6.05
C ASN D 105 -32.12 -22.72 -6.31
N LYS D 106 -31.14 -22.75 -5.50
CA LYS D 106 -29.96 -21.81 -5.64
C LYS D 106 -29.04 -22.18 -6.81
N ASN D 107 -29.51 -22.90 -7.78
CA ASN D 107 -28.73 -23.34 -8.95
C ASN D 107 -28.44 -22.21 -9.97
N LEU D 108 -29.33 -21.24 -10.03
CA LEU D 108 -29.22 -20.12 -10.94
C LEU D 108 -29.46 -18.81 -10.25
N ILE D 109 -28.81 -17.74 -10.69
CA ILE D 109 -29.16 -16.40 -10.28
C ILE D 109 -29.70 -15.69 -11.51
N GLY D 110 -30.88 -15.11 -11.40
CA GLY D 110 -31.42 -14.24 -12.47
C GLY D 110 -30.76 -12.88 -12.48
N ALA D 111 -30.79 -12.18 -13.58
CA ALA D 111 -30.11 -10.88 -13.68
C ALA D 111 -30.73 -9.88 -12.75
N GLY D 112 -29.88 -9.11 -12.08
CA GLY D 112 -30.36 -8.08 -11.17
C GLY D 112 -31.20 -7.00 -11.78
N ASP D 113 -31.06 -6.79 -13.06
CA ASP D 113 -31.82 -5.77 -13.80
C ASP D 113 -31.65 -6.04 -15.31
N GLN D 114 -32.50 -5.43 -16.11
CA GLN D 114 -32.24 -5.30 -17.54
C GLN D 114 -31.11 -4.33 -17.78
N GLY D 115 -30.62 -4.32 -19.00
CA GLY D 115 -29.71 -3.27 -19.51
C GLY D 115 -28.69 -3.83 -20.48
N ILE D 116 -27.71 -3.00 -20.80
CA ILE D 116 -26.74 -3.26 -21.80
C ILE D 116 -25.38 -2.91 -21.23
N VAL D 117 -24.40 -3.74 -21.45
CA VAL D 117 -23.02 -3.49 -21.01
C VAL D 117 -22.06 -3.60 -22.20
N PHE D 118 -20.86 -3.08 -22.05
CA PHE D 118 -19.86 -3.13 -23.09
C PHE D 118 -18.54 -3.49 -22.49
N GLY D 119 -17.88 -4.50 -23.03
CA GLY D 119 -16.49 -4.81 -22.70
C GLY D 119 -15.69 -4.25 -23.84
N TYR D 120 -14.46 -3.88 -23.57
CA TYR D 120 -13.62 -3.37 -24.63
C TYR D 120 -12.17 -3.59 -24.29
N ALA D 121 -11.39 -3.80 -25.35
CA ALA D 121 -9.95 -3.93 -25.23
C ALA D 121 -9.31 -3.56 -26.52
N CYS D 122 -8.04 -3.17 -26.42
CA CYS D 122 -7.25 -2.83 -27.60
C CYS D 122 -5.77 -3.06 -27.31
N ASP D 123 -4.95 -3.02 -28.35
CA ASP D 123 -3.52 -3.32 -28.20
C ASP D 123 -2.55 -2.16 -27.91
N GLU D 124 -3.06 -0.96 -27.63
CA GLU D 124 -2.22 0.26 -27.61
C GLU D 124 -1.29 0.38 -26.41
N THR D 125 -1.61 -0.32 -25.33
CA THR D 125 -0.91 -0.22 -24.07
C THR D 125 -0.74 -1.60 -23.44
N PRO D 126 0.28 -1.76 -22.56
CA PRO D 126 0.42 -3.02 -21.83
C PRO D 126 -0.84 -3.43 -21.08
N GLN D 127 -1.60 -2.45 -20.61
CA GLN D 127 -2.89 -2.66 -19.94
C GLN D 127 -4.05 -3.07 -20.88
N TYR D 128 -3.83 -3.04 -22.20
CA TYR D 128 -4.85 -3.31 -23.21
C TYR D 128 -6.01 -2.30 -23.15
N MET D 129 -5.64 -1.03 -22.96
CA MET D 129 -6.59 0.06 -22.78
C MET D 129 -6.20 1.21 -23.70
N PRO D 130 -7.15 2.09 -24.07
CA PRO D 130 -6.82 3.28 -24.85
C PRO D 130 -5.76 4.12 -24.16
N LEU D 131 -4.81 4.62 -24.95
CA LEU D 131 -3.70 5.39 -24.43
C LEU D 131 -4.16 6.68 -23.70
N THR D 132 -5.25 7.27 -24.17
CA THR D 132 -5.71 8.49 -23.58
C THR D 132 -6.16 8.31 -22.11
N SER D 133 -6.92 7.23 -21.87
CA SER D 133 -7.35 6.84 -20.55
C SER D 133 -6.18 6.55 -19.63
N VAL D 134 -5.25 5.74 -20.10
CA VAL D 134 -4.14 5.31 -19.27
C VAL D 134 -3.35 6.53 -18.83
N LEU D 135 -3.04 7.42 -19.77
CA LEU D 135 -2.26 8.61 -19.42
C LEU D 135 -3.00 9.54 -18.49
N ALA D 136 -4.29 9.69 -18.71
CA ALA D 136 -5.12 10.55 -17.83
C ALA D 136 -5.12 10.07 -16.38
N HIS D 137 -5.25 8.76 -16.19
CA HIS D 137 -5.25 8.17 -14.87
C HIS D 137 -3.86 8.22 -14.25
N GLU D 138 -2.82 7.91 -15.02
CA GLU D 138 -1.46 7.85 -14.46
C GLU D 138 -1.05 9.23 -13.93
N LEU D 139 -1.41 10.26 -14.69
CA LEU D 139 -1.15 11.64 -14.31
C LEU D 139 -1.68 11.95 -12.90
N LEU D 140 -2.93 11.62 -12.65
CA LEU D 140 -3.53 11.93 -11.37
C LEU D 140 -3.03 11.05 -10.24
N LYS D 141 -2.76 9.75 -10.52
CA LYS D 141 -2.15 8.85 -9.53
C LYS D 141 -0.84 9.40 -9.04
N GLU D 142 -0.04 9.89 -9.97
CA GLU D 142 1.28 10.37 -9.65
C GLU D 142 1.18 11.67 -8.86
N ILE D 143 0.22 12.52 -9.19
CA ILE D 143 0.03 13.74 -8.40
C ILE D 143 -0.43 13.40 -6.97
N GLU D 144 -1.43 12.52 -6.84
CA GLU D 144 -1.92 12.12 -5.54
C GLU D 144 -0.83 11.44 -4.73
N ARG D 145 -0.02 10.60 -5.34
CA ARG D 145 1.05 9.92 -4.60
C ARG D 145 2.05 10.95 -4.05
N GLN D 146 2.41 11.92 -4.88
CA GLN D 146 3.32 12.99 -4.46
C GLN D 146 2.72 13.90 -3.39
N ARG D 147 1.40 14.10 -3.43
CA ARG D 147 0.72 14.84 -2.39
C ARG D 147 0.85 14.15 -1.04
N ARG D 148 0.60 12.84 -1.01
CA ARG D 148 0.68 12.04 0.22
C ARG D 148 2.11 11.87 0.73
N SER D 149 3.06 11.71 -0.18
CA SER D 149 4.47 11.67 0.19
C SER D 149 5.03 13.03 0.60
N LYS D 150 4.30 14.10 0.24
CA LYS D 150 4.68 15.49 0.50
C LYS D 150 5.78 16.01 -0.42
N GLU D 151 6.01 15.30 -1.52
CA GLU D 151 6.88 15.76 -2.59
C GLU D 151 6.28 16.95 -3.34
N PHE D 152 4.95 17.01 -3.44
CA PHE D 152 4.23 18.10 -4.12
C PHE D 152 3.43 18.75 -3.01
N ILE D 153 3.74 19.97 -2.66
CA ILE D 153 3.07 20.60 -1.51
C ILE D 153 2.08 21.68 -1.94
N LYS D 154 1.26 22.05 -0.98
CA LYS D 154 0.27 23.12 -1.12
C LYS D 154 -0.78 22.85 -2.18
N ILE D 155 -1.13 21.57 -2.28
CA ILE D 155 -2.22 21.14 -3.11
C ILE D 155 -3.17 20.28 -2.27
N GLN D 156 -4.40 20.18 -2.75
CA GLN D 156 -5.45 19.41 -2.12
C GLN D 156 -5.83 18.29 -3.06
N ALA D 157 -6.60 17.33 -2.58
CA ALA D 157 -6.94 16.12 -3.32
C ALA D 157 -7.90 16.25 -4.52
N ASP D 158 -8.67 17.32 -4.61
CA ASP D 158 -9.62 17.47 -5.71
C ASP D 158 -8.80 17.86 -6.97
N MET D 159 -9.00 17.14 -8.08
CA MET D 159 -8.23 17.30 -9.30
C MET D 159 -8.83 16.61 -10.51
N LYS D 160 -8.56 17.17 -11.69
CA LYS D 160 -8.93 16.54 -12.95
C LYS D 160 -7.79 16.52 -13.95
N SER D 161 -7.88 15.63 -14.94
CA SER D 161 -6.97 15.58 -16.07
C SER D 161 -7.73 15.30 -17.35
N GLN D 162 -7.14 15.71 -18.45
CA GLN D 162 -7.71 15.47 -19.78
C GLN D 162 -6.55 15.32 -20.72
N VAL D 163 -6.53 14.25 -21.50
CA VAL D 163 -5.40 13.98 -22.39
C VAL D 163 -5.90 13.80 -23.81
N SER D 164 -5.41 14.64 -24.70
CA SER D 164 -5.70 14.56 -26.12
C SER D 164 -4.52 13.90 -26.86
N ILE D 165 -4.81 12.90 -27.68
CA ILE D 165 -3.76 12.24 -28.45
C ILE D 165 -4.06 12.30 -29.93
N ASP D 166 -3.01 12.54 -30.71
CA ASP D 166 -3.08 12.58 -32.18
C ASP D 166 -2.88 11.19 -32.81
N TYR D 167 -3.90 10.69 -33.49
CA TYR D 167 -3.84 9.35 -34.10
C TYR D 167 -3.78 9.36 -35.64
N SER D 168 -3.34 10.48 -36.23
CA SER D 168 -3.30 10.60 -37.69
C SER D 168 -2.31 9.59 -38.35
N ASN D 169 -1.22 9.30 -37.66
CA ASN D 169 -0.16 8.45 -38.09
C ASN D 169 -0.20 7.11 -37.40
N SER D 170 0.66 6.18 -37.82
CA SER D 170 0.76 4.86 -37.18
C SER D 170 1.28 4.94 -35.75
N THR D 171 2.17 5.91 -35.51
CA THR D 171 2.69 6.15 -34.18
C THR D 171 1.92 7.31 -33.53
N PRO D 172 1.35 7.08 -32.34
CA PRO D 172 0.57 8.17 -31.68
C PRO D 172 1.44 9.30 -31.14
N LEU D 173 0.93 10.53 -31.22
CA LEU D 173 1.55 11.69 -30.57
C LEU D 173 0.61 12.27 -29.52
N ILE D 174 1.14 12.69 -28.37
CA ILE D 174 0.36 13.44 -27.40
C ILE D 174 0.17 14.84 -27.98
N GLU D 175 -1.07 15.29 -28.08
CA GLU D 175 -1.38 16.61 -28.55
C GLU D 175 -1.34 17.55 -27.37
N THR D 176 -2.20 17.26 -26.40
CA THR D 176 -2.34 18.10 -25.20
C THR D 176 -2.50 17.25 -23.95
N MET D 177 -1.80 17.65 -22.89
CA MET D 177 -2.08 17.18 -21.51
C MET D 177 -2.60 18.35 -20.70
N LEU D 178 -3.75 18.12 -20.07
CA LEU D 178 -4.42 19.14 -19.26
C LEU D 178 -4.58 18.65 -17.87
N VAL D 179 -4.37 19.54 -16.90
CA VAL D 179 -4.55 19.24 -15.48
C VAL D 179 -5.12 20.44 -14.75
N SER D 180 -6.12 20.21 -13.93
CA SER D 180 -6.61 21.17 -12.93
C SER D 180 -6.45 20.50 -11.55
N ILE D 181 -5.67 21.12 -10.67
CA ILE D 181 -5.52 20.68 -9.29
C ILE D 181 -5.91 21.81 -8.33
N GLN D 182 -6.66 21.46 -7.30
CA GLN D 182 -7.01 22.35 -6.20
C GLN D 182 -5.75 22.69 -5.36
N HIS D 183 -5.52 23.99 -5.15
CA HIS D 183 -4.34 24.45 -4.46
C HIS D 183 -4.66 25.34 -3.24
N ASP D 184 -3.68 25.47 -2.38
CA ASP D 184 -3.77 26.37 -1.24
C ASP D 184 -3.71 27.80 -1.71
N GLU D 185 -4.24 28.67 -0.87
CA GLU D 185 -4.24 30.09 -1.13
C GLU D 185 -2.83 30.63 -1.29
N ASP D 186 -1.92 30.16 -0.45
CA ASP D 186 -0.54 30.67 -0.41
C ASP D 186 0.44 29.83 -1.24
N TYR D 187 -0.06 29.21 -2.31
CA TYR D 187 0.77 28.41 -3.18
C TYR D 187 1.67 29.32 -4.01
N ASP D 188 2.66 28.71 -4.64
CA ASP D 188 3.64 29.38 -5.49
C ASP D 188 3.36 28.82 -6.88
N VAL D 189 2.88 29.68 -7.79
CA VAL D 189 2.44 29.22 -9.10
C VAL D 189 3.61 28.62 -9.88
N GLU D 190 4.77 29.24 -9.77
CA GLU D 190 5.98 28.80 -10.46
C GLU D 190 6.34 27.37 -10.03
N TYR D 191 6.35 27.14 -8.71
CA TYR D 191 6.60 25.81 -8.16
C TYR D 191 5.58 24.81 -8.68
N PHE D 192 4.32 25.19 -8.61
CA PHE D 192 3.16 24.39 -9.03
C PHE D 192 3.24 24.01 -10.51
N ASN D 193 3.52 24.99 -11.37
CA ASN D 193 3.63 24.76 -12.80
C ASN D 193 4.83 23.86 -13.20
N LYS D 194 5.98 24.06 -12.56
CA LYS D 194 7.18 23.23 -12.80
C LYS D 194 6.96 21.77 -12.31
N LYS D 195 6.26 21.63 -11.21
CA LYS D 195 5.97 20.34 -10.65
C LYS D 195 5.09 19.54 -11.57
N VAL D 196 4.00 20.13 -12.00
CA VAL D 196 3.06 19.45 -12.91
C VAL D 196 3.71 19.05 -14.25
N SER D 197 4.46 19.99 -14.82
CA SER D 197 5.19 19.76 -16.09
C SER D 197 6.13 18.61 -16.01
N ALA D 198 6.89 18.53 -14.93
CA ALA D 198 7.83 17.43 -14.71
C ALA D 198 7.08 16.11 -14.67
N ILE D 199 5.94 16.10 -14.00
CA ILE D 199 5.08 14.92 -13.92
C ILE D 199 4.47 14.59 -15.28
N MET D 200 4.08 15.60 -16.04
CA MET D 200 3.56 15.35 -17.38
C MET D 200 4.62 14.68 -18.27
N GLU D 201 5.86 15.17 -18.21
CA GLU D 201 6.94 14.60 -19.01
C GLU D 201 7.34 13.21 -18.54
N GLN D 202 7.43 13.02 -17.24
CA GLN D 202 7.74 11.71 -16.70
C GLN D 202 6.72 10.66 -17.18
N ILE D 203 5.43 10.98 -17.15
CA ILE D 203 4.38 10.07 -17.63
C ILE D 203 4.51 9.78 -19.13
N ALA D 204 4.84 10.80 -19.91
CA ALA D 204 5.08 10.63 -21.35
C ALA D 204 6.31 9.76 -21.63
N LYS D 205 7.41 10.01 -20.92
CA LYS D 205 8.62 9.23 -21.08
C LYS D 205 8.40 7.79 -20.70
N LYS D 206 7.65 7.56 -19.64
CA LYS D 206 7.39 6.20 -19.20
C LYS D 206 6.65 5.38 -20.27
N TYR D 207 5.86 6.02 -21.14
CA TYR D 207 5.18 5.31 -22.25
C TYR D 207 5.86 5.51 -23.60
N ASN D 208 7.12 5.94 -23.56
CA ASN D 208 7.94 6.17 -24.74
C ASN D 208 7.26 7.15 -25.73
N LEU D 209 6.71 8.25 -25.23
CA LEU D 209 5.99 9.21 -26.07
C LEU D 209 6.70 10.53 -26.21
N ASN D 210 6.23 11.34 -27.13
CA ASN D 210 6.81 12.66 -27.38
C ASN D 210 6.65 13.53 -26.17
N THR D 211 7.55 14.48 -26.02
CA THR D 211 7.58 15.34 -24.85
C THR D 211 7.33 16.83 -25.22
N ASN D 212 6.97 17.11 -26.47
CA ASN D 212 6.74 18.47 -26.99
C ASN D 212 5.26 18.94 -26.98
N PHE D 213 4.41 18.22 -26.27
CA PHE D 213 2.97 18.48 -26.25
C PHE D 213 2.65 19.77 -25.48
N LYS D 214 1.50 20.35 -25.82
CA LYS D 214 0.96 21.49 -25.13
C LYS D 214 0.48 21.11 -23.74
N LYS D 215 0.79 21.94 -22.76
CA LYS D 215 0.40 21.72 -21.37
C LYS D 215 -0.56 22.81 -20.95
N ILE D 216 -1.74 22.41 -20.49
CA ILE D 216 -2.74 23.32 -19.92
C ILE D 216 -2.82 23.03 -18.42
N ILE D 217 -2.33 23.95 -17.62
CA ILE D 217 -2.22 23.73 -16.16
C ILE D 217 -3.10 24.76 -15.42
N ASN D 218 -4.21 24.30 -14.86
CA ASN D 218 -5.11 25.19 -14.10
C ASN D 218 -5.56 26.37 -14.95
N SER D 219 -6.29 26.04 -16.02
CA SER D 219 -6.81 27.06 -16.94
C SER D 219 -7.81 28.01 -16.28
N SER D 220 -8.42 27.63 -15.18
CA SER D 220 -9.28 28.56 -14.41
C SER D 220 -8.54 29.78 -13.86
N GLY D 221 -7.24 29.64 -13.56
CA GLY D 221 -6.47 30.69 -12.90
C GLY D 221 -6.56 30.75 -11.38
N ARG D 222 -7.58 30.11 -10.79
CA ARG D 222 -7.75 30.00 -9.36
C ARG D 222 -8.59 28.77 -9.09
N PHE D 223 -8.18 27.97 -8.10
CA PHE D 223 -8.91 26.75 -7.75
C PHE D 223 -8.58 26.44 -6.28
N VAL D 224 -9.11 27.31 -5.39
CA VAL D 224 -8.89 27.13 -3.93
C VAL D 224 -10.13 26.52 -3.31
N ILE D 225 -11.32 27.00 -3.63
CA ILE D 225 -12.55 26.32 -3.25
C ILE D 225 -12.66 25.07 -4.10
N GLY D 226 -12.76 23.92 -3.47
CA GLY D 226 -12.89 22.62 -4.12
C GLY D 226 -13.58 21.60 -3.23
N GLY D 227 -13.46 20.33 -3.53
CA GLY D 227 -14.26 19.34 -2.87
C GLY D 227 -15.78 19.52 -3.08
N PRO D 228 -16.58 18.80 -2.28
CA PRO D 228 -18.02 18.97 -2.35
C PRO D 228 -18.52 20.38 -2.07
N ILE D 229 -17.71 21.20 -1.44
CA ILE D 229 -18.06 22.63 -1.27
C ILE D 229 -18.18 23.30 -2.64
N GLY D 230 -17.21 23.05 -3.52
CA GLY D 230 -17.27 23.62 -4.86
C GLY D 230 -18.28 23.04 -5.83
N ASP D 231 -18.59 21.77 -5.68
CA ASP D 231 -19.30 20.99 -6.70
C ASP D 231 -19.82 19.73 -6.03
N THR D 232 -21.09 19.45 -6.26
CA THR D 232 -21.75 18.30 -5.70
C THR D 232 -21.22 17.03 -6.29
N GLY D 233 -21.29 15.94 -5.52
CA GLY D 233 -20.88 14.65 -6.01
C GLY D 233 -21.95 13.63 -5.92
N LEU D 234 -21.99 12.70 -6.85
CA LEU D 234 -22.94 11.62 -6.74
C LEU D 234 -22.30 10.32 -7.21
N THR D 235 -22.77 9.18 -6.68
CA THR D 235 -22.32 7.90 -7.12
C THR D 235 -22.70 7.68 -8.60
N GLY D 236 -21.79 7.10 -9.38
CA GLY D 236 -22.11 6.75 -10.74
C GLY D 236 -22.23 7.85 -11.74
N ARG D 237 -21.55 8.95 -11.50
CA ARG D 237 -21.49 10.11 -12.47
C ARG D 237 -20.10 10.24 -13.10
N LYS D 238 -19.36 9.17 -13.09
CA LYS D 238 -18.07 9.12 -13.70
C LYS D 238 -17.91 7.75 -14.47
N ILE D 239 -18.98 7.35 -15.16
CA ILE D 239 -19.04 6.05 -15.68
C ILE D 239 -18.07 5.89 -16.86
N ILE D 240 -17.81 6.96 -17.60
CA ILE D 240 -16.89 6.92 -18.72
C ILE D 240 -15.41 6.95 -18.24
N VAL D 241 -15.11 7.71 -17.19
CA VAL D 241 -13.81 7.68 -16.54
C VAL D 241 -13.53 6.32 -15.94
N ASP D 242 -14.57 5.72 -15.40
CA ASP D 242 -14.52 4.35 -14.84
C ASP D 242 -14.21 3.27 -15.85
N THR D 243 -14.53 3.52 -17.11
CA THR D 243 -14.48 2.50 -18.15
C THR D 243 -13.37 2.82 -19.20
N TYR D 244 -13.75 3.23 -20.41
CA TYR D 244 -12.82 3.29 -21.52
C TYR D 244 -12.64 4.73 -22.11
N GLY D 245 -12.90 5.77 -21.33
CA GLY D 245 -12.54 7.12 -21.70
C GLY D 245 -13.17 7.60 -22.99
N GLY D 246 -14.39 7.11 -23.31
CA GLY D 246 -15.10 7.58 -24.50
C GLY D 246 -14.64 6.91 -25.80
N VAL D 247 -13.58 6.11 -25.74
CA VAL D 247 -13.20 5.30 -26.87
C VAL D 247 -14.14 4.12 -27.06
N GLY D 248 -14.44 3.40 -26.02
CA GLY D 248 -15.44 2.32 -26.08
C GLY D 248 -16.84 2.88 -25.97
N HIS D 249 -17.85 2.12 -26.28
CA HIS D 249 -19.24 2.49 -25.95
C HIS D 249 -19.56 2.19 -24.50
N HIS D 250 -20.79 2.56 -24.08
CA HIS D 250 -21.26 2.37 -22.73
C HIS D 250 -22.79 2.23 -22.81
N GLY D 251 -23.35 1.26 -22.08
CA GLY D 251 -24.79 1.02 -22.03
C GLY D 251 -25.56 1.81 -20.98
N GLY D 252 -24.82 2.41 -20.07
CA GLY D 252 -25.39 3.34 -19.10
C GLY D 252 -25.19 3.04 -17.66
N GLY D 253 -25.03 1.81 -17.29
CA GLY D 253 -24.94 1.41 -15.85
C GLY D 253 -23.66 1.82 -15.15
N ALA D 254 -23.84 2.25 -13.90
CA ALA D 254 -22.66 2.58 -13.06
C ALA D 254 -22.23 1.34 -12.28
N PHE D 255 -21.00 1.38 -11.78
CA PHE D 255 -20.41 0.28 -11.05
C PHE D 255 -20.50 0.36 -9.55
N SER D 256 -20.17 1.49 -8.95
CA SER D 256 -19.90 1.55 -7.50
C SER D 256 -21.13 1.39 -6.64
N GLY D 257 -20.95 0.69 -5.55
CA GLY D 257 -22.04 0.44 -4.64
C GLY D 257 -22.89 -0.78 -4.97
N LYS D 258 -22.56 -1.49 -6.03
CA LYS D 258 -23.37 -2.63 -6.50
C LYS D 258 -22.76 -4.00 -6.24
N ASP D 259 -23.58 -4.92 -5.75
CA ASP D 259 -23.08 -6.29 -5.52
C ASP D 259 -23.09 -6.96 -6.89
N PRO D 260 -22.48 -8.17 -7.00
CA PRO D 260 -22.43 -8.77 -8.31
C PRO D 260 -23.72 -9.21 -8.96
N THR D 261 -24.80 -9.32 -8.23
CA THR D 261 -26.06 -9.66 -8.89
C THR D 261 -26.49 -8.58 -9.85
N LYS D 262 -26.05 -7.33 -9.62
CA LYS D 262 -26.28 -6.24 -10.55
C LYS D 262 -25.40 -6.45 -11.75
N VAL D 263 -25.98 -6.87 -12.87
CA VAL D 263 -25.18 -7.23 -14.03
C VAL D 263 -24.49 -6.04 -14.63
N ASP D 264 -25.03 -4.81 -14.40
CA ASP D 264 -24.29 -3.61 -14.77
C ASP D 264 -22.83 -3.70 -14.39
N ARG D 265 -22.54 -4.25 -13.24
CA ARG D 265 -21.15 -4.43 -12.82
C ARG D 265 -20.53 -5.75 -13.26
N SER D 266 -21.13 -6.89 -12.90
CA SER D 266 -20.51 -8.17 -13.16
C SER D 266 -20.35 -8.45 -14.66
N ALA D 267 -21.42 -8.22 -15.43
CA ALA D 267 -21.36 -8.44 -16.88
C ALA D 267 -20.38 -7.53 -17.57
N SER D 268 -20.24 -6.31 -17.11
CA SER D 268 -19.21 -5.40 -17.63
C SER D 268 -17.79 -5.93 -17.39
N TYR D 269 -17.52 -6.47 -16.22
CA TYR D 269 -16.22 -7.06 -15.95
C TYR D 269 -15.99 -8.33 -16.78
N PHE D 270 -17.06 -9.09 -16.98
CA PHE D 270 -17.05 -10.30 -17.81
C PHE D 270 -16.77 -9.95 -19.24
N ALA D 271 -17.45 -8.91 -19.76
CA ALA D 271 -17.23 -8.48 -21.12
C ALA D 271 -15.83 -7.96 -21.33
N ARG D 272 -15.30 -7.17 -20.39
CA ARG D 272 -13.88 -6.76 -20.44
C ARG D 272 -12.93 -7.95 -20.45
N TRP D 273 -13.24 -8.96 -19.63
CA TRP D 273 -12.45 -10.17 -19.58
C TRP D 273 -12.38 -10.85 -20.93
N ILE D 274 -13.53 -11.01 -21.57
CA ILE D 274 -13.59 -11.63 -22.87
C ILE D 274 -12.79 -10.77 -23.88
N ALA D 275 -13.17 -9.53 -24.03
CA ALA D 275 -12.54 -8.64 -24.97
C ALA D 275 -11.05 -8.57 -24.78
N LYS D 276 -10.60 -8.44 -23.54
CA LYS D 276 -9.17 -8.35 -23.29
C LYS D 276 -8.43 -9.61 -23.74
N ASN D 277 -8.95 -10.77 -23.39
CA ASN D 277 -8.36 -12.01 -23.83
C ASN D 277 -8.37 -12.19 -25.39
N VAL D 278 -9.46 -11.82 -26.03
CA VAL D 278 -9.52 -11.79 -27.50
C VAL D 278 -8.38 -10.99 -28.08
N VAL D 279 -8.05 -9.83 -27.53
CA VAL D 279 -6.97 -9.02 -28.09
C VAL D 279 -5.63 -9.65 -27.73
N ALA D 280 -5.45 -10.07 -26.49
CA ALA D 280 -4.21 -10.71 -26.12
C ALA D 280 -3.93 -12.00 -26.91
N ALA D 281 -4.98 -12.70 -27.34
CA ALA D 281 -4.81 -13.88 -28.21
C ALA D 281 -4.48 -13.54 -29.66
N LYS D 282 -4.45 -12.24 -29.96
CA LYS D 282 -4.17 -11.71 -31.30
C LYS D 282 -5.19 -12.11 -32.34
N LEU D 283 -6.45 -12.26 -31.97
CA LEU D 283 -7.54 -12.46 -32.92
C LEU D 283 -8.01 -11.13 -33.42
N ALA D 284 -7.75 -10.05 -32.69
CA ALA D 284 -8.03 -8.71 -33.21
C ALA D 284 -7.13 -7.69 -32.54
N LYS D 285 -7.00 -6.51 -33.14
CA LYS D 285 -6.32 -5.39 -32.48
C LYS D 285 -7.25 -4.68 -31.48
N GLN D 286 -8.55 -4.64 -31.78
CA GLN D 286 -9.56 -4.11 -30.89
C GLN D 286 -10.76 -5.00 -30.86
N CYS D 287 -11.43 -5.05 -29.71
CA CYS D 287 -12.61 -5.86 -29.57
C CYS D 287 -13.58 -5.20 -28.60
N GLU D 288 -14.85 -5.19 -28.98
CA GLU D 288 -15.88 -4.66 -28.16
C GLU D 288 -17.03 -5.60 -28.10
N ILE D 289 -17.49 -5.92 -26.90
CA ILE D 289 -18.55 -6.90 -26.72
C ILE D 289 -19.70 -6.26 -26.02
N GLN D 290 -20.90 -6.42 -26.58
CA GLN D 290 -22.13 -5.84 -26.02
C GLN D 290 -23.00 -6.99 -25.58
N LEU D 291 -23.43 -6.99 -24.35
CA LEU D 291 -24.32 -7.99 -23.80
C LEU D 291 -25.53 -7.27 -23.27
N ALA D 292 -26.71 -7.83 -23.50
CA ALA D 292 -27.95 -7.29 -22.98
C ALA D 292 -28.63 -8.29 -22.06
N PHE D 293 -29.33 -7.78 -21.08
CA PHE D 293 -29.97 -8.62 -20.05
C PHE D 293 -31.43 -8.34 -19.85
N ALA D 294 -32.13 -9.30 -19.31
CA ALA D 294 -33.53 -9.14 -18.90
C ALA D 294 -33.61 -9.56 -17.41
N ILE D 295 -34.31 -8.77 -16.60
CA ILE D 295 -34.39 -9.05 -15.17
C ILE D 295 -34.96 -10.43 -14.89
N GLY D 296 -34.23 -11.19 -14.08
CA GLY D 296 -34.64 -12.54 -13.72
C GLY D 296 -34.21 -13.62 -14.65
N GLN D 297 -33.64 -13.26 -15.83
CA GLN D 297 -33.17 -14.26 -16.77
C GLN D 297 -31.68 -14.54 -16.50
N PRO D 298 -31.32 -15.86 -16.42
CA PRO D 298 -29.94 -16.21 -16.00
C PRO D 298 -28.86 -16.03 -17.05
N GLN D 299 -29.25 -15.84 -18.33
CA GLN D 299 -28.27 -15.60 -19.41
C GLN D 299 -28.56 -14.34 -20.19
N PRO D 300 -27.55 -13.82 -20.88
CA PRO D 300 -27.77 -12.63 -21.71
C PRO D 300 -28.87 -12.86 -22.72
N VAL D 301 -29.59 -11.83 -23.01
CA VAL D 301 -30.69 -11.92 -23.94
C VAL D 301 -30.21 -11.65 -25.37
N ALA D 302 -29.08 -10.97 -25.51
CA ALA D 302 -28.51 -10.64 -26.79
C ALA D 302 -27.02 -10.40 -26.63
N MET D 303 -26.29 -10.56 -27.72
CA MET D 303 -24.83 -10.42 -27.76
C MET D 303 -24.36 -9.90 -29.11
N TYR D 304 -23.39 -8.99 -29.09
CA TYR D 304 -22.76 -8.53 -30.30
C TYR D 304 -21.27 -8.31 -30.10
N VAL D 305 -20.46 -8.94 -30.97
CA VAL D 305 -19.03 -8.73 -31.00
C VAL D 305 -18.67 -7.86 -32.19
N ASN D 306 -17.87 -6.83 -31.93
CA ASN D 306 -17.39 -5.95 -32.96
C ASN D 306 -15.88 -5.87 -32.82
N THR D 307 -15.18 -6.21 -33.91
CA THR D 307 -13.72 -6.14 -33.97
C THR D 307 -13.23 -4.98 -34.79
N PHE D 308 -14.11 -4.06 -35.17
CA PHE D 308 -13.71 -2.82 -35.89
C PHE D 308 -12.88 -3.00 -37.16
N ASN D 309 -13.04 -4.14 -37.80
CA ASN D 309 -12.26 -4.51 -38.98
C ASN D 309 -10.77 -4.63 -38.71
N THR D 310 -10.43 -5.03 -37.49
CA THR D 310 -9.06 -5.32 -37.12
C THR D 310 -8.90 -6.79 -36.85
N ASN D 311 -9.91 -7.59 -37.17
CA ASN D 311 -9.84 -9.04 -36.97
C ASN D 311 -8.75 -9.71 -37.79
N LEU D 312 -7.94 -10.53 -37.16
CA LEU D 312 -6.90 -11.31 -37.84
C LEU D 312 -7.46 -12.62 -38.45
N ILE D 313 -8.48 -13.20 -37.85
CA ILE D 313 -9.17 -14.33 -38.48
C ILE D 313 -10.59 -13.95 -38.78
N ASP D 314 -11.34 -14.81 -39.42
CA ASP D 314 -12.75 -14.58 -39.71
C ASP D 314 -13.49 -14.20 -38.47
N GLU D 315 -14.29 -13.13 -38.54
CA GLU D 315 -15.16 -12.68 -37.44
C GLU D 315 -16.04 -13.79 -36.91
N THR D 316 -16.56 -14.62 -37.83
CA THR D 316 -17.42 -15.72 -37.45
C THR D 316 -16.74 -16.68 -36.48
N LYS D 317 -15.46 -16.95 -36.74
CA LYS D 317 -14.69 -17.83 -35.89
C LYS D 317 -14.33 -17.19 -34.55
N ILE D 318 -14.18 -15.89 -34.51
CA ILE D 318 -13.99 -15.14 -33.23
C ILE D 318 -15.21 -15.23 -32.32
N PHE D 319 -16.38 -14.91 -32.85
CA PHE D 319 -17.65 -15.06 -32.15
C PHE D 319 -17.84 -16.47 -31.63
N GLU D 320 -17.50 -17.42 -32.46
CA GLU D 320 -17.68 -18.87 -32.18
C GLU D 320 -16.68 -19.33 -31.10
N ALA D 321 -15.49 -18.76 -31.05
CA ALA D 321 -14.46 -19.11 -30.05
C ALA D 321 -14.89 -18.57 -28.69
N ILE D 322 -15.31 -17.31 -28.67
CA ILE D 322 -15.87 -16.70 -27.49
C ILE D 322 -16.97 -17.60 -26.91
N LYS D 323 -17.98 -17.94 -27.68
CA LYS D 323 -19.07 -18.76 -27.20
C LYS D 323 -18.61 -20.13 -26.58
N LYS D 324 -17.61 -20.74 -27.16
CA LYS D 324 -17.07 -22.02 -26.63
C LYS D 324 -16.07 -21.88 -25.51
N SER D 325 -15.50 -20.69 -25.35
CA SER D 325 -14.50 -20.46 -24.31
C SER D 325 -15.06 -19.84 -23.01
N PHE D 326 -16.30 -19.35 -23.03
CA PHE D 326 -16.84 -18.65 -21.90
C PHE D 326 -18.20 -19.19 -21.55
N ASN D 327 -18.47 -19.32 -20.25
CA ASN D 327 -19.79 -19.68 -19.78
C ASN D 327 -20.56 -18.37 -19.49
N PHE D 328 -21.71 -18.24 -20.14
CA PHE D 328 -22.50 -17.00 -20.11
C PHE D 328 -23.58 -16.98 -19.05
N ASP D 329 -23.72 -18.07 -18.32
CA ASP D 329 -24.57 -18.11 -17.15
C ASP D 329 -24.08 -17.11 -16.12
N ILE D 330 -24.99 -16.30 -15.58
CA ILE D 330 -24.62 -15.17 -14.68
C ILE D 330 -23.95 -15.69 -13.42
N LYS D 331 -24.59 -16.67 -12.77
CA LYS D 331 -24.03 -17.27 -11.56
C LYS D 331 -22.63 -17.82 -11.79
N THR D 332 -22.46 -18.47 -12.94
CA THR D 332 -21.17 -19.03 -13.31
C THR D 332 -20.07 -17.99 -13.53
N PHE D 333 -20.32 -16.96 -14.34
CA PHE D 333 -19.25 -15.94 -14.52
C PHE D 333 -18.97 -15.11 -13.26
N ILE D 334 -19.96 -14.93 -12.40
CA ILE D 334 -19.69 -14.29 -11.11
C ILE D 334 -18.67 -15.06 -10.32
N ASN D 335 -18.89 -16.37 -10.21
CA ASN D 335 -17.98 -17.27 -9.49
C ASN D 335 -16.63 -17.38 -10.16
N ASP D 336 -16.62 -17.54 -11.49
CA ASP D 336 -15.37 -17.59 -12.27
C ASP D 336 -14.50 -16.38 -12.07
N LEU D 337 -15.11 -15.22 -11.96
CA LEU D 337 -14.36 -14.01 -11.68
C LEU D 337 -14.18 -13.69 -10.17
N ASN D 338 -14.68 -14.53 -9.27
CA ASN D 338 -14.43 -14.36 -7.82
C ASN D 338 -14.99 -13.02 -7.32
N LEU D 339 -16.16 -12.65 -7.82
CA LEU D 339 -16.67 -11.32 -7.59
C LEU D 339 -17.21 -11.10 -6.18
N TRP D 340 -17.66 -12.16 -5.51
CA TRP D 340 -18.09 -12.10 -4.13
C TRP D 340 -16.95 -11.80 -3.17
N THR D 341 -15.73 -12.17 -3.52
CA THR D 341 -14.58 -11.97 -2.66
C THR D 341 -13.62 -10.93 -3.18
N THR D 342 -13.94 -10.26 -4.27
CA THR D 342 -13.09 -9.14 -4.75
C THR D 342 -13.34 -7.87 -3.97
N LYS D 343 -12.30 -7.11 -3.67
CA LYS D 343 -12.50 -5.75 -3.08
C LYS D 343 -12.72 -4.72 -4.17
N TYR D 344 -13.76 -3.90 -4.05
CA TYR D 344 -14.09 -2.90 -5.09
C TYR D 344 -13.61 -1.46 -4.78
N LEU D 345 -13.20 -1.17 -3.54
CA LEU D 345 -12.72 0.17 -3.26
C LEU D 345 -11.51 0.59 -4.08
N PRO D 346 -10.59 -0.33 -4.34
CA PRO D 346 -9.41 0.06 -5.12
C PRO D 346 -9.77 0.45 -6.57
N VAL D 347 -10.83 -0.12 -7.13
CA VAL D 347 -11.31 0.31 -8.45
C VAL D 347 -12.28 1.48 -8.52
N ALA D 348 -12.76 1.95 -7.39
CA ALA D 348 -13.60 3.17 -7.33
C ALA D 348 -12.81 4.46 -7.68
N THR D 349 -11.48 4.37 -7.70
CA THR D 349 -10.64 5.45 -8.23
C THR D 349 -9.73 4.89 -9.35
N TYR D 350 -9.51 5.69 -10.38
CA TYR D 350 -8.52 5.45 -11.45
C TYR D 350 -8.91 4.32 -12.47
N GLY D 351 -10.20 4.13 -12.67
CA GLY D 351 -10.74 3.18 -13.57
C GLY D 351 -10.79 1.76 -13.06
N HIS D 352 -11.76 1.01 -13.57
CA HIS D 352 -11.94 -0.40 -13.23
C HIS D 352 -11.21 -1.37 -14.17
N PHE D 353 -10.63 -0.83 -15.23
CA PHE D 353 -10.00 -1.65 -16.27
C PHE D 353 -8.55 -1.30 -16.53
N GLY D 354 -7.81 -2.30 -16.95
CA GLY D 354 -6.38 -2.12 -17.22
C GLY D 354 -5.65 -1.57 -16.02
N ARG D 355 -5.70 -2.31 -14.96
CA ARG D 355 -5.09 -1.86 -13.72
C ARG D 355 -3.92 -2.71 -13.42
N ASP D 356 -2.78 -2.36 -13.98
CA ASP D 356 -1.56 -3.18 -13.75
C ASP D 356 -1.00 -3.02 -12.36
N ASP D 357 -1.38 -1.95 -11.72
CA ASP D 357 -1.22 -1.77 -10.27
C ASP D 357 -2.04 -2.70 -9.35
N LEU D 358 -3.05 -3.38 -9.86
CA LEU D 358 -3.92 -4.22 -9.05
C LEU D 358 -3.85 -5.61 -9.63
N ASP D 359 -4.59 -6.54 -9.06
CA ASP D 359 -4.63 -7.89 -9.51
C ASP D 359 -6.06 -8.32 -9.74
N LEU D 360 -6.73 -7.75 -10.69
CA LEU D 360 -8.16 -7.98 -10.89
C LEU D 360 -8.39 -9.22 -11.72
N SER D 361 -9.39 -9.95 -11.33
CA SER D 361 -9.82 -11.19 -11.94
C SER D 361 -10.13 -11.09 -13.42
N TRP D 362 -10.79 -9.99 -13.79
CA TRP D 362 -11.26 -9.72 -15.15
C TRP D 362 -10.18 -9.13 -16.04
N GLU D 363 -9.01 -8.83 -15.48
CA GLU D 363 -7.81 -8.42 -16.22
C GLU D 363 -6.85 -9.56 -16.54
N LYS D 364 -7.15 -10.79 -16.12
CA LYS D 364 -6.26 -11.93 -16.31
C LYS D 364 -6.34 -12.47 -17.71
N LEU D 365 -5.17 -12.74 -18.33
CA LEU D 365 -5.06 -13.29 -19.69
C LEU D 365 -5.04 -14.81 -19.67
N ASN D 366 -5.94 -15.36 -18.87
CA ASN D 366 -6.01 -16.79 -18.60
C ASN D 366 -6.99 -17.51 -19.52
N LYS D 367 -7.48 -16.82 -20.54
CA LYS D 367 -8.37 -17.41 -21.51
C LYS D 367 -7.81 -17.36 -22.94
N VAL D 368 -6.58 -16.87 -23.14
CA VAL D 368 -5.98 -16.82 -24.49
C VAL D 368 -5.85 -18.18 -25.13
N GLU D 369 -5.37 -19.17 -24.40
CA GLU D 369 -5.16 -20.53 -24.92
C GLU D 369 -6.46 -21.14 -25.41
N ASP D 370 -7.51 -21.04 -24.64
CA ASP D 370 -8.82 -21.60 -24.95
C ASP D 370 -9.42 -20.90 -26.20
N LEU D 371 -9.25 -19.57 -26.30
CA LEU D 371 -9.72 -18.82 -27.46
C LEU D 371 -9.01 -19.19 -28.76
N ILE D 372 -7.69 -19.24 -28.70
CA ILE D 372 -6.82 -19.69 -29.79
C ILE D 372 -7.27 -21.07 -30.23
N LYS D 373 -7.22 -22.01 -29.29
CA LYS D 373 -7.61 -23.39 -29.55
C LYS D 373 -9.00 -23.48 -30.20
N ASN D 374 -9.97 -22.74 -29.71
CA ASN D 374 -11.31 -22.86 -30.27
C ASN D 374 -11.55 -22.09 -31.59
N SER D 375 -10.53 -21.66 -32.32
CA SER D 375 -10.73 -21.16 -33.70
C SER D 375 -9.94 -21.87 -34.80
N LYS E 4 0.07 -9.66 34.15
CA LYS E 4 1.06 -10.78 33.95
C LYS E 4 2.39 -10.38 33.33
N LYS E 5 3.50 -10.83 33.88
CA LYS E 5 4.85 -10.38 33.46
C LYS E 5 5.51 -11.50 32.66
N ILE E 6 5.43 -11.42 31.34
CA ILE E 6 5.87 -12.48 30.45
C ILE E 6 7.14 -12.07 29.76
N ILE E 7 8.22 -12.79 30.02
CA ILE E 7 9.51 -12.51 29.40
C ILE E 7 9.83 -13.68 28.46
N THR E 8 10.42 -13.35 27.31
CA THR E 8 10.60 -14.32 26.22
C THR E 8 12.02 -14.28 25.69
N SER E 9 12.59 -15.44 25.41
CA SER E 9 13.93 -15.53 24.76
C SER E 9 13.84 -16.60 23.67
N GLU E 10 14.81 -16.60 22.75
CA GLU E 10 14.79 -17.57 21.64
C GLU E 10 16.09 -18.32 21.56
N SER E 11 16.05 -19.44 20.85
CA SER E 11 17.30 -20.11 20.44
C SER E 11 17.18 -20.62 19.01
N VAL E 12 18.32 -20.96 18.41
CA VAL E 12 18.33 -21.50 17.05
C VAL E 12 19.27 -22.69 16.99
N GLY E 13 18.98 -23.58 16.04
CA GLY E 13 19.65 -24.84 15.97
C GLY E 13 20.95 -24.82 15.22
N ALA E 14 21.61 -25.98 15.18
CA ALA E 14 22.86 -26.16 14.47
C ALA E 14 22.74 -25.88 12.97
N GLY E 15 21.56 -26.18 12.43
CA GLY E 15 21.28 -26.06 11.01
C GLY E 15 20.78 -24.68 10.60
N HIS E 16 20.51 -23.80 11.55
CA HIS E 16 20.09 -22.45 11.23
C HIS E 16 21.20 -21.74 10.48
N PRO E 17 20.87 -20.99 9.43
CA PRO E 17 21.88 -20.39 8.58
C PRO E 17 22.84 -19.40 9.23
N ASP E 18 22.34 -18.58 10.14
CA ASP E 18 23.22 -17.71 10.94
C ASP E 18 24.23 -18.53 11.78
N LYS E 19 23.76 -19.63 12.32
CA LYS E 19 24.57 -20.47 13.20
C LYS E 19 25.61 -21.31 12.45
N ILE E 20 25.29 -21.70 11.23
CA ILE E 20 26.25 -22.34 10.34
C ILE E 20 27.45 -21.44 10.18
N CYS E 21 27.21 -20.17 9.87
CA CYS E 21 28.27 -19.21 9.69
C CYS E 21 29.08 -19.00 10.94
N ASP E 22 28.39 -18.91 12.08
CA ASP E 22 29.06 -18.85 13.37
C ASP E 22 29.92 -20.07 13.60
N GLN E 23 29.41 -21.25 13.28
CA GLN E 23 30.18 -22.51 13.42
C GLN E 23 31.41 -22.54 12.56
N ILE E 24 31.23 -22.20 11.29
CA ILE E 24 32.36 -22.21 10.34
C ILE E 24 33.39 -21.20 10.80
N SER E 25 32.94 -20.01 11.22
CA SER E 25 33.86 -18.98 11.66
C SER E 25 34.70 -19.45 12.84
N ASP E 26 34.07 -20.11 13.79
CA ASP E 26 34.78 -20.59 14.96
C ASP E 26 35.56 -21.86 14.68
N ALA E 27 35.08 -22.70 13.79
CA ALA E 27 35.89 -23.84 13.37
C ALA E 27 37.20 -23.40 12.71
N ILE E 28 37.15 -22.28 11.99
CA ILE E 28 38.32 -21.76 11.31
C ILE E 28 39.29 -21.18 12.32
N LEU E 29 38.74 -20.40 13.24
CA LEU E 29 39.52 -19.87 14.32
C LEU E 29 40.25 -20.97 15.08
N ASP E 30 39.52 -22.03 15.38
CA ASP E 30 40.05 -23.19 16.11
C ASP E 30 41.26 -23.80 15.42
N GLU E 31 41.14 -24.05 14.13
CA GLU E 31 42.26 -24.57 13.31
C GLU E 31 43.45 -23.61 13.37
N CYS E 32 43.22 -22.31 13.22
CA CYS E 32 44.31 -21.32 13.33
C CYS E 32 45.01 -21.34 14.66
N LEU E 33 44.25 -21.27 15.72
CA LEU E 33 44.83 -21.20 17.05
C LEU E 33 45.52 -22.50 17.41
N SER E 34 44.97 -23.61 16.93
CA SER E 34 45.55 -24.93 17.15
C SER E 34 46.96 -25.04 16.58
N GLN E 35 47.19 -24.41 15.43
CA GLN E 35 48.51 -24.36 14.81
C GLN E 35 49.36 -23.17 15.20
N ASP E 36 48.77 -22.01 15.47
CA ASP E 36 49.47 -20.75 15.79
C ASP E 36 48.69 -20.02 16.89
N GLN E 37 49.22 -20.00 18.11
CA GLN E 37 48.55 -19.32 19.22
C GLN E 37 48.75 -17.82 19.24
N ASN E 38 49.52 -17.27 18.30
CA ASN E 38 49.60 -15.83 18.08
C ASN E 38 48.81 -15.38 16.85
N SER E 39 47.89 -16.22 16.38
CA SER E 39 47.02 -15.86 15.26
C SER E 39 46.16 -14.66 15.59
N ARG E 40 45.97 -13.81 14.58
CA ARG E 40 44.97 -12.77 14.62
C ARG E 40 43.89 -13.17 13.65
N VAL E 41 42.67 -13.33 14.13
CA VAL E 41 41.63 -13.94 13.33
C VAL E 41 40.37 -13.17 13.52
N ALA E 42 39.72 -12.86 12.40
CA ALA E 42 38.48 -12.10 12.38
C ALA E 42 37.66 -12.58 11.19
N CYS E 43 37.22 -13.83 11.27
CA CYS E 43 36.61 -14.53 10.18
C CYS E 43 35.09 -14.35 10.15
N GLU E 44 34.58 -13.84 9.06
CA GLU E 44 33.14 -13.64 8.85
C GLU E 44 32.69 -14.52 7.70
N VAL E 45 31.51 -15.08 7.81
CA VAL E 45 30.99 -16.02 6.85
C VAL E 45 29.56 -15.64 6.45
N LEU E 46 29.29 -15.74 5.15
CA LEU E 46 27.96 -15.58 4.56
C LEU E 46 27.55 -16.91 3.93
N ALA E 47 26.31 -17.33 4.13
CA ALA E 47 25.76 -18.50 3.47
C ALA E 47 24.41 -18.15 2.89
N CYS E 48 24.28 -18.15 1.59
CA CYS E 48 23.00 -17.85 0.96
C CYS E 48 22.77 -18.83 -0.13
N ASN E 49 21.55 -19.23 -0.35
CA ASN E 49 21.25 -20.20 -1.44
C ASN E 49 22.36 -20.60 -2.42
N ARG E 50 23.09 -21.67 -2.12
CA ARG E 50 24.17 -22.16 -2.97
C ARG E 50 25.50 -21.54 -2.88
N LEU E 51 25.69 -20.59 -1.98
CA LEU E 51 26.96 -19.89 -1.92
C LEU E 51 27.38 -19.74 -0.46
N ILE E 52 28.64 -20.00 -0.15
CA ILE E 52 29.20 -19.75 1.18
C ILE E 52 30.44 -18.93 0.96
N VAL E 53 30.47 -17.74 1.52
CA VAL E 53 31.60 -16.87 1.41
C VAL E 53 32.29 -16.81 2.74
N ILE E 54 33.60 -17.02 2.72
CA ILE E 54 34.43 -17.06 3.91
C ILE E 54 35.38 -15.91 3.76
N ALA E 55 35.22 -14.89 4.58
CA ALA E 55 35.98 -13.66 4.46
C ALA E 55 36.50 -13.24 5.82
N GLY E 56 37.06 -12.05 5.90
CA GLY E 56 37.65 -11.63 7.15
C GLY E 56 39.13 -11.49 7.03
N GLU E 57 39.74 -11.08 8.11
CA GLU E 57 41.15 -10.64 8.15
C GLU E 57 41.83 -11.65 9.05
N ILE E 58 42.90 -12.28 8.56
CA ILE E 58 43.64 -13.25 9.34
C ILE E 58 45.11 -13.07 9.08
N THR E 59 45.91 -13.02 10.14
CA THR E 59 47.35 -13.12 10.00
C THR E 59 47.78 -14.25 10.90
N THR E 60 48.42 -15.25 10.30
CA THR E 60 48.70 -16.49 10.99
C THR E 60 49.79 -17.27 10.26
N HIS E 61 50.53 -18.08 11.02
CA HIS E 61 51.47 -19.02 10.44
C HIS E 61 50.76 -20.30 10.03
N ALA E 62 49.52 -20.48 10.48
CA ALA E 62 48.74 -21.67 10.15
C ALA E 62 48.28 -21.64 8.70
N TYR E 63 47.93 -22.82 8.20
CA TYR E 63 47.16 -22.94 6.98
C TYR E 63 45.89 -23.71 7.33
N VAL E 64 44.74 -23.16 6.96
CA VAL E 64 43.46 -23.78 7.23
C VAL E 64 42.82 -24.06 5.90
N ASP E 65 42.43 -25.32 5.68
CA ASP E 65 41.72 -25.67 4.46
C ASP E 65 40.27 -25.29 4.69
N VAL E 66 39.95 -24.10 4.23
CA VAL E 66 38.69 -23.46 4.45
C VAL E 66 37.50 -24.29 3.90
N VAL E 67 37.70 -24.98 2.78
CA VAL E 67 36.65 -25.78 2.19
C VAL E 67 36.38 -27.04 3.03
N LYS E 68 37.45 -27.73 3.40
CA LYS E 68 37.34 -28.90 4.25
C LYS E 68 36.64 -28.56 5.56
N THR E 69 36.94 -27.37 6.10
CA THR E 69 36.39 -26.93 7.37
C THR E 69 34.89 -26.64 7.26
N ALA E 70 34.50 -25.96 6.21
CA ALA E 70 33.10 -25.71 5.97
C ALA E 70 32.34 -27.02 5.86
N TRP E 71 32.92 -28.01 5.23
CA TRP E 71 32.27 -29.31 5.09
C TRP E 71 32.11 -30.04 6.42
N GLU E 72 33.09 -29.95 7.31
CA GLU E 72 32.98 -30.52 8.66
C GLU E 72 31.73 -30.06 9.37
N ILE E 73 31.39 -28.81 9.21
CA ILE E 73 30.20 -28.28 9.82
C ILE E 73 28.93 -28.62 9.05
N ILE E 74 28.99 -28.61 7.74
CA ILE E 74 27.84 -28.77 6.85
C ILE E 74 27.40 -30.24 6.66
N LYS E 75 28.34 -31.16 6.66
CA LYS E 75 28.04 -32.60 6.45
C LYS E 75 27.12 -33.20 7.51
N PRO E 76 27.40 -32.98 8.79
CA PRO E 76 26.43 -33.46 9.78
C PRO E 76 25.02 -32.88 9.65
N LEU E 77 24.86 -31.73 9.04
CA LEU E 77 23.51 -31.19 8.83
C LEU E 77 22.79 -31.87 7.67
N GLY E 78 23.53 -32.57 6.81
CA GLY E 78 22.97 -33.35 5.71
C GLY E 78 23.36 -32.88 4.30
N TYR E 79 24.27 -31.90 4.19
CA TYR E 79 24.68 -31.41 2.92
C TYR E 79 25.90 -32.17 2.41
N ASP E 80 26.14 -32.09 1.10
CA ASP E 80 27.27 -32.74 0.49
C ASP E 80 28.16 -31.72 -0.21
N GLU E 81 29.19 -32.23 -0.84
CA GLU E 81 30.28 -31.43 -1.36
C GLU E 81 29.88 -30.65 -2.62
N ASN E 82 28.74 -31.00 -3.26
CA ASN E 82 28.26 -30.26 -4.41
C ASN E 82 27.20 -29.22 -4.10
N ASP E 83 26.71 -29.14 -2.88
CA ASP E 83 25.67 -28.16 -2.51
C ASP E 83 26.06 -26.67 -2.56
N PHE E 84 27.29 -26.32 -2.24
CA PHE E 84 27.67 -24.92 -2.16
C PHE E 84 28.92 -24.56 -2.90
N THR E 85 28.84 -23.47 -3.63
CA THR E 85 29.99 -22.78 -4.13
C THR E 85 30.68 -22.16 -2.98
N ILE E 86 31.97 -22.45 -2.78
CA ILE E 86 32.71 -21.83 -1.71
C ILE E 86 33.67 -20.76 -2.19
N ILE E 87 33.57 -19.58 -1.59
CA ILE E 87 34.45 -18.45 -1.89
C ILE E 87 35.35 -18.22 -0.70
N SER E 88 36.65 -18.05 -0.91
CA SER E 88 37.58 -17.78 0.17
C SER E 88 38.25 -16.43 -0.09
N ASN E 89 37.93 -15.43 0.74
CA ASN E 89 38.49 -14.09 0.61
C ASN E 89 39.16 -13.65 1.88
N VAL E 90 40.29 -14.25 2.19
CA VAL E 90 40.96 -14.02 3.46
C VAL E 90 41.95 -12.90 3.26
N ASN E 91 41.76 -11.81 3.95
CA ASN E 91 42.48 -10.55 3.70
C ASN E 91 43.79 -10.23 4.48
N LYS E 92 44.21 -10.84 5.55
CA LYS E 92 45.34 -10.22 6.29
C LYS E 92 44.92 -9.09 7.24
N GLN E 93 45.35 -9.18 8.51
CA GLN E 93 45.04 -8.13 9.46
C GLN E 93 45.78 -6.87 9.08
N SER E 94 45.13 -5.74 9.30
CA SER E 94 45.71 -4.44 9.04
C SER E 94 46.92 -4.20 9.93
N VAL E 95 48.03 -3.82 9.32
CA VAL E 95 49.23 -3.49 10.08
C VAL E 95 49.04 -2.30 10.99
N ASP E 96 48.14 -1.41 10.65
CA ASP E 96 47.84 -0.27 11.50
C ASP E 96 47.09 -0.69 12.76
N ILE E 97 46.26 -1.72 12.66
CA ILE E 97 45.65 -2.32 13.83
C ILE E 97 46.67 -3.11 14.61
N ALA E 98 47.49 -3.91 13.94
CA ALA E 98 48.43 -4.79 14.63
C ALA E 98 49.43 -4.08 15.52
N GLN E 99 49.95 -2.95 15.03
CA GLN E 99 50.92 -2.16 15.82
C GLN E 99 50.29 -1.67 17.11
N SER E 100 49.02 -1.31 17.07
CA SER E 100 48.30 -0.87 18.24
C SER E 100 47.98 -1.99 19.27
N VAL E 101 47.67 -3.19 18.80
CA VAL E 101 47.33 -4.31 19.68
C VAL E 101 48.60 -4.93 20.24
N ASP E 102 49.59 -5.16 19.38
CA ASP E 102 50.84 -5.81 19.79
C ASP E 102 51.83 -4.72 20.20
N LYS E 103 51.85 -4.45 21.50
CA LYS E 103 52.63 -3.36 22.04
C LYS E 103 54.12 -3.69 21.97
N THR E 104 54.96 -2.65 21.89
CA THR E 104 56.42 -2.82 21.98
C THR E 104 56.77 -3.56 23.26
N ASN E 105 56.29 -3.05 24.39
CA ASN E 105 56.26 -3.79 25.64
C ASN E 105 55.48 -5.08 25.44
N LYS E 106 56.18 -6.20 25.35
CA LYS E 106 55.53 -7.49 25.14
C LYS E 106 54.72 -7.99 26.34
N ASN E 107 54.70 -7.22 27.44
CA ASN E 107 53.89 -7.58 28.60
C ASN E 107 52.45 -7.10 28.47
N LEU E 108 52.09 -6.30 27.50
CA LEU E 108 50.73 -5.77 27.40
C LEU E 108 50.14 -5.99 26.03
N ILE E 109 48.85 -6.23 25.96
CA ILE E 109 48.15 -6.31 24.68
C ILE E 109 47.16 -5.14 24.75
N GLY E 110 47.15 -4.27 23.74
CA GLY E 110 46.11 -3.28 23.59
C GLY E 110 44.82 -3.86 23.07
N ALA E 111 43.71 -3.20 23.33
CA ALA E 111 42.41 -3.75 22.94
C ALA E 111 42.29 -3.84 21.45
N GLY E 112 41.75 -4.95 20.98
CA GLY E 112 41.58 -5.16 19.54
C GLY E 112 40.68 -4.15 18.85
N ASP E 113 39.80 -3.53 19.61
CA ASP E 113 38.88 -2.53 19.08
C ASP E 113 38.25 -1.79 20.29
N GLN E 114 37.64 -0.64 20.03
CA GLN E 114 36.73 -0.03 20.96
C GLN E 114 35.45 -0.85 21.06
N GLY E 115 34.67 -0.54 22.09
CA GLY E 115 33.35 -1.13 22.26
C GLY E 115 32.97 -1.31 23.69
N ILE E 116 31.82 -1.93 23.87
CA ILE E 116 31.16 -2.03 25.15
C ILE E 116 30.69 -3.46 25.27
N VAL E 117 30.92 -4.08 26.40
CA VAL E 117 30.50 -5.48 26.64
C VAL E 117 29.68 -5.54 27.92
N PHE E 118 28.92 -6.61 28.07
CA PHE E 118 28.11 -6.79 29.26
C PHE E 118 28.28 -8.23 29.72
N GLY E 119 28.60 -8.40 31.00
CA GLY E 119 28.53 -9.72 31.63
C GLY E 119 27.23 -9.72 32.40
N TYR E 120 26.66 -10.87 32.58
CA TYR E 120 25.44 -10.96 33.34
C TYR E 120 25.30 -12.33 33.97
N ALA E 121 24.68 -12.33 35.15
CA ALA E 121 24.40 -13.57 35.85
C ALA E 121 23.21 -13.36 36.76
N CYS E 122 22.54 -14.45 37.08
CA CYS E 122 21.41 -14.39 38.03
C CYS E 122 21.24 -15.75 38.70
N ASP E 123 20.43 -15.81 39.75
CA ASP E 123 20.31 -17.09 40.50
C ASP E 123 19.20 -18.05 40.11
N GLU E 124 18.50 -17.79 38.99
CA GLU E 124 17.30 -18.55 38.63
C GLU E 124 17.53 -20.00 38.20
N THR E 125 18.75 -20.34 37.77
CA THR E 125 19.05 -21.66 37.26
C THR E 125 20.42 -22.14 37.77
N PRO E 126 20.65 -23.46 37.81
CA PRO E 126 21.99 -23.97 38.16
C PRO E 126 23.10 -23.39 37.31
N GLN E 127 22.80 -23.07 36.05
CA GLN E 127 23.73 -22.41 35.12
C GLN E 127 23.97 -20.91 35.41
N TYR E 128 23.21 -20.33 36.32
CA TYR E 128 23.24 -18.89 36.64
C TYR E 128 22.86 -18.03 35.44
N MET E 129 21.82 -18.47 34.73
CA MET E 129 21.36 -17.86 33.48
C MET E 129 19.84 -17.66 33.59
N PRO E 130 19.28 -16.71 32.82
CA PRO E 130 17.84 -16.56 32.74
C PRO E 130 17.16 -17.85 32.31
N LEU E 131 16.04 -18.18 32.96
CA LEU E 131 15.34 -19.42 32.69
C LEU E 131 14.84 -19.53 31.25
N THR E 132 14.50 -18.40 30.65
CA THR E 132 13.98 -18.38 29.32
C THR E 132 15.03 -18.89 28.27
N SER E 133 16.25 -18.39 28.41
CA SER E 133 17.38 -18.79 27.61
C SER E 133 17.68 -20.27 27.77
N VAL E 134 17.76 -20.73 29.01
CA VAL E 134 18.16 -22.08 29.29
C VAL E 134 17.15 -23.03 28.66
N LEU E 135 15.86 -22.77 28.86
CA LEU E 135 14.85 -23.65 28.29
C LEU E 135 14.85 -23.64 26.76
N ALA E 136 15.04 -22.46 26.18
CA ALA E 136 15.09 -22.35 24.71
C ALA E 136 16.23 -23.19 24.09
N HIS E 137 17.39 -23.13 24.72
CA HIS E 137 18.54 -23.88 24.26
C HIS E 137 18.36 -25.38 24.51
N GLU E 138 17.85 -25.75 25.69
CA GLU E 138 17.73 -27.17 26.03
C GLU E 138 16.80 -27.88 25.06
N LEU E 139 15.71 -27.19 24.73
CA LEU E 139 14.73 -27.67 23.77
C LEU E 139 15.37 -28.09 22.45
N LEU E 140 16.18 -27.20 21.89
CA LEU E 140 16.80 -27.47 20.60
C LEU E 140 17.91 -28.52 20.67
N LYS E 141 18.69 -28.52 21.76
CA LYS E 141 19.72 -29.55 21.99
C LYS E 141 19.12 -30.91 21.99
N GLU E 142 17.99 -31.04 22.67
CA GLU E 142 17.33 -32.32 22.82
C GLU E 142 16.75 -32.77 21.50
N ILE E 143 16.21 -31.83 20.71
CA ILE E 143 15.73 -32.20 19.38
C ILE E 143 16.90 -32.65 18.47
N GLU E 144 17.98 -31.89 18.45
CA GLU E 144 19.14 -32.24 17.64
C GLU E 144 19.74 -33.56 18.08
N ARG E 145 19.82 -33.81 19.37
CA ARG E 145 20.39 -35.08 19.84
C ARG E 145 19.53 -36.27 19.36
N GLN E 146 18.21 -36.11 19.46
CA GLN E 146 17.28 -37.13 18.99
C GLN E 146 17.31 -37.32 17.45
N ARG E 147 17.56 -36.24 16.74
CA ARG E 147 17.74 -36.31 15.30
C ARG E 147 18.93 -37.17 14.94
N ARG E 148 20.07 -36.93 15.60
CA ARG E 148 21.30 -37.70 15.35
C ARG E 148 21.23 -39.14 15.82
N SER E 149 20.57 -39.38 16.95
CA SER E 149 20.32 -40.75 17.44
C SER E 149 19.27 -41.49 16.61
N LYS E 150 18.49 -40.73 15.82
CA LYS E 150 17.40 -41.24 14.98
C LYS E 150 16.14 -41.61 15.77
N GLU E 151 16.06 -41.11 17.00
CA GLU E 151 14.84 -41.23 17.81
C GLU E 151 13.73 -40.35 17.27
N PHE E 152 14.09 -39.22 16.66
CA PHE E 152 13.13 -38.28 16.06
C PHE E 152 13.46 -38.32 14.58
N ILE E 153 12.56 -38.82 13.75
CA ILE E 153 12.89 -38.96 12.32
C ILE E 153 12.15 -37.94 11.46
N LYS E 154 12.63 -37.85 10.23
CA LYS E 154 12.04 -37.01 9.20
C LYS E 154 12.03 -35.52 9.53
N ILE E 155 13.11 -35.11 10.19
CA ILE E 155 13.37 -33.73 10.45
C ILE E 155 14.78 -33.40 10.00
N GLN E 156 15.02 -32.12 9.78
CA GLN E 156 16.29 -31.59 9.36
C GLN E 156 16.81 -30.69 10.46
N ALA E 157 18.06 -30.30 10.37
CA ALA E 157 18.77 -29.56 11.40
C ALA E 157 18.36 -28.08 11.59
N ASP E 158 17.71 -27.45 10.60
CA ASP E 158 17.33 -26.05 10.76
C ASP E 158 16.11 -25.99 11.68
N MET E 159 16.17 -25.15 12.71
CA MET E 159 15.12 -25.05 13.75
C MET E 159 15.27 -23.85 14.64
N LYS E 160 14.14 -23.41 15.17
CA LYS E 160 14.11 -22.33 16.17
C LYS E 160 13.23 -22.69 17.36
N SER E 161 13.49 -22.03 18.48
CA SER E 161 12.64 -22.09 19.67
C SER E 161 12.46 -20.73 20.27
N GLN E 162 11.36 -20.57 20.97
CA GLN E 162 11.04 -19.31 21.66
C GLN E 162 10.29 -19.70 22.93
N VAL E 163 10.75 -19.25 24.07
CA VAL E 163 10.13 -19.62 25.33
C VAL E 163 9.72 -18.40 26.11
N SER E 164 8.42 -18.31 26.38
CA SER E 164 7.85 -17.23 27.19
C SER E 164 7.60 -17.73 28.61
N ILE E 165 8.06 -16.99 29.59
CA ILE E 165 7.87 -17.40 30.99
C ILE E 165 7.23 -16.29 31.78
N ASP E 166 6.28 -16.71 32.62
CA ASP E 166 5.49 -15.80 33.46
C ASP E 166 6.16 -15.55 34.80
N TYR E 167 6.54 -14.31 35.08
CA TYR E 167 7.24 -13.94 36.30
C TYR E 167 6.39 -13.09 37.28
N SER E 168 5.07 -13.14 37.15
CA SER E 168 4.13 -12.89 38.27
C SER E 168 4.38 -14.03 39.29
N ASN E 169 4.12 -13.75 40.55
CA ASN E 169 4.37 -14.57 41.69
C ASN E 169 5.78 -15.09 41.81
N SER E 170 6.10 -15.55 43.00
CA SER E 170 7.50 -15.90 43.35
C SER E 170 8.02 -17.08 42.54
N THR E 171 7.14 -18.01 42.20
CA THR E 171 7.49 -19.17 41.43
C THR E 171 7.16 -18.90 39.94
N PRO E 172 8.17 -19.11 39.05
CA PRO E 172 7.93 -18.89 37.63
C PRO E 172 7.05 -19.95 36.98
N LEU E 173 6.23 -19.53 36.02
CA LEU E 173 5.42 -20.43 35.22
C LEU E 173 5.81 -20.30 33.74
N ILE E 174 5.89 -21.42 33.01
CA ILE E 174 6.04 -21.37 31.57
C ILE E 174 4.71 -20.93 30.99
N GLU E 175 4.73 -19.88 30.19
CA GLU E 175 3.53 -19.40 29.53
C GLU E 175 3.39 -20.16 28.23
N THR E 176 4.41 -20.02 27.38
CA THR E 176 4.40 -20.61 26.05
C THR E 176 5.77 -21.19 25.71
N MET E 177 5.77 -22.41 25.14
CA MET E 177 6.93 -22.96 24.45
C MET E 177 6.61 -23.07 22.97
N LEU E 178 7.49 -22.50 22.16
CA LEU E 178 7.32 -22.47 20.71
C LEU E 178 8.49 -23.12 20.07
N VAL E 179 8.20 -23.90 19.03
CA VAL E 179 9.24 -24.57 18.25
C VAL E 179 8.85 -24.61 16.78
N SER E 180 9.78 -24.22 15.91
CA SER E 180 9.69 -24.47 14.48
C SER E 180 10.88 -25.35 14.08
N ILE E 181 10.58 -26.52 13.54
CA ILE E 181 11.61 -27.44 13.01
C ILE E 181 11.34 -27.73 11.54
N GLN E 182 12.40 -27.70 10.75
CA GLN E 182 12.36 -28.11 9.34
C GLN E 182 12.13 -29.62 9.22
N HIS E 183 11.12 -29.99 8.42
CA HIS E 183 10.73 -31.38 8.27
C HIS E 183 10.77 -31.86 6.82
N ASP E 184 10.80 -33.17 6.66
CA ASP E 184 10.71 -33.79 5.35
C ASP E 184 9.31 -33.64 4.82
N GLU E 185 9.21 -33.73 3.51
CA GLU E 185 7.93 -33.58 2.82
C GLU E 185 6.97 -34.66 3.24
N ASP E 186 7.48 -35.89 3.40
CA ASP E 186 6.67 -37.05 3.75
C ASP E 186 6.57 -37.35 5.24
N TYR E 187 6.66 -36.31 6.07
CA TYR E 187 6.60 -36.47 7.51
C TYR E 187 5.15 -36.75 7.91
N ASP E 188 5.00 -37.18 9.15
CA ASP E 188 3.71 -37.49 9.76
C ASP E 188 3.50 -36.43 10.83
N VAL E 189 2.52 -35.56 10.65
CA VAL E 189 2.33 -34.41 11.53
C VAL E 189 2.03 -34.86 12.96
N GLU E 190 1.21 -35.91 13.07
CA GLU E 190 0.81 -36.43 14.38
C GLU E 190 2.05 -36.92 15.13
N TYR E 191 2.89 -37.69 14.45
CA TYR E 191 4.14 -38.16 15.03
C TYR E 191 5.01 -36.99 15.49
N PHE E 192 5.16 -36.03 14.59
CA PHE E 192 5.96 -34.81 14.79
C PHE E 192 5.48 -33.99 15.97
N ASN E 193 4.17 -33.76 16.06
CA ASN E 193 3.57 -33.00 17.16
C ASN E 193 3.69 -33.72 18.53
N LYS E 194 3.48 -35.02 18.57
CA LYS E 194 3.62 -35.82 19.81
C LYS E 194 5.10 -35.88 20.28
N LYS E 195 6.00 -35.94 19.32
CA LYS E 195 7.41 -35.98 19.62
C LYS E 195 7.87 -34.72 20.25
N VAL E 196 7.53 -33.58 19.64
CA VAL E 196 7.90 -32.26 20.19
C VAL E 196 7.31 -32.01 21.57
N SER E 197 6.02 -32.32 21.73
CA SER E 197 5.33 -32.17 23.01
C SER E 197 5.98 -32.93 24.14
N ALA E 198 6.34 -34.17 23.86
CA ALA E 198 7.02 -35.01 24.84
C ALA E 198 8.33 -34.36 25.27
N ILE E 199 9.06 -33.83 24.29
CA ILE E 199 10.31 -33.13 24.54
C ILE E 199 10.07 -31.82 25.30
N MET E 200 9.01 -31.10 24.98
CA MET E 200 8.68 -29.89 25.75
C MET E 200 8.40 -30.20 27.20
N GLU E 201 7.64 -31.25 27.47
CA GLU E 201 7.30 -31.64 28.84
C GLU E 201 8.53 -32.19 29.58
N GLN E 202 9.31 -33.01 28.93
CA GLN E 202 10.53 -33.50 29.54
C GLN E 202 11.46 -32.37 30.00
N ILE E 203 11.64 -31.35 29.17
CA ILE E 203 12.46 -30.17 29.52
C ILE E 203 11.85 -29.38 30.69
N ALA E 204 10.53 -29.25 30.71
CA ALA E 204 9.84 -28.60 31.83
C ALA E 204 9.96 -29.40 33.14
N LYS E 205 9.77 -30.71 33.06
CA LYS E 205 9.89 -31.57 34.24
C LYS E 205 11.32 -31.56 34.78
N LYS E 206 12.30 -31.54 33.90
CA LYS E 206 13.69 -31.52 34.32
C LYS E 206 14.01 -30.27 35.14
N TYR E 207 13.31 -29.15 34.92
CA TYR E 207 13.52 -27.93 35.73
C TYR E 207 12.43 -27.71 36.77
N ASN E 208 11.69 -28.78 37.08
CA ASN E 208 10.62 -28.77 38.06
C ASN E 208 9.56 -27.68 37.77
N LEU E 209 9.14 -27.58 36.52
CA LEU E 209 8.19 -26.53 36.12
C LEU E 209 6.85 -27.09 35.73
N ASN E 210 5.87 -26.19 35.58
CA ASN E 210 4.52 -26.56 35.18
C ASN E 210 4.53 -27.18 33.82
N THR E 211 3.55 -28.03 33.57
CA THR E 211 3.46 -28.81 32.34
C THR E 211 2.21 -28.44 31.49
N ASN E 212 1.47 -27.41 31.90
CA ASN E 212 0.18 -27.04 31.29
C ASN E 212 0.30 -25.85 30.28
N PHE E 213 1.52 -25.52 29.88
CA PHE E 213 1.78 -24.36 29.04
C PHE E 213 1.28 -24.58 27.62
N LYS E 214 1.01 -23.47 26.93
CA LYS E 214 0.63 -23.50 25.54
C LYS E 214 1.82 -23.89 24.66
N LYS E 215 1.55 -24.76 23.68
CA LYS E 215 2.59 -25.23 22.78
C LYS E 215 2.27 -24.74 21.38
N ILE E 216 3.22 -24.04 20.77
CA ILE E 216 3.11 -23.57 19.40
C ILE E 216 4.15 -24.37 18.58
N ILE E 217 3.67 -25.30 17.76
CA ILE E 217 4.53 -26.22 17.05
C ILE E 217 4.41 -26.01 15.54
N ASN E 218 5.43 -25.42 14.91
CA ASN E 218 5.42 -25.18 13.47
C ASN E 218 4.18 -24.37 13.08
N SER E 219 4.12 -23.13 13.59
CA SER E 219 3.02 -22.22 13.31
C SER E 219 2.90 -21.85 11.81
N SER E 220 4.00 -21.99 11.05
CA SER E 220 3.93 -21.81 9.59
C SER E 220 2.96 -22.78 8.87
N GLY E 221 2.81 -23.99 9.41
CA GLY E 221 2.09 -25.06 8.73
C GLY E 221 2.90 -25.91 7.77
N ARG E 222 4.04 -25.40 7.30
CA ARG E 222 4.89 -26.06 6.33
C ARG E 222 6.30 -25.49 6.43
N PHE E 223 7.31 -26.33 6.49
CA PHE E 223 8.69 -25.89 6.69
C PHE E 223 9.60 -27.01 6.13
N VAL E 224 9.55 -27.17 4.82
CA VAL E 224 10.36 -28.15 4.08
C VAL E 224 11.57 -27.48 3.46
N ILE E 225 11.38 -26.33 2.81
CA ILE E 225 12.51 -25.50 2.39
C ILE E 225 13.07 -24.85 3.64
N GLY E 226 14.36 -25.07 3.88
CA GLY E 226 15.10 -24.51 5.01
C GLY E 226 16.57 -24.39 4.76
N GLY E 227 17.40 -24.28 5.77
CA GLY E 227 18.79 -23.97 5.56
C GLY E 227 19.04 -22.64 4.84
N PRO E 228 20.27 -22.44 4.37
CA PRO E 228 20.58 -21.22 3.61
C PRO E 228 19.76 -21.03 2.34
N ILE E 229 19.15 -22.10 1.83
CA ILE E 229 18.22 -21.97 0.72
C ILE E 229 17.02 -21.10 1.12
N GLY E 230 16.46 -21.36 2.29
CA GLY E 230 15.32 -20.59 2.78
C GLY E 230 15.61 -19.16 3.27
N ASP E 231 16.81 -18.95 3.79
CA ASP E 231 17.13 -17.75 4.55
C ASP E 231 18.63 -17.65 4.62
N THR E 232 19.14 -16.46 4.34
CA THR E 232 20.57 -16.21 4.33
C THR E 232 21.12 -16.26 5.73
N GLY E 233 22.40 -16.59 5.85
CA GLY E 233 23.05 -16.62 7.12
C GLY E 233 24.26 -15.74 7.16
N LEU E 234 24.54 -15.13 8.31
CA LEU E 234 25.78 -14.38 8.43
C LEU E 234 26.36 -14.58 9.82
N THR E 235 27.68 -14.48 9.94
CA THR E 235 28.34 -14.53 11.23
C THR E 235 27.90 -13.34 12.07
N GLY E 236 27.69 -13.56 13.37
CA GLY E 236 27.42 -12.49 14.32
C GLY E 236 26.03 -11.93 14.22
N ARG E 237 25.05 -12.69 13.75
CA ARG E 237 23.65 -12.25 13.68
C ARG E 237 22.75 -13.00 14.65
N LYS E 238 23.38 -13.57 15.66
CA LYS E 238 22.63 -14.22 16.73
C LYS E 238 23.26 -13.84 18.09
N ILE E 239 23.57 -12.55 18.24
CA ILE E 239 24.40 -12.17 19.36
C ILE E 239 23.60 -12.25 20.65
N ILE E 240 22.28 -12.08 20.59
CA ILE E 240 21.42 -12.17 21.76
C ILE E 240 21.15 -13.64 22.16
N VAL E 241 20.97 -14.51 21.18
CA VAL E 241 20.89 -15.95 21.42
C VAL E 241 22.20 -16.49 22.00
N ASP E 242 23.30 -15.94 21.52
CA ASP E 242 24.64 -16.26 22.01
C ASP E 242 24.90 -15.87 23.46
N THR E 243 24.15 -14.89 23.95
CA THR E 243 24.40 -14.29 25.25
C THR E 243 23.26 -14.58 26.26
N TYR E 244 22.44 -13.58 26.59
CA TYR E 244 21.49 -13.70 27.69
C TYR E 244 20.02 -13.54 27.29
N GLY E 245 19.68 -13.81 26.02
CA GLY E 245 18.29 -13.93 25.61
C GLY E 245 17.45 -12.69 25.84
N GLY E 246 18.08 -11.51 25.75
CA GLY E 246 17.35 -10.25 25.87
C GLY E 246 17.06 -9.82 27.31
N VAL E 247 17.38 -10.68 28.28
CA VAL E 247 17.30 -10.30 29.67
C VAL E 247 18.45 -9.38 30.05
N GLY E 248 19.68 -9.74 29.68
CA GLY E 248 20.84 -8.87 29.91
C GLY E 248 20.93 -7.83 28.82
N HIS E 249 21.72 -6.79 29.00
CA HIS E 249 22.02 -5.85 27.92
C HIS E 249 23.12 -6.43 27.02
N HIS E 250 23.44 -5.69 25.96
CA HIS E 250 24.45 -6.09 24.98
C HIS E 250 25.00 -4.78 24.38
N GLY E 251 26.31 -4.68 24.23
CA GLY E 251 27.00 -3.52 23.65
C GLY E 251 27.18 -3.55 22.14
N GLY E 252 26.90 -4.71 21.55
CA GLY E 252 26.85 -4.84 20.10
C GLY E 252 27.81 -5.83 19.49
N GLY E 253 28.94 -6.11 20.10
CA GLY E 253 29.95 -6.95 19.50
C GLY E 253 29.61 -8.46 19.38
N ALA E 254 29.97 -9.05 18.25
CA ALA E 254 29.74 -10.49 18.05
C ALA E 254 30.92 -11.30 18.54
N PHE E 255 30.69 -12.60 18.75
CA PHE E 255 31.72 -13.48 19.24
C PHE E 255 32.48 -14.26 18.16
N SER E 256 31.75 -14.93 17.26
CA SER E 256 32.38 -16.03 16.50
C SER E 256 33.35 -15.54 15.41
N GLY E 257 34.40 -16.30 15.23
CA GLY E 257 35.43 -15.96 14.29
C GLY E 257 36.50 -15.02 14.82
N LYS E 258 36.41 -14.65 16.09
CA LYS E 258 37.35 -13.68 16.67
C LYS E 258 38.36 -14.28 17.64
N ASP E 259 39.62 -13.90 17.49
CA ASP E 259 40.64 -14.36 18.41
C ASP E 259 40.49 -13.54 19.70
N PRO E 260 41.17 -13.93 20.79
CA PRO E 260 40.92 -13.20 22.03
C PRO E 260 41.40 -11.76 22.10
N THR E 261 42.23 -11.28 21.17
CA THR E 261 42.58 -9.89 21.24
C THR E 261 41.38 -9.01 20.97
N LYS E 262 40.39 -9.53 20.27
CA LYS E 262 39.14 -8.83 20.06
C LYS E 262 38.36 -8.86 21.38
N VAL E 263 38.33 -7.72 22.07
CA VAL E 263 37.75 -7.68 23.41
C VAL E 263 36.27 -7.92 23.40
N ASP E 264 35.60 -7.66 22.27
CA ASP E 264 34.20 -8.03 22.12
C ASP E 264 33.96 -9.45 22.62
N ARG E 265 34.89 -10.36 22.35
CA ARG E 265 34.78 -11.72 22.88
C ARG E 265 35.40 -11.93 24.25
N SER E 266 36.69 -11.62 24.42
CA SER E 266 37.38 -11.96 25.68
C SER E 266 36.78 -11.16 26.87
N ALA E 267 36.57 -9.86 26.71
CA ALA E 267 36.00 -9.05 27.76
C ALA E 267 34.59 -9.47 28.13
N SER E 268 33.81 -9.90 27.15
CA SER E 268 32.48 -10.45 27.46
C SER E 268 32.54 -11.72 28.31
N TYR E 269 33.48 -12.60 28.01
CA TYR E 269 33.67 -13.80 28.83
C TYR E 269 34.17 -13.46 30.24
N PHE E 270 35.02 -12.44 30.31
CA PHE E 270 35.56 -11.92 31.56
C PHE E 270 34.47 -11.33 32.41
N ALA E 271 33.61 -10.52 31.78
CA ALA E 271 32.50 -9.90 32.50
C ALA E 271 31.52 -10.95 33.00
N ARG E 272 31.20 -11.95 32.18
CA ARG E 272 30.39 -13.10 32.64
C ARG E 272 31.03 -13.84 33.83
N TRP E 273 32.33 -14.01 33.75
CA TRP E 273 33.08 -14.64 34.82
C TRP E 273 32.90 -13.88 36.16
N ILE E 274 33.09 -12.58 36.09
CA ILE E 274 32.91 -11.75 37.26
C ILE E 274 31.47 -11.84 37.77
N ALA E 275 30.54 -11.49 36.92
CA ALA E 275 29.14 -11.49 37.28
C ALA E 275 28.69 -12.80 37.85
N LYS E 276 29.07 -13.90 37.20
CA LYS E 276 28.65 -15.21 37.68
C LYS E 276 29.18 -15.51 39.08
N ASN E 277 30.46 -15.25 39.32
CA ASN E 277 31.03 -15.44 40.63
C ASN E 277 30.38 -14.51 41.71
N VAL E 278 30.13 -13.25 41.36
CA VAL E 278 29.40 -12.35 42.25
C VAL E 278 28.07 -12.95 42.70
N VAL E 279 27.32 -13.58 41.81
CA VAL E 279 26.05 -14.17 42.21
C VAL E 279 26.28 -15.43 43.01
N ALA E 280 27.17 -16.30 42.56
CA ALA E 280 27.47 -17.51 43.31
C ALA E 280 28.01 -17.22 44.73
N ALA E 281 28.70 -16.09 44.92
CA ALA E 281 29.16 -15.67 46.25
C ALA E 281 28.05 -15.11 47.13
N LYS E 282 26.84 -15.01 46.57
CA LYS E 282 25.67 -14.49 47.25
C LYS E 282 25.80 -13.03 47.72
N LEU E 283 26.52 -12.23 46.92
CA LEU E 283 26.58 -10.78 47.11
C LEU E 283 25.40 -10.15 46.42
N ALA E 284 24.83 -10.83 45.44
CA ALA E 284 23.63 -10.37 44.76
C ALA E 284 22.89 -11.49 44.11
N LYS E 285 21.59 -11.31 43.90
CA LYS E 285 20.77 -12.29 43.15
C LYS E 285 20.97 -12.12 41.66
N GLN E 286 21.21 -10.89 41.20
CA GLN E 286 21.53 -10.61 39.79
C GLN E 286 22.66 -9.62 39.70
N CYS E 287 23.49 -9.72 38.67
CA CYS E 287 24.60 -8.84 38.50
C CYS E 287 24.88 -8.63 37.02
N GLU E 288 25.12 -7.38 36.64
CA GLU E 288 25.44 -7.02 35.30
C GLU E 288 26.62 -6.12 35.30
N ILE E 289 27.64 -6.43 34.49
CA ILE E 289 28.87 -5.66 34.47
C ILE E 289 29.07 -5.13 33.09
N GLN E 290 29.35 -3.83 32.99
CA GLN E 290 29.54 -3.16 31.69
C GLN E 290 30.97 -2.66 31.68
N LEU E 291 31.73 -3.06 30.68
CA LEU E 291 33.09 -2.60 30.50
C LEU E 291 33.19 -1.97 29.14
N ALA E 292 33.94 -0.88 29.04
CA ALA E 292 34.18 -0.23 27.76
C ALA E 292 35.66 -0.19 27.45
N PHE E 293 35.99 -0.26 26.17
CA PHE E 293 37.39 -0.31 25.76
C PHE E 293 37.74 0.70 24.68
N ALA E 294 39.02 1.00 24.58
CA ALA E 294 39.53 1.89 23.55
C ALA E 294 40.63 1.15 22.80
N ILE E 295 40.64 1.22 21.48
CA ILE E 295 41.61 0.47 20.69
C ILE E 295 43.06 0.83 21.06
N GLY E 296 43.84 -0.18 21.37
CA GLY E 296 45.22 0.00 21.77
C GLY E 296 45.44 0.23 23.25
N GLN E 297 44.39 0.45 24.03
CA GLN E 297 44.53 0.62 25.47
C GLN E 297 44.42 -0.71 26.20
N PRO E 298 45.37 -1.00 27.10
CA PRO E 298 45.41 -2.29 27.78
C PRO E 298 44.38 -2.58 28.85
N GLN E 299 43.70 -1.54 29.32
CA GLN E 299 42.66 -1.69 30.37
C GLN E 299 41.37 -1.04 29.98
N PRO E 300 40.26 -1.45 30.65
CA PRO E 300 38.97 -0.84 30.34
C PRO E 300 39.03 0.66 30.53
N VAL E 301 38.28 1.35 29.71
CA VAL E 301 38.20 2.78 29.76
C VAL E 301 37.11 3.22 30.73
N ALA E 302 36.14 2.35 31.00
CA ALA E 302 35.04 2.65 31.90
C ALA E 302 34.46 1.35 32.43
N MET E 303 33.78 1.43 33.57
CA MET E 303 33.22 0.24 34.24
C MET E 303 31.97 0.59 35.02
N TYR E 304 30.96 -0.26 34.97
CA TYR E 304 29.76 -0.09 35.73
C TYR E 304 29.20 -1.42 36.20
N VAL E 305 28.98 -1.53 37.53
CA VAL E 305 28.30 -2.69 38.11
C VAL E 305 26.89 -2.32 38.49
N ASN E 306 25.96 -3.17 38.09
CA ASN E 306 24.56 -3.00 38.43
C ASN E 306 24.09 -4.31 39.03
N THR E 307 23.62 -4.24 40.27
CA THR E 307 23.06 -5.40 41.01
C THR E 307 21.63 -4.82 41.11
N PHE E 308 20.54 -5.38 40.75
CA PHE E 308 19.37 -4.57 40.34
C PHE E 308 18.55 -4.40 41.64
N ASN E 309 19.12 -3.80 42.65
CA ASN E 309 18.63 -3.75 44.00
C ASN E 309 18.44 -5.14 44.63
N THR E 310 19.29 -6.08 44.22
CA THR E 310 19.31 -7.40 44.81
C THR E 310 20.61 -7.60 45.57
N ASN E 311 21.40 -6.53 45.76
CA ASN E 311 22.63 -6.64 46.51
C ASN E 311 22.39 -6.99 47.99
N LEU E 312 23.10 -7.99 48.49
CA LEU E 312 23.06 -8.32 49.91
C LEU E 312 23.98 -7.45 50.77
N ILE E 313 25.09 -7.01 50.22
CA ILE E 313 26.19 -6.51 51.14
C ILE E 313 26.55 -4.97 51.11
N ASP E 314 25.80 -4.19 50.38
CA ASP E 314 26.12 -2.82 50.09
C ASP E 314 26.99 -2.79 48.85
N GLU E 315 26.44 -2.04 47.87
CA GLU E 315 27.01 -1.90 46.53
C GLU E 315 28.45 -1.49 46.55
N THR E 316 28.79 -0.57 47.46
CA THR E 316 30.15 -0.07 47.53
C THR E 316 31.16 -1.19 47.80
N LYS E 317 30.76 -2.12 48.67
CA LYS E 317 31.64 -3.22 49.03
C LYS E 317 31.70 -4.28 47.90
N ILE E 318 30.64 -4.41 47.11
CA ILE E 318 30.64 -5.28 45.93
C ILE E 318 31.61 -4.79 44.86
N PHE E 319 31.51 -3.50 44.49
CA PHE E 319 32.42 -2.87 43.56
C PHE E 319 33.86 -3.04 44.01
N GLU E 320 34.08 -2.84 45.32
CA GLU E 320 35.41 -2.88 45.88
C GLU E 320 35.99 -4.30 45.89
N ALA E 321 35.13 -5.31 46.07
CA ALA E 321 35.59 -6.72 46.08
C ALA E 321 36.00 -7.17 44.71
N ILE E 322 35.14 -6.83 43.73
CA ILE E 322 35.48 -7.04 42.31
C ILE E 322 36.62 -6.02 42.34
N LYS E 323 37.48 -5.80 41.42
CA LYS E 323 38.53 -4.79 41.60
C LYS E 323 39.58 -5.35 42.48
N LYS E 324 39.43 -5.82 43.72
CA LYS E 324 40.54 -6.53 44.41
C LYS E 324 40.64 -8.00 44.03
N SER E 325 39.56 -8.56 43.47
CA SER E 325 39.57 -9.97 43.10
C SER E 325 39.93 -10.25 41.63
N PHE E 326 39.93 -9.24 40.78
CA PHE E 326 40.10 -9.46 39.34
C PHE E 326 41.14 -8.52 38.78
N ASN E 327 41.99 -9.02 37.91
CA ASN E 327 42.92 -8.22 37.15
C ASN E 327 42.30 -7.84 35.82
N PHE E 328 42.21 -6.55 35.57
CA PHE E 328 41.49 -5.95 34.43
C PHE E 328 42.40 -5.66 33.24
N ASP E 329 43.69 -5.93 33.38
CA ASP E 329 44.60 -5.91 32.24
C ASP E 329 44.16 -6.97 31.22
N ILE E 330 44.07 -6.57 29.94
CA ILE E 330 43.53 -7.45 28.91
C ILE E 330 44.38 -8.71 28.71
N LYS E 331 45.68 -8.54 28.59
CA LYS E 331 46.57 -9.68 28.46
C LYS E 331 46.45 -10.65 29.63
N THR E 332 46.34 -10.08 30.83
CA THR E 332 46.18 -10.88 32.01
C THR E 332 44.86 -11.68 32.05
N PHE E 333 43.71 -11.06 31.83
CA PHE E 333 42.47 -11.85 31.85
C PHE E 333 42.35 -12.84 30.72
N ILE E 334 42.96 -12.56 29.57
CA ILE E 334 43.03 -13.57 28.50
C ILE E 334 43.72 -14.82 28.99
N ASN E 335 44.88 -14.66 29.62
CA ASN E 335 45.66 -15.79 30.17
C ASN E 335 44.95 -16.45 31.34
N ASP E 336 44.38 -15.68 32.25
CA ASP E 336 43.60 -16.22 33.37
C ASP E 336 42.46 -17.11 32.91
N LEU E 337 41.82 -16.72 31.82
CA LEU E 337 40.77 -17.53 31.26
C LEU E 337 41.22 -18.56 30.22
N ASN E 338 42.52 -18.67 29.93
CA ASN E 338 43.04 -19.72 29.05
C ASN E 338 42.42 -19.61 27.64
N LEU E 339 42.28 -18.38 27.16
CA LEU E 339 41.52 -18.13 25.95
C LEU E 339 42.25 -18.53 24.66
N TRP E 340 43.59 -18.51 24.70
CA TRP E 340 44.38 -18.97 23.57
C TRP E 340 44.25 -20.48 23.31
N THR E 341 43.94 -21.26 24.35
CA THR E 341 43.83 -22.69 24.23
C THR E 341 42.41 -23.19 24.36
N THR E 342 41.43 -22.32 24.48
CA THR E 342 40.03 -22.77 24.53
C THR E 342 39.49 -23.05 23.14
N LYS E 343 38.68 -24.11 23.00
CA LYS E 343 37.97 -24.33 21.71
C LYS E 343 36.68 -23.52 21.66
N TYR E 344 36.45 -22.78 20.59
CA TYR E 344 35.25 -21.94 20.45
C TYR E 344 34.10 -22.56 19.63
N LEU E 345 34.34 -23.62 18.90
CA LEU E 345 33.26 -24.65 18.69
C LEU E 345 33.37 -25.30 20.21
N PRO E 346 32.51 -25.89 20.99
CA PRO E 346 31.09 -25.93 20.83
C PRO E 346 30.38 -24.79 21.40
N VAL E 347 30.94 -23.61 21.61
CA VAL E 347 30.07 -22.45 22.01
C VAL E 347 29.42 -21.66 20.86
N ALA E 348 29.80 -21.94 19.62
CA ALA E 348 29.12 -21.37 18.45
C ALA E 348 27.68 -21.87 18.26
N THR E 349 27.28 -22.89 19.00
CA THR E 349 25.88 -23.32 19.07
C THR E 349 25.45 -23.39 20.54
N TYR E 350 24.20 -22.98 20.79
CA TYR E 350 23.51 -23.13 22.10
C TYR E 350 24.02 -22.17 23.24
N GLY E 351 24.50 -21.02 22.85
CA GLY E 351 24.96 -20.02 23.77
C GLY E 351 26.37 -20.21 24.28
N HIS E 352 27.03 -19.12 24.59
CA HIS E 352 28.39 -19.10 25.13
C HIS E 352 28.41 -19.10 26.67
N PHE E 353 27.25 -18.98 27.30
CA PHE E 353 27.19 -18.86 28.75
C PHE E 353 26.28 -19.87 29.41
N GLY E 354 26.60 -20.17 30.66
CA GLY E 354 25.86 -21.18 31.41
C GLY E 354 25.80 -22.49 30.67
N ARG E 355 26.97 -23.04 30.41
CA ARG E 355 27.06 -24.27 29.67
C ARG E 355 27.56 -25.31 30.63
N ASP E 356 26.63 -25.95 31.33
CA ASP E 356 27.04 -26.99 32.30
C ASP E 356 27.42 -28.27 31.63
N ASP E 357 27.04 -28.40 30.38
CA ASP E 357 27.54 -29.42 29.46
C ASP E 357 28.98 -29.25 28.99
N LEU E 358 29.60 -28.11 29.23
CA LEU E 358 30.96 -27.81 28.80
C LEU E 358 31.77 -27.54 30.00
N ASP E 359 33.06 -27.27 29.82
CA ASP E 359 33.96 -26.89 30.90
C ASP E 359 34.58 -25.57 30.35
N LEU E 360 33.85 -24.48 30.50
CA LEU E 360 34.36 -23.22 30.07
C LEU E 360 35.04 -22.54 31.24
N SER E 361 36.15 -21.90 30.93
CA SER E 361 36.93 -21.19 31.91
C SER E 361 36.17 -20.06 32.61
N TRP E 362 35.35 -19.38 31.83
CA TRP E 362 34.58 -18.21 32.31
C TRP E 362 33.30 -18.58 33.05
N GLU E 363 32.96 -19.89 33.06
CA GLU E 363 31.87 -20.43 33.87
C GLU E 363 32.28 -20.98 35.23
N LYS E 364 33.58 -20.93 35.57
CA LYS E 364 34.08 -21.50 36.80
C LYS E 364 33.79 -20.64 38.00
N LEU E 365 33.32 -21.27 39.09
CA LEU E 365 33.04 -20.52 40.36
C LEU E 365 34.29 -20.49 41.28
N ASN E 366 35.40 -20.20 40.63
CA ASN E 366 36.76 -20.12 40.96
C ASN E 366 37.20 -18.90 41.70
N LYS E 367 36.28 -17.93 41.78
CA LYS E 367 36.54 -16.62 42.39
C LYS E 367 35.62 -16.30 43.55
N VAL E 368 34.77 -17.25 43.98
CA VAL E 368 33.80 -16.97 45.07
C VAL E 368 34.53 -16.65 46.38
N GLU E 369 35.55 -17.43 46.73
CA GLU E 369 36.25 -17.23 48.00
C GLU E 369 36.93 -15.90 48.05
N ASP E 370 37.58 -15.49 47.00
CA ASP E 370 38.26 -14.16 46.92
C ASP E 370 37.29 -13.01 47.02
N LEU E 371 36.13 -13.14 46.37
CA LEU E 371 35.09 -12.09 46.44
C LEU E 371 34.51 -11.94 47.85
N ILE E 372 34.14 -13.06 48.46
CA ILE E 372 33.69 -13.13 49.85
C ILE E 372 34.73 -12.49 50.75
N LYS E 373 35.93 -13.03 50.72
CA LYS E 373 37.04 -12.53 51.52
C LYS E 373 37.23 -11.03 51.35
N ASN E 374 37.18 -10.52 50.13
CA ASN E 374 37.43 -9.10 49.94
C ASN E 374 36.24 -8.17 50.22
N SER E 375 35.19 -8.60 50.92
CA SER E 375 34.14 -7.66 51.40
C SER E 375 33.92 -7.45 52.93
N LYS F 4 30.90 5.52 41.35
CA LYS F 4 30.79 6.41 40.10
C LYS F 4 30.20 5.60 38.86
N LYS F 5 29.12 6.08 38.29
CA LYS F 5 28.20 5.27 37.49
C LYS F 5 28.32 5.72 36.02
N ILE F 6 29.14 4.99 35.27
CA ILE F 6 29.54 5.40 33.93
C ILE F 6 28.86 4.49 32.93
N ILE F 7 28.03 5.06 32.08
CA ILE F 7 27.37 4.33 31.02
C ILE F 7 27.95 4.79 29.67
N THR F 8 28.12 3.84 28.75
CA THR F 8 28.83 4.10 27.49
C THR F 8 28.04 3.57 26.31
N SER F 9 27.98 4.33 25.23
CA SER F 9 27.40 3.86 23.95
C SER F 9 28.32 4.24 22.81
N GLU F 10 28.12 3.65 21.64
CA GLU F 10 29.01 3.92 20.49
C GLU F 10 28.23 4.26 19.27
N SER F 11 28.90 4.84 18.29
CA SER F 11 28.33 4.98 16.95
C SER F 11 29.40 4.72 15.88
N VAL F 12 28.96 4.51 14.65
CA VAL F 12 29.87 4.32 13.53
C VAL F 12 29.41 5.14 12.33
N GLY F 13 30.37 5.48 11.50
CA GLY F 13 30.15 6.39 10.41
C GLY F 13 29.58 5.79 9.16
N ALA F 14 29.32 6.63 8.18
CA ALA F 14 28.84 6.21 6.87
C ALA F 14 29.82 5.27 6.15
N GLY F 15 31.12 5.47 6.41
CA GLY F 15 32.18 4.72 5.79
C GLY F 15 32.55 3.43 6.48
N HIS F 16 31.99 3.20 7.66
CA HIS F 16 32.26 1.98 8.40
C HIS F 16 31.72 0.79 7.60
N PRO F 17 32.48 -0.31 7.50
CA PRO F 17 32.10 -1.42 6.67
C PRO F 17 30.78 -2.10 6.97
N ASP F 18 30.45 -2.26 8.25
CA ASP F 18 29.12 -2.78 8.63
C ASP F 18 27.98 -1.84 8.15
N LYS F 19 28.23 -0.54 8.22
CA LYS F 19 27.23 0.43 7.85
C LYS F 19 27.03 0.59 6.33
N ILE F 20 28.10 0.38 5.58
CA ILE F 20 28.02 0.32 4.13
C ILE F 20 27.03 -0.75 3.73
N CYS F 21 27.17 -1.95 4.33
CA CYS F 21 26.27 -3.05 4.03
C CYS F 21 24.83 -2.75 4.41
N ASP F 22 24.66 -2.13 5.58
CA ASP F 22 23.35 -1.66 6.01
C ASP F 22 22.77 -0.68 5.02
N GLN F 23 23.59 0.26 4.54
CA GLN F 23 23.15 1.26 3.53
C GLN F 23 22.73 0.62 2.24
N ILE F 24 23.57 -0.26 1.74
CA ILE F 24 23.29 -0.95 0.47
C ILE F 24 22.02 -1.77 0.61
N SER F 25 21.89 -2.47 1.74
CA SER F 25 20.71 -3.30 1.97
C SER F 25 19.44 -2.48 1.93
N ASP F 26 19.47 -1.32 2.57
CA ASP F 26 18.30 -0.48 2.61
C ASP F 26 18.09 0.31 1.35
N ALA F 27 19.18 0.67 0.67
CA ALA F 27 19.02 1.29 -0.65
C ALA F 27 18.33 0.33 -1.64
N ILE F 28 18.59 -0.97 -1.49
CA ILE F 28 18.02 -1.97 -2.37
C ILE F 28 16.54 -2.15 -2.04
N LEU F 29 16.27 -2.24 -0.75
CA LEU F 29 14.90 -2.31 -0.29
C LEU F 29 14.07 -1.14 -0.85
N ASP F 30 14.65 0.04 -0.76
CA ASP F 30 14.01 1.28 -1.19
C ASP F 30 13.62 1.23 -2.67
N GLU F 31 14.56 0.82 -3.51
CA GLU F 31 14.30 0.63 -4.92
C GLU F 31 13.18 -0.38 -5.18
N CYS F 32 13.20 -1.51 -4.48
CA CYS F 32 12.12 -2.49 -4.58
C CYS F 32 10.76 -1.95 -4.23
N LEU F 33 10.68 -1.33 -3.07
CA LEU F 33 9.40 -0.83 -2.58
C LEU F 33 8.90 0.31 -3.44
N SER F 34 9.83 1.12 -3.96
CA SER F 34 9.49 2.21 -4.85
C SER F 34 8.75 1.72 -6.12
N GLN F 35 9.18 0.56 -6.64
CA GLN F 35 8.55 -0.06 -7.79
C GLN F 35 7.40 -1.02 -7.46
N ASP F 36 7.49 -1.73 -6.33
CA ASP F 36 6.51 -2.75 -5.91
C ASP F 36 6.30 -2.66 -4.39
N GLN F 37 5.14 -2.17 -3.96
CA GLN F 37 4.86 -2.04 -2.53
C GLN F 37 4.41 -3.35 -1.87
N ASN F 38 4.29 -4.44 -2.65
CA ASN F 38 4.13 -5.77 -2.08
C ASN F 38 5.38 -6.62 -2.13
N SER F 39 6.53 -5.97 -2.29
CA SER F 39 7.82 -6.67 -2.27
C SER F 39 8.06 -7.39 -0.96
N ARG F 40 8.66 -8.56 -1.07
CA ARG F 40 9.22 -9.27 0.06
C ARG F 40 10.72 -9.20 -0.06
N VAL F 41 11.39 -8.60 0.90
CA VAL F 41 12.79 -8.28 0.74
C VAL F 41 13.50 -8.59 2.01
N ALA F 42 14.63 -9.28 1.89
CA ALA F 42 15.46 -9.69 3.00
C ALA F 42 16.89 -9.71 2.53
N CYS F 43 17.41 -8.54 2.25
CA CYS F 43 18.68 -8.36 1.58
C CYS F 43 19.83 -8.22 2.58
N GLU F 44 20.81 -9.09 2.47
CA GLU F 44 22.00 -9.08 3.32
C GLU F 44 23.20 -8.82 2.44
N VAL F 45 24.15 -8.05 2.94
CA VAL F 45 25.31 -7.65 2.18
C VAL F 45 26.59 -7.89 3.00
N LEU F 46 27.61 -8.39 2.31
CA LEU F 46 28.96 -8.57 2.83
C LEU F 46 29.90 -7.69 2.03
N ALA F 47 30.83 -7.00 2.69
CA ALA F 47 31.86 -6.24 2.03
C ALA F 47 33.19 -6.57 2.66
N CYS F 48 34.09 -7.19 1.94
CA CYS F 48 35.41 -7.50 2.48
C CYS F 48 36.42 -7.12 1.45
N ASN F 49 37.60 -6.72 1.86
CA ASN F 49 38.67 -6.42 0.93
C ASN F 49 38.21 -5.90 -0.48
N ARG F 50 38.28 -6.70 -1.49
CA ARG F 50 37.83 -6.17 -2.82
C ARG F 50 36.52 -6.76 -3.25
N LEU F 51 35.66 -7.15 -2.34
CA LEU F 51 34.52 -7.94 -2.73
C LEU F 51 33.25 -7.45 -2.00
N ILE F 52 32.14 -7.32 -2.71
CA ILE F 52 30.86 -6.99 -2.10
C ILE F 52 29.88 -8.01 -2.56
N VAL F 53 29.29 -8.76 -1.64
CA VAL F 53 28.33 -9.76 -1.97
C VAL F 53 26.99 -9.28 -1.54
N ILE F 54 26.02 -9.34 -2.44
CA ILE F 54 24.66 -8.88 -2.23
C ILE F 54 23.79 -10.09 -2.33
N ALA F 55 23.23 -10.52 -1.21
CA ALA F 55 22.51 -11.79 -1.14
C ALA F 55 21.19 -11.56 -0.43
N GLY F 56 20.49 -12.62 -0.14
CA GLY F 56 19.19 -12.46 0.47
C GLY F 56 18.08 -12.97 -0.41
N GLU F 57 16.88 -12.92 0.11
CA GLU F 57 15.70 -13.48 -0.52
C GLU F 57 14.78 -12.34 -0.89
N ILE F 58 14.37 -12.28 -2.15
CA ILE F 58 13.52 -11.21 -2.61
C ILE F 58 12.50 -11.78 -3.57
N THR F 59 11.23 -11.43 -3.39
CA THR F 59 10.21 -11.69 -4.38
C THR F 59 9.54 -10.37 -4.65
N THR F 60 9.56 -9.96 -5.90
CA THR F 60 9.19 -8.60 -6.29
C THR F 60 8.92 -8.49 -7.77
N HIS F 61 8.05 -7.58 -8.15
CA HIS F 61 7.84 -7.21 -9.54
C HIS F 61 8.90 -6.19 -9.99
N ALA F 62 9.63 -5.61 -9.06
CA ALA F 62 10.72 -4.71 -9.37
C ALA F 62 11.91 -5.37 -10.01
N TYR F 63 12.74 -4.58 -10.66
CA TYR F 63 14.13 -4.94 -10.97
C TYR F 63 14.99 -3.86 -10.37
N VAL F 64 15.99 -4.23 -9.60
CA VAL F 64 16.91 -3.28 -8.98
C VAL F 64 18.29 -3.57 -9.49
N ASP F 65 18.95 -2.56 -10.04
CA ASP F 65 20.31 -2.69 -10.50
C ASP F 65 21.23 -2.66 -9.33
N VAL F 66 21.54 -3.83 -8.85
CA VAL F 66 22.30 -4.03 -7.61
C VAL F 66 23.68 -3.40 -7.69
N VAL F 67 24.32 -3.41 -8.85
CA VAL F 67 25.64 -2.80 -8.99
C VAL F 67 25.57 -1.27 -8.92
N LYS F 68 24.63 -0.71 -9.66
CA LYS F 68 24.40 0.73 -9.64
C LYS F 68 24.10 1.20 -8.22
N THR F 69 23.34 0.40 -7.48
CA THR F 69 22.94 0.75 -6.12
C THR F 69 24.12 0.72 -5.15
N ALA F 70 24.93 -0.29 -5.25
CA ALA F 70 26.14 -0.38 -4.44
C ALA F 70 27.01 0.83 -4.68
N TRP F 71 27.12 1.26 -5.93
CA TRP F 71 27.93 2.42 -6.26
C TRP F 71 27.37 3.74 -5.70
N GLU F 72 26.05 3.91 -5.69
CA GLU F 72 25.41 5.06 -5.05
C GLU F 72 25.87 5.27 -3.65
N ILE F 73 26.00 4.19 -2.90
CA ILE F 73 26.44 4.25 -1.53
C ILE F 73 27.95 4.43 -1.40
N ILE F 74 28.69 3.76 -2.26
CA ILE F 74 30.17 3.70 -2.18
C ILE F 74 30.88 4.93 -2.75
N LYS F 75 30.32 5.54 -3.80
CA LYS F 75 30.93 6.73 -4.45
C LYS F 75 31.10 7.92 -3.53
N PRO F 76 30.06 8.31 -2.78
CA PRO F 76 30.27 9.39 -1.81
C PRO F 76 31.35 9.12 -0.76
N LEU F 77 31.63 7.86 -0.47
CA LEU F 77 32.69 7.55 0.50
C LEU F 77 34.08 7.70 -0.12
N GLY F 78 34.17 7.72 -1.45
CA GLY F 78 35.42 7.90 -2.17
C GLY F 78 35.89 6.76 -3.03
N TYR F 79 35.07 5.72 -3.19
CA TYR F 79 35.45 4.58 -4.01
C TYR F 79 34.95 4.76 -5.44
N ASP F 80 35.51 3.96 -6.35
CA ASP F 80 35.12 4.02 -7.75
C ASP F 80 34.70 2.65 -8.24
N GLU F 81 34.39 2.58 -9.51
CA GLU F 81 33.75 1.44 -10.13
C GLU F 81 34.69 0.24 -10.28
N ASN F 82 36.01 0.46 -10.16
CA ASN F 82 36.95 -0.64 -10.20
C ASN F 82 37.41 -1.18 -8.88
N ASP F 83 37.00 -0.57 -7.77
CA ASP F 83 37.41 -1.04 -6.42
C ASP F 83 36.87 -2.40 -5.98
N PHE F 84 35.66 -2.78 -6.39
CA PHE F 84 35.05 -3.99 -5.86
C PHE F 84 34.48 -4.90 -6.91
N THR F 85 34.77 -6.18 -6.74
CA THR F 85 34.07 -7.22 -7.40
C THR F 85 32.70 -7.29 -6.78
N ILE F 86 31.65 -7.20 -7.59
CA ILE F 86 30.30 -7.35 -7.06
C ILE F 86 29.69 -8.69 -7.39
N ILE F 87 29.17 -9.36 -6.35
CA ILE F 87 28.44 -10.61 -6.53
C ILE F 87 26.99 -10.36 -6.22
N SER F 88 26.09 -10.82 -7.08
CA SER F 88 24.65 -10.71 -6.83
C SER F 88 24.07 -12.11 -6.71
N ASN F 89 23.64 -12.50 -5.50
CA ASN F 89 23.05 -13.81 -5.27
C ASN F 89 21.66 -13.69 -4.69
N VAL F 90 20.72 -13.21 -5.48
CA VAL F 90 19.41 -12.87 -4.99
C VAL F 90 18.55 -14.08 -5.21
N ASN F 91 18.04 -14.64 -4.12
CA ASN F 91 17.29 -15.90 -4.15
C ASN F 91 15.86 -15.50 -3.93
N LYS F 92 14.83 -16.26 -4.18
CA LYS F 92 13.45 -15.67 -4.05
C LYS F 92 13.03 -16.01 -2.62
N GLN F 93 11.95 -15.41 -2.13
CA GLN F 93 11.42 -15.74 -0.82
C GLN F 93 10.86 -17.16 -0.88
N SER F 94 11.04 -17.89 0.22
CA SER F 94 10.56 -19.24 0.34
C SER F 94 9.04 -19.26 0.28
N VAL F 95 8.52 -20.12 -0.59
CA VAL F 95 7.06 -20.24 -0.73
C VAL F 95 6.41 -20.77 0.54
N ASP F 96 7.17 -21.55 1.32
CA ASP F 96 6.65 -22.04 2.59
C ASP F 96 6.49 -20.95 3.63
N ILE F 97 7.37 -19.95 3.58
CA ILE F 97 7.22 -18.76 4.39
C ILE F 97 6.12 -17.90 3.84
N ALA F 98 6.04 -17.71 2.55
CA ALA F 98 5.05 -16.79 1.94
C ALA F 98 3.61 -17.18 2.23
N GLN F 99 3.32 -18.48 2.19
CA GLN F 99 2.00 -18.99 2.53
C GLN F 99 1.56 -18.60 3.93
N SER F 100 2.49 -18.64 4.85
CA SER F 100 2.25 -18.27 6.25
C SER F 100 2.06 -16.77 6.48
N VAL F 101 2.82 -15.94 5.76
CA VAL F 101 2.75 -14.48 5.93
C VAL F 101 1.55 -13.91 5.18
N ASP F 102 1.34 -14.36 3.95
CA ASP F 102 0.19 -13.92 3.15
C ASP F 102 -1.00 -14.84 3.40
N LYS F 103 -1.82 -14.45 4.38
CA LYS F 103 -2.91 -15.25 4.83
C LYS F 103 -3.99 -15.41 3.82
N THR F 104 -4.73 -16.50 3.90
CA THR F 104 -5.93 -16.71 3.05
C THR F 104 -6.89 -15.55 3.24
N ASN F 105 -7.23 -15.28 4.49
CA ASN F 105 -7.88 -14.03 4.89
C ASN F 105 -6.98 -12.87 4.49
N LYS F 106 -7.34 -12.16 3.43
CA LYS F 106 -6.56 -11.05 2.95
C LYS F 106 -6.54 -9.81 3.89
N ASN F 107 -7.26 -9.89 5.02
CA ASN F 107 -7.29 -8.82 5.98
C ASN F 107 -6.12 -8.89 6.96
N LEU F 108 -5.36 -9.99 7.01
CA LEU F 108 -4.29 -10.15 7.96
C LEU F 108 -2.98 -10.49 7.29
N ILE F 109 -1.89 -10.03 7.89
CA ILE F 109 -0.56 -10.47 7.51
C ILE F 109 -0.04 -11.21 8.75
N GLY F 110 0.42 -12.45 8.56
CA GLY F 110 1.09 -13.20 9.61
C GLY F 110 2.52 -12.72 9.79
N ALA F 111 3.10 -12.94 10.96
CA ALA F 111 4.43 -12.42 11.23
C ALA F 111 5.46 -13.08 10.32
N GLY F 112 6.37 -12.28 9.80
CA GLY F 112 7.41 -12.78 8.91
C GLY F 112 8.31 -13.87 9.46
N ASP F 113 8.44 -13.88 10.78
CA ASP F 113 9.28 -14.81 11.52
C ASP F 113 8.90 -14.70 13.01
N GLN F 114 9.33 -15.68 13.81
CA GLN F 114 9.33 -15.53 15.25
C GLN F 114 10.41 -14.54 15.66
N GLY F 115 10.33 -14.13 16.92
CA GLY F 115 11.40 -13.30 17.52
C GLY F 115 10.86 -12.36 18.56
N ILE F 116 11.74 -11.52 19.03
CA ILE F 116 11.48 -10.64 20.14
C ILE F 116 12.03 -9.30 19.81
N VAL F 117 11.28 -8.25 20.08
CA VAL F 117 11.69 -6.86 19.76
C VAL F 117 11.59 -6.04 21.05
N PHE F 118 12.28 -4.92 21.07
CA PHE F 118 12.21 -4.02 22.22
C PHE F 118 12.08 -2.59 21.72
N GLY F 119 11.10 -1.88 22.22
CA GLY F 119 10.98 -0.43 22.01
C GLY F 119 11.49 0.18 23.28
N TYR F 120 12.05 1.37 23.18
CA TYR F 120 12.54 2.06 24.35
C TYR F 120 12.50 3.56 24.14
N ALA F 121 12.27 4.26 25.24
CA ALA F 121 12.28 5.70 25.26
C ALA F 121 12.59 6.19 26.65
N CYS F 122 13.13 7.40 26.72
CA CYS F 122 13.42 8.02 28.00
C CYS F 122 13.37 9.55 27.87
N ASP F 123 13.36 10.25 29.00
CA ASP F 123 13.23 11.73 28.96
C ASP F 123 14.51 12.56 28.92
N GLU F 124 15.67 11.96 28.75
CA GLU F 124 16.96 12.64 28.89
C GLU F 124 17.29 13.61 27.76
N THR F 125 16.68 13.46 26.59
CA THR F 125 17.00 14.28 25.44
C THR F 125 15.73 14.68 24.69
N PRO F 126 15.78 15.78 23.91
CA PRO F 126 14.63 16.15 23.06
C PRO F 126 14.18 15.02 22.15
N GLN F 127 15.14 14.19 21.70
CA GLN F 127 14.87 13.01 20.89
C GLN F 127 14.22 11.83 21.64
N TYR F 128 14.14 11.92 22.97
CA TYR F 128 13.66 10.85 23.85
C TYR F 128 14.53 9.59 23.76
N MET F 129 15.84 9.82 23.73
CA MET F 129 16.85 8.77 23.58
C MET F 129 17.92 8.93 24.63
N PRO F 130 18.64 7.86 24.98
CA PRO F 130 19.78 7.97 25.91
C PRO F 130 20.79 8.99 25.44
N LEU F 131 21.31 9.75 26.36
CA LEU F 131 22.23 10.84 26.03
C LEU F 131 23.53 10.34 25.41
N THR F 132 23.94 9.16 25.80
CA THR F 132 25.17 8.57 25.30
C THR F 132 25.10 8.29 23.78
N SER F 133 23.98 7.71 23.36
CA SER F 133 23.69 7.42 21.96
C SER F 133 23.62 8.70 21.14
N VAL F 134 22.88 9.69 21.64
CA VAL F 134 22.68 10.90 20.89
C VAL F 134 24.00 11.58 20.65
N LEU F 135 24.81 11.69 21.68
CA LEU F 135 26.13 12.33 21.52
C LEU F 135 27.04 11.58 20.61
N ALA F 136 27.03 10.26 20.70
CA ALA F 136 27.85 9.41 19.84
C ALA F 136 27.52 9.61 18.33
N HIS F 137 26.22 9.66 18.03
CA HIS F 137 25.77 9.85 16.67
C HIS F 137 26.04 11.28 16.20
N GLU F 138 25.80 12.27 17.06
CA GLU F 138 25.96 13.67 16.63
C GLU F 138 27.39 13.97 16.27
N LEU F 139 28.29 13.41 17.07
CA LEU F 139 29.73 13.52 16.83
C LEU F 139 30.11 13.11 15.44
N LEU F 140 29.66 11.94 15.01
CA LEU F 140 30.04 11.42 13.71
C LEU F 140 29.33 12.14 12.57
N LYS F 141 28.07 12.55 12.76
CA LYS F 141 27.36 13.34 11.75
C LYS F 141 28.07 14.62 11.45
N GLU F 142 28.55 15.26 12.51
CA GLU F 142 29.21 16.53 12.37
C GLU F 142 30.56 16.36 11.69
N ILE F 143 31.27 15.28 12.01
CA ILE F 143 32.52 15.01 11.31
C ILE F 143 32.27 14.74 9.81
N GLU F 144 31.32 13.87 9.49
CA GLU F 144 31.00 13.55 8.11
C GLU F 144 30.54 14.79 7.36
N ARG F 145 29.73 15.63 7.97
CA ARG F 145 29.27 16.82 7.28
C ARG F 145 30.43 17.76 6.94
N GLN F 146 31.34 17.92 7.89
CA GLN F 146 32.55 18.72 7.68
C GLN F 146 33.49 18.13 6.64
N ARG F 147 33.54 16.80 6.56
CA ARG F 147 34.30 16.12 5.54
C ARG F 147 33.78 16.46 4.15
N ARG F 148 32.46 16.37 3.97
CA ARG F 148 31.83 16.64 2.67
C ARG F 148 31.87 18.12 2.29
N SER F 149 31.71 19.01 3.28
CA SER F 149 31.85 20.44 3.05
C SER F 149 33.31 20.87 2.85
N LYS F 150 34.24 19.99 3.21
CA LYS F 150 35.70 20.19 3.11
C LYS F 150 36.23 21.14 4.20
N GLU F 151 35.44 21.36 5.26
CA GLU F 151 35.91 22.07 6.43
C GLU F 151 36.93 21.24 7.23
N PHE F 152 36.82 19.92 7.19
CA PHE F 152 37.76 19.03 7.88
C PHE F 152 39.14 18.74 7.22
N ILE F 153 39.18 17.96 6.16
CA ILE F 153 40.26 17.62 5.29
C ILE F 153 41.25 16.54 5.74
N LYS F 154 41.69 15.74 4.75
CA LYS F 154 42.59 14.66 4.98
C LYS F 154 42.11 13.58 5.94
N ILE F 155 40.80 13.36 5.87
CA ILE F 155 40.14 12.31 6.55
C ILE F 155 39.27 11.59 5.55
N GLN F 156 38.97 10.32 5.88
CA GLN F 156 38.14 9.46 5.08
C GLN F 156 36.90 9.15 5.88
N ALA F 157 35.91 8.55 5.23
CA ALA F 157 34.60 8.30 5.80
C ALA F 157 34.48 7.23 6.90
N ASP F 158 35.44 6.34 7.03
CA ASP F 158 35.36 5.29 8.03
C ASP F 158 35.72 5.92 9.39
N MET F 159 34.88 5.69 10.39
CA MET F 159 35.04 6.30 11.73
C MET F 159 34.14 5.73 12.78
N LYS F 160 34.60 5.81 14.02
CA LYS F 160 33.81 5.37 15.17
C LYS F 160 33.83 6.41 16.29
N SER F 161 32.81 6.35 17.15
CA SER F 161 32.76 7.15 18.37
C SER F 161 32.26 6.31 19.53
N GLN F 162 32.65 6.73 20.72
CA GLN F 162 32.21 6.07 21.95
C GLN F 162 32.11 7.15 23.00
N VAL F 163 30.96 7.24 23.66
CA VAL F 163 30.74 8.29 24.64
C VAL F 163 30.35 7.69 25.97
N SER F 164 31.15 7.97 26.99
CA SER F 164 30.90 7.56 28.36
C SER F 164 30.33 8.72 29.15
N ILE F 165 29.23 8.50 29.85
CA ILE F 165 28.62 9.53 30.67
C ILE F 165 28.48 9.08 32.12
N ASP F 166 28.76 10.00 33.02
CA ASP F 166 28.64 9.79 34.48
C ASP F 166 27.23 10.11 34.99
N TYR F 167 26.53 9.09 35.50
CA TYR F 167 25.16 9.25 36.00
C TYR F 167 25.02 9.17 37.53
N SER F 168 26.11 9.41 38.26
CA SER F 168 26.07 9.37 39.73
C SER F 168 25.19 10.48 40.33
N ASN F 169 25.20 11.64 39.70
CA ASN F 169 24.63 12.87 40.32
C ASN F 169 23.29 13.44 39.98
N SER F 170 22.38 12.75 39.37
CA SER F 170 21.11 13.34 38.92
C SER F 170 21.29 14.30 37.76
N THR F 171 22.34 15.11 37.79
CA THR F 171 22.73 15.88 36.60
C THR F 171 23.88 15.12 35.90
N PRO F 172 23.71 14.77 34.61
CA PRO F 172 24.76 13.97 33.96
C PRO F 172 26.04 14.74 33.63
N LEU F 173 27.18 14.07 33.73
CA LEU F 173 28.46 14.61 33.29
C LEU F 173 29.07 13.72 32.21
N ILE F 174 29.67 14.30 31.19
CA ILE F 174 30.42 13.53 30.20
C ILE F 174 31.71 13.11 30.86
N GLU F 175 31.99 11.81 30.86
CA GLU F 175 33.22 11.29 31.42
C GLU F 175 34.26 11.32 30.35
N THR F 176 33.98 10.61 29.26
CA THR F 176 34.92 10.46 28.14
C THR F 176 34.18 10.56 26.81
N MET F 177 34.78 11.32 25.88
CA MET F 177 34.41 11.24 24.45
C MET F 177 35.57 10.67 23.67
N LEU F 178 35.28 9.63 22.90
CA LEU F 178 36.29 8.90 22.12
C LEU F 178 35.91 8.96 20.67
N VAL F 179 36.92 9.17 19.84
CA VAL F 179 36.73 9.17 18.39
C VAL F 179 37.94 8.53 17.71
N SER F 180 37.67 7.61 16.78
CA SER F 180 38.65 7.11 15.83
C SER F 180 38.16 7.48 14.43
N ILE F 181 38.94 8.27 13.69
CA ILE F 181 38.66 8.59 12.30
C ILE F 181 39.82 8.15 11.40
N GLN F 182 39.49 7.54 10.27
CA GLN F 182 40.47 7.20 9.24
C GLN F 182 41.04 8.46 8.56
N HIS F 183 42.37 8.54 8.52
CA HIS F 183 43.05 9.69 8.00
C HIS F 183 44.03 9.36 6.86
N ASP F 184 44.36 10.39 6.10
CA ASP F 184 45.35 10.27 5.06
C ASP F 184 46.72 10.10 5.66
N GLU F 185 47.61 9.54 4.87
CA GLU F 185 48.98 9.33 5.26
C GLU F 185 49.67 10.64 5.60
N ASP F 186 49.41 11.67 4.81
CA ASP F 186 50.07 12.96 4.94
C ASP F 186 49.29 13.97 5.77
N TYR F 187 48.50 13.48 6.73
CA TYR F 187 47.69 14.33 7.56
C TYR F 187 48.60 15.03 8.57
N ASP F 188 48.04 16.04 9.21
CA ASP F 188 48.69 16.87 10.22
C ASP F 188 47.97 16.54 11.53
N VAL F 189 48.67 15.91 12.46
CA VAL F 189 48.04 15.41 13.67
C VAL F 189 47.47 16.56 14.50
N GLU F 190 48.24 17.66 14.55
CA GLU F 190 47.84 18.84 15.33
C GLU F 190 46.53 19.40 14.78
N TYR F 191 46.45 19.54 13.47
CA TYR F 191 45.22 19.99 12.80
C TYR F 191 44.05 19.07 13.14
N PHE F 192 44.31 17.78 12.97
CA PHE F 192 43.34 16.70 13.22
C PHE F 192 42.81 16.70 14.65
N ASN F 193 43.72 16.79 15.62
CA ASN F 193 43.36 16.81 17.04
C ASN F 193 42.56 18.07 17.45
N LYS F 194 42.97 19.24 16.95
CA LYS F 194 42.26 20.50 17.24
C LYS F 194 40.87 20.54 16.61
N LYS F 195 40.74 19.93 15.42
CA LYS F 195 39.41 19.72 14.84
C LYS F 195 39.13 18.58 15.82
N VAL F 196 38.16 17.75 15.69
CA VAL F 196 37.81 16.75 16.66
C VAL F 196 37.55 17.36 17.98
N SER F 197 38.51 18.03 18.60
CA SER F 197 38.27 18.64 19.94
C SER F 197 37.21 19.70 19.87
N ALA F 198 37.34 20.54 18.82
CA ALA F 198 36.36 21.60 18.59
C ALA F 198 34.95 21.02 18.43
N ILE F 199 34.89 19.93 17.67
CA ILE F 199 33.63 19.22 17.44
C ILE F 199 33.12 18.55 18.70
N MET F 200 34.02 17.99 19.50
CA MET F 200 33.60 17.41 20.77
C MET F 200 32.97 18.45 21.69
N GLU F 201 33.60 19.63 21.79
CA GLU F 201 33.09 20.69 22.63
C GLU F 201 31.81 21.29 22.11
N GLN F 202 31.74 21.52 20.81
CA GLN F 202 30.52 22.03 20.22
C GLN F 202 29.32 21.13 20.54
N ILE F 203 29.48 19.81 20.40
CA ILE F 203 28.41 18.85 20.69
C ILE F 203 28.02 18.88 22.19
N ALA F 204 29.01 18.99 23.07
CA ALA F 204 28.75 19.10 24.50
C ALA F 204 28.02 20.39 24.86
N LYS F 205 28.47 21.52 24.31
CA LYS F 205 27.83 22.80 24.57
C LYS F 205 26.40 22.81 24.05
N LYS F 206 26.17 22.23 22.89
CA LYS F 206 24.84 22.21 22.32
C LYS F 206 23.84 21.48 23.23
N TYR F 207 24.30 20.50 24.04
CA TYR F 207 23.40 19.79 24.96
C TYR F 207 23.58 20.25 26.42
N ASN F 208 24.14 21.44 26.58
CA ASN F 208 24.33 22.08 27.87
C ASN F 208 25.13 21.20 28.84
N LEU F 209 26.22 20.60 28.36
CA LEU F 209 27.01 19.69 29.20
C LEU F 209 28.38 20.25 29.50
N ASN F 210 29.05 19.61 30.45
CA ASN F 210 30.39 19.98 30.86
C ASN F 210 31.35 19.84 29.70
N THR F 211 32.41 20.61 29.73
CA THR F 211 33.40 20.66 28.69
C THR F 211 34.79 20.17 29.12
N ASN F 212 34.91 19.65 30.34
CA ASN F 212 36.21 19.20 30.94
C ASN F 212 36.44 17.67 30.82
N PHE F 213 35.74 17.02 29.90
CA PHE F 213 35.82 15.55 29.77
C PHE F 213 37.13 15.14 29.13
N LYS F 214 37.52 13.90 29.40
CA LYS F 214 38.69 13.30 28.76
C LYS F 214 38.39 13.00 27.30
N LYS F 215 39.36 13.31 26.44
CA LYS F 215 39.22 13.10 25.00
C LYS F 215 40.22 12.07 24.57
N ILE F 216 39.73 11.02 23.92
CA ILE F 216 40.55 9.95 23.35
C ILE F 216 40.40 10.08 21.83
N ILE F 217 41.47 10.54 21.17
CA ILE F 217 41.41 10.84 19.74
C ILE F 217 42.39 9.91 18.98
N ASN F 218 41.87 8.92 18.26
CA ASN F 218 42.70 7.99 17.51
C ASN F 218 43.74 7.33 18.43
N SER F 219 43.24 6.57 19.40
CA SER F 219 44.09 5.89 20.38
C SER F 219 45.00 4.82 19.72
N SER F 220 44.65 4.33 18.53
CA SER F 220 45.54 3.43 17.79
C SER F 220 46.89 4.06 17.40
N GLY F 221 46.93 5.37 17.21
CA GLY F 221 48.12 6.05 16.69
C GLY F 221 48.40 6.01 15.18
N ARG F 222 47.53 5.29 14.48
CA ARG F 222 47.63 5.13 13.02
C ARG F 222 46.29 4.54 12.57
N PHE F 223 45.68 5.11 11.55
CA PHE F 223 44.41 4.61 11.03
C PHE F 223 44.31 5.10 9.57
N VAL F 224 45.18 4.57 8.72
CA VAL F 224 45.24 4.91 7.30
C VAL F 224 44.55 3.82 6.48
N ILE F 225 44.85 2.53 6.77
CA ILE F 225 44.05 1.48 6.16
C ILE F 225 42.71 1.45 6.88
N GLY F 226 41.63 1.57 6.12
CA GLY F 226 40.27 1.54 6.60
C GLY F 226 39.29 1.08 5.55
N GLY F 227 38.00 1.33 5.73
CA GLY F 227 37.01 0.71 4.89
C GLY F 227 37.02 -0.82 4.95
N PRO F 228 36.31 -1.46 3.99
CA PRO F 228 36.32 -2.93 3.94
C PRO F 228 37.69 -3.55 3.76
N ILE F 229 38.68 -2.79 3.30
CA ILE F 229 40.06 -3.28 3.24
C ILE F 229 40.55 -3.59 4.66
N GLY F 230 40.31 -2.69 5.59
CA GLY F 230 40.73 -2.91 6.97
C GLY F 230 39.95 -3.94 7.80
N ASP F 231 38.67 -4.07 7.48
CA ASP F 231 37.73 -4.79 8.32
C ASP F 231 36.51 -5.10 7.51
N THR F 232 36.08 -6.35 7.57
CA THR F 232 34.93 -6.82 6.83
C THR F 232 33.66 -6.20 7.36
N GLY F 233 32.65 -6.07 6.52
CA GLY F 233 31.38 -5.55 6.88
C GLY F 233 30.26 -6.48 6.61
N LEU F 234 29.23 -6.49 7.43
CA LEU F 234 28.06 -7.28 7.14
C LEU F 234 26.81 -6.55 7.56
N THR F 235 25.70 -6.82 6.88
CA THR F 235 24.41 -6.26 7.25
C THR F 235 24.01 -6.76 8.65
N GLY F 236 23.44 -5.88 9.46
CA GLY F 236 22.90 -6.27 10.74
C GLY F 236 23.92 -6.58 11.82
N ARG F 237 25.10 -6.00 11.74
CA ARG F 237 26.15 -6.15 12.75
C ARG F 237 26.39 -4.88 13.52
N LYS F 238 25.40 -4.01 13.52
CA LYS F 238 25.43 -2.80 14.32
C LYS F 238 24.03 -2.59 14.90
N ILE F 239 23.45 -3.66 15.45
CA ILE F 239 22.07 -3.60 15.83
C ILE F 239 21.92 -2.72 17.08
N ILE F 240 22.93 -2.67 17.94
CA ILE F 240 22.89 -1.82 19.13
C ILE F 240 23.12 -0.34 18.80
N VAL F 241 24.01 -0.05 17.88
CA VAL F 241 24.19 1.32 17.36
C VAL F 241 22.93 1.79 16.66
N ASP F 242 22.28 0.89 15.96
CA ASP F 242 21.00 1.15 15.29
C ASP F 242 19.86 1.48 16.20
N THR F 243 19.95 1.02 17.46
CA THR F 243 18.85 1.11 18.39
C THR F 243 19.19 2.10 19.55
N TYR F 244 19.44 1.56 20.76
CA TYR F 244 19.49 2.39 21.96
C TYR F 244 20.85 2.33 22.69
N GLY F 245 21.93 2.02 21.99
CA GLY F 245 23.26 2.15 22.54
C GLY F 245 23.52 1.35 23.80
N GLY F 246 22.89 0.20 23.93
CA GLY F 246 23.13 -0.69 25.07
C GLY F 246 22.39 -0.32 26.33
N VAL F 247 21.71 0.83 26.32
CA VAL F 247 20.84 1.20 27.42
C VAL F 247 19.55 0.38 27.38
N GLY F 248 18.92 0.28 26.22
CA GLY F 248 17.73 -0.56 26.08
C GLY F 248 18.17 -2.01 25.85
N HIS F 249 17.22 -2.94 25.99
CA HIS F 249 17.49 -4.33 25.60
C HIS F 249 17.34 -4.51 24.10
N HIS F 250 17.61 -5.74 23.62
CA HIS F 250 17.50 -6.07 22.21
C HIS F 250 17.20 -7.55 22.11
N GLY F 251 16.25 -7.94 21.27
CA GLY F 251 15.86 -9.33 21.04
C GLY F 251 16.66 -10.07 19.98
N GLY F 252 17.44 -9.33 19.21
CA GLY F 252 18.42 -9.90 18.30
C GLY F 252 18.26 -9.52 16.85
N GLY F 253 17.05 -9.21 16.40
CA GLY F 253 16.79 -8.97 14.98
C GLY F 253 17.34 -7.66 14.44
N ALA F 254 17.92 -7.70 13.24
CA ALA F 254 18.46 -6.52 12.58
C ALA F 254 17.39 -5.86 11.74
N PHE F 255 17.66 -4.61 11.35
CA PHE F 255 16.70 -3.82 10.60
C PHE F 255 16.93 -3.82 9.10
N SER F 256 18.15 -3.57 8.66
CA SER F 256 18.37 -3.14 7.27
C SER F 256 18.18 -4.27 6.25
N GLY F 257 17.61 -3.92 5.12
CA GLY F 257 17.34 -4.87 4.09
C GLY F 257 16.02 -5.60 4.22
N LYS F 258 15.24 -5.28 5.26
CA LYS F 258 13.98 -6.00 5.51
C LYS F 258 12.72 -5.23 5.21
N ASP F 259 11.79 -5.88 4.54
CA ASP F 259 10.51 -5.24 4.26
C ASP F 259 9.70 -5.31 5.58
N PRO F 260 8.57 -4.57 5.65
CA PRO F 260 7.85 -4.57 6.90
C PRO F 260 7.20 -5.87 7.35
N THR F 261 7.04 -6.86 6.50
CA THR F 261 6.50 -8.11 7.00
C THR F 261 7.45 -8.77 7.99
N LYS F 262 8.74 -8.44 7.92
CA LYS F 262 9.69 -8.88 8.91
C LYS F 262 9.47 -8.09 10.17
N VAL F 263 8.87 -8.72 11.18
CA VAL F 263 8.50 -7.99 12.38
C VAL F 263 9.69 -7.49 13.16
N ASP F 264 10.84 -8.12 13.00
CA ASP F 264 12.09 -7.60 13.55
C ASP F 264 12.21 -6.10 13.30
N ARG F 265 11.81 -5.65 12.12
CA ARG F 265 11.82 -4.23 11.83
C ARG F 265 10.54 -3.49 12.19
N SER F 266 9.39 -3.92 11.68
CA SER F 266 8.15 -3.17 11.89
C SER F 266 7.75 -3.13 13.37
N ALA F 267 7.78 -4.27 14.04
CA ALA F 267 7.42 -4.31 15.47
C ALA F 267 8.36 -3.51 16.32
N SER F 268 9.65 -3.45 15.97
CA SER F 268 10.58 -2.59 16.68
C SER F 268 10.25 -1.11 16.54
N TYR F 269 9.86 -0.68 15.35
CA TYR F 269 9.43 0.70 15.15
C TYR F 269 8.11 1.00 15.90
N PHE F 270 7.23 0.00 15.92
CA PHE F 270 5.97 0.08 16.64
C PHE F 270 6.21 0.19 18.12
N ALA F 271 7.10 -0.63 18.66
CA ALA F 271 7.42 -0.60 20.07
C ALA F 271 8.06 0.73 20.46
N ARG F 272 8.99 1.24 19.65
CA ARG F 272 9.53 2.60 19.87
C ARG F 272 8.45 3.69 19.85
N TRP F 273 7.51 3.54 18.93
CA TRP F 273 6.39 4.46 18.82
C TRP F 273 5.58 4.50 20.12
N ILE F 274 5.25 3.33 20.62
CA ILE F 274 4.52 3.23 21.86
C ILE F 274 5.33 3.83 23.00
N ALA F 275 6.52 3.30 23.21
CA ALA F 275 7.37 3.74 24.29
C ALA F 275 7.62 5.21 24.27
N LYS F 276 7.91 5.76 23.09
CA LYS F 276 8.18 7.19 23.01
C LYS F 276 6.97 8.03 23.41
N ASN F 277 5.79 7.68 22.90
CA ASN F 277 4.58 8.36 23.30
C ASN F 277 4.26 8.23 24.81
N VAL F 278 4.44 7.04 25.37
CA VAL F 278 4.29 6.84 26.82
C VAL F 278 5.17 7.83 27.59
N VAL F 279 6.40 8.06 27.19
CA VAL F 279 7.25 9.00 27.93
C VAL F 279 6.82 10.43 27.65
N ALA F 280 6.55 10.77 26.41
CA ALA F 280 6.07 12.11 26.09
C ALA F 280 4.75 12.45 26.79
N ALA F 281 3.90 11.46 27.04
CA ALA F 281 2.65 11.65 27.80
C ALA F 281 2.88 11.80 29.31
N LYS F 282 4.13 11.66 29.74
CA LYS F 282 4.55 11.74 31.13
C LYS F 282 3.91 10.69 32.03
N LEU F 283 3.67 9.49 31.50
CA LEU F 283 3.27 8.33 32.30
C LEU F 283 4.51 7.68 32.87
N ALA F 284 5.67 7.90 32.29
CA ALA F 284 6.91 7.41 32.86
C ALA F 284 8.09 8.21 32.36
N LYS F 285 9.21 8.13 33.09
CA LYS F 285 10.45 8.74 32.67
C LYS F 285 11.18 7.88 31.67
N GLN F 286 11.05 6.56 31.82
CA GLN F 286 11.63 5.57 30.89
C GLN F 286 10.61 4.49 30.63
N CYS F 287 10.60 3.95 29.43
CA CYS F 287 9.66 2.90 29.08
C CYS F 287 10.30 1.96 28.09
N GLU F 288 10.14 0.66 28.34
CA GLU F 288 10.67 -0.36 27.49
C GLU F 288 9.57 -1.35 27.22
N ILE F 289 9.33 -1.66 25.95
CA ILE F 289 8.26 -2.56 25.57
C ILE F 289 8.84 -3.73 24.84
N GLN F 290 8.46 -4.94 25.24
CA GLN F 290 8.95 -6.18 24.64
C GLN F 290 7.75 -6.85 24.00
N LEU F 291 7.85 -7.16 22.71
CA LEU F 291 6.84 -7.92 22.01
C LEU F 291 7.50 -9.16 21.46
N ALA F 292 6.79 -10.27 21.49
CA ALA F 292 7.27 -11.51 20.91
C ALA F 292 6.29 -12.00 19.85
N PHE F 293 6.82 -12.66 18.82
CA PHE F 293 6.00 -13.09 17.72
C PHE F 293 6.18 -14.55 17.37
N ALA F 294 5.17 -15.10 16.70
CA ALA F 294 5.23 -16.44 16.16
C ALA F 294 4.97 -16.36 14.66
N ILE F 295 5.76 -17.08 13.86
CA ILE F 295 5.61 -17.00 12.41
C ILE F 295 4.20 -17.39 11.95
N GLY F 296 3.60 -16.49 11.16
CA GLY F 296 2.26 -16.71 10.66
C GLY F 296 1.15 -16.21 11.54
N GLN F 297 1.45 -15.82 12.79
CA GLN F 297 0.44 -15.29 13.69
C GLN F 297 0.33 -13.77 13.54
N PRO F 298 -0.90 -13.25 13.39
CA PRO F 298 -1.09 -11.82 13.10
C PRO F 298 -0.90 -10.85 14.25
N GLN F 299 -0.85 -11.35 15.48
CA GLN F 299 -0.68 -10.53 16.68
C GLN F 299 0.47 -11.03 17.53
N PRO F 300 1.02 -10.15 18.39
CA PRO F 300 2.08 -10.58 19.28
C PRO F 300 1.64 -11.74 20.14
N VAL F 301 2.57 -12.62 20.43
CA VAL F 301 2.31 -13.79 21.22
C VAL F 301 2.47 -13.48 22.70
N ALA F 302 3.27 -12.46 23.01
CA ALA F 302 3.54 -12.06 24.39
C ALA F 302 3.93 -10.60 24.40
N MET F 303 3.70 -9.95 25.54
CA MET F 303 3.96 -8.50 25.67
C MET F 303 4.37 -8.16 27.10
N TYR F 304 5.34 -7.28 27.24
CA TYR F 304 5.79 -6.83 28.53
C TYR F 304 6.19 -5.37 28.50
N VAL F 305 5.57 -4.58 29.40
CA VAL F 305 5.93 -3.18 29.63
C VAL F 305 6.73 -3.06 30.91
N ASN F 306 7.83 -2.35 30.81
CA ASN F 306 8.70 -2.11 31.95
C ASN F 306 8.97 -0.62 31.98
N THR F 307 8.61 0.02 33.08
CA THR F 307 8.84 1.47 33.34
C THR F 307 9.74 1.24 34.54
N PHE F 308 10.93 1.68 34.73
CA PHE F 308 11.89 0.91 35.57
C PHE F 308 11.72 1.47 36.98
N ASN F 309 10.53 1.35 37.54
CA ASN F 309 10.08 2.14 38.72
C ASN F 309 10.12 3.64 38.51
N THR F 310 9.92 4.06 37.28
CA THR F 310 9.84 5.48 36.93
C THR F 310 8.45 5.81 36.47
N ASN F 311 7.48 4.93 36.66
CA ASN F 311 6.09 5.23 36.33
C ASN F 311 5.54 6.37 37.22
N LEU F 312 4.93 7.36 36.60
CA LEU F 312 4.32 8.46 37.34
C LEU F 312 2.89 8.15 37.79
N ILE F 313 2.19 7.31 37.09
CA ILE F 313 0.88 6.83 37.37
C ILE F 313 0.97 5.33 37.68
N ASP F 314 -0.10 4.77 38.20
CA ASP F 314 -0.15 3.35 38.45
C ASP F 314 0.16 2.57 37.19
N GLU F 315 1.07 1.59 37.31
CA GLU F 315 1.48 0.74 36.19
C GLU F 315 0.30 0.07 35.50
N THR F 316 -0.69 -0.34 36.28
CA THR F 316 -1.87 -0.98 35.75
C THR F 316 -2.59 -0.09 34.73
N LYS F 317 -2.66 1.19 35.03
CA LYS F 317 -3.30 2.14 34.14
C LYS F 317 -2.45 2.45 32.90
N ILE F 318 -1.14 2.36 33.01
CA ILE F 318 -0.24 2.49 31.85
C ILE F 318 -0.43 1.31 30.85
N PHE F 319 -0.39 0.08 31.35
CA PHE F 319 -0.62 -1.10 30.57
C PHE F 319 -2.01 -1.02 29.87
N GLU F 320 -3.00 -0.55 30.63
CA GLU F 320 -4.37 -0.49 30.16
C GLU F 320 -4.54 0.58 29.08
N ALA F 321 -3.79 1.69 29.18
CA ALA F 321 -3.85 2.78 28.20
C ALA F 321 -3.25 2.36 26.87
N ILE F 322 -2.07 1.75 26.97
CA ILE F 322 -1.40 1.20 25.81
C ILE F 322 -2.35 0.27 25.07
N LYS F 323 -2.96 -0.71 25.72
CA LYS F 323 -3.83 -1.63 25.04
C LYS F 323 -5.02 -0.95 24.30
N LYS F 324 -5.57 0.11 24.89
CA LYS F 324 -6.69 0.84 24.28
C LYS F 324 -6.27 1.88 23.25
N SER F 325 -5.01 2.29 23.28
CA SER F 325 -4.53 3.30 22.35
C SER F 325 -3.83 2.76 21.11
N PHE F 326 -3.49 1.48 21.08
CA PHE F 326 -2.70 0.93 19.98
C PHE F 326 -3.35 -0.34 19.47
N ASN F 327 -3.38 -0.49 18.15
CA ASN F 327 -3.81 -1.71 17.52
C ASN F 327 -2.57 -2.58 17.25
N PHE F 328 -2.60 -3.79 17.80
CA PHE F 328 -1.46 -4.71 17.80
C PHE F 328 -1.48 -5.71 16.64
N ASP F 329 -2.51 -5.65 15.82
CA ASP F 329 -2.53 -6.38 14.57
C ASP F 329 -1.36 -5.91 13.68
N ILE F 330 -0.59 -6.86 13.13
CA ILE F 330 0.62 -6.53 12.39
C ILE F 330 0.32 -5.72 11.14
N LYS F 331 -0.66 -6.18 10.35
CA LYS F 331 -1.07 -5.45 9.16
C LYS F 331 -1.48 -4.02 9.47
N THR F 332 -2.24 -3.88 10.56
CA THR F 332 -2.67 -2.57 10.99
C THR F 332 -1.54 -1.63 11.41
N PHE F 333 -0.62 -2.06 12.29
CA PHE F 333 0.47 -1.14 12.67
C PHE F 333 1.44 -0.83 11.54
N ILE F 334 1.61 -1.76 10.60
CA ILE F 334 2.40 -1.45 9.41
C ILE F 334 1.80 -0.27 8.66
N ASN F 335 0.49 -0.32 8.41
CA ASN F 335 -0.22 0.75 7.72
C ASN F 335 -0.28 2.02 8.52
N ASP F 336 -0.55 1.93 9.82
CA ASP F 336 -0.54 3.10 10.72
C ASP F 336 0.76 3.85 10.68
N LEU F 337 1.85 3.11 10.61
CA LEU F 337 3.15 3.73 10.51
C LEU F 337 3.64 4.01 9.06
N ASN F 338 2.84 3.69 8.04
CA ASN F 338 3.19 4.03 6.66
C ASN F 338 4.48 3.37 6.21
N LEU F 339 4.65 2.13 6.59
CA LEU F 339 5.97 1.46 6.49
C LEU F 339 6.26 1.02 5.05
N TRP F 340 5.19 0.72 4.26
CA TRP F 340 5.39 0.44 2.85
C TRP F 340 5.89 1.61 2.01
N THR F 341 5.61 2.82 2.44
CA THR F 341 6.02 4.02 1.71
C THR F 341 7.13 4.79 2.39
N THR F 342 7.65 4.31 3.52
CA THR F 342 8.77 5.00 4.18
C THR F 342 10.11 4.69 3.51
N LYS F 343 10.99 5.66 3.40
CA LYS F 343 12.36 5.41 2.91
C LYS F 343 13.26 4.97 4.08
N TYR F 344 13.98 3.87 3.94
CA TYR F 344 14.84 3.34 5.02
C TYR F 344 16.34 3.66 4.90
N LEU F 345 16.80 4.14 3.75
CA LEU F 345 18.22 4.48 3.62
C LEU F 345 18.68 5.56 4.61
N PRO F 346 17.82 6.56 4.87
CA PRO F 346 18.24 7.61 5.79
C PRO F 346 18.48 7.10 7.21
N VAL F 347 17.74 6.05 7.62
CA VAL F 347 17.98 5.43 8.93
C VAL F 347 19.03 4.33 9.00
N ALA F 348 19.55 3.89 7.86
CA ALA F 348 20.68 2.93 7.84
C ALA F 348 21.99 3.53 8.35
N THR F 349 22.05 4.84 8.56
CA THR F 349 23.17 5.48 9.27
C THR F 349 22.63 6.36 10.38
N TYR F 350 23.34 6.37 11.50
CA TYR F 350 23.08 7.30 12.67
C TYR F 350 21.84 6.96 13.52
N GLY F 351 21.48 5.67 13.55
CA GLY F 351 20.38 5.17 14.33
C GLY F 351 19.04 5.33 13.69
N HIS F 352 18.14 4.42 14.02
CA HIS F 352 16.76 4.42 13.54
C HIS F 352 15.78 5.19 14.43
N PHE F 353 16.27 5.61 15.60
CA PHE F 353 15.41 6.22 16.59
C PHE F 353 15.91 7.57 17.05
N GLY F 354 14.95 8.40 17.46
CA GLY F 354 15.25 9.73 17.89
C GLY F 354 15.99 10.51 16.82
N ARG F 355 15.33 10.63 15.67
CA ARG F 355 15.95 11.29 14.56
C ARG F 355 15.21 12.55 14.31
N ASP F 356 15.59 13.60 15.02
CA ASP F 356 14.89 14.90 14.86
C ASP F 356 15.25 15.56 13.55
N ASP F 357 16.37 15.14 12.97
CA ASP F 357 16.70 15.44 11.58
C ASP F 357 15.83 14.81 10.49
N LEU F 358 15.00 13.83 10.82
CA LEU F 358 14.17 13.14 9.84
C LEU F 358 12.74 13.31 10.26
N ASP F 359 11.82 12.76 9.50
CA ASP F 359 10.41 12.80 9.82
C ASP F 359 9.86 11.38 9.83
N LEU F 360 10.26 10.59 10.79
CA LEU F 360 9.89 9.17 10.83
C LEU F 360 8.56 9.02 11.50
N SER F 361 7.78 8.12 10.94
CA SER F 361 6.41 7.87 11.41
C SER F 361 6.35 7.41 12.89
N TRP F 362 7.32 6.61 13.27
CA TRP F 362 7.41 6.01 14.59
C TRP F 362 8.02 6.93 15.64
N GLU F 363 8.52 8.10 15.22
CA GLU F 363 8.97 9.16 16.11
C GLU F 363 7.92 10.22 16.42
N LYS F 364 6.72 10.11 15.86
CA LYS F 364 5.68 11.11 16.02
C LYS F 364 4.98 10.98 17.35
N LEU F 365 4.76 12.13 18.02
CA LEU F 365 4.13 12.18 19.35
C LEU F 365 2.61 12.33 19.22
N ASN F 366 2.05 11.56 18.29
CA ASN F 366 0.65 11.70 17.89
C ASN F 366 -0.27 10.75 18.62
N LYS F 367 0.25 10.09 19.65
CA LYS F 367 -0.54 9.20 20.48
C LYS F 367 -0.57 9.63 21.94
N VAL F 368 0.01 10.79 22.29
CA VAL F 368 0.01 11.28 23.68
C VAL F 368 -1.38 11.51 24.21
N GLU F 369 -2.23 12.18 23.44
CA GLU F 369 -3.59 12.54 23.91
C GLU F 369 -4.39 11.27 24.21
N ASP F 370 -4.33 10.27 23.31
CA ASP F 370 -5.05 9.03 23.53
C ASP F 370 -4.58 8.25 24.75
N LEU F 371 -3.26 8.25 24.97
CA LEU F 371 -2.69 7.57 26.15
C LEU F 371 -3.10 8.21 27.47
N ILE F 372 -2.96 9.54 27.51
CA ILE F 372 -3.43 10.36 28.63
C ILE F 372 -4.88 10.07 28.91
N LYS F 373 -5.71 10.31 27.91
CA LYS F 373 -7.16 10.08 28.01
C LYS F 373 -7.49 8.70 28.51
N ASN F 374 -6.81 7.66 27.99
CA ASN F 374 -7.17 6.33 28.41
C ASN F 374 -6.58 5.85 29.73
N SER F 375 -5.87 6.69 30.44
CA SER F 375 -5.24 6.25 31.67
C SER F 375 -5.90 6.79 32.93
N LYS F 376 -7.09 7.40 32.79
CA LYS F 376 -7.78 8.08 33.90
C LYS F 376 -8.83 7.15 34.50
N HIS F 377 -9.13 7.30 35.79
CA HIS F 377 -10.20 6.53 36.44
C HIS F 377 -11.55 7.12 36.01
N TYR G 3 38.69 -46.74 -50.30
CA TYR G 3 39.17 -45.74 -49.31
C TYR G 3 38.55 -44.33 -49.53
N LYS G 4 37.68 -43.96 -48.61
CA LYS G 4 36.88 -42.76 -48.65
C LYS G 4 37.54 -41.53 -47.96
N LYS G 5 37.22 -40.33 -48.45
CA LYS G 5 37.74 -39.08 -47.87
C LYS G 5 36.61 -38.40 -47.09
N ILE G 6 36.58 -38.59 -45.78
CA ILE G 6 35.45 -38.15 -44.96
C ILE G 6 35.92 -37.00 -44.09
N ILE G 7 35.35 -35.82 -44.31
CA ILE G 7 35.72 -34.64 -43.54
C ILE G 7 34.52 -34.25 -42.68
N THR G 8 34.80 -33.80 -41.46
CA THR G 8 33.75 -33.63 -40.44
C THR G 8 33.91 -32.27 -39.77
N SER G 9 32.79 -31.58 -39.55
CA SER G 9 32.79 -30.31 -38.78
C SER G 9 31.61 -30.36 -37.82
N GLU G 10 31.63 -29.50 -36.81
CA GLU G 10 30.57 -29.54 -35.75
C GLU G 10 29.99 -28.18 -35.55
N SER G 11 28.83 -28.15 -34.92
CA SER G 11 28.27 -26.88 -34.43
C SER G 11 27.60 -27.07 -33.08
N VAL G 12 27.34 -25.94 -32.40
CA VAL G 12 26.66 -25.97 -31.11
C VAL G 12 25.58 -24.92 -31.05
N GLY G 13 24.57 -25.18 -30.23
CA GLY G 13 23.37 -24.38 -30.20
C GLY G 13 23.46 -23.17 -29.31
N ALA G 14 22.37 -22.40 -29.30
CA ALA G 14 22.26 -21.18 -28.48
C ALA G 14 22.36 -21.48 -26.97
N GLY G 15 21.91 -22.68 -26.59
CA GLY G 15 21.87 -23.11 -25.21
C GLY G 15 23.13 -23.79 -24.74
N HIS G 16 24.06 -24.06 -25.64
CA HIS G 16 25.32 -24.67 -25.25
C HIS G 16 26.09 -23.72 -24.34
N PRO G 17 26.70 -24.23 -23.27
CA PRO G 17 27.31 -23.38 -22.27
C PRO G 17 28.45 -22.50 -22.74
N ASP G 18 29.30 -23.00 -23.62
CA ASP G 18 30.34 -22.15 -24.24
C ASP G 18 29.73 -20.98 -25.05
N LYS G 19 28.63 -21.27 -25.72
CA LYS G 19 27.98 -20.28 -26.56
C LYS G 19 27.20 -19.22 -25.80
N ILE G 20 26.66 -19.60 -24.64
CA ILE G 20 26.05 -18.66 -23.72
C ILE G 20 27.06 -17.60 -23.35
N CYS G 21 28.26 -18.01 -22.97
CA CYS G 21 29.32 -17.09 -22.60
C CYS G 21 29.73 -16.19 -23.75
N ASP G 22 29.83 -16.78 -24.94
CA ASP G 22 30.09 -16.01 -26.14
C ASP G 22 28.99 -14.98 -26.38
N GLN G 23 27.72 -15.39 -26.21
CA GLN G 23 26.58 -14.47 -26.35
C GLN G 23 26.61 -13.33 -25.38
N ILE G 24 26.82 -13.67 -24.12
CA ILE G 24 26.87 -12.65 -23.05
C ILE G 24 28.01 -11.69 -23.33
N SER G 25 29.17 -12.23 -23.70
CA SER G 25 30.34 -11.41 -23.96
C SER G 25 30.06 -10.41 -25.08
N ASP G 26 29.42 -10.86 -26.14
CA ASP G 26 29.11 -9.99 -27.26
C ASP G 26 27.93 -9.10 -27.00
N ALA G 27 26.97 -9.57 -26.22
CA ALA G 27 25.88 -8.66 -25.81
C ALA G 27 26.40 -7.48 -24.99
N ILE G 28 27.45 -7.74 -24.20
CA ILE G 28 28.05 -6.71 -23.37
C ILE G 28 28.81 -5.74 -24.23
N LEU G 29 29.60 -6.28 -25.12
CA LEU G 29 30.33 -5.47 -26.09
C LEU G 29 29.39 -4.54 -26.83
N ASP G 30 28.26 -5.11 -27.28
CA ASP G 30 27.25 -4.37 -28.05
C ASP G 30 26.72 -3.19 -27.30
N GLU G 31 26.33 -3.40 -26.04
CA GLU G 31 25.89 -2.32 -25.16
C GLU G 31 26.94 -1.24 -25.01
N CYS G 32 28.19 -1.63 -24.78
CA CYS G 32 29.29 -0.66 -24.69
C CYS G 32 29.46 0.16 -25.94
N LEU G 33 29.56 -0.50 -27.08
CA LEU G 33 29.80 0.20 -28.33
C LEU G 33 28.61 1.06 -28.71
N SER G 34 27.41 0.60 -28.38
CA SER G 34 26.19 1.34 -28.63
C SER G 34 26.19 2.71 -27.92
N GLN G 35 26.74 2.75 -26.71
CA GLN G 35 26.88 3.98 -25.95
C GLN G 35 28.20 4.73 -26.18
N ASP G 36 29.30 4.03 -26.42
CA ASP G 36 30.65 4.60 -26.58
C ASP G 36 31.40 3.83 -27.69
N GLN G 37 31.59 4.46 -28.83
CA GLN G 37 32.28 3.81 -29.94
C GLN G 37 33.80 3.83 -29.82
N ASN G 38 34.34 4.47 -28.76
CA ASN G 38 35.75 4.32 -28.41
C ASN G 38 36.00 3.41 -27.24
N SER G 39 35.03 2.54 -26.93
CA SER G 39 35.18 1.54 -25.90
C SER G 39 36.33 0.59 -26.21
N ARG G 40 37.05 0.22 -25.17
CA ARG G 40 37.99 -0.89 -25.20
C ARG G 40 37.37 -2.00 -24.38
N VAL G 41 37.11 -3.15 -24.99
CA VAL G 41 36.34 -4.18 -24.35
C VAL G 41 36.99 -5.49 -24.60
N ALA G 42 37.13 -6.27 -23.55
CA ALA G 42 37.75 -7.60 -23.58
C ALA G 42 37.05 -8.44 -22.50
N CYS G 43 35.79 -8.74 -22.78
CA CYS G 43 34.92 -9.33 -21.80
C CYS G 43 34.91 -10.87 -21.93
N GLU G 44 35.26 -11.54 -20.84
CA GLU G 44 35.27 -13.00 -20.79
C GLU G 44 34.24 -13.43 -19.77
N VAL G 45 33.55 -14.51 -20.05
CA VAL G 45 32.46 -14.98 -19.22
C VAL G 45 32.65 -16.50 -18.96
N LEU G 46 32.38 -16.86 -17.70
CA LEU G 46 32.32 -18.24 -17.25
C LEU G 46 30.92 -18.55 -16.77
N ALA G 47 30.38 -19.70 -17.13
CA ALA G 47 29.08 -20.14 -16.64
C ALA G 47 29.21 -21.57 -16.19
N CYS G 48 29.08 -21.85 -14.89
CA CYS G 48 29.09 -23.20 -14.41
C CYS G 48 27.85 -23.38 -13.54
N ASN G 49 27.42 -24.58 -13.34
CA ASN G 49 26.47 -24.93 -12.31
C ASN G 49 25.65 -23.77 -11.66
N ARG G 50 26.09 -23.18 -10.55
CA ARG G 50 25.36 -22.13 -9.90
C ARG G 50 25.59 -20.66 -10.48
N LEU G 51 26.59 -20.51 -11.31
CA LEU G 51 27.26 -19.30 -11.38
C LEU G 51 27.70 -18.79 -12.68
N ILE G 52 27.62 -17.50 -12.87
CA ILE G 52 28.06 -16.82 -14.12
C ILE G 52 29.00 -15.73 -13.67
N VAL G 53 30.25 -15.81 -14.11
CA VAL G 53 31.21 -14.79 -13.80
C VAL G 53 31.45 -14.00 -15.07
N ILE G 54 31.39 -12.68 -14.93
CA ILE G 54 31.57 -11.74 -16.02
C ILE G 54 32.82 -10.96 -15.67
N ALA G 55 33.90 -11.19 -16.42
CA ALA G 55 35.17 -10.60 -16.09
C ALA G 55 35.76 -10.00 -17.36
N GLY G 56 37.01 -9.54 -17.27
CA GLY G 56 37.62 -8.91 -18.42
C GLY G 56 37.88 -7.46 -18.14
N GLU G 57 38.57 -6.84 -19.11
CA GLU G 57 39.00 -5.47 -19.03
C GLU G 57 38.20 -4.60 -19.93
N ILE G 58 37.67 -3.53 -19.39
CA ILE G 58 36.84 -2.60 -20.16
C ILE G 58 37.18 -1.19 -19.74
N THR G 59 37.39 -0.31 -20.71
CA THR G 59 37.49 1.11 -20.45
C THR G 59 36.51 1.78 -21.40
N THR G 60 35.57 2.50 -20.85
CA THR G 60 34.39 2.95 -21.56
C THR G 60 33.69 4.06 -20.78
N HIS G 61 33.02 4.94 -21.53
CA HIS G 61 32.14 5.94 -20.94
C HIS G 61 30.75 5.34 -20.71
N ALA G 62 30.48 4.17 -21.28
CA ALA G 62 29.21 3.47 -21.12
C ALA G 62 29.09 2.87 -19.76
N TYR G 63 27.86 2.56 -19.36
CA TYR G 63 27.57 1.70 -18.23
C TYR G 63 26.69 0.58 -18.74
N VAL G 64 27.05 -0.66 -18.43
CA VAL G 64 26.31 -1.82 -18.83
C VAL G 64 25.85 -2.55 -17.59
N ASP G 65 24.56 -2.81 -17.48
CA ASP G 65 24.05 -3.58 -16.36
C ASP G 65 24.28 -5.04 -16.74
N VAL G 66 25.37 -5.56 -16.22
CA VAL G 66 25.81 -6.90 -16.52
C VAL G 66 24.74 -8.00 -16.22
N VAL G 67 23.97 -7.81 -15.15
CA VAL G 67 22.96 -8.78 -14.77
C VAL G 67 21.78 -8.80 -15.75
N LYS G 68 21.29 -7.63 -16.08
CA LYS G 68 20.21 -7.47 -17.05
C LYS G 68 20.62 -8.09 -18.38
N THR G 69 21.88 -7.93 -18.76
CA THR G 69 22.37 -8.41 -20.04
C THR G 69 22.45 -9.94 -20.06
N ALA G 70 22.96 -10.52 -18.98
CA ALA G 70 23.02 -11.96 -18.85
C ALA G 70 21.63 -12.54 -18.97
N TRP G 71 20.65 -11.88 -18.38
CA TRP G 71 19.29 -12.37 -18.44
C TRP G 71 18.67 -12.32 -19.83
N GLU G 72 18.98 -11.28 -20.60
CA GLU G 72 18.55 -11.19 -22.00
C GLU G 72 18.92 -12.41 -22.79
N ILE G 73 20.11 -12.93 -22.56
CA ILE G 73 20.58 -14.09 -23.24
C ILE G 73 20.00 -15.38 -22.66
N ILE G 74 19.89 -15.45 -21.35
CA ILE G 74 19.51 -16.68 -20.63
C ILE G 74 18.00 -16.94 -20.61
N LYS G 75 17.18 -15.90 -20.58
CA LYS G 75 15.72 -16.05 -20.54
C LYS G 75 15.12 -16.77 -21.72
N PRO G 76 15.49 -16.40 -22.96
CA PRO G 76 14.98 -17.20 -24.09
C PRO G 76 15.39 -18.67 -24.05
N LEU G 77 16.48 -19.02 -23.37
CA LEU G 77 16.87 -20.41 -23.27
C LEU G 77 16.01 -21.19 -22.25
N GLY G 78 15.32 -20.46 -21.37
CA GLY G 78 14.39 -21.05 -20.41
C GLY G 78 14.74 -20.84 -18.95
N TYR G 79 15.79 -20.07 -18.65
CA TYR G 79 16.20 -19.85 -17.29
C TYR G 79 15.56 -18.59 -16.74
N ASP G 80 15.54 -18.50 -15.40
CA ASP G 80 14.92 -17.38 -14.72
C ASP G 80 15.94 -16.68 -13.84
N GLU G 81 15.45 -15.66 -13.13
CA GLU G 81 16.32 -14.73 -12.42
C GLU G 81 16.92 -15.33 -11.16
N ASN G 82 16.44 -16.48 -10.72
CA ASN G 82 16.95 -17.15 -9.52
C ASN G 82 17.94 -18.28 -9.87
N ASP G 83 18.09 -18.65 -11.13
CA ASP G 83 18.99 -19.75 -11.51
C ASP G 83 20.50 -19.52 -11.32
N PHE G 84 20.98 -18.28 -11.46
CA PHE G 84 22.41 -18.06 -11.39
C PHE G 84 22.83 -16.93 -10.49
N THR G 85 23.84 -17.21 -9.69
CA THR G 85 24.61 -16.21 -9.02
C THR G 85 25.41 -15.48 -10.06
N ILE G 86 25.28 -14.15 -10.13
CA ILE G 86 26.07 -13.39 -11.07
C ILE G 86 27.20 -12.63 -10.39
N ILE G 87 28.43 -12.81 -10.87
CA ILE G 87 29.57 -12.07 -10.38
C ILE G 87 30.01 -11.12 -11.49
N SER G 88 30.29 -9.86 -11.14
CA SER G 88 30.86 -8.89 -12.06
C SER G 88 32.25 -8.50 -11.55
N ASN G 89 33.29 -8.87 -12.32
CA ASN G 89 34.65 -8.45 -12.01
C ASN G 89 35.26 -7.68 -13.19
N VAL G 90 34.78 -6.49 -13.41
CA VAL G 90 35.16 -5.76 -14.61
C VAL G 90 36.33 -4.87 -14.23
N ASN G 91 37.49 -5.10 -14.82
CA ASN G 91 38.71 -4.41 -14.49
C ASN G 91 38.94 -3.44 -15.62
N LYS G 92 39.78 -2.45 -15.60
CA LYS G 92 39.83 -1.48 -16.74
C LYS G 92 40.93 -2.03 -17.63
N GLN G 93 41.03 -1.52 -18.88
CA GLN G 93 42.13 -1.91 -19.76
C GLN G 93 43.42 -1.39 -19.19
N SER G 94 44.48 -2.18 -19.33
CA SER G 94 45.79 -1.81 -18.83
C SER G 94 46.30 -0.59 -19.59
N VAL G 95 46.76 0.40 -18.84
CA VAL G 95 47.30 1.61 -19.44
C VAL G 95 48.54 1.35 -20.29
N ASP G 96 49.28 0.31 -19.96
CA ASP G 96 50.44 -0.06 -20.76
C ASP G 96 50.06 -0.63 -22.13
N ILE G 97 48.92 -1.32 -22.20
CA ILE G 97 48.37 -1.72 -23.47
C ILE G 97 47.78 -0.52 -24.19
N ALA G 98 47.03 0.32 -23.49
CA ALA G 98 46.32 1.42 -24.14
C ALA G 98 47.23 2.41 -24.83
N GLN G 99 48.36 2.73 -24.22
CA GLN G 99 49.31 3.67 -24.82
C GLN G 99 49.86 3.12 -26.13
N SER G 100 50.06 1.83 -26.22
CA SER G 100 50.52 1.19 -27.44
C SER G 100 49.47 1.13 -28.57
N VAL G 101 48.21 0.92 -28.23
CA VAL G 101 47.14 0.83 -29.22
C VAL G 101 46.73 2.21 -29.67
N ASP G 102 46.52 3.12 -28.72
CA ASP G 102 46.05 4.49 -29.01
C ASP G 102 47.26 5.37 -29.16
N LYS G 103 47.71 5.50 -30.40
CA LYS G 103 48.98 6.14 -30.71
C LYS G 103 48.84 7.63 -30.50
N THR G 104 49.94 8.32 -30.20
CA THR G 104 49.90 9.82 -30.19
C THR G 104 49.41 10.31 -31.56
N ASN G 105 49.93 9.74 -32.66
CA ASN G 105 49.32 9.93 -33.95
C ASN G 105 47.91 9.37 -33.95
N LYS G 106 46.87 10.21 -33.82
CA LYS G 106 45.51 9.62 -33.75
C LYS G 106 44.99 9.08 -35.10
N ASN G 107 45.82 9.21 -36.14
CA ASN G 107 45.56 8.60 -37.44
C ASN G 107 45.94 7.13 -37.50
N LEU G 108 46.66 6.59 -36.50
CA LEU G 108 46.97 5.17 -36.52
C LEU G 108 46.55 4.48 -35.24
N ILE G 109 46.05 3.24 -35.40
CA ILE G 109 45.77 2.42 -34.25
C ILE G 109 46.78 1.27 -34.32
N GLY G 110 47.54 1.06 -33.24
CA GLY G 110 48.42 -0.09 -33.17
C GLY G 110 47.65 -1.34 -32.82
N ALA G 111 48.20 -2.51 -33.16
CA ALA G 111 47.47 -3.76 -32.95
C ALA G 111 47.24 -4.00 -31.46
N GLY G 112 46.04 -4.45 -31.14
CA GLY G 112 45.68 -4.75 -29.78
C GLY G 112 46.54 -5.79 -29.06
N ASP G 113 47.13 -6.66 -29.85
CA ASP G 113 47.97 -7.74 -29.36
C ASP G 113 48.74 -8.32 -30.56
N GLN G 114 49.80 -9.10 -30.28
CA GLN G 114 50.37 -9.97 -31.29
C GLN G 114 49.42 -11.11 -31.59
N GLY G 115 49.73 -11.82 -32.67
CA GLY G 115 49.09 -13.10 -32.98
C GLY G 115 48.94 -13.31 -34.46
N ILE G 116 48.17 -14.33 -34.78
CA ILE G 116 48.10 -14.83 -36.14
C ILE G 116 46.63 -15.10 -36.40
N VAL G 117 46.15 -14.70 -37.56
CA VAL G 117 44.75 -14.92 -37.94
C VAL G 117 44.72 -15.62 -39.30
N PHE G 118 43.58 -16.23 -39.62
CA PHE G 118 43.42 -16.89 -40.90
C PHE G 118 42.07 -16.52 -41.47
N GLY G 119 42.04 -16.06 -42.71
CA GLY G 119 40.81 -15.89 -43.47
C GLY G 119 40.74 -17.08 -44.38
N TYR G 120 39.54 -17.50 -44.73
CA TYR G 120 39.39 -18.61 -45.62
C TYR G 120 38.07 -18.51 -46.36
N ALA G 121 38.10 -19.02 -47.58
CA ALA G 121 36.92 -19.09 -48.42
C ALA G 121 37.08 -20.18 -49.43
N CYS G 122 35.96 -20.70 -49.92
CA CYS G 122 35.97 -21.73 -50.94
C CYS G 122 34.67 -21.68 -51.74
N ASP G 123 34.63 -22.40 -52.87
CA ASP G 123 33.45 -22.32 -53.74
C ASP G 123 32.34 -23.37 -53.54
N GLU G 124 32.40 -24.17 -52.47
CA GLU G 124 31.51 -25.30 -52.27
C GLU G 124 30.06 -24.96 -51.95
N THR G 125 29.79 -23.77 -51.47
CA THR G 125 28.45 -23.36 -51.02
C THR G 125 28.19 -21.91 -51.40
N PRO G 126 26.92 -21.51 -51.56
CA PRO G 126 26.61 -20.09 -51.82
C PRO G 126 27.22 -19.13 -50.81
N GLN G 127 27.36 -19.58 -49.56
CA GLN G 127 28.03 -18.82 -48.50
C GLN G 127 29.57 -18.73 -48.63
N TYR G 128 30.16 -19.47 -49.57
CA TYR G 128 31.61 -19.54 -49.75
C TYR G 128 32.32 -20.14 -48.52
N MET G 129 31.72 -21.17 -47.96
CA MET G 129 32.14 -21.83 -46.73
C MET G 129 32.16 -23.34 -46.97
N PRO G 130 32.97 -24.10 -46.21
CA PRO G 130 32.94 -25.55 -46.29
C PRO G 130 31.55 -26.10 -46.05
N LEU G 131 31.18 -27.09 -46.82
CA LEU G 131 29.83 -27.67 -46.77
C LEU G 131 29.52 -28.30 -45.41
N THR G 132 30.55 -28.84 -44.78
CA THR G 132 30.38 -29.48 -43.49
C THR G 132 29.91 -28.49 -42.40
N SER G 133 30.57 -27.34 -42.36
CA SER G 133 30.22 -26.25 -41.46
C SER G 133 28.83 -25.74 -41.70
N VAL G 134 28.48 -25.47 -42.95
CA VAL G 134 27.21 -24.88 -43.27
C VAL G 134 26.11 -25.81 -42.84
N LEU G 135 26.23 -27.10 -43.15
CA LEU G 135 25.20 -28.06 -42.79
C LEU G 135 25.08 -28.22 -41.29
N ALA G 136 26.21 -28.23 -40.58
CA ALA G 136 26.20 -28.34 -39.13
C ALA G 136 25.44 -27.19 -38.44
N HIS G 137 25.68 -25.98 -38.93
CA HIS G 137 25.02 -24.80 -38.40
C HIS G 137 23.55 -24.77 -38.79
N GLU G 138 23.22 -25.10 -40.03
CA GLU G 138 21.83 -25.02 -40.50
C GLU G 138 20.95 -25.96 -39.71
N LEU G 139 21.48 -27.15 -39.45
CA LEU G 139 20.80 -28.16 -38.65
C LEU G 139 20.33 -27.61 -37.30
N LEU G 140 21.25 -26.97 -36.58
CA LEU G 140 20.93 -26.45 -35.26
C LEU G 140 20.04 -25.22 -35.29
N LYS G 141 20.23 -24.34 -36.29
CA LYS G 141 19.34 -23.19 -36.49
C LYS G 141 17.91 -23.61 -36.67
N GLU G 142 17.72 -24.64 -37.46
CA GLU G 142 16.38 -25.12 -37.80
C GLU G 142 15.77 -25.78 -36.57
N ILE G 143 16.57 -26.50 -35.79
CA ILE G 143 16.03 -27.06 -34.55
C ILE G 143 15.62 -25.94 -33.55
N GLU G 144 16.50 -24.97 -33.35
CA GLU G 144 16.21 -23.87 -32.44
C GLU G 144 15.01 -23.08 -32.92
N ARG G 145 14.90 -22.83 -34.22
CA ARG G 145 13.75 -22.06 -34.73
C ARG G 145 12.44 -22.81 -34.45
N GLN G 146 12.45 -24.11 -34.69
CA GLN G 146 11.28 -24.95 -34.40
C GLN G 146 10.95 -25.05 -32.92
N ARG G 147 11.98 -25.01 -32.07
CA ARG G 147 11.77 -24.96 -30.64
C ARG G 147 11.03 -23.70 -30.22
N ARG G 148 11.46 -22.55 -30.73
CA ARG G 148 10.84 -21.26 -30.41
C ARG G 148 9.45 -21.10 -31.02
N SER G 149 9.25 -21.61 -32.22
CA SER G 149 7.93 -21.64 -32.85
C SER G 149 6.99 -22.67 -32.22
N LYS G 150 7.56 -23.60 -31.47
CA LYS G 150 6.85 -24.69 -30.79
C LYS G 150 6.42 -25.81 -31.73
N GLU G 151 7.01 -25.84 -32.92
CA GLU G 151 6.84 -26.94 -33.88
C GLU G 151 7.53 -28.21 -33.39
N PHE G 152 8.63 -28.07 -32.66
CA PHE G 152 9.38 -29.19 -32.10
C PHE G 152 9.25 -29.03 -30.59
N ILE G 153 8.57 -29.93 -29.92
CA ILE G 153 8.33 -29.77 -28.48
C ILE G 153 9.15 -30.71 -27.63
N LYS G 154 9.16 -30.40 -26.35
CA LYS G 154 9.86 -31.14 -25.30
C LYS G 154 11.33 -31.29 -25.50
N ILE G 155 11.92 -30.20 -25.99
CA ILE G 155 13.37 -30.09 -26.11
C ILE G 155 13.79 -28.77 -25.48
N GLN G 156 15.05 -28.71 -25.12
CA GLN G 156 15.68 -27.54 -24.54
C GLN G 156 16.73 -27.04 -25.50
N ALA G 157 17.25 -25.85 -25.24
CA ALA G 157 18.17 -25.15 -26.13
C ALA G 157 19.59 -25.69 -26.24
N ASP G 158 20.05 -26.51 -25.31
CA ASP G 158 21.41 -27.02 -25.38
C ASP G 158 21.42 -28.15 -26.44
N MET G 159 22.36 -28.08 -27.40
CA MET G 159 22.44 -29.03 -28.50
C MET G 159 23.75 -28.97 -29.27
N LYS G 160 24.12 -30.12 -29.85
CA LYS G 160 25.27 -30.15 -30.74
C LYS G 160 24.95 -30.88 -32.06
N SER G 161 25.76 -30.60 -33.07
CA SER G 161 25.70 -31.31 -34.35
C SER G 161 27.08 -31.60 -34.86
N GLN G 162 27.17 -32.64 -35.67
CA GLN G 162 28.42 -33.01 -36.32
C GLN G 162 28.05 -33.58 -37.67
N VAL G 163 28.68 -33.08 -38.73
CA VAL G 163 28.35 -33.52 -40.07
C VAL G 163 29.60 -33.99 -40.77
N SER G 164 29.59 -35.27 -41.17
CA SER G 164 30.65 -35.89 -41.94
C SER G 164 30.27 -35.93 -43.42
N ILE G 165 31.16 -35.47 -44.29
CA ILE G 165 30.89 -35.50 -45.72
C ILE G 165 31.98 -36.27 -46.46
N ASP G 166 31.57 -37.05 -47.45
CA ASP G 166 32.47 -37.81 -48.31
C ASP G 166 32.93 -37.01 -49.53
N TYR G 167 34.23 -36.76 -49.62
CA TYR G 167 34.80 -35.97 -50.72
C TYR G 167 35.64 -36.78 -51.72
N SER G 168 35.42 -38.09 -51.78
CA SER G 168 36.16 -38.97 -52.71
C SER G 168 35.89 -38.63 -54.18
N ASN G 169 34.69 -38.20 -54.50
CA ASN G 169 34.24 -37.91 -55.83
C ASN G 169 34.14 -36.40 -56.06
N SER G 170 33.88 -35.99 -57.29
CA SER G 170 33.69 -34.55 -57.59
C SER G 170 32.44 -33.98 -56.95
N THR G 171 31.40 -34.80 -56.83
CA THR G 171 30.17 -34.40 -56.17
C THR G 171 30.19 -34.93 -54.73
N PRO G 172 30.02 -34.04 -53.72
CA PRO G 172 30.08 -34.49 -52.33
C PRO G 172 28.87 -35.32 -51.90
N LEU G 173 29.11 -36.30 -51.04
CA LEU G 173 28.04 -37.10 -50.43
C LEU G 173 28.05 -36.95 -48.92
N ILE G 174 26.89 -36.79 -48.28
CA ILE G 174 26.82 -36.77 -46.82
C ILE G 174 27.04 -38.20 -46.35
N GLU G 175 28.00 -38.38 -45.46
CA GLU G 175 28.31 -39.69 -44.90
C GLU G 175 27.40 -39.85 -43.69
N THR G 176 27.54 -38.93 -42.73
CA THR G 176 26.83 -39.00 -41.47
C THR G 176 26.35 -37.61 -41.04
N MET G 177 25.10 -37.53 -40.57
CA MET G 177 24.62 -36.39 -39.79
C MET G 177 24.34 -36.83 -38.37
N LEU G 178 24.91 -36.09 -37.43
CA LEU G 178 24.79 -36.41 -36.01
C LEU G 178 24.20 -35.23 -35.30
N VAL G 179 23.29 -35.52 -34.38
CA VAL G 179 22.70 -34.51 -33.54
C VAL G 179 22.52 -35.05 -32.11
N SER G 180 22.89 -34.23 -31.13
CA SER G 180 22.52 -34.42 -29.73
C SER G 180 21.72 -33.18 -29.32
N ILE G 181 20.46 -33.39 -28.90
CA ILE G 181 19.64 -32.32 -28.35
C ILE G 181 19.17 -32.70 -26.94
N GLN G 182 19.25 -31.72 -26.04
CA GLN G 182 18.72 -31.84 -24.68
C GLN G 182 17.17 -31.92 -24.70
N HIS G 183 16.63 -32.95 -24.04
CA HIS G 183 15.20 -33.19 -24.04
C HIS G 183 14.60 -33.24 -22.64
N ASP G 184 13.28 -33.08 -22.60
CA ASP G 184 12.55 -33.20 -21.36
C ASP G 184 12.52 -34.64 -20.90
N GLU G 185 12.29 -34.82 -19.62
CA GLU G 185 12.19 -36.14 -19.03
C GLU G 185 11.07 -36.94 -19.64
N ASP G 186 9.93 -36.28 -19.85
CA ASP G 186 8.71 -36.93 -20.36
C ASP G 186 8.55 -36.82 -21.88
N TYR G 187 9.66 -36.78 -22.60
CA TYR G 187 9.64 -36.67 -24.05
C TYR G 187 9.22 -38.01 -24.64
N ASP G 188 8.89 -37.98 -25.92
CA ASP G 188 8.50 -39.15 -26.70
C ASP G 188 9.61 -39.35 -27.71
N VAL G 189 10.37 -40.44 -27.55
CA VAL G 189 11.54 -40.67 -28.37
C VAL G 189 11.20 -40.80 -29.84
N GLU G 190 10.12 -41.49 -30.09
CA GLU G 190 9.64 -41.73 -31.49
C GLU G 190 9.35 -40.36 -32.15
N TYR G 191 8.63 -39.50 -31.47
CA TYR G 191 8.36 -38.15 -31.95
C TYR G 191 9.65 -37.39 -32.23
N PHE G 192 10.53 -37.43 -31.24
CA PHE G 192 11.85 -36.77 -31.26
C PHE G 192 12.72 -37.25 -32.42
N ASN G 193 12.80 -38.56 -32.62
CA ASN G 193 13.60 -39.15 -33.70
C ASN G 193 13.04 -38.83 -35.10
N LYS G 194 11.70 -38.87 -35.27
CA LYS G 194 11.07 -38.51 -36.55
C LYS G 194 11.24 -37.02 -36.87
N LYS G 195 11.20 -36.19 -35.84
CA LYS G 195 11.35 -34.77 -36.00
C LYS G 195 12.72 -34.42 -36.48
N VAL G 196 13.73 -34.96 -35.80
CA VAL G 196 15.14 -34.70 -36.19
C VAL G 196 15.44 -35.19 -37.62
N SER G 197 15.00 -36.41 -37.94
CA SER G 197 15.20 -37.00 -39.25
C SER G 197 14.64 -36.15 -40.37
N ALA G 198 13.42 -35.66 -40.17
CA ALA G 198 12.76 -34.81 -41.13
C ALA G 198 13.60 -33.54 -41.38
N ILE G 199 14.12 -32.98 -40.28
CA ILE G 199 14.98 -31.80 -40.35
C ILE G 199 16.31 -32.13 -41.02
N MET G 200 16.87 -33.30 -40.74
CA MET G 200 18.11 -33.71 -41.41
C MET G 200 17.92 -33.78 -42.94
N GLU G 201 16.80 -34.39 -43.37
CA GLU G 201 16.53 -34.52 -44.79
C GLU G 201 16.19 -33.20 -45.45
N GLN G 202 15.40 -32.38 -44.78
CA GLN G 202 15.08 -31.06 -45.30
C GLN G 202 16.36 -30.24 -45.57
N ILE G 203 17.31 -30.25 -44.63
CA ILE G 203 18.58 -29.54 -44.80
C ILE G 203 19.41 -30.10 -45.96
N ALA G 204 19.42 -31.43 -46.10
CA ALA G 204 20.10 -32.07 -47.22
C ALA G 204 19.46 -31.73 -48.57
N LYS G 205 18.14 -31.80 -48.63
CA LYS G 205 17.42 -31.47 -49.86
C LYS G 205 17.62 -30.02 -50.26
N LYS G 206 17.63 -29.14 -49.28
CA LYS G 206 17.83 -27.73 -49.56
C LYS G 206 19.20 -27.46 -50.22
N TYR G 207 20.20 -28.29 -49.97
CA TYR G 207 21.53 -28.14 -50.64
C TYR G 207 21.73 -29.15 -51.77
N ASN G 208 20.63 -29.72 -52.25
CA ASN G 208 20.64 -30.69 -53.34
C ASN G 208 21.58 -31.89 -53.06
N LEU G 209 21.50 -32.43 -51.86
CA LEU G 209 22.39 -33.54 -51.46
C LEU G 209 21.65 -34.83 -51.27
N ASN G 210 22.39 -35.92 -51.17
CA ASN G 210 21.82 -37.24 -50.94
C ASN G 210 21.08 -37.28 -49.62
N THR G 211 20.11 -38.15 -49.54
CA THR G 211 19.22 -38.29 -48.41
C THR G 211 19.37 -39.68 -47.71
N ASN G 212 20.32 -40.49 -48.14
CA ASN G 212 20.55 -41.86 -47.65
C ASN G 212 21.64 -42.00 -46.56
N PHE G 213 22.04 -40.88 -45.98
CA PHE G 213 23.14 -40.85 -45.01
C PHE G 213 22.74 -41.48 -43.68
N LYS G 214 23.75 -41.94 -42.94
CA LYS G 214 23.56 -42.47 -41.60
C LYS G 214 23.20 -41.32 -40.63
N LYS G 215 22.24 -41.59 -39.77
CA LYS G 215 21.77 -40.61 -38.81
C LYS G 215 22.07 -41.11 -37.41
N ILE G 216 22.79 -40.29 -36.64
CA ILE G 216 23.09 -40.56 -35.24
C ILE G 216 22.33 -39.51 -34.43
N ILE G 217 21.29 -39.95 -33.73
CA ILE G 217 20.41 -39.05 -32.99
C ILE G 217 20.47 -39.37 -31.49
N ASN G 218 21.13 -38.51 -30.72
CA ASN G 218 21.25 -38.70 -29.26
C ASN G 218 21.85 -40.08 -28.96
N SER G 219 23.10 -40.27 -29.38
CA SER G 219 23.82 -41.52 -29.14
C SER G 219 24.04 -41.82 -27.65
N SER G 220 23.98 -40.82 -26.80
CA SER G 220 24.04 -41.02 -25.34
C SER G 220 22.88 -41.85 -24.79
N GLY G 221 21.71 -41.81 -25.44
CA GLY G 221 20.51 -42.46 -24.94
C GLY G 221 19.67 -41.64 -23.94
N ARG G 222 20.28 -40.61 -23.35
CA ARG G 222 19.69 -39.77 -22.36
C ARG G 222 20.42 -38.44 -22.32
N PHE G 223 19.70 -37.33 -22.30
CA PHE G 223 20.31 -36.01 -22.31
C PHE G 223 19.26 -35.04 -21.74
N VAL G 224 19.00 -35.20 -20.43
CA VAL G 224 18.05 -34.35 -19.71
C VAL G 224 18.78 -33.29 -18.92
N ILE G 225 19.83 -33.66 -18.20
CA ILE G 225 20.71 -32.69 -17.56
C ILE G 225 21.52 -32.03 -18.67
N GLY G 226 21.44 -30.70 -18.78
CA GLY G 226 22.16 -29.95 -19.80
C GLY G 226 22.39 -28.51 -19.37
N GLY G 227 22.69 -27.62 -20.29
CA GLY G 227 23.13 -26.30 -19.90
C GLY G 227 24.37 -26.25 -19.03
N PRO G 228 24.66 -25.09 -18.41
CA PRO G 228 25.82 -25.01 -17.53
C PRO G 228 25.78 -25.95 -16.33
N ILE G 229 24.61 -26.47 -15.99
CA ILE G 229 24.54 -27.49 -14.95
C ILE G 229 25.28 -28.76 -15.39
N GLY G 230 25.08 -29.17 -16.63
CA GLY G 230 25.80 -30.34 -17.17
C GLY G 230 27.28 -30.18 -17.50
N ASP G 231 27.67 -28.97 -17.86
CA ASP G 231 28.98 -28.72 -18.45
C ASP G 231 29.24 -27.23 -18.39
N THR G 232 30.43 -26.88 -17.93
CA THR G 232 30.83 -25.51 -17.76
C THR G 232 31.02 -24.85 -19.13
N GLY G 233 30.85 -23.53 -19.17
CA GLY G 233 31.02 -22.78 -20.38
C GLY G 233 32.02 -21.67 -20.20
N LEU G 234 32.76 -21.36 -21.26
CA LEU G 234 33.66 -20.22 -21.19
C LEU G 234 33.66 -19.50 -22.52
N THR G 235 33.93 -18.20 -22.49
CA THR G 235 34.07 -17.43 -23.72
C THR G 235 35.27 -17.95 -24.52
N GLY G 236 35.12 -18.02 -25.84
CA GLY G 236 36.23 -18.34 -26.71
C GLY G 236 36.66 -19.78 -26.71
N ARG G 237 35.75 -20.70 -26.39
CA ARG G 237 36.05 -22.15 -26.42
C ARG G 237 35.37 -22.89 -27.57
N LYS G 238 35.00 -22.13 -28.57
CA LYS G 238 34.37 -22.66 -29.75
C LYS G 238 34.93 -21.97 -31.00
N ILE G 239 36.26 -21.82 -31.01
CA ILE G 239 36.84 -20.92 -32.00
C ILE G 239 36.78 -21.56 -33.39
N ILE G 240 36.81 -22.89 -33.47
CA ILE G 240 36.72 -23.60 -34.74
C ILE G 240 35.28 -23.65 -35.26
N VAL G 241 34.30 -23.82 -34.37
CA VAL G 241 32.89 -23.72 -34.73
C VAL G 241 32.57 -22.30 -35.21
N ASP G 242 33.18 -21.32 -34.56
CA ASP G 242 33.06 -19.91 -34.92
C ASP G 242 33.61 -19.56 -36.30
N THR G 243 34.55 -20.35 -36.78
CA THR G 243 35.30 -20.04 -38.00
C THR G 243 34.96 -21.04 -39.13
N TYR G 244 35.90 -21.95 -39.47
CA TYR G 244 35.77 -22.75 -40.67
C TYR G 244 35.69 -24.28 -40.44
N GLY G 245 35.26 -24.71 -39.26
CA GLY G 245 34.95 -26.11 -39.02
C GLY G 245 36.10 -27.06 -39.23
N GLY G 246 37.33 -26.61 -38.96
CA GLY G 246 38.51 -27.47 -39.05
C GLY G 246 39.04 -27.65 -40.47
N VAL G 247 38.32 -27.14 -41.47
CA VAL G 247 38.83 -27.11 -42.82
C VAL G 247 39.91 -26.06 -42.98
N GLY G 248 39.67 -24.84 -42.51
CA GLY G 248 40.69 -23.80 -42.54
C GLY G 248 41.63 -23.96 -41.34
N HIS G 249 42.77 -23.30 -41.36
CA HIS G 249 43.61 -23.19 -40.17
C HIS G 249 43.05 -22.09 -39.22
N HIS G 250 43.70 -21.96 -38.06
CA HIS G 250 43.34 -21.01 -37.05
C HIS G 250 44.63 -20.67 -36.27
N GLY G 251 44.85 -19.40 -35.97
CA GLY G 251 46.02 -18.92 -35.22
C GLY G 251 45.85 -18.90 -33.70
N GLY G 252 44.64 -19.13 -33.23
CA GLY G 252 44.31 -19.34 -31.85
C GLY G 252 43.29 -18.35 -31.28
N GLY G 253 43.17 -17.15 -31.83
CA GLY G 253 42.40 -16.10 -31.21
C GLY G 253 40.88 -16.28 -31.21
N ALA G 254 40.24 -15.96 -30.09
CA ALA G 254 38.78 -15.97 -30.01
C ALA G 254 38.20 -14.62 -30.40
N PHE G 255 36.92 -14.63 -30.76
CA PHE G 255 36.24 -13.43 -31.21
C PHE G 255 35.44 -12.71 -30.15
N SER G 256 34.61 -13.43 -29.40
CA SER G 256 33.51 -12.74 -28.66
C SER G 256 34.01 -11.96 -27.45
N GLY G 257 33.37 -10.83 -27.23
CA GLY G 257 33.74 -9.95 -26.14
C GLY G 257 34.85 -8.99 -26.45
N LYS G 258 35.34 -9.00 -27.70
CA LYS G 258 36.47 -8.13 -28.09
C LYS G 258 36.08 -6.95 -28.99
N ASP G 259 36.60 -5.79 -28.67
CA ASP G 259 36.36 -4.62 -29.52
C ASP G 259 37.28 -4.77 -30.74
N PRO G 260 37.08 -3.95 -31.78
CA PRO G 260 37.87 -4.18 -32.97
C PRO G 260 39.36 -3.86 -32.88
N THR G 261 39.82 -3.16 -31.86
CA THR G 261 41.25 -2.96 -31.74
C THR G 261 41.98 -4.28 -31.53
N LYS G 262 41.29 -5.28 -30.98
CA LYS G 262 41.82 -6.61 -30.83
C LYS G 262 41.82 -7.25 -32.25
N VAL G 263 43.01 -7.37 -32.82
CA VAL G 263 43.11 -7.83 -34.19
C VAL G 263 42.70 -9.26 -34.38
N ASP G 264 42.77 -10.06 -33.30
CA ASP G 264 42.19 -11.38 -33.22
C ASP G 264 40.81 -11.40 -33.96
N ARG G 265 40.00 -10.38 -33.69
CA ARG G 265 38.71 -10.27 -34.30
C ARG G 265 38.70 -9.51 -35.63
N SER G 266 39.18 -8.27 -35.64
CA SER G 266 39.05 -7.45 -36.85
C SER G 266 39.86 -8.02 -38.02
N ALA G 267 41.11 -8.41 -37.78
CA ALA G 267 41.94 -8.99 -38.83
C ALA G 267 41.41 -10.27 -39.37
N SER G 268 40.79 -11.09 -38.52
CA SER G 268 40.12 -12.30 -38.99
C SER G 268 38.95 -12.00 -39.94
N TYR G 269 38.15 -10.99 -39.61
CA TYR G 269 37.06 -10.59 -40.52
C TYR G 269 37.59 -10.00 -41.83
N PHE G 270 38.71 -9.27 -41.72
CA PHE G 270 39.39 -8.68 -42.86
C PHE G 270 39.93 -9.76 -43.76
N ALA G 271 40.58 -10.77 -43.17
CA ALA G 271 41.14 -11.86 -43.94
C ALA G 271 40.04 -12.66 -44.63
N ARG G 272 38.94 -12.94 -43.93
CA ARG G 272 37.76 -13.56 -44.57
C ARG G 272 37.21 -12.73 -45.74
N TRP G 273 37.17 -11.42 -45.54
CA TRP G 273 36.73 -10.50 -46.57
C TRP G 273 37.58 -10.63 -47.84
N ILE G 274 38.89 -10.62 -47.66
CA ILE G 274 39.80 -10.76 -48.78
C ILE G 274 39.59 -12.12 -49.43
N ALA G 275 39.76 -13.18 -48.66
CA ALA G 275 39.65 -14.52 -49.18
C ALA G 275 38.34 -14.76 -49.88
N LYS G 276 37.24 -14.31 -49.29
CA LYS G 276 35.94 -14.53 -49.91
C LYS G 276 35.83 -13.84 -51.27
N ASN G 277 36.25 -12.58 -51.34
CA ASN G 277 36.26 -11.87 -52.61
C ASN G 277 37.20 -12.52 -53.66
N VAL G 278 38.39 -12.95 -53.25
CA VAL G 278 39.28 -13.70 -54.13
C VAL G 278 38.58 -14.89 -54.76
N VAL G 279 37.79 -15.65 -54.01
CA VAL G 279 37.10 -16.80 -54.59
C VAL G 279 35.95 -16.33 -55.46
N ALA G 280 35.16 -15.40 -54.98
CA ALA G 280 34.07 -14.89 -55.80
C ALA G 280 34.54 -14.25 -57.12
N ALA G 281 35.75 -13.68 -57.14
CA ALA G 281 36.36 -13.15 -58.37
C ALA G 281 36.87 -14.23 -59.31
N LYS G 282 36.79 -15.49 -58.87
CA LYS G 282 37.24 -16.66 -59.61
C LYS G 282 38.75 -16.65 -59.89
N LEU G 283 39.55 -16.08 -58.98
CA LEU G 283 41.00 -16.23 -59.04
C LEU G 283 41.43 -17.52 -58.41
N ALA G 284 40.58 -18.10 -57.57
CA ALA G 284 40.87 -19.44 -57.02
C ALA G 284 39.60 -20.11 -56.58
N LYS G 285 39.63 -21.43 -56.45
CA LYS G 285 38.51 -22.18 -55.87
C LYS G 285 38.56 -22.13 -54.36
N GLN G 286 39.74 -22.08 -53.78
CA GLN G 286 39.92 -21.92 -52.33
C GLN G 286 41.01 -20.92 -52.05
N CYS G 287 40.89 -20.17 -50.97
CA CYS G 287 41.88 -19.20 -50.61
C CYS G 287 41.97 -19.07 -49.10
N GLU G 288 43.19 -19.06 -48.60
CA GLU G 288 43.46 -18.94 -47.19
C GLU G 288 44.49 -17.87 -47.00
N ILE G 289 44.23 -16.92 -46.11
CA ILE G 289 45.12 -15.78 -45.91
C ILE G 289 45.54 -15.78 -44.47
N GLN G 290 46.84 -15.67 -44.23
CA GLN G 290 47.40 -15.68 -42.87
C GLN G 290 48.05 -14.35 -42.67
N LEU G 291 47.66 -13.64 -41.61
CA LEU G 291 48.24 -12.34 -41.28
C LEU G 291 48.76 -12.46 -39.87
N ALA G 292 49.94 -11.90 -39.61
CA ALA G 292 50.51 -11.86 -38.28
C ALA G 292 50.70 -10.42 -37.82
N PHE G 293 50.58 -10.21 -36.51
CA PHE G 293 50.66 -8.88 -35.95
C PHE G 293 51.62 -8.74 -34.79
N ALA G 294 52.03 -7.53 -34.52
CA ALA G 294 52.86 -7.21 -33.37
C ALA G 294 52.16 -6.10 -32.59
N ILE G 295 52.12 -6.22 -31.26
CA ILE G 295 51.39 -5.24 -30.45
C ILE G 295 51.93 -3.82 -30.65
N GLY G 296 51.03 -2.91 -30.96
CA GLY G 296 51.40 -1.52 -31.20
C GLY G 296 51.79 -1.20 -32.63
N GLN G 297 51.96 -2.21 -33.50
CA GLN G 297 52.28 -1.96 -34.89
C GLN G 297 51.00 -1.83 -35.74
N PRO G 298 50.91 -0.76 -36.55
CA PRO G 298 49.67 -0.49 -37.28
C PRO G 298 49.38 -1.36 -38.50
N GLN G 299 50.37 -2.12 -38.98
CA GLN G 299 50.22 -3.00 -40.13
C GLN G 299 50.67 -4.41 -39.81
N PRO G 300 50.19 -5.39 -40.58
CA PRO G 300 50.62 -6.77 -40.37
C PRO G 300 52.12 -6.88 -40.48
N VAL G 301 52.67 -7.77 -39.67
CA VAL G 301 54.09 -7.98 -39.64
C VAL G 301 54.50 -9.04 -40.66
N ALA G 302 53.56 -9.86 -41.12
CA ALA G 302 53.81 -10.88 -42.10
C ALA G 302 52.49 -11.27 -42.76
N MET G 303 52.56 -11.81 -43.96
CA MET G 303 51.35 -12.18 -44.74
C MET G 303 51.64 -13.38 -45.65
N TYR G 304 50.70 -14.30 -45.74
CA TYR G 304 50.83 -15.43 -46.62
C TYR G 304 49.48 -15.79 -47.25
N VAL G 305 49.45 -15.86 -48.58
CA VAL G 305 48.31 -16.35 -49.33
C VAL G 305 48.56 -17.76 -49.83
N ASN G 306 47.59 -18.63 -49.60
CA ASN G 306 47.66 -19.99 -50.05
C ASN G 306 46.35 -20.27 -50.80
N THR G 307 46.50 -20.67 -52.08
CA THR G 307 45.39 -21.01 -52.94
C THR G 307 45.28 -22.50 -53.15
N PHE G 308 46.04 -23.31 -52.42
CA PHE G 308 45.91 -24.79 -52.48
C PHE G 308 45.99 -25.44 -53.87
N ASN G 309 46.72 -24.76 -54.78
CA ASN G 309 46.83 -25.18 -56.16
C ASN G 309 45.51 -25.18 -56.93
N THR G 310 44.61 -24.29 -56.53
CA THR G 310 43.36 -24.09 -57.22
C THR G 310 43.33 -22.72 -57.88
N ASN G 311 44.49 -22.04 -57.92
CA ASN G 311 44.57 -20.73 -58.54
C ASN G 311 44.32 -20.79 -60.03
N LEU G 312 43.44 -19.92 -60.53
CA LEU G 312 43.25 -19.72 -61.96
C LEU G 312 44.10 -18.47 -61.88
N ILE G 313 44.94 -18.28 -62.85
CA ILE G 313 46.05 -17.28 -62.83
C ILE G 313 47.20 -17.50 -61.85
N ASP G 314 48.34 -17.02 -62.25
CA ASP G 314 49.56 -17.11 -61.45
C ASP G 314 49.32 -16.57 -60.06
N GLU G 315 49.73 -17.31 -59.06
CA GLU G 315 49.67 -16.93 -57.62
C GLU G 315 50.30 -15.59 -57.38
N THR G 316 51.38 -15.27 -58.07
CA THR G 316 52.07 -13.99 -57.94
C THR G 316 51.12 -12.82 -58.27
N LYS G 317 50.31 -12.99 -59.29
CA LYS G 317 49.37 -11.97 -59.69
C LYS G 317 48.18 -11.87 -58.74
N ILE G 318 47.80 -12.98 -58.10
CA ILE G 318 46.78 -12.96 -57.04
C ILE G 318 47.22 -12.18 -55.80
N PHE G 319 48.40 -12.49 -55.30
CA PHE G 319 49.03 -11.74 -54.19
C PHE G 319 49.12 -10.26 -54.51
N GLU G 320 49.49 -9.96 -55.73
CA GLU G 320 49.71 -8.58 -56.20
C GLU G 320 48.35 -7.84 -56.32
N ALA G 321 47.28 -8.53 -56.68
CA ALA G 321 45.94 -7.91 -56.81
C ALA G 321 45.40 -7.58 -55.39
N ILE G 322 45.52 -8.55 -54.50
CA ILE G 322 45.18 -8.36 -53.10
C ILE G 322 45.87 -7.10 -52.56
N LYS G 323 47.19 -6.99 -52.67
CA LYS G 323 47.91 -5.85 -52.16
C LYS G 323 47.41 -4.49 -52.72
N LYS G 324 47.05 -4.45 -53.98
CA LYS G 324 46.52 -3.22 -54.59
C LYS G 324 45.05 -2.97 -54.36
N SER G 325 44.30 -3.99 -53.97
CA SER G 325 42.88 -3.85 -53.72
C SER G 325 42.50 -3.61 -52.25
N PHE G 326 43.43 -3.83 -51.31
CA PHE G 326 43.08 -3.77 -49.89
C PHE G 326 44.08 -2.91 -49.16
N ASN G 327 43.58 -2.09 -48.24
CA ASN G 327 44.43 -1.33 -47.35
C ASN G 327 44.61 -2.11 -46.05
N PHE G 328 45.88 -2.37 -45.73
CA PHE G 328 46.26 -3.25 -44.61
C PHE G 328 46.52 -2.52 -43.30
N ASP G 329 46.41 -1.20 -43.33
CA ASP G 329 46.42 -0.41 -42.11
C ASP G 329 45.23 -0.83 -41.22
N ILE G 330 45.49 -1.09 -39.93
CA ILE G 330 44.47 -1.62 -39.02
C ILE G 330 43.31 -0.66 -38.86
N LYS G 331 43.61 0.60 -38.57
CA LYS G 331 42.57 1.61 -38.44
C LYS G 331 41.71 1.71 -39.69
N THR G 332 42.35 1.65 -40.84
CA THR G 332 41.64 1.69 -42.10
C THR G 332 40.71 0.50 -42.34
N PHE G 333 41.19 -0.74 -42.20
CA PHE G 333 40.27 -1.88 -42.41
C PHE G 333 39.16 -1.98 -41.37
N ILE G 334 39.39 -1.52 -40.16
CA ILE G 334 38.32 -1.44 -39.16
C ILE G 334 37.19 -0.55 -39.68
N ASN G 335 37.55 0.64 -40.15
CA ASN G 335 36.57 1.58 -40.71
C ASN G 335 35.93 1.09 -41.99
N ASP G 336 36.72 0.52 -42.90
CA ASP G 336 36.21 -0.07 -44.14
C ASP G 336 35.14 -1.12 -43.89
N LEU G 337 35.36 -1.92 -42.84
CA LEU G 337 34.38 -2.91 -42.49
C LEU G 337 33.31 -2.44 -41.49
N ASN G 338 33.31 -1.15 -41.06
CA ASN G 338 32.26 -0.60 -40.21
C ASN G 338 32.16 -1.37 -38.88
N LEU G 339 33.31 -1.72 -38.32
CA LEU G 339 33.35 -2.63 -37.19
C LEU G 339 32.91 -1.99 -35.88
N TRP G 340 33.08 -0.69 -35.75
CA TRP G 340 32.60 0.06 -34.60
C TRP G 340 31.09 0.11 -34.49
N THR G 341 30.39 0.02 -35.61
CA THR G 341 28.94 0.10 -35.63
C THR G 341 28.28 -1.23 -35.96
N THR G 342 29.05 -2.30 -36.13
CA THR G 342 28.44 -3.62 -36.35
C THR G 342 27.97 -4.24 -35.05
N LYS G 343 26.83 -4.93 -35.08
CA LYS G 343 26.39 -5.71 -33.90
C LYS G 343 27.03 -7.10 -33.93
N TYR G 344 27.63 -7.54 -32.84
CA TYR G 344 28.30 -8.87 -32.77
C TYR G 344 27.48 -10.00 -32.13
N LEU G 345 26.39 -9.68 -31.45
CA LEU G 345 25.58 -10.74 -30.85
C LEU G 345 25.03 -11.74 -31.87
N PRO G 346 24.64 -11.27 -33.06
CA PRO G 346 24.11 -12.21 -34.04
C PRO G 346 25.14 -13.23 -34.52
N VAL G 347 26.43 -12.85 -34.54
CA VAL G 347 27.49 -13.79 -34.88
C VAL G 347 28.08 -14.63 -33.73
N ALA G 348 27.70 -14.34 -32.48
CA ALA G 348 28.09 -15.19 -31.36
C ALA G 348 27.43 -16.55 -31.36
N THR G 349 26.42 -16.75 -32.21
CA THR G 349 25.84 -18.09 -32.45
C THR G 349 25.89 -18.38 -33.95
N TYR G 350 26.19 -19.64 -34.30
CA TYR G 350 26.13 -20.19 -35.66
C TYR G 350 27.22 -19.70 -36.65
N GLY G 351 28.40 -19.34 -36.10
CA GLY G 351 29.54 -19.00 -36.94
C GLY G 351 29.52 -17.52 -37.31
N HIS G 352 30.72 -16.97 -37.46
CA HIS G 352 30.93 -15.58 -37.84
C HIS G 352 31.05 -15.39 -39.36
N PHE G 353 31.11 -16.48 -40.10
CA PHE G 353 31.35 -16.42 -41.53
C PHE G 353 30.30 -17.13 -42.35
N GLY G 354 30.14 -16.65 -43.57
CA GLY G 354 29.15 -17.21 -44.47
C GLY G 354 27.78 -17.21 -43.87
N ARG G 355 27.31 -16.02 -43.55
CA ARG G 355 26.05 -15.89 -42.90
C ARG G 355 25.12 -15.23 -43.86
N ASP G 356 24.47 -16.02 -44.72
CA ASP G 356 23.54 -15.41 -45.69
C ASP G 356 22.26 -14.92 -45.04
N ASP G 357 21.98 -15.46 -43.86
CA ASP G 357 20.99 -14.91 -42.95
C ASP G 357 21.26 -13.54 -42.32
N LEU G 358 22.50 -13.03 -42.38
CA LEU G 358 22.84 -11.74 -41.80
C LEU G 358 23.33 -10.86 -42.94
N ASP G 359 23.74 -9.65 -42.60
CA ASP G 359 24.26 -8.71 -43.55
C ASP G 359 25.61 -8.19 -43.11
N LEU G 360 26.60 -9.05 -43.04
CA LEU G 360 27.89 -8.70 -42.45
C LEU G 360 28.77 -8.04 -43.47
N SER G 361 29.47 -7.02 -43.01
CA SER G 361 30.39 -6.23 -43.80
C SER G 361 31.49 -7.03 -44.49
N TRP G 362 31.99 -8.00 -43.76
CA TRP G 362 33.12 -8.85 -44.23
C TRP G 362 32.68 -10.00 -45.13
N GLU G 363 31.37 -10.18 -45.28
CA GLU G 363 30.78 -11.13 -46.23
C GLU G 363 30.40 -10.52 -47.58
N LYS G 364 30.60 -9.22 -47.77
CA LYS G 364 30.19 -8.52 -48.98
C LYS G 364 31.17 -8.78 -50.13
N LEU G 365 30.63 -9.06 -51.32
CA LEU G 365 31.43 -9.31 -52.52
C LEU G 365 31.67 -8.01 -53.30
N ASN G 366 32.02 -6.97 -52.54
CA ASN G 366 32.16 -5.62 -53.06
C ASN G 366 33.60 -5.29 -53.44
N LYS G 367 34.46 -6.29 -53.47
CA LYS G 367 35.83 -6.13 -53.91
C LYS G 367 36.21 -7.00 -55.08
N VAL G 368 35.23 -7.71 -55.68
CA VAL G 368 35.50 -8.58 -56.86
C VAL G 368 36.01 -7.76 -58.03
N GLU G 369 35.39 -6.59 -58.32
CA GLU G 369 35.75 -5.81 -59.49
C GLU G 369 37.18 -5.32 -59.37
N ASP G 370 37.57 -4.81 -58.20
CA ASP G 370 38.94 -4.33 -57.99
C ASP G 370 39.98 -5.42 -58.08
N LEU G 371 39.67 -6.61 -57.58
CA LEU G 371 40.59 -7.76 -57.67
C LEU G 371 40.81 -8.23 -59.11
N ILE G 372 39.70 -8.38 -59.84
CA ILE G 372 39.70 -8.70 -61.26
C ILE G 372 40.56 -7.67 -61.99
N LYS G 373 40.16 -6.41 -61.89
CA LYS G 373 40.85 -5.32 -62.53
C LYS G 373 42.33 -5.30 -62.22
N ASN G 374 42.71 -5.52 -60.97
CA ASN G 374 44.13 -5.46 -60.64
C ASN G 374 44.95 -6.70 -60.93
N SER G 375 44.27 -7.72 -61.44
CA SER G 375 44.80 -8.98 -61.91
C SER G 375 44.07 -10.13 -61.22
N LYS H 4 57.67 -15.07 -51.61
CA LYS H 4 58.24 -15.13 -50.17
C LYS H 4 57.18 -15.74 -49.21
N LYS H 5 57.46 -16.91 -48.67
CA LYS H 5 56.46 -17.77 -48.02
C LYS H 5 56.76 -17.78 -46.53
N ILE H 6 56.05 -16.91 -45.79
CA ILE H 6 56.31 -16.68 -44.38
C ILE H 6 55.24 -17.33 -43.55
N ILE H 7 55.62 -18.26 -42.70
CA ILE H 7 54.69 -18.88 -41.77
C ILE H 7 55.06 -18.51 -40.36
N THR H 8 54.05 -18.29 -39.51
CA THR H 8 54.26 -17.72 -38.16
C THR H 8 53.51 -18.54 -37.13
N SER H 9 54.13 -18.78 -35.99
CA SER H 9 53.50 -19.49 -34.85
C SER H 9 53.86 -18.74 -33.57
N GLU H 10 53.10 -18.95 -32.48
CA GLU H 10 53.36 -18.22 -31.23
C GLU H 10 53.47 -19.14 -30.07
N SER H 11 54.03 -18.63 -28.98
CA SER H 11 53.96 -19.33 -27.69
C SER H 11 53.72 -18.35 -26.55
N VAL H 12 53.34 -18.87 -25.39
CA VAL H 12 53.12 -18.05 -24.20
C VAL H 12 53.75 -18.70 -22.98
N GLY H 13 54.11 -17.87 -22.03
CA GLY H 13 54.88 -18.28 -20.88
C GLY H 13 54.08 -18.89 -19.76
N ALA H 14 54.79 -19.34 -18.73
CA ALA H 14 54.17 -19.88 -17.52
C ALA H 14 53.27 -18.86 -16.80
N GLY H 15 53.64 -17.59 -16.91
CA GLY H 15 52.95 -16.49 -16.26
C GLY H 15 51.81 -15.90 -17.06
N HIS H 16 51.63 -16.33 -18.30
CA HIS H 16 50.52 -15.85 -19.11
C HIS H 16 49.21 -16.30 -18.48
N PRO H 17 48.22 -15.42 -18.42
CA PRO H 17 46.99 -15.73 -17.68
C PRO H 17 46.20 -16.92 -18.19
N ASP H 18 46.11 -17.11 -19.51
CA ASP H 18 45.50 -18.33 -20.06
C ASP H 18 46.23 -19.61 -19.62
N LYS H 19 47.54 -19.52 -19.56
CA LYS H 19 48.38 -20.67 -19.21
C LYS H 19 48.35 -21.01 -17.70
N ILE H 20 48.19 -20.00 -16.87
CA ILE H 20 47.96 -20.19 -15.46
C ILE H 20 46.74 -21.07 -15.25
N CYS H 21 45.65 -20.74 -15.94
CA CYS H 21 44.42 -21.50 -15.85
C CYS H 21 44.61 -22.94 -16.35
N ASP H 22 45.31 -23.09 -17.45
CA ASP H 22 45.68 -24.40 -17.96
C ASP H 22 46.49 -25.18 -16.95
N GLN H 23 47.46 -24.52 -16.31
CA GLN H 23 48.28 -25.16 -15.26
C GLN H 23 47.48 -25.61 -14.08
N ILE H 24 46.64 -24.72 -13.58
CA ILE H 24 45.81 -25.03 -12.41
C ILE H 24 44.88 -26.17 -12.75
N SER H 25 44.28 -26.13 -13.94
CA SER H 25 43.35 -27.16 -14.36
C SER H 25 44.04 -28.52 -14.40
N ASP H 26 45.24 -28.58 -14.92
CA ASP H 26 45.98 -29.82 -15.00
C ASP H 26 46.60 -30.23 -13.69
N ALA H 27 46.99 -29.26 -12.87
CA ALA H 27 47.45 -29.61 -11.52
C ALA H 27 46.33 -30.28 -10.71
N ILE H 28 45.09 -29.85 -10.95
CA ILE H 28 43.95 -30.39 -10.23
C ILE H 28 43.65 -31.79 -10.73
N LEU H 29 43.64 -31.91 -12.02
CA LEU H 29 43.47 -33.23 -12.66
C LEU H 29 44.49 -34.23 -12.12
N ASP H 30 45.74 -33.79 -12.05
CA ASP H 30 46.86 -34.61 -11.57
C ASP H 30 46.61 -35.15 -10.18
N GLU H 31 46.22 -34.26 -9.26
CA GLU H 31 45.88 -34.65 -7.90
C GLU H 31 44.75 -35.66 -7.86
N CYS H 32 43.70 -35.43 -8.65
CA CYS H 32 42.58 -36.38 -8.73
C CYS H 32 43.01 -37.75 -9.20
N LEU H 33 43.72 -37.80 -10.32
CA LEU H 33 44.10 -39.06 -10.91
C LEU H 33 45.11 -39.78 -10.03
N SER H 34 45.96 -39.02 -9.35
CA SER H 34 46.94 -39.56 -8.44
C SER H 34 46.29 -40.35 -7.29
N GLN H 35 45.15 -39.86 -6.81
CA GLN H 35 44.37 -40.53 -5.78
C GLN H 35 43.32 -41.50 -6.29
N ASP H 36 42.70 -41.22 -7.45
CA ASP H 36 41.61 -42.02 -8.02
C ASP H 36 41.80 -42.09 -9.55
N GLN H 37 42.19 -43.26 -10.06
CA GLN H 37 42.38 -43.43 -11.48
C GLN H 37 41.09 -43.67 -12.26
N ASN H 38 39.95 -43.71 -11.59
CA ASN H 38 38.65 -43.66 -12.26
C ASN H 38 37.96 -42.30 -12.16
N SER H 39 38.74 -41.27 -11.84
CA SER H 39 38.19 -39.90 -11.78
C SER H 39 37.64 -39.45 -13.12
N ARG H 40 36.53 -38.73 -13.07
CA ARG H 40 36.02 -37.99 -14.21
C ARG H 40 36.25 -36.52 -13.91
N VAL H 41 36.99 -35.84 -14.75
CA VAL H 41 37.48 -34.52 -14.40
C VAL H 41 37.38 -33.65 -15.62
N ALA H 42 36.80 -32.48 -15.44
CA ALA H 42 36.59 -31.49 -16.49
C ALA H 42 36.67 -30.12 -15.88
N CYS H 43 37.87 -29.78 -15.44
CA CYS H 43 38.11 -28.60 -14.62
C CYS H 43 38.46 -27.39 -15.50
N GLU H 44 37.69 -26.33 -15.36
CA GLU H 44 37.91 -25.07 -16.09
C GLU H 44 38.22 -24.00 -15.07
N VAL H 45 39.12 -23.10 -15.41
CA VAL H 45 39.59 -22.08 -14.49
C VAL H 45 39.57 -20.71 -15.20
N LEU H 46 39.11 -19.71 -14.44
CA LEU H 46 39.14 -18.30 -14.84
C LEU H 46 40.04 -17.55 -13.87
N ALA H 47 40.90 -16.67 -14.37
CA ALA H 47 41.72 -15.82 -13.54
C ALA H 47 41.62 -14.40 -14.04
N CYS H 48 41.04 -13.50 -13.27
CA CYS H 48 40.93 -12.13 -13.69
C CYS H 48 41.30 -11.26 -12.53
N ASN H 49 41.91 -10.12 -12.75
CA ASN H 49 42.18 -9.16 -11.72
C ASN H 49 42.44 -9.74 -10.31
N ARG H 50 41.52 -9.70 -9.39
CA ARG H 50 41.89 -10.32 -8.07
C ARG H 50 41.20 -11.65 -7.82
N LEU H 51 40.88 -12.38 -8.86
CA LEU H 51 39.91 -13.46 -8.68
C LEU H 51 40.33 -14.68 -9.48
N ILE H 52 40.24 -15.87 -8.89
CA ILE H 52 40.47 -17.12 -9.61
C ILE H 52 39.27 -17.98 -9.35
N VAL H 53 38.57 -18.37 -10.39
CA VAL H 53 37.42 -19.22 -10.25
C VAL H 53 37.78 -20.59 -10.77
N ILE H 54 37.52 -21.61 -9.98
CA ILE H 54 37.85 -22.98 -10.27
C ILE H 54 36.52 -23.70 -10.39
N ALA H 55 36.17 -24.11 -11.59
CA ALA H 55 34.86 -24.66 -11.85
C ALA H 55 34.99 -25.93 -12.68
N GLY H 56 33.89 -26.46 -13.17
CA GLY H 56 33.94 -27.68 -13.92
C GLY H 56 33.27 -28.81 -13.16
N GLU H 57 33.23 -29.98 -13.81
CA GLU H 57 32.55 -31.14 -13.32
C GLU H 57 33.55 -32.17 -12.91
N ILE H 58 33.44 -32.69 -11.70
CA ILE H 58 34.34 -33.74 -11.23
C ILE H 58 33.56 -34.76 -10.46
N THR H 59 33.78 -36.03 -10.75
CA THR H 59 33.32 -37.13 -9.89
C THR H 59 34.53 -37.97 -9.57
N THR H 60 34.82 -38.10 -8.29
CA THR H 60 36.08 -38.69 -7.85
C THR H 60 36.00 -39.11 -6.38
N HIS H 61 36.77 -40.13 -6.03
CA HIS H 61 36.95 -40.50 -4.63
C HIS H 61 38.05 -39.69 -4.00
N ALA H 62 38.79 -38.93 -4.78
CA ALA H 62 39.85 -38.05 -4.26
C ALA H 62 39.27 -36.85 -3.57
N TYR H 63 40.10 -36.19 -2.74
CA TYR H 63 39.86 -34.82 -2.33
C TYR H 63 41.07 -34.00 -2.75
N VAL H 64 40.86 -32.89 -3.44
CA VAL H 64 41.91 -32.00 -3.86
C VAL H 64 41.70 -30.66 -3.22
N ASP H 65 42.71 -30.16 -2.52
CA ASP H 65 42.62 -28.84 -1.92
C ASP H 65 42.89 -27.83 -3.00
N VAL H 66 41.81 -27.33 -3.56
CA VAL H 66 41.80 -26.46 -4.70
C VAL H 66 42.62 -25.16 -4.46
N VAL H 67 42.56 -24.63 -3.25
CA VAL H 67 43.31 -23.42 -2.92
C VAL H 67 44.81 -23.67 -2.85
N LYS H 68 45.19 -24.73 -2.15
CA LYS H 68 46.58 -25.13 -2.05
C LYS H 68 47.17 -25.38 -3.43
N THR H 69 46.36 -25.95 -4.33
CA THR H 69 46.82 -26.30 -5.67
C THR H 69 47.03 -25.05 -6.51
N ALA H 70 46.11 -24.11 -6.44
CA ALA H 70 46.27 -22.87 -7.15
C ALA H 70 47.54 -22.16 -6.69
N TRP H 71 47.83 -22.22 -5.41
CA TRP H 71 49.03 -21.58 -4.89
C TRP H 71 50.32 -22.24 -5.38
N GLU H 72 50.34 -23.56 -5.48
CA GLU H 72 51.50 -24.28 -6.04
C GLU H 72 51.91 -23.77 -7.37
N ILE H 73 50.92 -23.45 -8.21
CA ILE H 73 51.20 -22.91 -9.52
C ILE H 73 51.56 -21.44 -9.50
N ILE H 74 50.88 -20.68 -8.66
CA ILE H 74 51.00 -19.19 -8.62
C ILE H 74 52.21 -18.69 -7.86
N LYS H 75 52.65 -19.40 -6.81
CA LYS H 75 53.82 -18.97 -5.99
C LYS H 75 55.12 -18.86 -6.77
N PRO H 76 55.47 -19.87 -7.56
CA PRO H 76 56.65 -19.71 -8.41
C PRO H 76 56.59 -18.55 -9.40
N LEU H 77 55.41 -18.11 -9.78
CA LEU H 77 55.28 -16.95 -10.67
C LEU H 77 55.51 -15.64 -9.94
N GLY H 78 55.43 -15.65 -8.61
CA GLY H 78 55.68 -14.47 -7.78
C GLY H 78 54.51 -13.95 -6.96
N TYR H 79 53.38 -14.65 -6.98
CA TYR H 79 52.21 -14.24 -6.24
C TYR H 79 52.16 -14.87 -4.86
N ASP H 80 51.33 -14.30 -4.01
CA ASP H 80 51.21 -14.76 -2.62
C ASP H 80 49.77 -15.06 -2.30
N GLU H 81 49.53 -15.49 -1.08
CA GLU H 81 48.24 -16.00 -0.64
C GLU H 81 47.14 -14.97 -0.57
N ASN H 82 47.54 -13.68 -0.49
CA ASN H 82 46.55 -12.58 -0.42
C ASN H 82 46.28 -11.92 -1.76
N ASP H 83 46.95 -12.30 -2.83
CA ASP H 83 46.65 -11.74 -4.16
C ASP H 83 45.29 -12.11 -4.78
N PHE H 84 44.75 -13.29 -4.50
CA PHE H 84 43.53 -13.70 -5.18
C PHE H 84 42.47 -14.25 -4.28
N THR H 85 41.25 -13.80 -4.51
CA THR H 85 40.08 -14.44 -4.02
C THR H 85 39.92 -15.73 -4.80
N ILE H 86 39.83 -16.86 -4.11
CA ILE H 86 39.57 -18.11 -4.79
C ILE H 86 38.15 -18.60 -4.64
N ILE H 87 37.49 -18.89 -5.77
CA ILE H 87 36.15 -19.44 -5.78
C ILE H 87 36.21 -20.88 -6.24
N SER H 88 35.56 -21.79 -5.54
CA SER H 88 35.59 -23.22 -5.91
C SER H 88 34.17 -23.69 -6.19
N ASN H 89 33.84 -23.96 -7.44
CA ASN H 89 32.49 -24.34 -7.86
C ASN H 89 32.53 -25.65 -8.63
N VAL H 90 32.76 -26.73 -7.91
CA VAL H 90 32.91 -28.02 -8.52
C VAL H 90 31.56 -28.69 -8.55
N ASN H 91 31.07 -28.98 -9.74
CA ASN H 91 29.75 -29.55 -9.92
C ASN H 91 29.49 -31.10 -9.88
N LYS H 92 30.40 -32.00 -10.05
CA LYS H 92 30.02 -33.40 -10.33
C LYS H 92 29.61 -33.67 -11.80
N GLN H 93 30.11 -34.78 -12.34
CA GLN H 93 29.79 -35.13 -13.73
C GLN H 93 28.33 -35.52 -13.79
N SER H 94 27.70 -35.17 -14.91
CA SER H 94 26.32 -35.47 -15.16
C SER H 94 26.11 -36.98 -15.24
N VAL H 95 25.16 -37.48 -14.49
CA VAL H 95 24.85 -38.91 -14.51
C VAL H 95 24.40 -39.40 -15.88
N ASP H 96 23.77 -38.52 -16.64
CA ASP H 96 23.33 -38.87 -17.99
C ASP H 96 24.51 -39.03 -18.95
N ILE H 97 25.56 -38.26 -18.75
CA ILE H 97 26.79 -38.45 -19.47
C ILE H 97 27.51 -39.67 -18.99
N ALA H 98 27.59 -39.86 -17.67
CA ALA H 98 28.33 -40.99 -17.10
C ALA H 98 27.84 -42.35 -17.56
N GLN H 99 26.53 -42.52 -17.66
CA GLN H 99 25.94 -43.78 -18.13
C GLN H 99 26.43 -44.15 -19.53
N SER H 100 26.53 -43.14 -20.38
CA SER H 100 27.00 -43.30 -21.74
C SER H 100 28.49 -43.62 -21.88
N VAL H 101 29.32 -43.02 -21.04
CA VAL H 101 30.78 -43.24 -21.08
C VAL H 101 31.12 -44.56 -20.41
N ASP H 102 30.58 -44.79 -19.22
CA ASP H 102 30.88 -45.98 -18.44
C ASP H 102 29.88 -47.04 -18.78
N LYS H 103 30.29 -47.93 -19.69
CA LYS H 103 29.43 -49.09 -20.02
C LYS H 103 29.41 -50.08 -18.84
N THR H 104 28.32 -50.84 -18.72
CA THR H 104 28.08 -51.62 -17.49
C THR H 104 29.20 -52.64 -17.33
N ASN H 105 29.41 -53.42 -18.39
CA ASN H 105 30.54 -54.31 -18.49
C ASN H 105 31.68 -53.32 -18.80
N LYS H 106 32.69 -53.34 -17.96
CA LYS H 106 33.78 -52.37 -18.00
C LYS H 106 34.76 -52.66 -19.16
N ASN H 107 34.39 -53.40 -20.14
CA ASN H 107 35.22 -53.73 -21.28
C ASN H 107 35.45 -52.62 -22.31
N LEU H 108 34.51 -51.70 -22.36
CA LEU H 108 34.57 -50.57 -23.32
C LEU H 108 34.27 -49.28 -22.61
N ILE H 109 34.90 -48.21 -23.08
CA ILE H 109 34.56 -46.86 -22.59
C ILE H 109 34.00 -46.16 -23.83
N GLY H 110 32.80 -45.58 -23.72
CA GLY H 110 32.26 -44.74 -24.78
C GLY H 110 32.93 -43.35 -24.78
N ALA H 111 32.89 -42.66 -25.89
CA ALA H 111 33.57 -41.38 -25.99
C ALA H 111 32.96 -40.36 -25.06
N GLY H 112 33.81 -39.59 -24.39
CA GLY H 112 33.34 -38.59 -23.45
C GLY H 112 32.45 -37.50 -24.04
N ASP H 113 32.59 -37.27 -25.33
CA ASP H 113 31.84 -36.26 -26.05
C ASP H 113 32.01 -36.52 -27.56
N GLN H 114 31.15 -35.91 -28.37
CA GLN H 114 31.42 -35.80 -29.80
C GLN H 114 32.58 -34.82 -30.04
N GLY H 115 33.09 -34.85 -31.25
CA GLY H 115 34.06 -33.86 -31.71
C GLY H 115 35.02 -34.40 -32.74
N ILE H 116 35.98 -33.56 -33.07
CA ILE H 116 36.92 -33.80 -34.10
C ILE H 116 38.29 -33.46 -33.54
N VAL H 117 39.28 -34.30 -33.78
CA VAL H 117 40.66 -34.05 -33.35
C VAL H 117 41.59 -34.16 -34.53
N PHE H 118 42.80 -33.62 -34.41
CA PHE H 118 43.78 -33.70 -35.46
C PHE H 118 45.13 -34.05 -34.85
N GLY H 119 45.79 -35.07 -35.39
CA GLY H 119 47.17 -35.37 -35.06
C GLY H 119 47.97 -34.82 -36.22
N TYR H 120 49.21 -34.43 -35.95
CA TYR H 120 50.04 -33.94 -37.00
C TYR H 120 51.50 -34.15 -36.67
N ALA H 121 52.28 -34.37 -37.73
CA ALA H 121 53.71 -34.55 -37.60
C ALA H 121 54.37 -34.17 -38.90
N CYS H 122 55.65 -33.79 -38.81
CA CYS H 122 56.42 -33.45 -40.00
C CYS H 122 57.92 -33.68 -39.72
N ASP H 123 58.73 -33.66 -40.77
CA ASP H 123 60.13 -33.82 -40.75
C ASP H 123 61.13 -32.79 -40.33
N GLU H 124 60.62 -31.58 -40.09
CA GLU H 124 61.49 -30.34 -40.03
C GLU H 124 62.37 -30.25 -38.81
N THR H 125 62.03 -30.96 -37.72
CA THR H 125 62.77 -30.85 -36.47
C THR H 125 62.93 -32.23 -35.83
N PRO H 126 63.94 -32.40 -34.96
CA PRO H 126 64.08 -33.65 -34.21
C PRO H 126 62.82 -34.06 -33.47
N GLN H 127 62.06 -33.07 -33.00
CA GLN H 127 60.77 -33.27 -32.33
C GLN H 127 59.62 -33.69 -33.27
N TYR H 128 59.84 -33.65 -34.58
CA TYR H 128 58.81 -33.92 -35.60
C TYR H 128 57.66 -32.91 -35.54
N MET H 129 58.03 -31.64 -35.35
CA MET H 129 57.09 -30.53 -35.14
C MET H 129 57.47 -29.39 -36.07
N PRO H 130 56.51 -28.51 -36.43
CA PRO H 130 56.84 -27.32 -37.20
C PRO H 130 57.89 -26.48 -36.52
N LEU H 131 58.85 -25.98 -37.30
CA LEU H 131 59.97 -25.24 -36.77
C LEU H 131 59.53 -23.95 -36.09
N THR H 132 58.44 -23.36 -36.55
CA THR H 132 57.97 -22.13 -35.96
C THR H 132 57.54 -22.29 -34.49
N SER H 133 56.78 -23.35 -34.24
CA SER H 133 56.35 -23.74 -32.91
C SER H 133 57.52 -24.05 -32.00
N VAL H 134 58.43 -24.86 -32.47
CA VAL H 134 59.53 -25.30 -31.64
C VAL H 134 60.36 -24.09 -31.20
N LEU H 135 60.67 -23.22 -32.14
CA LEU H 135 61.46 -22.04 -31.79
C LEU H 135 60.72 -21.09 -30.85
N ALA H 136 59.43 -20.94 -31.08
CA ALA H 136 58.61 -20.07 -30.20
C ALA H 136 58.60 -20.57 -28.73
N HIS H 137 58.46 -21.88 -28.56
CA HIS H 137 58.46 -22.48 -27.25
C HIS H 137 59.85 -22.44 -26.62
N GLU H 138 60.89 -22.73 -27.39
CA GLU H 138 62.26 -22.79 -26.84
C GLU H 138 62.66 -21.43 -26.30
N LEU H 139 62.30 -20.40 -27.04
CA LEU H 139 62.56 -19.02 -26.66
C LEU H 139 62.04 -18.71 -25.25
N LEU H 140 60.78 -19.04 -25.01
CA LEU H 140 60.17 -18.75 -23.73
C LEU H 140 60.68 -19.63 -22.60
N LYS H 141 60.96 -20.91 -22.89
CA LYS H 141 61.55 -21.81 -21.90
C LYS H 141 62.85 -21.29 -21.39
N GLU H 142 63.67 -20.79 -22.32
CA GLU H 142 64.97 -20.33 -21.99
C GLU H 142 64.89 -19.03 -21.19
N ILE H 143 63.93 -18.17 -21.52
CA ILE H 143 63.75 -16.96 -20.72
C ILE H 143 63.28 -17.30 -19.29
N GLU H 144 62.28 -18.17 -19.17
CA GLU H 144 61.77 -18.56 -17.86
C GLU H 144 62.87 -19.25 -17.05
N ARG H 145 63.66 -20.12 -17.67
CA ARG H 145 64.71 -20.79 -16.92
C ARG H 145 65.73 -19.78 -16.36
N GLN H 146 66.11 -18.82 -17.20
CA GLN H 146 67.02 -17.76 -16.78
C GLN H 146 66.44 -16.84 -15.72
N ARG H 147 65.14 -16.63 -15.76
CA ARG H 147 64.45 -15.87 -14.72
C ARG H 147 64.57 -16.55 -13.37
N ARG H 148 64.31 -17.86 -13.32
CA ARG H 148 64.36 -18.65 -12.09
C ARG H 148 65.79 -18.83 -11.58
N SER H 149 66.75 -19.01 -12.49
CA SER H 149 68.17 -19.08 -12.12
C SER H 149 68.74 -17.72 -11.73
N LYS H 150 68.04 -16.65 -12.09
CA LYS H 150 68.41 -15.25 -11.82
C LYS H 150 69.53 -14.75 -12.76
N GLU H 151 69.75 -15.47 -13.87
CA GLU H 151 70.63 -15.00 -14.92
C GLU H 151 70.03 -13.81 -15.68
N PHE H 152 68.70 -13.75 -15.77
CA PHE H 152 67.98 -12.66 -16.43
C PHE H 152 67.18 -12.00 -15.30
N ILE H 153 67.49 -10.79 -14.93
CA ILE H 153 66.80 -10.18 -13.80
C ILE H 153 65.83 -9.08 -14.22
N LYS H 154 65.00 -8.70 -13.26
CA LYS H 154 64.02 -7.64 -13.42
C LYS H 154 62.98 -7.90 -14.50
N ILE H 155 62.60 -9.16 -14.58
CA ILE H 155 61.51 -9.59 -15.42
C ILE H 155 60.55 -10.44 -14.60
N GLN H 156 59.32 -10.52 -15.08
CA GLN H 156 58.28 -11.32 -14.48
C GLN H 156 57.91 -12.43 -15.44
N ALA H 157 57.12 -13.38 -14.95
CA ALA H 157 56.78 -14.59 -15.69
C ALA H 157 55.84 -14.47 -16.90
N ASP H 158 55.08 -13.39 -17.00
CA ASP H 158 54.13 -13.23 -18.12
C ASP H 158 54.94 -12.86 -19.36
N MET H 159 54.73 -13.58 -20.46
CA MET H 159 55.48 -13.38 -21.71
C MET H 159 54.85 -14.05 -22.91
N LYS H 160 55.12 -13.48 -24.08
CA LYS H 160 54.76 -14.12 -25.34
C LYS H 160 55.92 -14.14 -26.34
N SER H 161 55.83 -15.05 -27.30
CA SER H 161 56.75 -15.10 -28.44
C SER H 161 55.99 -15.38 -29.71
N GLN H 162 56.57 -14.97 -30.82
CA GLN H 162 56.01 -15.19 -32.14
C GLN H 162 57.17 -15.33 -33.09
N VAL H 163 57.20 -16.41 -33.86
CA VAL H 163 58.32 -16.67 -34.76
C VAL H 163 57.82 -16.86 -36.16
N SER H 164 58.30 -16.01 -37.06
CA SER H 164 58.02 -16.08 -38.49
C SER H 164 59.18 -16.74 -39.23
N ILE H 165 58.88 -17.73 -40.05
CA ILE H 165 59.93 -18.42 -40.81
C ILE H 165 59.63 -18.36 -42.30
N ASP H 166 60.71 -18.14 -43.07
CA ASP H 166 60.64 -18.12 -44.54
C ASP H 166 60.83 -19.49 -45.16
N TYR H 167 59.82 -20.00 -45.85
CA TYR H 167 59.86 -21.34 -46.45
C TYR H 167 59.93 -21.35 -47.99
N SER H 168 60.40 -20.24 -48.58
CA SER H 168 60.54 -20.14 -50.04
C SER H 168 61.48 -21.17 -50.65
N ASN H 169 62.56 -21.49 -49.93
CA ASN H 169 63.58 -22.44 -50.39
C ASN H 169 63.46 -23.76 -49.65
N SER H 170 64.28 -24.72 -50.04
CA SER H 170 64.35 -26.02 -49.37
C SER H 170 64.83 -25.93 -47.93
N THR H 171 65.73 -24.99 -47.67
CA THR H 171 66.23 -24.75 -46.34
C THR H 171 65.47 -23.55 -45.73
N PRO H 172 64.84 -23.74 -44.55
CA PRO H 172 64.12 -22.60 -43.93
C PRO H 172 65.03 -21.51 -43.38
N LEU H 173 64.56 -20.27 -43.47
CA LEU H 173 65.24 -19.10 -42.87
C LEU H 173 64.30 -18.44 -41.84
N ILE H 174 64.85 -18.02 -40.71
CA ILE H 174 64.07 -17.25 -39.74
C ILE H 174 63.89 -15.85 -40.33
N GLU H 175 62.65 -15.40 -40.42
CA GLU H 175 62.36 -14.07 -40.91
C GLU H 175 62.38 -13.12 -39.73
N THR H 176 61.55 -13.41 -38.75
CA THR H 176 61.40 -12.57 -37.55
C THR H 176 61.24 -13.42 -36.31
N MET H 177 61.93 -13.03 -35.24
CA MET H 177 61.65 -13.51 -33.87
C MET H 177 61.14 -12.34 -33.05
N LEU H 178 59.99 -12.55 -32.41
CA LEU H 178 59.33 -11.55 -31.60
C LEU H 178 59.17 -12.06 -30.20
N VAL H 179 59.40 -11.17 -29.24
CA VAL H 179 59.22 -11.48 -27.83
C VAL H 179 58.65 -10.26 -27.10
N SER H 180 57.63 -10.48 -26.28
CA SER H 180 57.15 -9.54 -25.29
C SER H 180 57.29 -10.19 -23.92
N ILE H 181 58.07 -9.58 -23.03
CA ILE H 181 58.23 -10.03 -21.65
C ILE H 181 57.85 -8.89 -20.69
N GLN H 182 57.09 -9.26 -19.66
CA GLN H 182 56.76 -8.36 -18.56
C GLN H 182 58.00 -8.02 -17.72
N HIS H 183 58.25 -6.73 -17.51
CA HIS H 183 59.42 -6.27 -16.79
C HIS H 183 59.11 -5.40 -15.58
N ASP H 184 60.09 -5.28 -14.71
CA ASP H 184 59.97 -4.40 -13.55
C ASP H 184 60.06 -2.96 -14.01
N GLU H 185 59.53 -2.10 -13.17
CA GLU H 185 59.58 -0.68 -13.40
C GLU H 185 60.97 -0.15 -13.53
N ASP H 186 61.87 -0.65 -12.68
CA ASP H 186 63.28 -0.19 -12.65
C ASP H 186 64.24 -1.02 -13.50
N TYR H 187 63.73 -1.58 -14.58
CA TYR H 187 64.56 -2.45 -15.45
C TYR H 187 66.00 -2.33 -15.99
N ASP H 188 66.28 -1.60 -17.04
CA ASP H 188 67.43 -1.36 -17.77
C ASP H 188 67.15 -1.92 -19.13
N VAL H 189 66.73 -1.04 -20.05
CA VAL H 189 66.26 -1.48 -21.37
C VAL H 189 67.43 -2.10 -22.13
N GLU H 190 68.60 -1.48 -22.01
CA GLU H 190 69.81 -1.96 -22.71
C GLU H 190 70.14 -3.38 -22.27
N TYR H 191 70.14 -3.60 -20.97
CA TYR H 191 70.37 -4.94 -20.41
C TYR H 191 69.34 -5.93 -20.95
N PHE H 192 68.07 -5.53 -20.87
CA PHE H 192 66.93 -6.32 -21.32
C PHE H 192 67.01 -6.70 -22.79
N ASN H 193 67.31 -5.72 -23.65
CA ASN H 193 67.45 -5.95 -25.08
C ASN H 193 68.64 -6.86 -25.46
N LYS H 194 69.78 -6.67 -24.81
CA LYS H 194 70.97 -7.52 -25.04
C LYS H 194 70.73 -8.97 -24.57
N LYS H 195 70.01 -9.10 -23.46
CA LYS H 195 69.71 -10.41 -22.94
C LYS H 195 68.84 -11.19 -23.87
N VAL H 196 67.76 -10.59 -24.31
CA VAL H 196 66.82 -11.25 -25.24
C VAL H 196 67.48 -11.64 -26.56
N SER H 197 68.24 -10.70 -27.14
CA SER H 197 68.97 -10.94 -28.38
C SER H 197 69.90 -12.12 -28.31
N ALA H 198 70.66 -12.18 -27.23
CA ALA H 198 71.58 -13.29 -27.01
C ALA H 198 70.82 -14.62 -26.98
N ILE H 199 69.68 -14.62 -26.31
CA ILE H 199 68.83 -15.79 -26.24
C ILE H 199 68.22 -16.13 -27.59
N MET H 200 67.82 -15.11 -28.36
CA MET H 200 67.31 -15.36 -29.71
C MET H 200 68.35 -16.04 -30.59
N GLU H 201 69.59 -15.54 -30.54
CA GLU H 201 70.67 -16.11 -31.34
C GLU H 201 71.08 -17.49 -30.87
N GLN H 202 71.18 -17.68 -29.57
CA GLN H 202 71.50 -19.00 -29.04
C GLN H 202 70.50 -20.05 -29.50
N ILE H 203 69.20 -19.74 -29.47
CA ILE H 203 68.16 -20.68 -29.93
C ILE H 203 68.27 -20.95 -31.44
N ALA H 204 68.59 -19.93 -32.21
CA ALA H 204 68.80 -20.10 -33.66
C ALA H 204 70.04 -20.95 -33.94
N LYS H 205 71.15 -20.69 -33.25
CA LYS H 205 72.36 -21.47 -33.43
C LYS H 205 72.16 -22.93 -33.03
N LYS H 206 71.41 -23.15 -31.97
CA LYS H 206 71.15 -24.51 -31.52
C LYS H 206 70.41 -25.34 -32.59
N TYR H 207 69.61 -24.69 -33.45
CA TYR H 207 68.92 -25.40 -34.54
C TYR H 207 69.59 -25.20 -35.91
N ASN H 208 70.85 -24.76 -35.88
CA ASN H 208 71.65 -24.54 -37.07
C ASN H 208 70.96 -23.57 -38.06
N LEU H 209 70.42 -22.46 -37.56
CA LEU H 209 69.69 -21.51 -38.39
C LEU H 209 70.41 -20.20 -38.54
N ASN H 210 69.94 -19.38 -39.46
CA ASN H 210 70.50 -18.07 -39.71
C ASN H 210 70.34 -17.20 -38.49
N THR H 211 71.24 -16.25 -38.33
CA THR H 211 71.30 -15.39 -37.18
C THR H 211 71.06 -13.90 -37.54
N ASN H 212 70.71 -13.62 -38.81
CA ASN H 212 70.51 -12.22 -39.27
C ASN H 212 69.02 -11.75 -39.30
N PHE H 213 68.16 -12.48 -38.60
CA PHE H 213 66.72 -12.21 -38.61
C PHE H 213 66.38 -10.91 -37.84
N LYS H 214 65.25 -10.34 -38.19
CA LYS H 214 64.70 -9.20 -37.50
C LYS H 214 64.22 -9.58 -36.09
N LYS H 215 64.53 -8.73 -35.13
CA LYS H 215 64.14 -8.95 -33.73
C LYS H 215 63.16 -7.86 -33.32
N ILE H 216 62.01 -8.27 -32.83
CA ILE H 216 61.02 -7.38 -32.25
C ILE H 216 60.97 -7.68 -30.75
N ILE H 217 61.48 -6.76 -29.94
CA ILE H 217 61.52 -6.93 -28.49
C ILE H 217 60.59 -5.91 -27.80
N ASN H 218 59.48 -6.38 -27.23
CA ASN H 218 58.61 -5.52 -26.45
C ASN H 218 58.14 -4.33 -27.29
N SER H 219 57.39 -4.64 -28.34
CA SER H 219 56.91 -3.61 -29.28
C SER H 219 55.91 -2.64 -28.62
N SER H 220 55.29 -3.02 -27.51
CA SER H 220 54.46 -2.08 -26.74
C SER H 220 55.22 -0.86 -26.18
N GLY H 221 56.53 -1.02 -25.91
CA GLY H 221 57.31 0.03 -25.25
C GLY H 221 57.26 0.06 -23.73
N ARG H 222 56.27 -0.60 -23.13
CA ARG H 222 56.09 -0.69 -21.70
C ARG H 222 55.23 -1.90 -21.39
N PHE H 223 55.61 -2.69 -20.39
CA PHE H 223 54.88 -3.92 -20.06
C PHE H 223 55.21 -4.25 -18.59
N VAL H 224 54.70 -3.42 -17.70
CA VAL H 224 54.89 -3.59 -16.24
C VAL H 224 53.67 -4.20 -15.60
N ILE H 225 52.48 -3.71 -15.94
CA ILE H 225 51.23 -4.36 -15.55
C ILE H 225 51.11 -5.62 -16.41
N GLY H 226 51.00 -6.77 -15.76
CA GLY H 226 50.86 -8.06 -16.45
C GLY H 226 50.17 -9.09 -15.58
N GLY H 227 50.29 -10.37 -15.91
CA GLY H 227 49.47 -11.36 -15.24
C GLY H 227 47.97 -11.15 -15.38
N PRO H 228 47.16 -11.86 -14.57
CA PRO H 228 45.70 -11.68 -14.64
C PRO H 228 45.23 -10.27 -14.34
N ILE H 229 46.07 -9.45 -13.70
CA ILE H 229 45.74 -8.04 -13.51
C ILE H 229 45.62 -7.34 -14.86
N GLY H 230 46.58 -7.59 -15.75
CA GLY H 230 46.55 -7.00 -17.09
C GLY H 230 45.52 -7.55 -18.07
N ASP H 231 45.19 -8.82 -17.93
CA ASP H 231 44.46 -9.55 -18.95
C ASP H 231 43.92 -10.83 -18.33
N THR H 232 42.67 -11.10 -18.57
CA THR H 232 41.98 -12.23 -17.97
C THR H 232 42.52 -13.53 -18.62
N GLY H 233 42.44 -14.63 -17.88
CA GLY H 233 42.85 -15.89 -18.36
C GLY H 233 41.75 -16.91 -18.27
N LEU H 234 41.72 -17.87 -19.21
CA LEU H 234 40.77 -18.94 -19.10
C LEU H 234 41.39 -20.24 -19.57
N THR H 235 40.91 -21.36 -19.04
CA THR H 235 41.37 -22.66 -19.49
C THR H 235 40.98 -22.88 -20.96
N GLY H 236 41.86 -23.49 -21.74
CA GLY H 236 41.52 -23.92 -23.09
C GLY H 236 41.48 -22.76 -24.09
N ARG H 237 42.17 -21.64 -23.84
CA ARG H 237 42.23 -20.54 -24.75
C ARG H 237 43.59 -20.37 -25.43
N LYS H 238 44.34 -21.46 -25.43
CA LYS H 238 45.61 -21.49 -26.12
C LYS H 238 45.77 -22.83 -26.85
N ILE H 239 44.70 -23.23 -27.53
CA ILE H 239 44.63 -24.57 -28.04
C ILE H 239 45.60 -24.75 -29.20
N ILE H 240 45.85 -23.69 -29.97
CA ILE H 240 46.81 -23.74 -31.08
C ILE H 240 48.26 -23.67 -30.60
N VAL H 241 48.55 -22.90 -29.57
CA VAL H 241 49.87 -22.91 -28.92
C VAL H 241 50.15 -24.29 -28.31
N ASP H 242 49.10 -24.88 -27.76
CA ASP H 242 49.16 -26.23 -27.20
C ASP H 242 49.45 -27.33 -28.20
N THR H 243 49.13 -27.08 -29.47
CA THR H 243 49.17 -28.11 -30.51
C THR H 243 50.28 -27.79 -31.56
N TYR H 244 49.91 -27.36 -32.76
CA TYR H 244 50.86 -27.28 -33.87
C TYR H 244 51.04 -25.87 -34.46
N GLY H 245 50.76 -24.83 -33.69
CA GLY H 245 51.10 -23.48 -34.07
C GLY H 245 50.49 -23.00 -35.37
N GLY H 246 49.28 -23.48 -35.68
CA GLY H 246 48.55 -23.02 -36.87
C GLY H 246 48.99 -23.69 -38.17
N VAL H 247 50.04 -24.51 -38.11
CA VAL H 247 50.42 -25.31 -39.25
C VAL H 247 49.43 -26.48 -39.45
N GLY H 248 49.15 -27.21 -38.37
CA GLY H 248 48.18 -28.29 -38.43
C GLY H 248 46.77 -27.72 -38.31
N HIS H 249 45.75 -28.51 -38.62
CA HIS H 249 44.37 -28.12 -38.32
C HIS H 249 44.04 -28.41 -36.84
N HIS H 250 42.83 -28.05 -36.42
CA HIS H 250 42.44 -28.30 -35.03
C HIS H 250 41.28 -29.06 -34.43
N GLY H 251 40.06 -28.83 -34.83
CA GLY H 251 38.86 -29.56 -34.38
C GLY H 251 38.09 -28.78 -33.34
N GLY H 252 38.82 -28.20 -32.40
CA GLY H 252 38.24 -27.28 -31.44
C GLY H 252 38.44 -27.64 -29.99
N GLY H 253 38.58 -28.93 -29.65
CA GLY H 253 38.66 -29.34 -28.26
C GLY H 253 39.92 -28.98 -27.52
N ALA H 254 39.79 -28.53 -26.27
CA ALA H 254 40.95 -28.13 -25.46
C ALA H 254 41.44 -29.34 -24.65
N PHE H 255 42.65 -29.24 -24.14
CA PHE H 255 43.26 -30.33 -23.40
C PHE H 255 43.15 -30.22 -21.89
N SER H 256 43.49 -29.07 -21.31
CA SER H 256 43.82 -29.04 -19.88
C SER H 256 42.57 -29.17 -18.98
N GLY H 257 42.75 -29.87 -17.88
CA GLY H 257 41.66 -30.11 -16.96
C GLY H 257 40.82 -31.31 -17.28
N LYS H 258 41.17 -32.05 -18.36
CA LYS H 258 40.35 -33.19 -18.79
C LYS H 258 40.96 -34.56 -18.51
N ASP H 259 40.15 -35.47 -18.01
CA ASP H 259 40.59 -36.83 -17.80
C ASP H 259 40.61 -37.53 -19.18
N PRO H 260 41.21 -38.73 -19.27
CA PRO H 260 41.28 -39.32 -20.59
C PRO H 260 40.00 -39.76 -21.27
N THR H 261 38.89 -39.87 -20.54
CA THR H 261 37.67 -40.26 -21.22
C THR H 261 37.23 -39.18 -22.20
N LYS H 262 37.65 -37.94 -21.94
CA LYS H 262 37.38 -36.83 -22.82
C LYS H 262 38.30 -37.00 -24.02
N VAL H 263 37.71 -37.43 -25.15
CA VAL H 263 38.50 -37.79 -26.32
C VAL H 263 39.20 -36.63 -26.94
N ASP H 264 38.67 -35.41 -26.70
CA ASP H 264 39.37 -34.18 -27.08
C ASP H 264 40.84 -34.27 -26.70
N ARG H 265 41.14 -34.83 -25.54
CA ARG H 265 42.53 -35.01 -25.13
C ARG H 265 43.15 -36.31 -25.58
N SER H 266 42.56 -37.45 -25.22
CA SER H 266 43.21 -38.75 -25.49
C SER H 266 43.35 -39.00 -26.99
N ALA H 267 42.28 -38.79 -27.76
CA ALA H 267 42.31 -39.01 -29.20
C ALA H 267 43.29 -38.10 -29.90
N SER H 268 43.43 -36.86 -29.42
CA SER H 268 44.47 -35.97 -29.97
C SER H 268 45.88 -36.49 -29.74
N TYR H 269 46.15 -37.03 -28.55
CA TYR H 269 47.46 -37.63 -28.29
C TYR H 269 47.69 -38.89 -29.14
N PHE H 270 46.62 -39.64 -29.33
CA PHE H 270 46.63 -40.85 -30.13
C PHE H 270 46.90 -40.50 -31.59
N ALA H 271 46.23 -39.47 -32.10
CA ALA H 271 46.43 -39.04 -33.47
C ALA H 271 47.85 -38.53 -33.70
N ARG H 272 48.37 -37.74 -32.76
CA ARG H 272 49.79 -37.34 -32.81
C ARG H 272 50.75 -38.55 -32.81
N TRP H 273 50.43 -39.54 -31.99
CA TRP H 273 51.22 -40.75 -31.94
C TRP H 273 51.27 -41.47 -33.29
N ILE H 274 50.12 -41.59 -33.94
CA ILE H 274 50.05 -42.19 -35.23
C ILE H 274 50.86 -41.37 -36.23
N ALA H 275 50.48 -40.11 -36.38
CA ALA H 275 51.11 -39.22 -37.33
C ALA H 275 52.61 -39.17 -37.15
N LYS H 276 53.06 -39.06 -35.90
CA LYS H 276 54.49 -38.98 -35.67
C LYS H 276 55.22 -40.23 -36.11
N ASN H 277 54.70 -41.40 -35.76
CA ASN H 277 55.28 -42.64 -36.21
C ASN H 277 55.28 -42.81 -37.76
N VAL H 278 54.18 -42.43 -38.40
CA VAL H 278 54.11 -42.42 -39.86
C VAL H 278 55.27 -41.62 -40.46
N VAL H 279 55.59 -40.46 -39.92
CA VAL H 279 56.70 -39.66 -40.48
C VAL H 279 58.03 -40.29 -40.12
N ALA H 280 58.20 -40.70 -38.87
CA ALA H 280 59.45 -41.35 -38.48
C ALA H 280 59.73 -42.64 -39.28
N ALA H 281 58.67 -43.34 -39.72
CA ALA H 281 58.82 -44.52 -40.58
C ALA H 281 59.15 -44.19 -42.02
N LYS H 282 59.19 -42.89 -42.34
CA LYS H 282 59.49 -42.37 -43.66
C LYS H 282 58.44 -42.81 -44.72
N LEU H 283 57.18 -42.92 -44.33
CA LEU H 283 56.10 -43.11 -45.29
C LEU H 283 55.65 -41.76 -45.83
N ALA H 284 55.93 -40.70 -45.09
CA ALA H 284 55.62 -39.36 -45.59
C ALA H 284 56.51 -38.33 -44.91
N LYS H 285 56.64 -37.17 -45.51
CA LYS H 285 57.33 -36.05 -44.90
C LYS H 285 56.40 -35.32 -43.89
N GLN H 286 55.09 -35.29 -44.17
CA GLN H 286 54.13 -34.82 -43.22
C GLN H 286 52.89 -35.61 -43.23
N CYS H 287 52.23 -35.64 -42.08
CA CYS H 287 51.04 -36.46 -41.94
C CYS H 287 50.09 -35.81 -40.97
N GLU H 288 48.81 -35.79 -41.36
CA GLU H 288 47.78 -35.23 -40.53
C GLU H 288 46.65 -36.20 -40.46
N ILE H 289 46.17 -36.50 -39.25
CA ILE H 289 45.13 -37.51 -39.06
C ILE H 289 43.98 -36.87 -38.37
N GLN H 290 42.78 -37.08 -38.88
CA GLN H 290 41.56 -36.47 -38.35
C GLN H 290 40.68 -37.60 -37.90
N LEU H 291 40.25 -37.58 -36.65
CA LEU H 291 39.32 -38.56 -36.12
C LEU H 291 38.10 -37.81 -35.62
N ALA H 292 36.93 -38.40 -35.83
CA ALA H 292 35.70 -37.86 -35.31
C ALA H 292 35.02 -38.85 -34.37
N PHE H 293 34.33 -38.35 -33.37
CA PHE H 293 33.71 -39.17 -32.35
C PHE H 293 32.26 -38.86 -32.11
N ALA H 294 31.56 -39.84 -31.58
CA ALA H 294 30.17 -39.68 -31.17
C ALA H 294 30.09 -40.08 -29.69
N ILE H 295 29.38 -39.29 -28.89
CA ILE H 295 29.30 -39.55 -27.46
C ILE H 295 28.72 -40.95 -27.16
N GLY H 296 29.45 -41.72 -26.37
CA GLY H 296 29.05 -43.06 -26.03
C GLY H 296 29.50 -44.14 -26.99
N GLN H 297 30.05 -43.78 -28.14
CA GLN H 297 30.57 -44.77 -29.08
C GLN H 297 32.04 -45.07 -28.81
N PRO H 298 32.40 -46.37 -28.75
CA PRO H 298 33.77 -46.73 -28.33
C PRO H 298 34.86 -46.55 -29.36
N GLN H 299 34.51 -46.33 -30.62
CA GLN H 299 35.47 -46.11 -31.70
C GLN H 299 35.20 -44.91 -32.51
N PRO H 300 36.22 -44.34 -33.18
CA PRO H 300 35.99 -43.15 -34.02
C PRO H 300 34.92 -43.42 -35.03
N VAL H 301 34.15 -42.40 -35.29
CA VAL H 301 33.00 -42.49 -36.18
C VAL H 301 33.41 -42.19 -37.60
N ALA H 302 34.57 -41.56 -37.81
CA ALA H 302 35.09 -41.27 -39.13
C ALA H 302 36.59 -41.02 -38.98
N MET H 303 37.33 -41.18 -40.08
CA MET H 303 38.79 -41.03 -40.07
C MET H 303 39.30 -40.54 -41.41
N TYR H 304 40.29 -39.65 -41.38
CA TYR H 304 40.91 -39.18 -42.61
C TYR H 304 42.40 -38.95 -42.40
N VAL H 305 43.20 -39.58 -43.26
CA VAL H 305 44.63 -39.37 -43.33
C VAL H 305 44.99 -38.49 -44.52
N ASN H 306 45.79 -37.47 -44.28
CA ASN H 306 46.26 -36.59 -45.32
C ASN H 306 47.78 -36.52 -45.19
N THR H 307 48.48 -36.87 -46.28
CA THR H 307 49.93 -36.81 -46.36
C THR H 307 50.40 -35.64 -47.20
N PHE H 308 49.53 -34.73 -47.59
CA PHE H 308 49.93 -33.48 -48.31
C PHE H 308 50.77 -33.67 -49.57
N ASN H 309 50.60 -34.82 -50.22
CA ASN H 309 51.40 -35.18 -51.39
C ASN H 309 52.90 -35.30 -51.10
N THR H 310 53.22 -35.69 -49.87
CA THR H 310 54.58 -35.97 -49.48
C THR H 310 54.75 -37.45 -49.21
N ASN H 311 53.74 -38.27 -49.55
CA ASN H 311 53.84 -39.70 -49.36
C ASN H 311 54.94 -40.34 -50.19
N LEU H 312 55.76 -41.16 -49.55
CA LEU H 312 56.81 -41.90 -50.24
C LEU H 312 56.29 -43.21 -50.86
N ILE H 313 55.29 -43.82 -50.26
CA ILE H 313 54.64 -44.97 -50.83
C ILE H 313 53.21 -44.62 -51.15
N ASP H 314 52.50 -45.51 -51.83
CA ASP H 314 51.09 -45.30 -52.16
C ASP H 314 50.32 -44.97 -50.92
N GLU H 315 49.51 -43.90 -51.01
CA GLU H 315 48.61 -43.45 -49.92
C GLU H 315 47.72 -44.56 -49.42
N THR H 316 47.25 -45.41 -50.33
CA THR H 316 46.38 -46.52 -49.97
C THR H 316 47.06 -47.45 -48.96
N LYS H 317 48.34 -47.70 -49.16
CA LYS H 317 49.10 -48.57 -48.29
C LYS H 317 49.43 -47.89 -46.95
N ILE H 318 49.57 -46.58 -46.94
CA ILE H 318 49.72 -45.82 -45.67
C ILE H 318 48.48 -45.91 -44.79
N PHE H 319 47.31 -45.62 -45.36
CA PHE H 319 46.02 -45.76 -44.66
C PHE H 319 45.87 -47.18 -44.12
N GLU H 320 46.23 -48.15 -44.94
CA GLU H 320 46.05 -49.56 -44.62
C GLU H 320 47.02 -50.00 -43.51
N ALA H 321 48.22 -49.42 -43.46
CA ALA H 321 49.22 -49.76 -42.43
C ALA H 321 48.78 -49.22 -41.08
N ILE H 322 48.36 -47.95 -41.09
CA ILE H 322 47.79 -47.33 -39.91
C ILE H 322 46.70 -48.22 -39.32
N LYS H 323 45.69 -48.58 -40.10
CA LYS H 323 44.59 -49.38 -39.58
C LYS H 323 45.06 -50.74 -38.95
N LYS H 324 46.07 -51.37 -39.53
CA LYS H 324 46.59 -52.65 -38.99
C LYS H 324 47.58 -52.48 -37.85
N SER H 325 48.17 -51.30 -37.72
CA SER H 325 49.16 -51.06 -36.66
C SER H 325 48.61 -50.43 -35.38
N PHE H 326 47.36 -49.94 -35.42
CA PHE H 326 46.81 -49.22 -34.28
C PHE H 326 45.46 -49.76 -33.91
N ASN H 327 45.21 -49.88 -32.61
CA ASN H 327 43.89 -50.23 -32.12
C ASN H 327 43.14 -48.92 -31.81
N PHE H 328 41.98 -48.77 -32.46
CA PHE H 328 41.21 -47.54 -32.41
C PHE H 328 40.11 -47.53 -31.36
N ASP H 329 39.98 -48.62 -30.62
CA ASP H 329 39.13 -48.66 -29.46
C ASP H 329 39.63 -47.65 -28.42
N ILE H 330 38.72 -46.83 -27.89
CA ILE H 330 39.11 -45.72 -26.98
C ILE H 330 39.76 -46.24 -25.71
N LYS H 331 39.13 -47.21 -25.07
CA LYS H 331 39.69 -47.80 -23.86
C LYS H 331 41.08 -48.38 -24.10
N THR H 332 41.24 -49.04 -25.24
CA THR H 332 42.54 -49.58 -25.61
C THR H 332 43.63 -48.53 -25.83
N PHE H 333 43.39 -47.51 -26.64
CA PHE H 333 44.45 -46.49 -26.83
C PHE H 333 44.75 -45.66 -25.57
N ILE H 334 43.76 -45.48 -24.71
CA ILE H 334 44.02 -44.86 -23.41
C ILE H 334 45.06 -45.64 -22.63
N ASN H 335 44.84 -46.95 -22.53
CA ASN H 335 45.77 -47.85 -21.83
C ASN H 335 47.10 -47.98 -22.52
N ASP H 336 47.10 -48.11 -23.84
CA ASP H 336 48.34 -48.15 -24.62
C ASP H 336 49.22 -46.93 -24.40
N LEU H 337 48.59 -45.78 -24.27
CA LEU H 337 49.32 -44.57 -23.98
C LEU H 337 49.52 -44.27 -22.48
N ASN H 338 49.03 -45.12 -21.57
CA ASN H 338 49.28 -44.95 -20.13
C ASN H 338 48.73 -43.61 -19.62
N LEU H 339 47.55 -43.24 -20.11
CA LEU H 339 47.03 -41.92 -19.89
C LEU H 339 46.50 -41.70 -18.46
N TRP H 340 46.06 -42.77 -17.80
CA TRP H 340 45.63 -42.69 -16.41
C TRP H 340 46.77 -42.42 -15.45
N THR H 341 47.99 -42.78 -15.81
CA THR H 341 49.13 -42.54 -14.95
C THR H 341 50.08 -41.49 -15.46
N THR H 342 49.77 -40.84 -16.55
CA THR H 342 50.60 -39.73 -17.04
C THR H 342 50.35 -38.44 -16.29
N LYS H 343 51.40 -37.67 -16.00
CA LYS H 343 51.21 -36.33 -15.41
C LYS H 343 50.98 -35.30 -16.52
N TYR H 344 49.95 -34.48 -16.41
CA TYR H 344 49.62 -33.47 -17.44
C TYR H 344 50.10 -32.04 -17.15
N LEU H 345 50.51 -31.75 -15.93
CA LEU H 345 50.99 -30.40 -15.63
C LEU H 345 52.21 -30.01 -16.46
N PRO H 346 53.13 -30.94 -16.71
CA PRO H 346 54.29 -30.58 -17.51
C PRO H 346 53.95 -30.16 -18.95
N VAL H 347 52.87 -30.73 -19.50
CA VAL H 347 52.40 -30.31 -20.83
C VAL H 347 51.43 -29.12 -20.89
N ALA H 348 50.95 -28.65 -19.74
CA ALA H 348 50.12 -27.43 -19.70
C ALA H 348 50.92 -26.15 -20.05
N THR H 349 52.25 -26.25 -20.08
CA THR H 349 53.10 -25.17 -20.55
C THR H 349 54.02 -25.72 -21.68
N TYR H 350 54.22 -24.92 -22.73
CA TYR H 350 55.18 -25.16 -23.82
C TYR H 350 54.78 -26.27 -24.83
N GLY H 351 53.48 -26.47 -25.02
CA GLY H 351 52.94 -27.41 -25.95
C GLY H 351 52.89 -28.83 -25.45
N HIS H 352 51.93 -29.59 -25.96
CA HIS H 352 51.73 -31.00 -25.61
C HIS H 352 52.47 -31.96 -26.55
N PHE H 353 53.06 -31.43 -27.61
CA PHE H 353 53.67 -32.28 -28.63
C PHE H 353 55.13 -31.94 -28.93
N GLY H 354 55.86 -32.90 -29.36
CA GLY H 354 57.27 -32.75 -29.62
C GLY H 354 58.01 -32.21 -28.42
N ARG H 355 57.95 -32.96 -27.34
CA ARG H 355 58.56 -32.51 -26.12
C ARG H 355 59.71 -33.39 -25.83
N ASP H 356 60.87 -33.06 -26.40
CA ASP H 356 62.07 -33.89 -26.20
C ASP H 356 62.65 -33.74 -24.81
N ASP H 357 62.29 -32.65 -24.16
CA ASP H 357 62.47 -32.48 -22.71
C ASP H 357 61.65 -33.39 -21.78
N LEU H 358 60.62 -34.07 -22.28
CA LEU H 358 59.75 -34.90 -21.46
C LEU H 358 59.82 -36.29 -22.02
N ASP H 359 59.10 -37.22 -21.42
CA ASP H 359 59.04 -38.58 -21.94
C ASP H 359 57.57 -38.96 -22.07
N LEU H 360 56.91 -38.38 -23.06
CA LEU H 360 55.48 -38.59 -23.26
C LEU H 360 55.27 -39.82 -24.06
N SER H 361 54.24 -40.56 -23.66
CA SER H 361 53.86 -41.81 -24.29
C SER H 361 53.54 -41.68 -25.77
N TRP H 362 52.89 -40.59 -26.12
CA TRP H 362 52.43 -40.30 -27.47
C TRP H 362 53.51 -39.72 -28.37
N GLU H 363 54.68 -39.43 -27.81
CA GLU H 363 55.88 -39.05 -28.58
C GLU H 363 56.82 -40.23 -28.92
N LYS H 364 56.50 -41.43 -28.47
CA LYS H 364 57.40 -42.58 -28.64
C LYS H 364 57.32 -43.15 -30.06
N LEU H 365 58.49 -43.43 -30.64
CA LEU H 365 58.62 -43.94 -32.00
C LEU H 365 58.62 -45.47 -32.01
N ASN H 366 57.73 -46.03 -31.22
CA ASN H 366 57.67 -47.47 -30.97
C ASN H 366 56.65 -48.17 -31.90
N LYS H 367 56.16 -47.45 -32.90
CA LYS H 367 55.27 -48.03 -33.87
C LYS H 367 55.82 -47.97 -35.31
N VAL H 368 57.07 -47.51 -35.49
CA VAL H 368 57.68 -47.45 -36.83
C VAL H 368 57.80 -48.83 -37.47
N GLU H 369 58.26 -49.83 -36.71
CA GLU H 369 58.48 -51.17 -37.26
C GLU H 369 57.18 -51.78 -37.76
N ASP H 370 56.11 -51.66 -36.98
CA ASP H 370 54.80 -52.20 -37.39
C ASP H 370 54.23 -51.52 -38.61
N LEU H 371 54.41 -50.21 -38.70
CA LEU H 371 53.95 -49.43 -39.87
C LEU H 371 54.67 -49.82 -41.16
N ILE H 372 56.00 -49.88 -41.08
CA ILE H 372 56.86 -50.35 -42.15
C ILE H 372 56.42 -51.74 -42.59
N LYS H 373 56.44 -52.67 -41.64
CA LYS H 373 56.05 -54.05 -41.89
C LYS H 373 54.68 -54.14 -42.54
N ASN H 374 53.71 -53.37 -42.08
CA ASN H 374 52.37 -53.50 -42.63
C ASN H 374 52.13 -52.75 -43.95
N SER H 375 53.15 -52.34 -44.71
CA SER H 375 52.96 -51.84 -46.09
C SER H 375 53.72 -52.60 -47.18
K K I . -45.38 17.00 19.41
MG MG J . -44.26 16.17 21.77
MG MG K . -31.62 27.27 30.19
N SAM L . -48.98 16.51 17.11
CA SAM L . -50.36 15.98 17.40
C SAM L . -51.55 16.67 16.38
O SAM L . -52.70 16.79 16.86
OXT SAM L . -51.36 16.78 15.02
CB SAM L . -50.79 16.14 18.83
CG SAM L . -49.92 15.43 19.83
SD SAM L . -50.25 13.77 20.17
CE SAM L . -51.86 13.48 20.66
C5' SAM L . -49.42 13.41 21.57
C4' SAM L . -49.42 12.00 22.00
O4' SAM L . -50.68 11.38 21.92
C3' SAM L . -48.54 11.08 21.26
O3' SAM L . -47.18 11.36 21.55
C2' SAM L . -49.08 9.78 21.81
O2' SAM L . -48.43 9.50 23.05
C1' SAM L . -50.55 10.01 22.09
N9 SAM L . -51.56 9.71 21.11
C8 SAM L . -51.36 9.72 19.76
N7 SAM L . -52.50 9.42 19.12
C5 SAM L . -53.42 9.21 20.06
C6 SAM L . -54.86 8.83 20.07
N6 SAM L . -55.43 8.66 18.85
N1 SAM L . -55.53 8.72 21.28
C2 SAM L . -54.88 8.91 22.45
N3 SAM L . -53.57 9.22 22.51
C4 SAM L . -52.81 9.41 21.39
O1G PPK M . -47.05 18.20 25.77
PG PPK M . -46.08 18.68 24.56
O2G PPK M . -45.20 19.79 24.87
O3G PPK M . -45.06 17.48 23.81
N3B PPK M . -47.37 18.85 23.45
PB PPK M . -47.38 17.58 22.32
O1B PPK M . -48.65 17.98 21.49
O2B PPK M . -46.07 17.09 21.89
O3A PPK M . -48.01 16.21 22.86
PA PPK M . -47.23 15.36 23.95
O1A PPK M . -47.71 16.02 25.19
O2A PPK M . -47.89 14.02 24.03
O4A PPK M . -45.74 15.61 23.55
N SAM N . -11.14 9.21 16.48
CA SAM N . -12.30 8.48 16.90
C SAM N . -12.59 7.40 15.86
O SAM N . -11.63 6.79 15.31
OXT SAM N . -13.78 7.11 15.54
CB SAM N . -13.49 9.44 17.10
CG SAM N . -13.17 10.70 17.94
SD SAM N . -14.47 11.78 18.14
CE SAM N . -15.57 11.56 16.90
C5' SAM N . -13.86 13.35 18.18
C4' SAM N . -14.77 14.54 17.81
O4' SAM N . -15.57 14.38 16.64
C3' SAM N . -15.75 14.88 18.93
O3' SAM N . -15.26 16.00 19.65
C2' SAM N . -17.05 15.21 18.22
O2' SAM N . -17.42 16.58 18.25
C1' SAM N . -16.91 14.85 16.76
N9 SAM N . -17.94 13.87 16.37
C8 SAM N . -18.67 13.89 15.27
N7 SAM N . -19.54 12.85 15.18
C5 SAM N . -19.34 12.10 16.26
C6 SAM N . -19.87 10.82 16.81
N6 SAM N . -20.84 10.09 16.25
N1 SAM N . -19.41 10.40 17.99
C2 SAM N . -18.44 11.08 18.64
N3 SAM N . -17.89 12.22 18.18
C4 SAM N . -18.31 12.79 17.02
MG MG O . -48.65 17.59 26.95
K K P . -29.34 23.18 23.32
O1G PPK Q . -33.20 25.84 28.89
PG PPK Q . -32.62 24.67 27.83
O2G PPK Q . -33.42 23.44 28.17
O3G PPK Q . -32.73 24.95 26.15
N3B PPK Q . -30.94 24.58 28.21
PB PPK Q . -29.87 24.65 26.87
O1B PPK Q . -30.80 24.44 25.76
O2B PPK Q . -28.49 23.90 27.12
O3A PPK Q . -29.51 26.23 26.62
PA PPK Q . -30.75 27.34 26.57
O1A PPK Q . -31.25 27.70 27.92
O2A PPK Q . -31.72 26.80 25.51
O4A PPK Q . -29.89 28.48 26.18
MG MG R . -31.90 25.42 23.96
N SAM S . -25.01 23.44 23.92
CA SAM S . -24.24 24.21 24.91
C SAM S . -22.87 23.61 25.30
O SAM S . -22.32 23.77 26.43
OXT SAM S . -22.23 22.94 24.45
CB SAM S . -25.16 24.35 26.14
CG SAM S . -25.59 25.78 26.57
SD SAM S . -25.48 27.24 25.62
CE SAM S . -24.27 28.08 26.38
C5' SAM S . -26.92 28.09 25.82
C4' SAM S . -27.09 29.56 25.30
O4' SAM S . -26.14 30.47 25.83
C3' SAM S . -27.06 29.80 23.81
O3' SAM S . -28.40 29.79 23.27
C2' SAM S . -26.59 31.20 23.73
O2' SAM S . -27.77 31.95 23.92
C1' SAM S . -25.74 31.44 24.93
N9 SAM S . -24.33 31.28 24.64
C8 SAM S . -23.80 30.72 23.61
N7 SAM S . -22.46 30.83 23.66
C5 SAM S . -22.12 31.51 24.70
C6 SAM S . -20.89 31.98 25.27
N6 SAM S . -19.72 31.73 24.75
N1 SAM S . -20.91 32.65 26.37
C2 SAM S . -22.09 32.90 26.92
N3 SAM S . -23.30 32.50 26.44
C4 SAM S . -23.37 31.80 25.35
N SAM T . -53.86 22.05 -2.92
CA SAM T . -54.06 21.21 -1.74
C SAM T . -55.42 21.49 -1.16
O SAM T . -55.89 22.64 -1.33
OXT SAM T . -56.04 20.64 -0.54
CB SAM T . -52.92 21.54 -0.79
CG SAM T . -53.19 21.04 0.63
SD SAM T . -51.81 20.66 1.49
CE SAM T . -50.40 21.15 0.69
C5' SAM T . -52.01 18.98 1.61
C4' SAM T . -51.15 18.38 2.67
O4' SAM T . -49.79 18.54 2.39
C3' SAM T . -51.32 19.03 4.00
O3' SAM T . -52.43 18.43 4.60
C2' SAM T . -50.02 18.67 4.66
O2' SAM T . -50.16 17.49 5.42
C1' SAM T . -49.02 18.39 3.53
N9 SAM T . -47.91 19.34 3.41
C8 SAM T . -46.61 19.07 3.28
N7 SAM T . -45.84 20.17 3.23
C5 SAM T . -46.69 21.19 3.37
C6 SAM T . -46.64 22.67 3.49
N6 SAM T . -45.51 23.35 3.40
N1 SAM T . -47.79 23.35 3.67
C2 SAM T . -48.98 22.75 3.81
N3 SAM T . -49.10 21.44 3.72
C4 SAM T . -48.04 20.62 3.50
K K U . -30.11 3.04 -8.12
MG MG V . -30.31 4.47 -11.00
MG MG W . -17.60 17.16 -16.69
N SAM X . -31.67 -0.96 -6.79
CA SAM X . -32.21 -2.20 -7.16
C SAM X . -31.89 -3.36 -6.13
O SAM X . -31.47 -4.53 -6.57
OXT SAM X . -32.10 -3.16 -4.88
CB SAM X . -31.55 -2.40 -8.52
CG SAM X . -32.25 -2.19 -9.88
SD SAM X . -33.90 -2.13 -10.16
CE SAM X . -34.36 -3.63 -10.86
C5' SAM X . -33.95 -0.97 -11.36
C4' SAM X . -35.28 -0.70 -11.99
O4' SAM X . -36.16 -1.77 -12.08
C3' SAM X . -36.13 0.35 -11.28
O3' SAM X . -35.57 1.53 -11.77
C2' SAM X . -37.54 0.07 -11.71
O2' SAM X . -37.83 1.00 -12.75
C1' SAM X . -37.49 -1.37 -12.23
N9 SAM X . -38.02 -2.42 -11.38
C8 SAM X . -38.07 -2.37 -10.05
N7 SAM X . -38.57 -3.48 -9.54
C5 SAM X . -38.82 -4.28 -10.52
C6 SAM X . -39.36 -5.61 -10.57
N6 SAM X . -39.72 -6.23 -9.46
N1 SAM X . -39.46 -6.13 -11.81
C2 SAM X . -39.09 -5.47 -12.90
N3 SAM X . -38.61 -4.23 -12.86
C4 SAM X . -38.43 -3.60 -11.72
O1G PPK Y . -28.73 2.30 -14.86
PG PPK Y . -28.09 2.50 -13.42
O2G PPK Y . -29.06 3.55 -12.61
O3G PPK Y . -26.61 2.49 -13.13
N3B PPK Y . -28.60 0.95 -12.94
PB PPK Y . -29.63 0.84 -11.52
O1B PPK Y . -29.38 2.13 -10.87
O2B PPK Y . -29.31 -0.62 -10.80
O3A PPK Y . -31.14 0.71 -12.08
PA PPK Y . -31.52 1.67 -13.34
O1A PPK Y . -33.01 1.23 -13.38
O2A PPK Y . -31.30 3.17 -12.80
O4A PPK Y . -30.59 1.31 -14.53
N SAM Z . -34.51 37.49 -5.08
CA SAM Z . -33.21 37.67 -4.43
C SAM Z . -32.13 38.38 -5.31
O SAM Z . -30.87 38.25 -5.20
OXT SAM Z . -32.52 39.15 -6.20
CB SAM Z . -32.98 36.23 -4.12
CG SAM Z . -31.67 35.64 -4.63
SD SAM Z . -31.39 34.06 -4.15
CE SAM Z . -32.67 33.50 -3.21
C5' SAM Z . -29.87 34.24 -3.41
C4' SAM Z . -29.16 32.92 -3.28
O4' SAM Z . -30.03 31.91 -2.71
C3' SAM Z . -28.71 32.26 -4.57
O3' SAM Z . -27.44 32.84 -4.92
C2' SAM Z . -28.78 30.76 -4.20
O2' SAM Z . -27.52 30.24 -3.86
C1' SAM Z . -29.50 30.63 -2.89
N9 SAM Z . -30.66 29.74 -2.82
C8 SAM Z . -30.92 28.82 -1.84
N7 SAM Z . -32.12 28.23 -2.10
C5 SAM Z . -32.62 28.76 -3.22
C6 SAM Z . -33.81 28.58 -4.09
N6 SAM Z . -34.77 27.71 -3.78
N1 SAM Z . -33.93 29.30 -5.23
C2 SAM Z . -32.97 30.19 -5.51
N3 SAM Z . -31.85 30.43 -4.77
C4 SAM Z . -31.63 29.74 -3.69
MG MG AA . -28.37 0.37 -16.30
O1G PPK BA . -21.89 15.01 -15.41
PG PPK BA . -20.51 15.36 -14.82
O2G PPK BA . -20.30 14.95 -13.27
O3G PPK BA . -19.17 15.21 -15.78
N3B PPK BA . -20.31 17.11 -14.85
PB PPK BA . -20.07 18.03 -13.45
O1B PPK BA . -21.06 19.30 -13.39
O2B PPK BA . -20.56 17.11 -12.54
O3A PPK BA . -18.49 18.20 -13.20
PA PPK BA . -17.57 16.94 -13.17
O1A PPK BA . -16.29 17.36 -12.57
O2A PPK BA . -18.34 15.85 -12.43
O4A PPK BA . -17.40 16.38 -14.59
MG MG CA . -20.67 15.21 -11.31
N SAM DA . -21.10 22.52 -9.99
CA SAM DA . -20.10 23.37 -10.64
C SAM DA . -20.54 24.87 -10.82
O SAM DA . -20.14 25.54 -11.78
OXT SAM DA . -21.29 25.48 -9.95
CB SAM DA . -19.83 22.76 -12.01
CG SAM DA . -18.80 21.62 -12.07
SD SAM DA . -17.22 21.83 -11.45
CE SAM DA . -16.30 22.84 -12.47
C5' SAM DA . -16.58 20.35 -11.54
C4' SAM DA . -15.16 20.16 -11.04
O4' SAM DA . -14.25 21.19 -11.38
C3' SAM DA . -15.11 19.80 -9.58
O3' SAM DA . -15.61 18.47 -9.33
C2' SAM DA . -13.60 20.00 -9.44
O2' SAM DA . -12.92 18.77 -9.53
C1' SAM DA . -13.17 20.98 -10.51
N9 SAM DA . -13.13 22.41 -10.10
C8 SAM DA . -13.92 23.01 -9.17
N7 SAM DA . -13.60 24.27 -9.09
C5 SAM DA . -12.67 24.55 -9.97
C6 SAM DA . -11.96 25.74 -10.37
N6 SAM DA . -12.27 26.90 -9.72
N1 SAM DA . -11.04 25.58 -11.38
C2 SAM DA . -10.76 24.46 -11.97
N3 SAM DA . -11.41 23.33 -11.64
C4 SAM DA . -12.34 23.32 -10.65
N SAM EA . -29.18 -9.92 10.34
CA SAM EA . -28.38 -9.31 11.51
C SAM EA . -28.18 -10.56 12.57
O SAM EA . -29.18 -11.09 12.99
OXT SAM EA . -27.06 -11.08 13.02
CB SAM EA . -29.06 -7.94 11.69
CG SAM EA . -28.64 -6.46 11.04
SD SAM EA . -28.91 -5.95 9.37
CE SAM EA . -28.12 -4.59 9.08
C5' SAM EA . -30.58 -5.67 9.13
C4' SAM EA . -31.20 -4.96 7.88
O4' SAM EA . -31.15 -3.55 8.15
C3' SAM EA . -30.63 -5.17 6.46
O3' SAM EA . -31.40 -6.10 5.70
C2' SAM EA . -30.57 -3.72 5.88
O2' SAM EA . -31.56 -3.44 4.86
C1' SAM EA . -30.81 -2.75 7.06
N9 SAM EA . -29.69 -1.85 7.41
C8 SAM EA . -29.95 -0.57 7.66
N7 SAM EA . -28.82 0.15 7.89
C5 SAM EA . -27.78 -0.68 7.82
C6 SAM EA . -26.32 -0.57 8.01
N6 SAM EA . -25.74 0.58 8.36
N1 SAM EA . -25.55 -1.64 7.82
C2 SAM EA . -26.13 -2.73 7.49
N3 SAM EA . -27.46 -2.89 7.30
C4 SAM EA . -28.36 -1.97 7.46
K K FA . 18.53 -13.36 6.93
MG MG GA . 19.12 -14.77 10.12
MG MG HA . 31.70 -4.16 18.38
N SAM IA . 14.67 -14.28 4.43
CA SAM IA . 13.31 -14.80 4.68
C SAM IA . 12.22 -13.83 3.97
O SAM IA . 11.12 -13.65 4.64
OXT SAM IA . 12.39 -13.31 2.69
CB SAM IA . 13.03 -14.73 6.23
CG SAM IA . 13.92 -15.65 7.12
SD SAM IA . 13.27 -16.85 8.13
CE SAM IA . 11.74 -16.51 8.67
C5' SAM IA . 14.28 -17.09 9.45
C4' SAM IA . 14.46 -18.55 9.92
O4' SAM IA . 13.24 -19.25 10.25
C3' SAM IA . 15.25 -19.43 8.95
O3' SAM IA . 16.65 -19.19 8.96
C2' SAM IA . 14.80 -20.80 9.45
O2' SAM IA . 15.53 -21.18 10.62
C1' SAM IA . 13.36 -20.64 9.90
N9 SAM IA . 12.34 -20.87 8.87
C8 SAM IA . 12.49 -20.80 7.53
N7 SAM IA . 11.32 -21.08 6.92
C5 SAM IA . 10.40 -21.32 7.85
C6 SAM IA . 8.98 -21.67 7.88
N6 SAM IA . 8.27 -21.82 6.78
N1 SAM IA . 8.39 -21.87 9.06
C2 SAM IA . 9.08 -21.74 10.17
N3 SAM IA . 10.38 -21.40 10.22
C4 SAM IA . 11.09 -21.19 9.11
O1G PPK JA . 17.59 -12.35 14.02
PG PPK JA . 17.91 -11.88 12.45
O2G PPK JA . 18.50 -10.53 12.25
O3G PPK JA . 18.98 -12.91 11.70
N3B PPK JA . 16.34 -11.96 11.69
PB PPK JA . 16.33 -12.92 10.23
O1B PPK JA . 15.22 -12.30 9.27
O2B PPK JA . 17.69 -12.82 9.66
O3A PPK JA . 15.97 -14.46 10.73
PA PPK JA . 16.66 -15.17 12.01
O1A PPK JA . 16.36 -14.54 13.33
O2A PPK JA . 15.84 -16.35 12.06
O4A PPK JA . 18.06 -15.32 11.55
N SAM KA . 54.17 -18.09 7.49
CA SAM KA . 53.79 -19.40 6.94
C SAM KA . 55.06 -20.22 6.93
O SAM KA . 56.03 -19.83 6.31
OXT SAM KA . 55.15 -21.25 7.61
CB SAM KA . 53.02 -19.20 5.59
CG SAM KA . 51.52 -19.68 5.51
SD SAM KA . 50.16 -18.60 5.60
CE SAM KA . 49.05 -19.34 4.56
C5' SAM KA . 50.38 -16.92 5.32
C4' SAM KA . 49.22 -15.88 5.03
O4' SAM KA . 48.24 -16.35 4.10
C3' SAM KA . 48.38 -15.17 6.16
O3' SAM KA . 48.83 -13.85 6.54
C2' SAM KA . 46.94 -15.02 5.62
O2' SAM KA . 46.42 -13.71 5.39
C1' SAM KA . 47.00 -15.65 4.25
N9 SAM KA . 45.93 -16.65 4.11
C8 SAM KA . 45.07 -16.62 3.08
N7 SAM KA . 44.17 -17.62 3.14
C5 SAM KA . 44.47 -18.30 4.24
C6 SAM KA . 43.88 -19.49 4.86
N6 SAM KA . 42.81 -20.01 4.20
N1 SAM KA . 44.43 -19.97 6.01
C2 SAM KA . 45.52 -19.36 6.57
N3 SAM KA . 46.12 -18.24 6.06
C4 SAM KA . 45.64 -17.69 4.90
MG MG LA . 15.21 -13.17 14.19
K K MA . 34.30 -7.39 11.08
O1G PPK NA . 31.22 -4.72 16.80
PG PPK NA . 31.41 -5.95 15.77
O2G PPK NA . 30.77 -5.89 14.28
O3G PPK NA . 30.72 -7.10 16.41
N3B PPK NA . 33.12 -6.14 15.93
PB PPK NA . 33.93 -5.88 14.43
O1B PPK NA . 32.97 -6.05 13.33
O2B PPK NA . 35.28 -6.60 14.04
O3A PPK NA . 34.28 -4.32 14.67
PA PPK NA . 33.28 -3.03 14.81
O1A PPK NA . 32.78 -3.03 16.29
O2A PPK NA . 32.19 -3.15 13.81
O4A PPK NA . 34.10 -1.83 14.39
MG MG OA . 31.74 -5.84 12.19
N SAM PA . 38.37 -7.17 11.67
CA SAM PA . 39.06 -6.10 12.28
C SAM PA . 40.46 -6.55 12.57
O SAM PA . 40.92 -6.38 13.73
OXT SAM PA . 41.15 -7.05 11.64
CB SAM PA . 38.10 -5.89 13.43
CG SAM PA . 38.29 -4.70 14.34
SD SAM PA . 38.33 -3.19 13.61
CE SAM PA . 39.47 -2.33 14.52
C5' SAM PA . 36.81 -2.54 13.58
C4' SAM PA . 36.76 -1.11 13.12
O4' SAM PA . 37.84 -0.41 13.68
C3' SAM PA . 36.91 -0.81 11.63
O3' SAM PA . 35.74 -1.10 10.87
C2' SAM PA . 37.20 0.68 11.74
O2' SAM PA . 36.00 1.39 11.95
C1' SAM PA . 38.03 0.81 12.98
N9 SAM PA . 39.45 0.86 12.68
C8 SAM PA . 40.10 0.24 11.68
N7 SAM PA . 41.43 0.51 11.74
C5 SAM PA . 41.61 1.32 12.82
C6 SAM PA . 42.76 1.98 13.43
N6 SAM PA . 44.00 1.87 12.96
N1 SAM PA . 42.53 2.67 14.52
C2 SAM PA . 41.29 2.81 15.04
N3 SAM PA . 40.20 2.25 14.53
C4 SAM PA . 40.31 1.49 13.43
N SAM QA . 9.84 -7.14 -14.35
CA SAM QA . 9.66 -8.46 -13.80
C SAM QA . 8.21 -8.73 -13.48
O SAM QA . 7.36 -7.92 -13.80
OXT SAM QA . 7.87 -9.75 -12.88
CB SAM QA . 10.55 -8.48 -12.58
CG SAM QA . 10.45 -9.77 -11.79
SD SAM QA . 11.78 -9.96 -10.81
CE SAM QA . 13.17 -9.31 -11.48
C5' SAM QA . 11.83 -11.61 -10.76
C4' SAM QA . 12.70 -12.13 -9.64
O4' SAM QA . 14.07 -11.89 -9.89
C3' SAM QA . 12.40 -11.55 -8.29
O3' SAM QA . 11.46 -12.37 -7.67
C2' SAM QA . 13.70 -11.72 -7.59
O2' SAM QA . 13.63 -12.90 -6.80
C1' SAM QA . 14.75 -11.98 -8.65
N9 SAM QA . 15.90 -11.06 -8.80
C8 SAM QA . 17.16 -11.41 -9.08
N7 SAM QA . 17.96 -10.32 -9.18
C5 SAM QA . 17.18 -9.26 -9.03
C6 SAM QA . 17.30 -7.81 -9.07
N6 SAM QA . 18.49 -7.21 -9.31
N1 SAM QA . 16.19 -7.09 -8.85
C2 SAM QA . 14.99 -7.60 -8.58
N3 SAM QA . 14.81 -8.92 -8.58
C4 SAM QA . 15.82 -9.76 -8.78
K K RA . 33.44 -27.75 -20.60
MG MG SA . 33.65 -26.04 -23.05
N SAM TA . 33.41 -31.89 -19.95
CA SAM TA . 32.10 -32.42 -19.57
C SAM TA . 31.98 -33.66 -18.63
O SAM TA . 32.02 -34.80 -19.14
OXT SAM TA . 31.79 -33.57 -17.37
CB SAM TA . 31.49 -32.61 -20.93
CG SAM TA . 30.02 -32.92 -20.76
SD SAM TA . 29.20 -32.77 -22.20
CE SAM TA . 29.80 -33.97 -23.19
C5' SAM TA . 29.50 -31.28 -22.88
C4' SAM TA . 28.35 -30.91 -23.82
O4' SAM TA . 27.75 -32.08 -24.45
C3' SAM TA . 27.29 -30.11 -23.07
O3' SAM TA . 27.56 -28.71 -23.00
C2' SAM TA . 26.07 -30.50 -23.89
O2' SAM TA . 25.96 -29.66 -25.03
C1' SAM TA . 26.33 -31.95 -24.36
N9 SAM TA . 25.73 -32.92 -23.41
C8 SAM TA . 25.42 -32.73 -22.11
N7 SAM TA . 24.80 -33.80 -21.55
C5 SAM TA . 24.74 -34.71 -22.51
C6 SAM TA . 24.21 -36.06 -22.58
N6 SAM TA . 23.67 -36.60 -21.50
N1 SAM TA . 24.30 -36.70 -23.78
C2 SAM TA . 24.84 -36.19 -24.90
N3 SAM TA . 25.34 -34.94 -24.88
C4 SAM TA . 25.32 -34.16 -23.74
O1G PPK UA . 37.01 -27.72 -25.15
PG PPK UA . 35.67 -28.17 -25.67
O2G PPK UA . 34.65 -26.98 -25.16
O3G PPK UA . 35.61 -28.73 -27.22
N3B PPK UA . 35.22 -29.73 -24.97
PB PPK UA . 34.19 -29.76 -23.58
O1B PPK UA . 34.36 -28.39 -23.21
O2B PPK UA . 34.86 -30.74 -22.58
O3A PPK UA . 32.67 -29.98 -24.02
PA PPK UA . 32.16 -29.15 -25.36
O1A PPK UA . 30.68 -29.34 -25.55
O2A PPK UA . 32.41 -27.65 -25.04
O4A PPK UA . 32.97 -29.78 -26.54
N SAM VA . 31.06 7.60 -16.01
CA SAM VA . 30.57 6.59 -16.86
C SAM VA . 29.27 6.05 -16.26
O SAM VA . 29.20 5.27 -15.27
OXT SAM VA . 28.21 6.39 -16.79
CB SAM VA . 31.84 5.75 -16.83
CG SAM VA . 31.82 4.46 -17.71
SD SAM VA . 32.21 3.08 -16.81
CE SAM VA . 31.06 2.99 -15.60
C5' SAM VA . 33.67 3.52 -16.14
C4' SAM VA . 34.56 2.36 -15.82
O4' SAM VA . 34.05 1.40 -14.89
C3' SAM VA . 34.93 1.62 -17.06
O3' SAM VA . 36.25 2.04 -17.20
C2' SAM VA . 34.84 0.17 -16.69
O2' SAM VA . 36.12 -0.40 -16.85
C1' SAM VA . 34.47 0.10 -15.22
N9 SAM VA . 33.33 -0.73 -14.88
C8 SAM VA . 33.23 -1.52 -13.78
N7 SAM VA . 32.05 -2.22 -13.77
C5 SAM VA . 31.38 -1.78 -14.83
C6 SAM VA . 30.04 -2.02 -15.41
N6 SAM VA . 29.18 -2.89 -14.81
N1 SAM VA . 29.71 -1.36 -16.54
C2 SAM VA . 30.56 -0.52 -17.15
N3 SAM VA . 31.76 -0.24 -16.69
C4 SAM VA . 32.22 -0.81 -15.56
MG MG WA . 46.32 -14.16 -29.07
MG MG XA . 34.14 -30.46 -28.29
K K YA . 41.87 -12.61 -22.66
O1G PPK ZA . 41.85 -15.62 -27.55
PG PPK ZA . 43.09 -15.16 -26.86
O2G PPK ZA . 43.11 -15.54 -25.28
O3G PPK ZA . 44.36 -15.65 -27.71
N3B PPK ZA . 43.19 -13.46 -27.01
PB PPK ZA . 43.47 -12.72 -25.50
O1B PPK ZA . 42.75 -11.32 -25.61
O2B PPK ZA . 42.98 -13.67 -24.44
O3A PPK ZA . 45.04 -12.42 -25.33
PA PPK ZA . 46.10 -13.62 -25.25
O1A PPK ZA . 47.41 -12.99 -24.81
O2A PPK ZA . 45.43 -14.47 -24.16
O4A PPK ZA . 46.14 -14.12 -26.67
MG MG AB . 44.02 -15.01 -23.06
N SAM BB . 42.63 -8.07 -22.39
CA SAM BB . 43.74 -7.45 -23.11
C SAM BB . 43.33 -6.05 -23.63
O SAM BB . 43.53 -5.68 -24.82
OXT SAM BB . 42.80 -5.24 -22.77
CB SAM BB . 44.15 -8.45 -24.21
CG SAM BB . 45.53 -8.28 -24.87
SD SAM BB . 46.92 -8.57 -23.91
CE SAM BB . 48.05 -7.50 -24.52
C5' SAM BB . 47.34 -10.20 -24.02
C4' SAM BB . 48.50 -10.69 -23.13
O4' SAM BB . 49.63 -9.97 -23.60
C3' SAM BB . 48.52 -10.49 -21.63
O3' SAM BB . 47.93 -11.45 -20.77
C2' SAM BB . 50.01 -10.42 -21.36
O2' SAM BB . 50.67 -11.66 -21.37
C1' SAM BB . 50.52 -9.63 -22.54
N9 SAM BB . 50.58 -8.15 -22.20
C8 SAM BB . 49.97 -7.47 -21.19
N7 SAM BB . 50.34 -6.22 -21.23
C5 SAM BB . 51.17 -6.05 -22.24
C6 SAM BB . 51.92 -4.92 -22.79
N6 SAM BB . 51.82 -3.65 -22.23
N1 SAM BB . 52.71 -5.20 -23.86
C2 SAM BB . 52.81 -6.43 -24.43
N3 SAM BB . 52.14 -7.47 -23.94
C4 SAM BB . 51.35 -7.32 -22.88
N SAM CB . 37.40 -39.12 -0.39
CA SAM CB . 36.02 -39.56 -0.17
C SAM CB . 35.96 -41.09 0.05
O SAM CB . 37.03 -41.64 0.30
OXT SAM CB . 34.90 -41.74 0.07
CB SAM CB . 35.24 -38.96 -1.36
CG SAM CB . 34.61 -37.57 -1.10
SD SAM CB . 35.11 -36.36 -2.21
CE SAM CB . 34.88 -34.83 -1.65
C5' SAM CB . 34.35 -36.69 -3.66
C4' SAM CB . 33.10 -35.98 -4.16
O4' SAM CB . 32.98 -34.63 -3.75
C3' SAM CB . 33.16 -35.91 -5.71
O3' SAM CB . 32.04 -36.53 -6.35
C2' SAM CB . 33.14 -34.45 -6.09
O2' SAM CB . 32.22 -34.20 -7.13
C1' SAM CB . 32.69 -33.76 -4.83
N9 SAM CB . 33.49 -32.54 -4.70
C8 SAM CB . 33.01 -31.33 -4.55
N7 SAM CB . 34.03 -30.48 -4.40
C5 SAM CB . 35.16 -31.14 -4.47
C6 SAM CB . 36.58 -30.81 -4.41
N6 SAM CB . 36.99 -29.58 -4.28
N1 SAM CB . 37.48 -31.75 -4.51
C2 SAM CB . 37.08 -33.02 -4.67
N3 SAM CB . 35.78 -33.37 -4.73
C4 SAM CB . 34.80 -32.49 -4.66
#